data_8G4T
#
_entry.id   8G4T
#
_cell.length_a   1.00
_cell.length_b   1.00
_cell.length_c   1.00
_cell.angle_alpha   90.00
_cell.angle_beta   90.00
_cell.angle_gamma   90.00
#
_symmetry.space_group_name_H-M   'P 1'
#
loop_
_entity.id
_entity.type
_entity.pdbx_description
1 polymer 'Envelope glycoprotein BG505 DS-SOSIP gp41'
2 polymer 'Envelope glycoprotein BG505 DS-SOSIP gp120'
3 polymer 'Fab 2C09 heavy chain'
4 polymer 'Fab 2C09 light chain'
5 branched alpha-D-mannopyranose-(1-3)-[alpha-D-mannopyranose-(1-6)]beta-D-mannopyranose-(1-4)-2-acetamido-2-deoxy-beta-D-glucopyranose-(1-4)-2-acetamido-2-deoxy-beta-D-glucopyranose
6 branched 2-acetamido-2-deoxy-beta-D-glucopyranose-(1-4)-2-acetamido-2-deoxy-beta-D-glucopyranose
7 branched alpha-D-mannopyranose-(1-2)-alpha-D-mannopyranose-(1-3)-[alpha-D-mannopyranose-(1-6)]beta-D-mannopyranose-(1-4)-2-acetamido-2-deoxy-beta-D-glucopyranose-(1-4)-2-acetamido-2-deoxy-beta-D-glucopyranose
8 branched beta-D-mannopyranose-(1-4)-2-acetamido-2-deoxy-beta-D-glucopyranose-(1-4)-2-acetamido-2-deoxy-beta-D-glucopyranose
9 non-polymer 2-acetamido-2-deoxy-beta-D-glucopyranose
#
loop_
_entity_poly.entity_id
_entity_poly.type
_entity_poly.pdbx_seq_one_letter_code
_entity_poly.pdbx_strand_id
1 'polypeptide(L)'
;AVGIGAVFLGFLGAAGSTMGAASMTLTVQARNLLSGIVQQQSNLLRAIEAQQHLLKLTVWGIKQLQARVLAVERYLRDQQ
LLGIWGCSGKLICCTNVPWNSSWSNRNLSEIWDNMTWLQWDKEISNYTQIIYGLLEESQNQQEKNEQDLLALD
;
A,B,F
2 'polypeptide(L)'
;AENLWVTVYYGVPVWKDAETTLFCASDAKAYETEKHNVWATHACVPTDPNPQEIHLENVTEEFNMWKNNMVEQMHTDIIS
LWDQSLKPCVKLTPLCVTLQCTNVTNNITDDMRGELKNCSFNMTTELRDKKQKVYSLFYRLDVVQINENQGNRSNNSNKE
YRLINCNTSACTQACPKVSFEPIPIHYCAPAGFAILKCKDKKFNGTGPCPSVSTVQCTHGIKPVVSTQLLLNGSLAEEEV
MIRSENITNNAKNILVQFNTPVQINCTRPNNNTRKSIRIGPGQAFYATGDIIGDIRQAHCNVSKATWNETLGKVVKQLRK
HFGNNTIIRFANSSGGDLEVTTHSFNCGGEFFYCNTSGLFNSTWISNTSVQGSNSTGSNDSITLPCRIKQIINMWQRIGQ
CMYAPPIQGVIRCVSNITGLILTRDGGSTNSTTETFRPGGGDMRDNWRSELYKYKVVKIEPLGVAPTRCKRRV
;
C,G,I
3 'polypeptide(L)'
;EVQLVESGEGLVQPGGSLRLSCAASGFTFSSHAMHWVRQAPGKGLEYVSAISSEGGSTYYADSVRGRFIISRDNSKNTLY
LQMGSLRAEDMAVYYCARVTGDYNWYFDLWGRGTLVTVSSASTKGPSVFPLAPSSKSTSGGTAALGCLVKDYFPEPVTVS
WNSGALTSGVHTFPAVLQSSGLYSLSSVVTVPSSSLGTQTYICNVNHKPSNTKVDKKVEPKSCDKGLEVLFQ
;
H,D,J
4 'polypeptide(L)'
;EIVMTQSPATLSVSPGERATLSCRASQGVSSNLAWYQQKPGQAPRLLIHGASTRATGSPARFSGSGSGTEFTLTISSLQS
EDFAVYSCQQYHNWPWTFGQGTKVEIKRTVAAPSVFIFPPSDEQLKSGTASVVCLLNNFYPREAKVQWKVDNALQSGNSQ
ESVTEQDSKDSTYSLSSTLTLSKADYEKHKVYACEVTHQGLSSPVTKSFNRGEC
;
L,E,K
#
loop_
_chem_comp.id
_chem_comp.type
_chem_comp.name
_chem_comp.formula
BMA D-saccharide, beta linking beta-D-mannopyranose 'C6 H12 O6'
MAN D-saccharide, alpha linking alpha-D-mannopyranose 'C6 H12 O6'
NAG D-saccharide, beta linking 2-acetamido-2-deoxy-beta-D-glucopyranose 'C8 H15 N O6'
#
# COMPACT_ATOMS: atom_id res chain seq x y z
N ALA A 1 30.28 -7.98 28.31
CA ALA A 1 30.44 -9.05 29.29
C ALA A 1 29.96 -10.37 28.70
N VAL A 2 30.01 -11.43 29.51
CA VAL A 2 29.54 -12.75 29.08
C VAL A 2 28.03 -12.86 29.11
N GLY A 3 27.32 -11.81 29.47
CA GLY A 3 25.87 -11.87 29.50
C GLY A 3 25.40 -13.00 30.40
N ILE A 4 24.48 -13.82 29.88
CA ILE A 4 23.97 -14.96 30.63
C ILE A 4 24.71 -16.25 30.34
N GLY A 5 25.77 -16.19 29.53
CA GLY A 5 26.55 -17.38 29.22
C GLY A 5 25.73 -18.47 28.57
N ALA A 6 25.20 -18.19 27.38
CA ALA A 6 24.37 -19.12 26.64
C ALA A 6 25.18 -19.80 25.53
N VAL A 7 24.79 -21.03 25.20
CA VAL A 7 25.48 -21.76 24.13
C VAL A 7 25.29 -21.02 22.80
N PHE A 8 24.07 -20.59 22.52
CA PHE A 8 23.81 -19.75 21.36
C PHE A 8 22.44 -19.13 21.51
N LEU A 9 22.22 -18.05 20.76
CA LEU A 9 20.97 -17.30 20.79
C LEU A 9 20.49 -17.05 19.37
N GLY A 10 19.16 -17.02 19.22
CA GLY A 10 18.59 -16.76 17.91
C GLY A 10 17.08 -16.74 18.00
N PHE A 11 16.47 -16.35 16.88
CA PHE A 11 15.02 -16.27 16.80
C PHE A 11 14.40 -17.61 17.14
N LEU A 12 13.40 -17.59 18.02
CA LEU A 12 12.71 -18.81 18.46
C LEU A 12 13.69 -19.87 18.95
N GLY A 13 14.84 -19.43 19.45
CA GLY A 13 15.87 -20.38 19.84
C GLY A 13 15.44 -21.24 21.02
N ALA A 14 14.69 -20.67 21.95
CA ALA A 14 14.31 -21.35 23.19
C ALA A 14 12.87 -21.85 23.15
N ALA A 15 12.41 -22.31 22.00
CA ALA A 15 11.04 -22.80 21.89
C ALA A 15 10.84 -24.08 22.70
N GLY A 16 11.87 -24.91 22.82
CA GLY A 16 11.75 -26.18 23.50
C GLY A 16 12.31 -26.16 24.91
N SER A 17 12.51 -24.97 25.48
CA SER A 17 13.03 -24.82 26.82
C SER A 17 11.91 -24.51 27.80
N THR A 18 12.20 -24.71 29.09
CA THR A 18 11.22 -24.43 30.12
C THR A 18 10.88 -22.94 30.13
N MET A 19 9.66 -22.62 30.57
CA MET A 19 9.22 -21.23 30.55
C MET A 19 10.12 -20.35 31.40
N GLY A 20 10.76 -20.93 32.42
CA GLY A 20 11.71 -20.15 33.20
C GLY A 20 12.93 -19.73 32.39
N ALA A 21 13.48 -20.66 31.60
CA ALA A 21 14.67 -20.37 30.83
C ALA A 21 14.36 -19.51 29.61
N ALA A 22 13.20 -19.71 28.99
CA ALA A 22 12.86 -18.95 27.80
C ALA A 22 12.53 -17.50 28.10
N SER A 23 12.34 -17.14 29.37
CA SER A 23 11.96 -15.79 29.73
C SER A 23 13.14 -14.82 29.77
N MET A 24 14.36 -15.32 29.63
CA MET A 24 15.55 -14.49 29.63
C MET A 24 15.97 -14.04 28.24
N THR A 25 15.19 -14.36 27.21
CA THR A 25 15.53 -14.06 25.83
C THR A 25 14.35 -13.43 25.11
N LEU A 26 13.57 -12.62 25.83
CA LEU A 26 12.40 -12.00 25.20
C LEU A 26 12.79 -10.99 24.14
N THR A 27 13.91 -10.29 24.32
CA THR A 27 14.31 -9.29 23.34
C THR A 27 14.67 -9.92 22.00
N VAL A 28 15.11 -11.17 22.01
CA VAL A 28 15.52 -11.81 20.75
C VAL A 28 14.33 -11.91 19.81
N GLN A 29 13.18 -12.33 20.32
CA GLN A 29 11.98 -12.40 19.49
C GLN A 29 11.36 -11.03 19.26
N ALA A 30 11.45 -10.13 20.24
CA ALA A 30 10.77 -8.86 20.14
C ALA A 30 11.28 -8.03 18.96
N ARG A 31 12.60 -8.02 18.75
CA ARG A 31 13.19 -7.14 17.76
C ARG A 31 13.00 -7.63 16.33
N ASN A 32 12.58 -8.88 16.13
CA ASN A 32 12.44 -9.45 14.80
C ASN A 32 10.98 -9.50 14.34
N LEU A 33 10.09 -8.76 15.00
CA LEU A 33 8.68 -8.77 14.66
C LEU A 33 8.28 -7.62 13.75
N LEU A 34 9.22 -6.80 13.31
CA LEU A 34 8.93 -5.65 12.46
C LEU A 34 9.59 -5.76 11.09
N SER A 35 10.88 -6.08 11.04
CA SER A 35 11.58 -6.25 9.78
C SER A 35 12.44 -7.50 9.70
N GLY A 36 12.84 -8.09 10.82
CA GLY A 36 13.64 -9.29 10.80
C GLY A 36 12.93 -10.48 10.18
N LEU A 57 4.04 -2.92 -11.01
CA LEU A 57 2.75 -3.52 -11.31
C LEU A 57 2.90 -4.97 -11.78
N THR A 58 4.12 -5.50 -11.64
CA THR A 58 4.42 -6.85 -12.09
C THR A 58 3.83 -7.85 -11.10
N VAL A 59 4.16 -9.14 -11.28
CA VAL A 59 3.62 -10.17 -10.40
C VAL A 59 4.07 -9.93 -8.97
N TRP A 60 5.34 -9.57 -8.77
CA TRP A 60 5.87 -9.29 -7.46
C TRP A 60 5.65 -7.85 -7.03
N GLY A 61 4.65 -7.18 -7.59
CA GLY A 61 4.39 -5.79 -7.26
C GLY A 61 3.65 -5.61 -5.95
N ILE A 62 2.46 -6.22 -5.83
CA ILE A 62 1.66 -6.09 -4.62
C ILE A 62 1.98 -7.18 -3.60
N LYS A 63 2.61 -8.28 -4.03
CA LYS A 63 3.01 -9.31 -3.10
C LYS A 63 4.05 -8.80 -2.11
N GLN A 64 4.68 -7.67 -2.40
CA GLN A 64 5.60 -7.05 -1.47
C GLN A 64 4.94 -5.97 -0.62
N LEU A 65 3.87 -5.35 -1.12
CA LEU A 65 3.24 -4.24 -0.43
C LEU A 65 2.20 -4.71 0.59
N GLN A 66 1.35 -5.65 0.19
CA GLN A 66 0.33 -6.13 1.11
C GLN A 66 0.95 -6.79 2.33
N ALA A 67 2.04 -7.53 2.12
CA ALA A 67 2.72 -8.16 3.25
C ALA A 67 3.22 -7.13 4.25
N ARG A 68 3.86 -6.06 3.75
CA ARG A 68 4.35 -5.03 4.64
C ARG A 68 3.21 -4.38 5.41
N VAL A 69 2.11 -4.07 4.72
CA VAL A 69 0.98 -3.44 5.40
C VAL A 69 0.46 -4.36 6.49
N LEU A 70 0.31 -5.65 6.18
CA LEU A 70 -0.21 -6.58 7.17
C LEU A 70 0.70 -6.68 8.38
N ALA A 71 2.01 -6.71 8.16
CA ALA A 71 2.95 -6.77 9.27
C ALA A 71 2.79 -5.55 10.18
N VAL A 72 2.70 -4.37 9.58
CA VAL A 72 2.55 -3.15 10.38
C VAL A 72 1.26 -3.20 11.19
N GLU A 73 0.16 -3.62 10.56
CA GLU A 73 -1.11 -3.69 11.28
C GLU A 73 -1.03 -4.65 12.45
N ARG A 74 -0.43 -5.83 12.25
CA ARG A 74 -0.34 -6.79 13.35
C ARG A 74 0.49 -6.22 14.50
N TYR A 75 1.61 -5.57 14.18
CA TYR A 75 2.45 -5.01 15.23
C TYR A 75 1.69 -3.97 16.04
N LEU A 76 0.99 -3.06 15.35
CA LEU A 76 0.26 -2.02 16.06
C LEU A 76 -0.87 -2.61 16.90
N ARG A 77 -1.56 -3.62 16.37
CA ARG A 77 -2.63 -4.26 17.12
C ARG A 77 -2.09 -4.87 18.41
N ASP A 78 -0.93 -5.53 18.34
CA ASP A 78 -0.35 -6.09 19.56
C ASP A 78 0.04 -4.99 20.53
N GLN A 79 0.60 -3.88 20.03
CA GLN A 79 1.05 -2.83 20.93
C GLN A 79 -0.12 -2.16 21.65
N GLN A 80 -1.25 -2.01 20.97
CA GLN A 80 -2.38 -1.33 21.58
C GLN A 80 -2.87 -2.04 22.84
N LEU A 81 -2.90 -3.37 22.81
CA LEU A 81 -3.37 -4.12 23.96
C LEU A 81 -2.51 -3.84 25.18
N LEU A 82 -1.18 -3.90 25.01
CA LEU A 82 -0.29 -3.52 26.11
C LEU A 82 -0.56 -2.10 26.55
N GLY A 83 -0.85 -1.22 25.59
CA GLY A 83 -1.12 0.16 25.94
C GLY A 83 -2.28 0.30 26.90
N ILE A 84 -3.40 -0.39 26.62
CA ILE A 84 -4.58 -0.22 27.46
C ILE A 84 -4.55 -1.01 28.75
N TRP A 85 -3.59 -1.92 28.91
CA TRP A 85 -3.42 -2.65 30.16
C TRP A 85 -2.47 -1.95 31.11
N GLY A 86 -1.86 -0.84 30.70
CA GLY A 86 -0.89 -0.15 31.53
C GLY A 86 0.51 -0.70 31.46
N CYS A 87 0.80 -1.57 30.50
CA CYS A 87 2.10 -2.22 30.37
C CYS A 87 2.88 -1.73 29.16
N SER A 88 2.62 -0.50 28.72
CA SER A 88 3.30 0.02 27.54
C SER A 88 4.79 0.16 27.79
N GLY A 89 5.58 -0.11 26.76
CA GLY A 89 7.02 0.03 26.86
C GLY A 89 7.66 -0.89 27.88
N LYS A 90 7.20 -2.14 27.94
CA LYS A 90 7.75 -3.10 28.88
C LYS A 90 7.71 -4.48 28.25
N LEU A 91 8.64 -5.34 28.69
CA LEU A 91 8.65 -6.73 28.27
C LEU A 91 8.08 -7.67 29.32
N ILE A 92 8.26 -7.35 30.61
CA ILE A 92 7.65 -8.08 31.70
C ILE A 92 6.91 -7.06 32.56
N CYS A 93 5.59 -7.23 32.68
CA CYS A 93 4.75 -6.27 33.37
C CYS A 93 3.91 -7.01 34.41
N CYS A 94 3.94 -6.50 35.64
CA CYS A 94 3.15 -7.07 36.72
C CYS A 94 1.81 -6.36 36.81
N THR A 95 0.76 -7.12 37.15
CA THR A 95 -0.60 -6.62 37.16
C THR A 95 -1.18 -6.71 38.56
N ASN A 96 -2.48 -6.38 38.67
CA ASN A 96 -3.18 -6.36 39.95
C ASN A 96 -4.36 -7.32 39.97
N VAL A 97 -4.39 -8.29 39.07
CA VAL A 97 -5.50 -9.22 38.92
C VAL A 97 -5.09 -10.56 39.54
N PRO A 98 -5.73 -11.02 40.60
CA PRO A 98 -5.35 -12.32 41.18
C PRO A 98 -5.67 -13.48 40.25
N TRP A 99 -4.86 -14.52 40.38
CA TRP A 99 -5.02 -15.72 39.57
C TRP A 99 -6.15 -16.58 40.10
N ASN A 100 -6.96 -17.11 39.20
CA ASN A 100 -8.10 -17.96 39.55
C ASN A 100 -7.71 -19.42 39.35
N SER A 101 -7.87 -20.22 40.41
CA SER A 101 -7.45 -21.61 40.35
C SER A 101 -8.22 -22.41 39.30
N SER A 102 -9.42 -21.96 38.93
CA SER A 102 -10.18 -22.66 37.89
C SER A 102 -9.41 -22.72 36.59
N TRP A 103 -8.67 -21.67 36.24
CA TRP A 103 -7.89 -21.66 35.01
C TRP A 103 -6.82 -22.73 35.03
N SER A 104 -6.12 -22.87 36.16
CA SER A 104 -5.12 -23.92 36.30
C SER A 104 -4.69 -24.03 37.76
N ASN A 105 -4.73 -25.25 38.30
CA ASN A 105 -4.39 -25.49 39.70
C ASN A 105 -2.96 -25.97 39.90
N ARG A 106 -2.16 -26.01 38.84
CA ARG A 106 -0.81 -26.53 38.94
C ARG A 106 0.04 -25.64 39.84
N ASN A 107 1.07 -26.26 40.43
CA ASN A 107 1.96 -25.52 41.32
C ASN A 107 2.71 -24.43 40.55
N LEU A 108 3.47 -23.64 41.30
CA LEU A 108 4.34 -22.65 40.70
C LEU A 108 5.69 -23.24 40.29
N SER A 109 6.03 -24.44 40.76
CA SER A 109 7.28 -25.07 40.40
C SER A 109 7.17 -25.94 39.16
N GLU A 110 6.03 -26.60 38.96
CA GLU A 110 5.84 -27.43 37.79
C GLU A 110 5.40 -26.63 36.57
N ILE A 111 5.22 -25.32 36.71
CA ILE A 111 4.87 -24.45 35.59
C ILE A 111 6.12 -23.79 35.02
N TRP A 112 6.97 -23.24 35.88
CA TRP A 112 8.16 -22.51 35.45
C TRP A 112 9.38 -23.39 35.32
N ASP A 113 9.28 -24.67 35.63
CA ASP A 113 10.43 -25.57 35.53
C ASP A 113 10.12 -26.90 34.87
N ASN A 114 8.87 -27.13 34.43
CA ASN A 114 8.52 -28.40 33.82
C ASN A 114 7.59 -28.24 32.62
N MET A 115 7.51 -27.05 32.03
CA MET A 115 6.61 -26.83 30.91
C MET A 115 7.22 -25.79 29.98
N THR A 116 6.77 -25.81 28.74
CA THR A 116 7.20 -24.87 27.71
C THR A 116 6.04 -23.99 27.29
N TRP A 117 6.36 -22.80 26.79
CA TRP A 117 5.31 -21.86 26.42
C TRP A 117 4.35 -22.45 25.41
N LEU A 118 4.82 -23.33 24.52
CA LEU A 118 3.93 -23.95 23.56
C LEU A 118 2.90 -24.84 24.24
N GLN A 119 3.35 -25.63 25.23
CA GLN A 119 2.41 -26.45 25.98
C GLN A 119 1.47 -25.58 26.82
N TRP A 120 2.00 -24.55 27.47
CA TRP A 120 1.19 -23.71 28.33
C TRP A 120 0.07 -23.04 27.53
N ASP A 121 0.37 -22.60 26.32
CA ASP A 121 -0.64 -21.93 25.51
C ASP A 121 -1.84 -22.83 25.28
N LYS A 122 -1.61 -24.12 25.03
CA LYS A 122 -2.72 -25.03 24.79
C LYS A 122 -3.60 -25.17 26.02
N GLU A 123 -3.00 -25.25 27.20
CA GLU A 123 -3.77 -25.51 28.41
C GLU A 123 -4.77 -24.39 28.67
N ILE A 124 -4.33 -23.15 28.58
CA ILE A 124 -5.15 -22.00 28.97
C ILE A 124 -5.68 -21.26 27.75
N SER A 125 -5.70 -21.90 26.58
CA SER A 125 -6.19 -21.23 25.39
C SER A 125 -7.66 -20.86 25.51
N ASN A 126 -8.42 -21.56 26.34
CA ASN A 126 -9.86 -21.31 26.44
C ASN A 126 -10.16 -20.05 27.24
N TYR A 127 -9.39 -19.76 28.27
CA TYR A 127 -9.67 -18.66 29.19
C TYR A 127 -8.93 -17.38 28.84
N THR A 128 -8.29 -17.32 27.67
CA THR A 128 -7.53 -16.13 27.32
C THR A 128 -8.42 -14.90 27.25
N GLN A 129 -9.60 -15.01 26.63
CA GLN A 129 -10.47 -13.85 26.50
C GLN A 129 -11.01 -13.40 27.84
N ILE A 130 -11.25 -14.33 28.77
CA ILE A 130 -11.73 -13.96 30.09
C ILE A 130 -10.69 -13.09 30.79
N ILE A 131 -9.42 -13.48 30.71
CA ILE A 131 -8.37 -12.76 31.44
C ILE A 131 -8.19 -11.36 30.87
N TYR A 132 -8.41 -11.19 29.57
CA TYR A 132 -8.12 -9.91 28.93
C TYR A 132 -9.01 -8.80 29.47
N GLY A 133 -10.30 -9.08 29.67
CA GLY A 133 -11.21 -8.03 30.12
C GLY A 133 -10.90 -7.53 31.51
N LEU A 134 -10.50 -8.44 32.41
CA LEU A 134 -10.15 -8.05 33.76
C LEU A 134 -8.96 -7.09 33.77
N LEU A 135 -7.97 -7.37 32.93
CA LEU A 135 -6.81 -6.49 32.83
C LEU A 135 -7.19 -5.10 32.37
N GLU A 136 -8.17 -4.98 31.46
CA GLU A 136 -8.63 -3.68 31.02
C GLU A 136 -9.36 -2.94 32.13
N GLU A 137 -10.30 -3.61 32.79
CA GLU A 137 -11.09 -2.93 33.82
C GLU A 137 -10.22 -2.52 35.01
N SER A 138 -9.23 -3.34 35.36
CA SER A 138 -8.35 -2.97 36.46
C SER A 138 -7.60 -1.68 36.16
N GLN A 139 -7.09 -1.55 34.92
CA GLN A 139 -6.41 -0.33 34.54
C GLN A 139 -7.35 0.87 34.56
N ASN A 140 -8.59 0.67 34.09
CA ASN A 140 -9.56 1.76 34.14
C ASN A 140 -9.76 2.24 35.57
N GLN A 141 -9.96 1.30 36.49
CA GLN A 141 -10.14 1.68 37.89
C GLN A 141 -8.91 2.39 38.44
N GLN A 142 -7.72 1.90 38.10
CA GLN A 142 -6.50 2.52 38.59
C GLN A 142 -6.39 3.96 38.12
N GLU A 143 -6.67 4.20 36.83
CA GLU A 143 -6.59 5.55 36.31
C GLU A 143 -7.59 6.48 36.99
N LYS A 144 -8.82 5.99 37.18
CA LYS A 144 -9.83 6.83 37.84
C LYS A 144 -9.40 7.17 39.26
N ASN A 145 -8.92 6.18 40.01
CA ASN A 145 -8.51 6.43 41.39
C ASN A 145 -7.33 7.40 41.44
N GLU A 146 -6.37 7.24 40.53
CA GLU A 146 -5.24 8.16 40.51
C GLU A 146 -5.69 9.58 40.23
N GLN A 147 -6.61 9.75 39.28
CA GLN A 147 -7.12 11.08 39.00
C GLN A 147 -7.79 11.68 40.23
N ASP A 148 -8.60 10.89 40.93
CA ASP A 148 -9.24 11.39 42.14
C ASP A 148 -8.22 11.79 43.18
N LEU A 149 -7.20 10.95 43.39
CA LEU A 149 -6.18 11.25 44.40
C LEU A 149 -5.46 12.55 44.07
N LEU A 150 -5.07 12.72 42.80
CA LEU A 150 -4.39 13.95 42.42
C LEU A 150 -5.30 15.16 42.58
N ALA A 151 -6.59 14.98 42.29
CA ALA A 151 -7.54 16.08 42.43
C ALA A 151 -7.65 16.52 43.89
N LEU A 152 -7.60 15.56 44.82
CA LEU A 152 -7.71 15.90 46.23
C LEU A 152 -6.67 16.93 46.63
N ASP A 153 -5.42 16.74 46.22
CA ASP A 153 -4.34 17.66 46.56
C ASP A 153 -4.64 19.06 46.05
N ALA B 1 -17.29 -9.10 37.42
CA ALA B 1 -18.20 -8.36 38.28
C ALA B 1 -19.22 -7.61 37.43
N VAL B 2 -20.08 -6.82 38.11
CA VAL B 2 -21.06 -6.00 37.40
C VAL B 2 -20.47 -4.74 36.80
N GLY B 3 -19.17 -4.53 36.95
CA GLY B 3 -18.56 -3.34 36.38
C GLY B 3 -19.23 -2.09 36.92
N ILE B 4 -19.63 -1.19 36.01
CA ILE B 4 -20.30 0.04 36.39
C ILE B 4 -21.82 -0.09 36.32
N GLY B 5 -22.34 -1.27 36.00
CA GLY B 5 -23.78 -1.47 35.97
C GLY B 5 -24.47 -0.57 34.97
N ALA B 6 -24.17 -0.77 33.68
CA ALA B 6 -24.72 0.04 32.62
C ALA B 6 -25.81 -0.73 31.88
N VAL B 7 -26.76 0.01 31.30
CA VAL B 7 -27.84 -0.62 30.54
C VAL B 7 -27.27 -1.36 29.34
N PHE B 8 -26.38 -0.70 28.60
CA PHE B 8 -25.65 -1.37 27.53
C PHE B 8 -24.45 -0.52 27.15
N LEU B 9 -23.50 -1.15 26.47
CA LEU B 9 -22.27 -0.49 26.07
C LEU B 9 -22.01 -0.76 24.59
N GLY B 10 -21.44 0.22 23.90
CA GLY B 10 -21.15 0.06 22.49
C GLY B 10 -20.38 1.25 21.97
N PHE B 11 -19.88 1.08 20.74
CA PHE B 11 -19.13 2.14 20.10
C PHE B 11 -19.96 3.41 19.97
N LEU B 12 -19.40 4.54 20.40
CA LEU B 12 -20.07 5.83 20.35
C LEU B 12 -21.42 5.81 21.09
N GLY B 13 -21.61 4.84 21.98
CA GLY B 13 -22.89 4.69 22.64
C GLY B 13 -23.24 5.86 23.53
N ALA B 14 -22.24 6.48 24.16
CA ALA B 14 -22.44 7.55 25.12
C ALA B 14 -22.25 8.92 24.50
N ALA B 15 -22.63 9.09 23.23
CA ALA B 15 -22.44 10.37 22.56
C ALA B 15 -23.42 11.42 23.07
N GLY B 16 -24.61 11.01 23.52
CA GLY B 16 -25.62 11.93 23.98
C GLY B 16 -25.66 12.16 25.47
N SER B 17 -24.74 11.59 26.23
CA SER B 17 -24.72 11.73 27.68
C SER B 17 -23.83 12.88 28.10
N THR B 18 -23.92 13.23 29.38
CA THR B 18 -23.09 14.31 29.91
C THR B 18 -21.62 13.89 29.89
N MET B 19 -20.75 14.90 29.88
CA MET B 19 -19.32 14.62 29.79
C MET B 19 -18.85 13.80 30.98
N GLY B 20 -19.50 13.93 32.13
CA GLY B 20 -19.12 13.13 33.28
C GLY B 20 -19.41 11.65 33.07
N ALA B 21 -20.57 11.33 32.52
CA ALA B 21 -20.95 9.93 32.34
C ALA B 21 -20.21 9.29 31.18
N ALA B 22 -19.94 10.05 30.12
CA ALA B 22 -19.25 9.50 28.96
C ALA B 22 -17.78 9.24 29.22
N SER B 23 -17.24 9.72 30.34
CA SER B 23 -15.82 9.56 30.63
C SER B 23 -15.49 8.20 31.22
N MET B 24 -16.49 7.40 31.56
CA MET B 24 -16.27 6.07 32.11
C MET B 24 -16.24 4.98 31.06
N THR B 25 -16.31 5.34 29.78
CA THR B 25 -16.36 4.36 28.70
C THR B 25 -15.36 4.70 27.61
N LEU B 26 -14.22 5.28 27.97
CA LEU B 26 -13.24 5.69 26.97
C LEU B 26 -12.68 4.48 26.23
N THR B 27 -12.45 3.37 26.94
CA THR B 27 -11.89 2.19 26.30
C THR B 27 -12.79 1.65 25.20
N VAL B 28 -14.10 1.90 25.29
CA VAL B 28 -15.02 1.39 24.28
C VAL B 28 -14.70 1.98 22.92
N GLN B 29 -14.44 3.29 22.88
CA GLN B 29 -14.10 3.94 21.61
C GLN B 29 -12.64 3.74 21.26
N ALA B 30 -11.77 3.54 22.25
CA ALA B 30 -10.34 3.49 21.98
C ALA B 30 -9.96 2.23 21.22
N ARG B 31 -10.58 1.10 21.54
CA ARG B 31 -10.18 -0.17 20.96
C ARG B 31 -10.68 -0.37 19.54
N ASN B 32 -11.63 0.45 19.07
CA ASN B 32 -12.23 0.29 17.76
C ASN B 32 -11.66 1.29 16.75
N LEU B 33 -10.54 1.92 17.05
CA LEU B 33 -9.95 2.93 16.17
C LEU B 33 -8.88 2.38 15.26
N LEU B 34 -8.61 1.07 15.30
CA LEU B 34 -7.55 0.47 14.51
C LEU B 34 -8.09 -0.57 13.52
N SER B 35 -8.96 -1.47 13.98
CA SER B 35 -9.57 -2.45 13.09
C SER B 35 -11.07 -2.58 13.24
N GLY B 36 -11.65 -2.17 14.36
CA GLY B 36 -13.08 -2.27 14.56
C GLY B 36 -13.86 -1.37 13.61
N LEU B 57 -5.74 -6.20 -8.55
CA LEU B 57 -5.71 -5.03 -9.43
C LEU B 57 -7.11 -4.70 -9.93
N THR B 58 -8.11 -5.33 -9.35
CA THR B 58 -9.49 -5.14 -9.77
C THR B 58 -10.02 -3.83 -9.18
N VAL B 59 -11.33 -3.61 -9.31
CA VAL B 59 -11.92 -2.36 -8.81
C VAL B 59 -11.74 -2.26 -7.30
N TRP B 60 -11.96 -3.35 -6.59
CA TRP B 60 -11.78 -3.38 -5.14
C TRP B 60 -10.35 -3.65 -4.73
N GLY B 61 -9.38 -3.40 -5.60
CA GLY B 61 -7.99 -3.66 -5.28
C GLY B 61 -7.37 -2.62 -4.37
N ILE B 62 -7.28 -1.38 -4.83
CA ILE B 62 -6.69 -0.32 -4.03
C ILE B 62 -7.68 0.31 -3.07
N LYS B 63 -8.98 0.13 -3.30
CA LYS B 63 -9.99 0.63 -2.37
C LYS B 63 -9.89 -0.05 -1.01
N GLN B 64 -9.18 -1.17 -0.91
CA GLN B 64 -8.92 -1.81 0.37
C GLN B 64 -7.57 -1.44 0.96
N LEU B 65 -6.61 -1.05 0.12
CA LEU B 65 -5.26 -0.77 0.59
C LEU B 65 -5.09 0.67 1.05
N GLN B 66 -5.59 1.62 0.26
CA GLN B 66 -5.46 3.02 0.63
C GLN B 66 -6.17 3.31 1.95
N ALA B 67 -7.34 2.68 2.15
CA ALA B 67 -8.07 2.88 3.40
C ALA B 67 -7.25 2.40 4.59
N ARG B 68 -6.64 1.22 4.48
CA ARG B 68 -5.82 0.71 5.58
C ARG B 68 -4.65 1.62 5.87
N VAL B 69 -3.97 2.09 4.82
CA VAL B 69 -2.82 2.97 5.02
C VAL B 69 -3.27 4.25 5.72
N LEU B 70 -4.40 4.81 5.29
CA LEU B 70 -4.89 6.05 5.90
C LEU B 70 -5.23 5.84 7.36
N ALA B 71 -5.87 4.71 7.69
CA ALA B 71 -6.21 4.44 9.07
C ALA B 71 -4.97 4.37 9.94
N VAL B 72 -3.95 3.65 9.47
CA VAL B 72 -2.72 3.54 10.23
C VAL B 72 -2.09 4.91 10.43
N GLU B 73 -2.05 5.72 9.37
CA GLU B 73 -1.43 7.03 9.47
C GLU B 73 -2.16 7.90 10.49
N ARG B 74 -3.49 7.90 10.46
CA ARG B 74 -4.24 8.72 11.42
C ARG B 74 -3.99 8.26 12.84
N TYR B 75 -3.99 6.93 13.07
CA TYR B 75 -3.75 6.44 14.42
C TYR B 75 -2.39 6.88 14.93
N LEU B 76 -1.34 6.74 14.11
CA LEU B 76 -0.01 7.13 14.55
C LEU B 76 0.07 8.63 14.79
N ARG B 77 -0.58 9.43 13.93
CA ARG B 77 -0.57 10.87 14.13
C ARG B 77 -1.18 11.23 15.47
N ASP B 78 -2.29 10.59 15.83
CA ASP B 78 -2.90 10.86 17.13
C ASP B 78 -1.98 10.43 18.27
N GLN B 79 -1.32 9.28 18.13
CA GLN B 79 -0.47 8.78 19.21
C GLN B 79 0.72 9.70 19.45
N GLN B 80 1.29 10.26 18.38
CA GLN B 80 2.50 11.07 18.53
C GLN B 80 2.24 12.28 19.43
N LEU B 81 1.09 12.92 19.26
CA LEU B 81 0.78 14.10 20.07
C LEU B 81 0.79 13.75 21.55
N LEU B 82 0.05 12.71 21.94
CA LEU B 82 0.10 12.26 23.33
C LEU B 82 1.53 11.95 23.74
N GLY B 83 2.33 11.44 22.81
CA GLY B 83 3.72 11.13 23.14
C GLY B 83 4.50 12.36 23.57
N ILE B 84 4.37 13.44 22.80
CA ILE B 84 5.18 14.63 23.08
C ILE B 84 4.62 15.49 24.20
N TRP B 85 3.40 15.23 24.67
CA TRP B 85 2.84 15.94 25.81
C TRP B 85 3.14 15.24 27.13
N GLY B 86 3.77 14.07 27.10
CA GLY B 86 4.04 13.33 28.31
C GLY B 86 2.92 12.44 28.78
N CYS B 87 1.90 12.20 27.94
CA CYS B 87 0.72 11.42 28.31
C CYS B 87 0.67 10.10 27.57
N SER B 88 1.82 9.56 27.16
CA SER B 88 1.83 8.31 26.41
C SER B 88 1.30 7.16 27.26
N GLY B 89 0.58 6.25 26.61
CA GLY B 89 0.06 5.09 27.30
C GLY B 89 -0.91 5.42 28.40
N LYS B 90 -1.82 6.37 28.16
CA LYS B 90 -2.80 6.75 29.16
C LYS B 90 -4.09 7.17 28.45
N LEU B 91 -5.20 7.03 29.16
CA LEU B 91 -6.48 7.52 28.67
C LEU B 91 -6.91 8.82 29.32
N ILE B 92 -6.61 9.01 30.59
CA ILE B 92 -6.83 10.27 31.30
C ILE B 92 -5.49 10.71 31.86
N CYS B 93 -5.02 11.87 31.42
CA CYS B 93 -3.70 12.38 31.79
C CYS B 93 -3.83 13.80 32.31
N CYS B 94 -3.26 14.07 33.47
CA CYS B 94 -3.27 15.41 34.05
C CYS B 94 -2.03 16.17 33.64
N THR B 95 -2.20 17.46 33.51
CA THR B 95 -1.14 18.31 33.00
C THR B 95 -0.79 19.38 34.04
N ASN B 96 0.11 20.33 33.65
CA ASN B 96 0.61 21.39 34.52
C ASN B 96 0.28 22.77 33.97
N VAL B 97 -0.70 22.87 33.09
CA VAL B 97 -1.06 24.11 32.41
C VAL B 97 -2.34 24.63 33.03
N PRO B 98 -2.34 25.80 33.67
CA PRO B 98 -3.58 26.32 34.25
C PRO B 98 -4.58 26.72 33.18
N TRP B 99 -5.86 26.60 33.53
CA TRP B 99 -6.94 26.93 32.63
C TRP B 99 -7.14 28.44 32.58
N ASN B 100 -7.33 28.97 31.38
CA ASN B 100 -7.52 30.40 31.17
C ASN B 100 -9.01 30.70 31.02
N SER B 101 -9.51 31.62 31.85
CA SER B 101 -10.94 31.92 31.85
C SER B 101 -11.41 32.47 30.52
N SER B 102 -10.53 33.07 29.72
CA SER B 102 -10.92 33.57 28.41
C SER B 102 -11.47 32.46 27.53
N TRP B 103 -10.90 31.26 27.62
CA TRP B 103 -11.39 30.14 26.81
C TRP B 103 -12.82 29.78 27.18
N SER B 104 -13.13 29.73 28.46
CA SER B 104 -14.50 29.47 28.92
C SER B 104 -14.62 29.75 30.40
N ASN B 105 -15.61 30.55 30.79
CA ASN B 105 -15.81 30.96 32.17
C ASN B 105 -16.86 30.14 32.89
N ARG B 106 -17.37 29.08 32.27
CA ARG B 106 -18.43 28.30 32.87
C ARG B 106 -17.94 27.58 34.12
N ASN B 107 -18.87 27.28 35.01
CA ASN B 107 -18.53 26.60 36.26
C ASN B 107 -17.99 25.21 35.98
N LEU B 108 -17.52 24.54 37.03
CA LEU B 108 -17.13 23.14 36.91
C LEU B 108 -18.31 22.19 37.02
N SER B 109 -19.46 22.66 37.49
CA SER B 109 -20.64 21.81 37.61
C SER B 109 -21.49 21.83 36.35
N GLU B 110 -21.57 22.98 35.67
CA GLU B 110 -22.36 23.06 34.45
C GLU B 110 -21.61 22.56 33.23
N ILE B 111 -20.35 22.16 33.39
CA ILE B 111 -19.58 21.56 32.31
C ILE B 111 -19.65 20.04 32.36
N TRP B 112 -19.42 19.47 33.53
CA TRP B 112 -19.36 18.02 33.68
C TRP B 112 -20.71 17.39 33.97
N ASP B 113 -21.76 18.18 34.13
CA ASP B 113 -23.09 17.64 34.43
C ASP B 113 -24.19 18.25 33.57
N ASN B 114 -23.88 19.15 32.65
CA ASN B 114 -24.91 19.77 31.83
C ASN B 114 -24.46 19.96 30.38
N MET B 115 -23.49 19.19 29.91
CA MET B 115 -23.01 19.34 28.55
C MET B 115 -22.48 18.01 28.05
N THR B 116 -22.45 17.87 26.73
CA THR B 116 -21.91 16.69 26.08
C THR B 116 -20.68 17.07 25.27
N TRP B 117 -19.81 16.08 25.05
CA TRP B 117 -18.55 16.36 24.38
C TRP B 117 -18.77 17.00 23.01
N LEU B 118 -19.86 16.64 22.33
CA LEU B 118 -20.14 17.24 21.03
C LEU B 118 -20.38 18.75 21.17
N GLN B 119 -21.14 19.16 22.20
CA GLN B 119 -21.35 20.57 22.43
C GLN B 119 -20.07 21.26 22.87
N TRP B 120 -19.31 20.61 23.77
CA TRP B 120 -18.10 21.23 24.28
C TRP B 120 -17.10 21.48 23.16
N ASP B 121 -16.97 20.55 22.23
CA ASP B 121 -16.01 20.72 21.14
C ASP B 121 -16.31 21.97 20.34
N LYS B 122 -17.59 22.27 20.13
CA LYS B 122 -17.95 23.47 19.38
C LYS B 122 -17.51 24.73 20.09
N GLU B 123 -17.69 24.79 21.41
CA GLU B 123 -17.39 26.02 22.14
C GLU B 123 -15.91 26.38 22.05
N ILE B 124 -15.04 25.42 22.31
CA ILE B 124 -13.61 25.70 22.42
C ILE B 124 -12.85 25.29 21.16
N SER B 125 -13.54 25.14 20.04
CA SER B 125 -12.87 24.76 18.80
C SER B 125 -11.87 25.82 18.35
N ASN B 126 -12.06 27.08 18.76
CA ASN B 126 -11.19 28.15 18.29
C ASN B 126 -9.84 28.15 18.97
N TYR B 127 -9.77 27.75 20.25
CA TYR B 127 -8.57 27.87 21.05
C TYR B 127 -7.80 26.56 21.16
N THR B 128 -8.11 25.57 20.32
CA THR B 128 -7.44 24.28 20.42
C THR B 128 -5.94 24.41 20.19
N GLN B 129 -5.54 25.17 19.18
CA GLN B 129 -4.13 25.25 18.83
C GLN B 129 -3.31 25.92 19.92
N ILE B 130 -3.88 26.92 20.60
CA ILE B 130 -3.17 27.58 21.69
C ILE B 130 -2.85 26.57 22.79
N ILE B 131 -3.84 25.77 23.17
CA ILE B 131 -3.64 24.78 24.22
C ILE B 131 -2.63 23.73 23.78
N TYR B 132 -2.74 23.29 22.52
CA TYR B 132 -1.79 22.31 22.02
C TYR B 132 -0.37 22.85 22.08
N GLY B 133 -0.18 24.12 21.75
CA GLY B 133 1.14 24.72 21.83
C GLY B 133 1.66 24.80 23.26
N LEU B 134 0.80 25.21 24.19
CA LEU B 134 1.24 25.33 25.58
C LEU B 134 1.64 23.98 26.17
N LEU B 135 0.85 22.94 25.87
CA LEU B 135 1.11 21.63 26.44
C LEU B 135 2.48 21.09 26.05
N GLU B 136 2.96 21.45 24.86
CA GLU B 136 4.25 20.96 24.38
C GLU B 136 5.41 21.62 25.11
N GLU B 137 5.35 22.95 25.25
CA GLU B 137 6.43 23.66 25.93
C GLU B 137 6.48 23.30 27.40
N SER B 138 5.32 23.07 28.03
CA SER B 138 5.35 22.64 29.42
C SER B 138 6.13 21.34 29.59
N GLN B 139 5.88 20.39 28.71
CA GLN B 139 6.61 19.11 28.77
C GLN B 139 8.08 19.31 28.49
N ASN B 140 8.43 20.18 27.54
CA ASN B 140 9.84 20.44 27.27
C ASN B 140 10.54 20.96 28.52
N GLN B 141 9.93 21.93 29.20
CA GLN B 141 10.51 22.46 30.42
C GLN B 141 10.64 21.37 31.47
N GLN B 142 9.61 20.54 31.62
CA GLN B 142 9.67 19.48 32.62
C GLN B 142 10.82 18.52 32.34
N GLU B 143 11.00 18.13 31.08
CA GLU B 143 12.07 17.20 30.74
C GLU B 143 13.43 17.83 31.02
N LYS B 144 13.61 19.10 30.64
CA LYS B 144 14.89 19.75 30.90
C LYS B 144 15.19 19.83 32.39
N ASN B 145 14.20 20.21 33.20
CA ASN B 145 14.43 20.28 34.63
C ASN B 145 14.72 18.90 35.21
N GLU B 146 14.03 17.88 34.75
CA GLU B 146 14.28 16.53 35.23
C GLU B 146 15.71 16.10 34.92
N GLN B 147 16.19 16.41 33.71
CA GLN B 147 17.56 16.08 33.38
C GLN B 147 18.53 16.84 34.27
N ASP B 148 18.25 18.12 34.53
CA ASP B 148 19.14 18.91 35.38
C ASP B 148 19.21 18.33 36.79
N LEU B 149 18.08 17.90 37.33
CA LEU B 149 18.04 17.43 38.72
C LEU B 149 18.94 16.21 38.91
N LEU B 150 18.84 15.24 38.00
CA LEU B 150 19.60 14.00 38.15
C LEU B 150 21.09 14.25 38.09
N ALA B 151 21.52 15.21 37.27
CA ALA B 151 22.95 15.50 37.16
C ALA B 151 23.55 15.94 38.49
N LEU B 152 22.77 16.64 39.31
CA LEU B 152 23.29 17.12 40.59
C LEU B 152 23.70 15.96 41.49
N ASP B 153 22.90 14.90 41.52
CA ASP B 153 23.19 13.75 42.36
C ASP B 153 24.54 13.14 41.98
N ALA C 1 2.83 -19.56 48.69
CA ALA C 1 2.79 -19.31 47.26
C ALA C 1 1.38 -19.48 46.72
N GLU C 2 0.40 -18.98 47.46
CA GLU C 2 -1.00 -19.04 47.05
C GLU C 2 -1.53 -17.71 46.55
N ASN C 3 -0.86 -16.60 46.88
CA ASN C 3 -1.28 -15.28 46.41
C ASN C 3 -0.60 -14.99 45.07
N LEU C 4 -1.05 -15.73 44.05
CA LEU C 4 -0.52 -15.61 42.72
C LEU C 4 -1.29 -14.55 41.94
N TRP C 5 -0.56 -13.86 41.05
CA TRP C 5 -1.12 -12.77 40.27
C TRP C 5 -0.76 -12.95 38.80
N VAL C 6 -1.55 -12.31 37.94
CA VAL C 6 -1.30 -12.39 36.50
C VAL C 6 -0.11 -11.52 36.13
N THR C 7 0.70 -12.06 35.34
CA THR C 7 1.85 -11.33 34.82
C THR C 7 1.86 -11.43 33.30
N VAL C 8 2.28 -10.33 32.64
CA VAL C 8 2.19 -10.23 31.19
C VAL C 8 3.60 -10.27 30.62
N TYR C 9 3.82 -11.13 29.62
CA TYR C 9 5.10 -11.27 28.94
C TYR C 9 4.90 -10.98 27.46
N TYR C 10 5.85 -10.25 26.87
CA TYR C 10 5.81 -9.89 25.47
C TYR C 10 7.06 -10.44 24.79
N GLY C 11 6.87 -11.31 23.81
CA GLY C 11 7.98 -11.88 23.07
C GLY C 11 8.22 -13.35 23.37
N VAL C 12 7.15 -14.07 23.70
CA VAL C 12 7.26 -15.50 24.03
C VAL C 12 7.37 -16.29 22.74
N PRO C 13 8.11 -17.41 22.71
CA PRO C 13 8.20 -18.25 21.49
C PRO C 13 7.08 -19.26 21.32
N VAL C 14 5.95 -18.80 20.76
CA VAL C 14 4.86 -19.68 20.37
C VAL C 14 4.39 -19.26 18.99
N TRP C 15 3.67 -20.18 18.32
CA TRP C 15 3.25 -19.94 16.94
C TRP C 15 1.99 -20.76 16.66
N LYS C 16 1.46 -20.57 15.46
CA LYS C 16 0.28 -21.30 15.00
C LYS C 16 0.36 -21.44 13.48
N ASP C 17 -0.40 -22.39 12.95
CA ASP C 17 -0.44 -22.59 11.52
C ASP C 17 -1.19 -21.44 10.84
N ALA C 18 -0.71 -21.04 9.68
CA ALA C 18 -1.32 -19.91 8.98
C ALA C 18 -1.00 -20.02 7.49
N GLU C 19 -1.74 -19.23 6.71
CA GLU C 19 -1.54 -19.12 5.27
C GLU C 19 -1.33 -17.65 4.93
N THR C 20 -0.23 -17.34 4.26
CA THR C 20 0.12 -15.98 3.91
C THR C 20 0.73 -15.96 2.52
N THR C 21 1.12 -14.77 2.07
CA THR C 21 1.71 -14.58 0.75
C THR C 21 3.22 -14.45 0.88
N LEU C 22 3.94 -15.34 0.21
CA LEU C 22 5.39 -15.28 0.19
C LEU C 22 5.86 -14.51 -1.04
N PHE C 23 7.11 -14.05 -1.01
CA PHE C 23 7.70 -13.31 -2.10
C PHE C 23 9.02 -13.93 -2.50
N CYS C 24 9.37 -13.78 -3.77
CA CYS C 24 10.55 -14.41 -4.33
C CYS C 24 11.82 -13.68 -3.91
N ALA C 25 12.96 -14.34 -4.17
CA ALA C 25 14.26 -13.74 -3.91
C ALA C 25 15.27 -14.48 -4.77
N SER C 26 15.82 -13.79 -5.77
CA SER C 26 16.75 -14.40 -6.71
C SER C 26 18.18 -14.03 -6.35
N ASP C 27 19.12 -14.76 -6.95
CA ASP C 27 20.53 -14.52 -6.68
C ASP C 27 21.01 -13.25 -7.38
N ALA C 28 22.04 -12.63 -6.79
CA ALA C 28 22.57 -11.40 -7.36
C ALA C 28 23.20 -11.65 -8.72
N LYS C 29 23.86 -12.80 -8.90
CA LYS C 29 24.51 -13.08 -10.17
C LYS C 29 23.53 -13.09 -11.33
N ALA C 30 22.25 -13.29 -11.08
CA ALA C 30 21.25 -13.27 -12.14
C ALA C 30 21.05 -11.88 -12.73
N TYR C 31 21.58 -10.83 -12.09
CA TYR C 31 21.43 -9.48 -12.59
C TYR C 31 22.45 -9.11 -13.66
N GLU C 32 23.46 -9.95 -13.89
CA GLU C 32 24.49 -9.68 -14.89
C GLU C 32 23.88 -9.91 -16.26
N THR C 33 23.23 -8.88 -16.79
CA THR C 33 22.52 -8.98 -18.07
C THR C 33 21.48 -10.10 -17.91
N GLU C 34 21.35 -11.00 -18.88
CA GLU C 34 20.43 -12.14 -18.80
C GLU C 34 19.04 -11.71 -18.34
N LYS C 35 18.65 -10.48 -18.67
CA LYS C 35 17.27 -10.05 -18.44
C LYS C 35 16.30 -10.81 -19.33
N HIS C 36 16.80 -11.52 -20.33
CA HIS C 36 15.95 -12.29 -21.24
C HIS C 36 15.79 -13.70 -20.65
N ASN C 37 14.81 -13.81 -19.75
CA ASN C 37 14.49 -15.07 -19.12
C ASN C 37 13.01 -15.08 -18.73
N VAL C 38 12.35 -16.21 -18.94
CA VAL C 38 10.92 -16.28 -18.67
C VAL C 38 10.65 -15.97 -17.20
N TRP C 39 11.54 -16.43 -16.32
CA TRP C 39 11.39 -16.21 -14.88
C TRP C 39 11.97 -14.83 -14.58
N ALA C 40 11.09 -13.83 -14.53
CA ALA C 40 11.51 -12.43 -14.49
C ALA C 40 12.09 -12.13 -13.11
N THR C 41 13.32 -12.57 -12.90
CA THR C 41 14.03 -12.27 -11.67
C THR C 41 14.45 -10.81 -11.57
N HIS C 42 14.07 -9.98 -12.55
CA HIS C 42 14.35 -8.56 -12.46
C HIS C 42 13.63 -7.92 -11.27
N ALA C 43 12.41 -8.37 -11.00
CA ALA C 43 11.64 -7.86 -9.88
C ALA C 43 11.83 -8.67 -8.60
N CYS C 44 12.67 -9.70 -8.62
CA CYS C 44 12.94 -10.49 -7.42
C CYS C 44 13.99 -9.80 -6.57
N VAL C 45 13.75 -9.74 -5.27
CA VAL C 45 14.69 -9.10 -4.35
C VAL C 45 15.99 -9.90 -4.32
N PRO C 46 17.15 -9.27 -4.24
CA PRO C 46 18.40 -10.04 -4.12
C PRO C 46 18.43 -10.84 -2.82
N THR C 47 19.08 -12.00 -2.89
CA THR C 47 19.14 -12.88 -1.74
C THR C 47 20.25 -12.47 -0.79
N ASP C 48 20.18 -13.00 0.43
CA ASP C 48 21.24 -12.80 1.40
C ASP C 48 22.41 -13.72 1.05
N PRO C 49 23.63 -13.18 0.87
CA PRO C 49 24.76 -14.08 0.56
C PRO C 49 25.00 -15.13 1.62
N ASN C 50 24.70 -14.84 2.88
CA ASN C 50 24.89 -15.76 4.00
C ASN C 50 23.54 -16.01 4.67
N PRO C 51 22.81 -17.04 4.27
CA PRO C 51 21.53 -17.31 4.92
C PRO C 51 21.72 -17.79 6.35
N GLN C 52 20.71 -17.53 7.18
CA GLN C 52 20.76 -17.82 8.60
C GLN C 52 19.69 -18.85 8.95
N GLU C 53 20.08 -19.87 9.71
CA GLU C 53 19.19 -20.94 10.12
C GLU C 53 19.40 -21.23 11.60
N ILE C 54 18.31 -21.40 12.34
CA ILE C 54 18.33 -21.59 13.78
C ILE C 54 17.81 -23.00 14.08
N HIS C 55 18.55 -23.73 14.91
CA HIS C 55 18.16 -25.07 15.31
C HIS C 55 17.27 -25.00 16.54
N LEU C 56 16.16 -25.74 16.50
CA LEU C 56 15.16 -25.75 17.57
C LEU C 56 15.25 -27.06 18.32
N GLU C 57 15.92 -27.03 19.47
CA GLU C 57 16.11 -28.23 20.27
C GLU C 57 14.82 -28.59 21.00
N ASN C 58 14.58 -29.90 21.13
CA ASN C 58 13.48 -30.47 21.90
C ASN C 58 12.11 -30.23 21.28
N VAL C 59 12.05 -29.71 20.06
CA VAL C 59 10.79 -29.33 19.43
C VAL C 59 10.37 -30.42 18.46
N THR C 60 9.11 -30.83 18.54
CA THR C 60 8.50 -31.78 17.62
C THR C 60 7.30 -31.11 16.96
N GLU C 61 7.20 -31.24 15.64
CA GLU C 61 6.19 -30.55 14.85
C GLU C 61 5.53 -31.52 13.89
N GLU C 62 4.30 -31.19 13.50
CA GLU C 62 3.50 -32.02 12.61
C GLU C 62 3.48 -31.42 11.22
N PHE C 63 3.80 -32.23 10.21
CA PHE C 63 3.81 -31.82 8.82
C PHE C 63 2.80 -32.65 8.04
N ASN C 64 2.24 -32.05 6.99
CA ASN C 64 1.35 -32.76 6.06
C ASN C 64 1.70 -32.30 4.66
N MET C 65 2.49 -33.11 3.96
CA MET C 65 3.02 -32.72 2.66
C MET C 65 1.94 -32.53 1.61
N TRP C 66 0.74 -33.09 1.81
CA TRP C 66 -0.30 -33.10 0.80
C TRP C 66 -1.37 -32.03 1.02
N LYS C 67 -1.18 -31.15 2.00
CA LYS C 67 -2.11 -30.04 2.23
C LYS C 67 -1.31 -28.76 2.48
N ASN C 68 -0.34 -28.50 1.61
CA ASN C 68 0.55 -27.37 1.72
C ASN C 68 0.09 -26.26 0.77
N ASN C 69 -0.12 -25.06 1.32
CA ASN C 69 -0.52 -23.93 0.50
C ASN C 69 0.63 -23.36 -0.32
N MET C 70 1.87 -23.63 0.09
CA MET C 70 3.01 -23.17 -0.68
C MET C 70 2.96 -23.71 -2.09
N VAL C 71 2.46 -24.94 -2.26
CA VAL C 71 2.38 -25.53 -3.59
C VAL C 71 1.43 -24.72 -4.47
N GLU C 72 0.26 -24.37 -3.94
CA GLU C 72 -0.69 -23.59 -4.72
C GLU C 72 -0.12 -22.23 -5.08
N GLN C 73 0.53 -21.57 -4.12
CA GLN C 73 1.11 -20.27 -4.41
C GLN C 73 2.18 -20.36 -5.48
N MET C 74 3.04 -21.38 -5.40
CA MET C 74 4.09 -21.53 -6.40
C MET C 74 3.50 -21.79 -7.77
N HIS C 75 2.47 -22.65 -7.85
CA HIS C 75 1.83 -22.92 -9.14
C HIS C 75 1.28 -21.65 -9.74
N THR C 76 0.54 -20.87 -8.95
CA THR C 76 -0.06 -19.65 -9.48
C THR C 76 1.01 -18.67 -9.93
N ASP C 77 2.08 -18.51 -9.14
CA ASP C 77 3.14 -17.59 -9.52
C ASP C 77 3.81 -18.00 -10.82
N ILE C 78 4.08 -19.30 -10.98
CA ILE C 78 4.73 -19.78 -12.19
C ILE C 78 3.85 -19.50 -13.40
N ILE C 79 2.55 -19.81 -13.29
CA ILE C 79 1.66 -19.58 -14.41
C ILE C 79 1.61 -18.10 -14.75
N SER C 80 1.53 -17.23 -13.73
CA SER C 80 1.45 -15.80 -13.98
C SER C 80 2.71 -15.30 -14.67
N LEU C 81 3.88 -15.75 -14.22
CA LEU C 81 5.11 -15.31 -14.87
C LEU C 81 5.16 -15.76 -16.32
N TRP C 82 4.76 -17.02 -16.57
CA TRP C 82 4.74 -17.51 -17.95
C TRP C 82 3.84 -16.64 -18.82
N ASP C 83 2.62 -16.35 -18.34
CA ASP C 83 1.72 -15.53 -19.14
C ASP C 83 2.28 -14.14 -19.36
N GLN C 84 2.86 -13.54 -18.32
CA GLN C 84 3.37 -12.18 -18.44
C GLN C 84 4.53 -12.10 -19.42
N SER C 85 5.36 -13.14 -19.50
CA SER C 85 6.51 -13.09 -20.39
C SER C 85 6.12 -13.10 -21.86
N LEU C 86 4.86 -13.37 -22.20
CA LEU C 86 4.44 -13.52 -23.58
C LEU C 86 3.66 -12.32 -24.11
N LYS C 87 3.35 -11.34 -23.26
CA LYS C 87 2.54 -10.21 -23.73
C LYS C 87 3.21 -9.41 -24.83
N PRO C 88 4.48 -9.02 -24.72
CA PRO C 88 5.13 -8.21 -25.75
C PRO C 88 5.72 -9.02 -26.91
N CYS C 89 4.93 -9.94 -27.44
CA CYS C 89 5.39 -10.81 -28.52
C CYS C 89 4.35 -10.85 -29.64
N VAL C 90 4.78 -11.35 -30.78
CA VAL C 90 3.96 -11.30 -31.99
C VAL C 90 2.77 -12.24 -31.84
N LYS C 91 1.62 -11.81 -32.35
CA LYS C 91 0.42 -12.61 -32.39
C LYS C 91 0.23 -13.12 -33.82
N LEU C 92 0.16 -14.44 -33.97
CA LEU C 92 0.13 -15.06 -35.29
C LEU C 92 -1.28 -15.25 -35.81
N THR C 93 -2.07 -14.18 -35.81
CA THR C 93 -3.41 -14.26 -36.41
C THR C 93 -3.38 -14.57 -37.90
N PRO C 94 -2.55 -13.91 -38.71
CA PRO C 94 -2.62 -14.15 -40.16
C PRO C 94 -2.10 -15.52 -40.59
N LEU C 95 -1.54 -16.31 -39.69
CA LEU C 95 -1.03 -17.62 -40.05
C LEU C 95 -2.12 -18.65 -40.26
N CYS C 96 -3.34 -18.39 -39.78
CA CYS C 96 -4.44 -19.31 -40.00
C CYS C 96 -4.92 -19.18 -41.44
N VAL C 97 -4.40 -20.03 -42.32
CA VAL C 97 -4.63 -19.90 -43.75
C VAL C 97 -4.47 -21.28 -44.39
N THR C 98 -5.18 -21.50 -45.49
CA THR C 98 -5.07 -22.74 -46.22
C THR C 98 -3.62 -22.96 -46.67
N LEU C 99 -3.15 -24.19 -46.52
CA LEU C 99 -1.80 -24.57 -46.90
C LEU C 99 -1.86 -25.64 -47.99
N GLN C 100 -0.77 -25.77 -48.73
CA GLN C 100 -0.63 -26.79 -49.77
C GLN C 100 0.67 -27.54 -49.49
N CYS C 101 0.55 -28.70 -48.87
CA CYS C 101 1.69 -29.44 -48.35
C CYS C 101 1.98 -30.69 -49.17
N THR C 102 3.23 -31.12 -49.12
CA THR C 102 3.66 -32.36 -49.75
C THR C 102 4.73 -33.00 -48.88
N ASN C 103 4.88 -34.32 -49.00
CA ASN C 103 5.83 -35.04 -48.18
C ASN C 103 7.26 -34.60 -48.50
N VAL C 104 8.12 -34.67 -47.49
CA VAL C 104 9.54 -34.40 -47.64
C VAL C 104 10.23 -35.77 -47.73
N THR C 105 10.60 -36.17 -48.94
CA THR C 105 11.34 -37.41 -49.18
C THR C 105 12.65 -37.03 -49.85
N ASN C 106 13.67 -36.73 -49.04
CA ASN C 106 14.97 -36.32 -49.55
C ASN C 106 16.01 -36.68 -48.48
N ASN C 107 16.57 -37.84 -48.74
CA ASN C 107 17.60 -38.33 -47.82
C ASN C 107 17.04 -38.46 -46.40
N ILE C 108 16.06 -39.34 -46.27
CA ILE C 108 15.45 -39.63 -44.98
C ILE C 108 15.53 -41.12 -44.72
N THR C 109 15.56 -41.48 -43.43
CA THR C 109 15.54 -42.87 -43.03
C THR C 109 14.12 -43.43 -43.14
N ASP C 110 13.96 -44.70 -42.79
CA ASP C 110 12.64 -45.33 -42.87
C ASP C 110 11.76 -45.00 -41.68
N ASP C 111 12.30 -44.44 -40.63
CA ASP C 111 11.49 -44.09 -39.48
C ASP C 111 10.94 -42.68 -39.54
N MET C 112 11.51 -41.81 -40.37
CA MET C 112 11.05 -40.43 -40.53
C MET C 112 10.18 -40.26 -41.77
N ARG C 113 9.49 -41.30 -42.18
CA ARG C 113 8.61 -41.22 -43.35
C ARG C 113 7.27 -40.62 -42.94
N GLY C 114 6.90 -39.52 -43.59
CA GLY C 114 5.65 -38.86 -43.30
C GLY C 114 5.63 -38.02 -42.05
N GLU C 115 6.79 -37.70 -41.48
CA GLU C 115 6.86 -36.87 -40.29
C GLU C 115 7.07 -35.40 -40.58
N LEU C 116 7.52 -35.06 -41.78
CA LEU C 116 7.76 -33.67 -42.18
C LEU C 116 6.99 -33.37 -43.45
N LYS C 117 6.50 -32.13 -43.54
CA LYS C 117 5.73 -31.69 -44.68
C LYS C 117 6.29 -30.37 -45.19
N ASN C 118 6.22 -30.19 -46.51
CA ASN C 118 6.71 -28.99 -47.19
C ASN C 118 5.49 -28.23 -47.69
N CYS C 119 5.19 -27.10 -47.04
CA CYS C 119 3.96 -26.36 -47.28
C CYS C 119 4.27 -24.97 -47.81
N SER C 120 3.38 -24.48 -48.66
CA SER C 120 3.47 -23.13 -49.21
C SER C 120 2.12 -22.43 -49.07
N PHE C 121 2.15 -21.12 -48.91
CA PHE C 121 0.94 -20.36 -48.64
C PHE C 121 1.15 -18.91 -49.03
N ASN C 122 0.05 -18.18 -49.15
CA ASN C 122 0.07 -16.74 -49.39
C ASN C 122 0.08 -16.01 -48.05
N MET C 123 0.92 -14.97 -47.97
CA MET C 123 1.12 -14.25 -46.72
C MET C 123 1.05 -12.75 -46.97
N THR C 124 0.65 -12.01 -45.94
CA THR C 124 0.60 -10.57 -46.01
C THR C 124 2.01 -9.98 -45.94
N THR C 125 2.15 -8.76 -46.47
CA THR C 125 3.41 -8.04 -46.51
C THR C 125 3.33 -6.83 -45.59
N GLU C 126 4.42 -6.07 -45.54
CA GLU C 126 4.42 -4.82 -44.77
C GLU C 126 3.43 -3.82 -45.36
N LEU C 127 3.14 -3.92 -46.66
CA LEU C 127 2.18 -3.05 -47.32
C LEU C 127 0.82 -3.74 -47.38
N ARG C 128 -0.22 -2.98 -47.06
CA ARG C 128 -1.56 -3.53 -46.97
C ARG C 128 -2.14 -3.91 -48.33
N ASP C 129 -1.50 -3.53 -49.43
CA ASP C 129 -2.05 -3.79 -50.75
C ASP C 129 -1.66 -5.14 -51.32
N LYS C 130 -0.40 -5.54 -51.16
CA LYS C 130 0.15 -6.69 -51.86
C LYS C 130 0.42 -7.84 -50.90
N LYS C 131 0.64 -9.02 -51.48
CA LYS C 131 0.88 -10.25 -50.75
C LYS C 131 2.11 -10.94 -51.31
N GLN C 132 2.57 -11.96 -50.59
CA GLN C 132 3.76 -12.71 -50.95
C GLN C 132 3.47 -14.19 -50.85
N LYS C 133 4.20 -14.98 -51.65
CA LYS C 133 4.10 -16.44 -51.61
C LYS C 133 5.35 -16.99 -50.94
N VAL C 134 5.17 -17.77 -49.89
CA VAL C 134 6.26 -18.29 -49.08
C VAL C 134 6.02 -19.77 -48.81
N TYR C 135 7.02 -20.40 -48.21
CA TYR C 135 6.94 -21.81 -47.88
C TYR C 135 7.72 -22.07 -46.60
N SER C 136 7.38 -23.17 -45.93
CA SER C 136 8.03 -23.53 -44.68
C SER C 136 7.82 -25.00 -44.42
N LEU C 137 8.61 -25.55 -43.49
CA LEU C 137 8.53 -26.95 -43.11
C LEU C 137 7.81 -27.08 -41.79
N PHE C 138 6.79 -27.93 -41.76
CA PHE C 138 5.98 -28.15 -40.57
C PHE C 138 6.03 -29.62 -40.17
N TYR C 139 6.03 -29.88 -38.88
CA TYR C 139 5.95 -31.25 -38.39
C TYR C 139 4.53 -31.78 -38.55
N ARG C 140 4.41 -33.08 -38.77
CA ARG C 140 3.12 -33.67 -39.06
C ARG C 140 2.16 -33.59 -37.88
N LEU C 141 2.64 -33.28 -36.68
CA LEU C 141 1.77 -33.18 -35.52
C LEU C 141 1.10 -31.83 -35.39
N ASP C 142 1.39 -30.87 -36.28
CA ASP C 142 0.86 -29.53 -36.20
C ASP C 142 -0.12 -29.19 -37.31
N VAL C 143 -0.39 -30.10 -38.23
CA VAL C 143 -1.24 -29.81 -39.38
C VAL C 143 -2.36 -30.84 -39.44
N VAL C 144 -3.50 -30.41 -39.97
CA VAL C 144 -4.69 -31.24 -40.11
C VAL C 144 -5.21 -31.10 -41.52
N GLN C 145 -5.51 -32.23 -42.16
CA GLN C 145 -6.10 -32.19 -43.49
C GLN C 145 -7.54 -31.71 -43.43
N ILE C 146 -7.95 -30.96 -44.45
CA ILE C 146 -9.31 -30.42 -44.54
C ILE C 146 -9.88 -30.81 -45.89
N ASN C 147 -11.12 -31.29 -45.88
CA ASN C 147 -11.80 -31.67 -47.11
C ASN C 147 -13.30 -31.40 -47.01
N SER C 157 -2.07 -33.95 -56.55
CA SER C 157 -2.34 -34.34 -55.17
C SER C 157 -2.20 -33.13 -54.24
N ASN C 158 -1.07 -33.04 -53.54
CA ASN C 158 -0.73 -31.92 -52.66
C ASN C 158 -1.98 -31.39 -51.93
N LYS C 159 -2.61 -32.29 -51.19
CA LYS C 159 -3.82 -31.95 -50.45
C LYS C 159 -3.59 -30.73 -49.59
N GLU C 160 -4.66 -30.10 -49.11
CA GLU C 160 -4.58 -28.86 -48.36
C GLU C 160 -4.81 -29.11 -46.88
N TYR C 161 -4.05 -28.43 -46.05
CA TYR C 161 -4.04 -28.62 -44.60
C TYR C 161 -4.32 -27.29 -43.91
N ARG C 162 -4.23 -27.30 -42.58
CA ARG C 162 -4.29 -26.10 -41.79
C ARG C 162 -3.65 -26.39 -40.43
N LEU C 163 -3.26 -25.34 -39.74
CA LEU C 163 -2.67 -25.51 -38.42
C LEU C 163 -3.72 -26.05 -37.46
N ILE C 164 -3.29 -26.89 -36.53
CA ILE C 164 -4.22 -27.65 -35.70
C ILE C 164 -5.03 -26.73 -34.79
N ASN C 165 -4.51 -25.56 -34.46
CA ASN C 165 -5.12 -24.69 -33.47
C ASN C 165 -6.07 -23.65 -34.06
N CYS C 166 -6.32 -23.70 -35.37
CA CYS C 166 -7.08 -22.62 -35.99
C CYS C 166 -8.52 -22.55 -35.52
N ASN C 167 -9.09 -23.66 -35.05
CA ASN C 167 -10.49 -23.69 -34.65
C ASN C 167 -10.67 -23.57 -33.14
N THR C 168 -9.63 -23.22 -32.41
CA THR C 168 -9.77 -23.00 -30.96
C THR C 168 -9.23 -21.66 -30.51
N SER C 169 -8.14 -21.18 -31.08
CA SER C 169 -7.55 -19.90 -30.67
C SER C 169 -6.41 -19.57 -31.64
N ALA C 170 -5.77 -18.44 -31.39
CA ALA C 170 -4.64 -17.97 -32.18
C ALA C 170 -3.38 -18.03 -31.32
N CYS C 171 -2.30 -18.55 -31.88
CA CYS C 171 -1.07 -18.76 -31.13
C CYS C 171 -0.25 -17.48 -31.06
N THR C 172 0.57 -17.39 -30.02
CA THR C 172 1.48 -16.28 -29.82
C THR C 172 2.90 -16.78 -29.98
N GLN C 173 3.66 -16.17 -30.88
CA GLN C 173 5.04 -16.59 -31.10
C GLN C 173 5.91 -16.16 -29.93
N ALA C 174 6.73 -17.08 -29.44
CA ALA C 174 7.63 -16.76 -28.34
C ALA C 174 8.74 -15.84 -28.82
N CYS C 175 8.99 -14.78 -28.08
CA CYS C 175 10.01 -13.81 -28.49
C CYS C 175 11.37 -14.50 -28.52
N PRO C 176 12.11 -14.43 -29.64
CA PRO C 176 13.29 -15.29 -29.79
C PRO C 176 14.41 -14.99 -28.81
N LYS C 177 14.45 -13.79 -28.22
CA LYS C 177 15.55 -13.45 -27.32
C LYS C 177 15.39 -14.13 -25.96
N VAL C 178 14.15 -14.24 -25.47
CA VAL C 178 13.95 -14.81 -24.14
C VAL C 178 14.42 -16.27 -24.13
N SER C 179 14.89 -16.71 -22.96
CA SER C 179 15.38 -18.07 -22.79
C SER C 179 14.53 -18.79 -21.75
N PHE C 180 14.44 -20.11 -21.91
CA PHE C 180 13.61 -20.94 -21.04
C PHE C 180 14.41 -21.61 -19.92
N GLU C 181 15.69 -21.30 -19.78
CA GLU C 181 16.52 -22.00 -18.81
C GLU C 181 15.98 -21.76 -17.41
N PRO C 182 15.78 -22.80 -16.60
CA PRO C 182 15.33 -22.58 -15.21
C PRO C 182 16.41 -21.89 -14.39
N ILE C 183 15.95 -21.10 -13.43
CA ILE C 183 16.84 -20.36 -12.54
C ILE C 183 16.37 -20.59 -11.10
N PRO C 184 17.27 -20.84 -10.15
CA PRO C 184 16.83 -21.05 -8.77
C PRO C 184 16.06 -19.87 -8.22
N ILE C 185 15.06 -20.16 -7.40
CA ILE C 185 14.24 -19.15 -6.75
C ILE C 185 14.09 -19.51 -5.28
N HIS C 186 14.07 -18.50 -4.42
CA HIS C 186 13.90 -18.68 -2.98
C HIS C 186 12.61 -17.99 -2.56
N TYR C 187 11.78 -18.69 -1.80
CA TYR C 187 10.56 -18.12 -1.26
C TYR C 187 10.81 -17.69 0.18
N CYS C 188 10.41 -16.46 0.50
CA CYS C 188 10.65 -15.86 1.80
C CYS C 188 9.33 -15.39 2.40
N ALA C 189 9.26 -15.40 3.74
CA ALA C 189 8.05 -15.03 4.44
C ALA C 189 8.15 -13.62 5.01
N PRO C 190 7.02 -12.93 5.18
CA PRO C 190 7.08 -11.56 5.71
C PRO C 190 7.49 -11.52 7.18
N ALA C 191 7.52 -10.32 7.75
CA ALA C 191 7.80 -10.18 9.17
C ALA C 191 6.60 -10.64 9.98
N GLY C 192 6.86 -11.25 11.13
CA GLY C 192 5.82 -11.82 11.95
C GLY C 192 5.44 -13.24 11.57
N PHE C 193 6.04 -13.80 10.52
CA PHE C 193 5.84 -15.18 10.11
C PHE C 193 7.19 -15.88 10.08
N ALA C 194 7.15 -17.19 9.87
CA ALA C 194 8.38 -17.97 9.82
C ALA C 194 8.12 -19.24 9.04
N ILE C 195 9.21 -19.85 8.57
CA ILE C 195 9.16 -21.11 7.83
C ILE C 195 9.92 -22.15 8.63
N LEU C 196 9.26 -23.28 8.90
CA LEU C 196 9.88 -24.39 9.61
C LEU C 196 10.33 -25.45 8.62
N LYS C 197 11.47 -26.05 8.88
CA LYS C 197 12.06 -27.07 8.02
C LYS C 197 12.30 -28.35 8.81
N CYS C 198 12.00 -29.48 8.21
CA CYS C 198 12.19 -30.79 8.83
C CYS C 198 13.52 -31.37 8.37
N LYS C 199 14.41 -31.62 9.31
CA LYS C 199 15.76 -32.09 9.01
C LYS C 199 15.88 -33.61 9.13
N ASP C 200 14.79 -34.31 9.39
CA ASP C 200 14.85 -35.77 9.51
C ASP C 200 15.17 -36.38 8.15
N LYS C 201 16.08 -37.35 8.14
CA LYS C 201 16.50 -38.00 6.91
C LYS C 201 15.59 -39.14 6.49
N LYS C 202 14.69 -39.60 7.38
CA LYS C 202 13.76 -40.66 7.05
C LYS C 202 12.31 -40.17 7.07
N PHE C 203 12.10 -38.87 6.92
CA PHE C 203 10.75 -38.33 6.89
C PHE C 203 10.02 -38.83 5.65
N ASN C 204 8.76 -39.23 5.84
CA ASN C 204 7.95 -39.78 4.76
C ASN C 204 6.84 -38.83 4.33
N GLY C 205 6.95 -37.54 4.70
CA GLY C 205 6.03 -36.53 4.23
C GLY C 205 4.83 -36.27 5.11
N THR C 206 4.55 -37.13 6.08
CA THR C 206 3.40 -36.93 6.96
C THR C 206 3.74 -37.44 8.34
N GLY C 207 3.18 -36.78 9.36
CA GLY C 207 3.40 -37.17 10.72
C GLY C 207 4.28 -36.20 11.47
N PRO C 208 4.71 -36.57 12.67
CA PRO C 208 5.55 -35.67 13.47
C PRO C 208 7.03 -35.78 13.07
N CYS C 209 7.67 -34.62 12.88
CA CYS C 209 9.08 -34.57 12.56
C CYS C 209 9.86 -34.27 13.83
N PRO C 210 10.73 -35.16 14.31
CA PRO C 210 11.41 -34.91 15.59
C PRO C 210 12.57 -33.94 15.52
N SER C 211 13.05 -33.58 14.33
CA SER C 211 14.16 -32.65 14.18
C SER C 211 13.70 -31.48 13.31
N VAL C 212 13.70 -30.28 13.89
CA VAL C 212 13.15 -29.11 13.24
C VAL C 212 14.14 -27.95 13.35
N SER C 213 13.97 -26.98 12.45
CA SER C 213 14.74 -25.75 12.47
C SER C 213 13.96 -24.71 11.69
N THR C 214 14.31 -23.44 11.92
CA THR C 214 13.57 -22.32 11.33
C THR C 214 14.49 -21.52 10.42
N VAL C 215 13.95 -21.10 9.28
CA VAL C 215 14.66 -20.31 8.29
C VAL C 215 13.73 -19.20 7.80
N GLN C 216 14.30 -18.25 7.07
CA GLN C 216 13.52 -17.17 6.49
C GLN C 216 13.26 -17.34 5.01
N CYS C 217 14.09 -18.11 4.31
CA CYS C 217 13.89 -18.37 2.89
C CYS C 217 14.26 -19.82 2.59
N THR C 218 13.59 -20.39 1.61
CA THR C 218 13.88 -21.74 1.18
C THR C 218 15.12 -21.77 0.30
N HIS C 219 15.66 -22.97 0.10
CA HIS C 219 16.80 -23.12 -0.80
C HIS C 219 16.35 -22.88 -2.24
N GLY C 220 17.32 -22.72 -3.13
CA GLY C 220 17.02 -22.46 -4.52
C GLY C 220 16.28 -23.60 -5.19
N ILE C 221 15.08 -23.32 -5.70
CA ILE C 221 14.23 -24.32 -6.34
C ILE C 221 14.13 -23.97 -7.82
N LYS C 222 14.51 -24.91 -8.68
CA LYS C 222 14.47 -24.70 -10.11
C LYS C 222 13.13 -25.15 -10.67
N PRO C 223 12.38 -24.28 -11.35
CA PRO C 223 11.09 -24.72 -11.93
C PRO C 223 11.26 -25.51 -13.23
N VAL C 224 11.54 -26.80 -13.10
CA VAL C 224 11.69 -27.69 -14.24
C VAL C 224 10.34 -28.33 -14.53
N VAL C 225 9.92 -28.26 -15.79
CA VAL C 225 8.63 -28.79 -16.23
C VAL C 225 8.88 -30.08 -16.99
N SER C 226 8.24 -31.15 -16.57
CA SER C 226 8.39 -32.46 -17.22
C SER C 226 7.26 -33.36 -16.72
N THR C 227 7.20 -34.57 -17.26
CA THR C 227 6.22 -35.56 -16.85
C THR C 227 6.86 -36.93 -16.82
N GLN C 228 6.40 -37.76 -15.89
CA GLN C 228 6.84 -39.15 -15.75
C GLN C 228 8.24 -39.27 -15.19
N LEU C 229 8.95 -38.14 -15.07
CA LEU C 229 10.35 -38.17 -14.68
C LEU C 229 10.71 -36.80 -14.13
N LEU C 230 11.38 -36.78 -12.98
CA LEU C 230 11.78 -35.54 -12.33
C LEU C 230 13.26 -35.31 -12.62
N LEU C 231 13.56 -34.16 -13.21
CA LEU C 231 14.90 -33.86 -13.71
C LEU C 231 15.54 -32.75 -12.91
N ASN C 232 16.86 -32.84 -12.74
CA ASN C 232 17.65 -31.78 -12.12
C ASN C 232 17.10 -31.40 -10.75
N GLY C 233 16.67 -32.41 -9.98
CA GLY C 233 16.07 -32.20 -8.69
C GLY C 233 17.03 -32.45 -7.54
N SER C 234 16.47 -32.67 -6.36
CA SER C 234 17.22 -32.96 -5.15
C SER C 234 17.18 -34.45 -4.86
N LEU C 235 18.26 -34.96 -4.28
CA LEU C 235 18.41 -36.38 -4.00
C LEU C 235 18.26 -36.65 -2.51
N ALA C 236 17.77 -37.85 -2.19
CA ALA C 236 17.69 -38.28 -0.80
C ALA C 236 19.08 -38.55 -0.25
N GLU C 237 19.20 -38.49 1.08
CA GLU C 237 20.50 -38.63 1.72
C GLU C 237 20.86 -40.07 2.05
N GLU C 238 19.88 -40.91 2.38
CA GLU C 238 20.16 -42.26 2.86
C GLU C 238 19.61 -43.34 1.95
N GLU C 239 18.32 -43.30 1.62
CA GLU C 239 17.70 -44.37 0.87
C GLU C 239 16.62 -43.82 -0.03
N VAL C 240 16.19 -44.65 -0.99
CA VAL C 240 15.08 -44.27 -1.84
C VAL C 240 13.83 -44.08 -1.00
N MET C 241 13.13 -42.98 -1.22
CA MET C 241 11.97 -42.62 -0.43
C MET C 241 10.71 -42.74 -1.26
N ILE C 242 9.71 -43.46 -0.74
CA ILE C 242 8.41 -43.61 -1.38
C ILE C 242 7.40 -42.83 -0.55
N ARG C 243 6.67 -41.93 -1.19
CA ARG C 243 5.71 -41.07 -0.52
C ARG C 243 4.38 -41.11 -1.26
N SER C 244 3.29 -41.16 -0.50
CA SER C 244 1.96 -41.17 -1.10
C SER C 244 0.95 -40.74 -0.04
N GLU C 245 -0.14 -40.13 -0.51
CA GLU C 245 -1.17 -39.67 0.42
C GLU C 245 -1.82 -40.85 1.14
N ASN C 246 -2.10 -41.93 0.40
CA ASN C 246 -2.71 -43.12 0.98
C ASN C 246 -2.24 -44.30 0.13
N ILE C 247 -1.24 -45.04 0.63
CA ILE C 247 -0.60 -46.07 -0.18
C ILE C 247 -1.60 -47.15 -0.55
N THR C 248 -2.56 -47.44 0.32
CA THR C 248 -3.53 -48.51 0.06
C THR C 248 -4.57 -48.13 -0.98
N ASN C 249 -4.68 -46.86 -1.34
CA ASN C 249 -5.61 -46.41 -2.36
C ASN C 249 -4.90 -46.32 -3.70
N ASN C 250 -5.49 -46.89 -4.73
CA ASN C 250 -4.88 -46.96 -6.05
C ASN C 250 -5.20 -45.74 -6.91
N ALA C 251 -5.99 -44.80 -6.41
CA ALA C 251 -6.30 -43.58 -7.14
C ALA C 251 -5.37 -42.43 -6.77
N LYS C 252 -4.35 -42.68 -5.95
CA LYS C 252 -3.40 -41.67 -5.53
C LYS C 252 -2.02 -41.97 -6.08
N ASN C 253 -1.34 -40.94 -6.56
CA ASN C 253 -0.03 -41.10 -7.16
C ASN C 253 1.01 -41.44 -6.10
N ILE C 254 2.15 -41.96 -6.57
CA ILE C 254 3.28 -42.30 -5.72
C ILE C 254 4.49 -41.51 -6.21
N LEU C 255 5.18 -40.86 -5.27
CA LEU C 255 6.38 -40.08 -5.58
C LEU C 255 7.60 -40.86 -5.09
N VAL C 256 8.60 -40.99 -5.95
CA VAL C 256 9.82 -41.71 -5.65
C VAL C 256 10.98 -40.74 -5.76
N GLN C 257 11.84 -40.72 -4.74
CA GLN C 257 13.04 -39.90 -4.73
C GLN C 257 14.26 -40.81 -4.76
N PHE C 258 15.16 -40.57 -5.71
CA PHE C 258 16.30 -41.44 -5.90
C PHE C 258 17.39 -41.14 -4.88
N ASN C 259 18.25 -42.13 -4.67
CA ASN C 259 19.41 -42.00 -3.81
C ASN C 259 20.61 -41.41 -4.55
N THR C 260 20.79 -41.78 -5.81
CA THR C 260 21.85 -41.29 -6.66
C THR C 260 21.26 -40.89 -8.01
N PRO C 261 21.91 -40.00 -8.74
CA PRO C 261 21.36 -39.56 -10.02
C PRO C 261 21.58 -40.57 -11.12
N VAL C 262 20.74 -40.48 -12.14
CA VAL C 262 20.84 -41.28 -13.35
C VAL C 262 20.94 -40.33 -14.53
N GLN C 263 21.97 -40.49 -15.35
CA GLN C 263 22.22 -39.56 -16.43
C GLN C 263 21.41 -39.92 -17.67
N ILE C 264 20.94 -38.90 -18.38
CA ILE C 264 20.18 -39.05 -19.61
C ILE C 264 20.72 -38.06 -20.64
N ASN C 265 20.98 -38.54 -21.85
CA ASN C 265 21.50 -37.73 -22.93
C ASN C 265 20.46 -37.67 -24.05
N CYS C 266 20.15 -36.46 -24.51
CA CYS C 266 19.17 -36.24 -25.56
C CYS C 266 19.74 -35.33 -26.63
N THR C 267 19.30 -35.51 -27.86
CA THR C 267 19.82 -34.74 -28.98
C THR C 267 18.81 -34.71 -30.12
N ARG C 268 18.91 -33.66 -30.93
CA ARG C 268 18.15 -33.57 -32.19
C ARG C 268 19.17 -33.50 -33.32
N PRO C 269 19.45 -34.61 -34.02
CA PRO C 269 20.57 -34.68 -34.95
C PRO C 269 20.27 -34.13 -36.35
N ASN C 270 19.66 -32.95 -36.40
CA ASN C 270 19.32 -32.30 -37.65
C ASN C 270 19.86 -30.89 -37.64
N ASN C 271 20.56 -30.51 -38.72
CA ASN C 271 21.11 -29.17 -38.86
C ASN C 271 20.03 -28.29 -39.48
N ASN C 272 19.28 -27.60 -38.63
CA ASN C 272 18.15 -26.81 -39.08
C ASN C 272 18.60 -25.43 -39.56
N THR C 273 17.77 -24.82 -40.40
CA THR C 273 17.98 -23.49 -40.92
C THR C 273 16.77 -22.63 -40.60
N ARG C 274 17.01 -21.36 -40.29
CA ARG C 274 15.95 -20.43 -39.91
C ARG C 274 15.76 -19.37 -40.99
N LYS C 275 14.51 -18.99 -41.21
CA LYS C 275 14.16 -17.94 -42.17
C LYS C 275 13.35 -16.88 -41.47
N SER C 276 13.49 -15.64 -41.93
CA SER C 276 12.74 -14.51 -41.39
C SER C 276 11.79 -14.00 -42.46
N ILE C 277 10.50 -13.94 -42.12
CA ILE C 277 9.46 -13.49 -43.03
C ILE C 277 8.74 -12.32 -42.38
N ARG C 278 8.65 -11.20 -43.11
CA ARG C 278 8.02 -9.99 -42.61
C ARG C 278 6.53 -10.03 -42.97
N ILE C 279 5.69 -10.10 -41.95
CA ILE C 279 4.25 -10.25 -42.13
C ILE C 279 3.49 -8.98 -41.81
N GLY C 280 4.19 -7.91 -41.43
CA GLY C 280 3.54 -6.66 -41.10
C GLY C 280 4.57 -5.62 -40.69
N PRO C 281 4.11 -4.42 -40.38
CA PRO C 281 5.05 -3.38 -39.94
C PRO C 281 5.73 -3.75 -38.62
N GLY C 282 7.03 -3.98 -38.66
CA GLY C 282 7.76 -4.35 -37.45
C GLY C 282 7.31 -5.66 -36.85
N GLN C 283 7.08 -6.67 -37.68
CA GLN C 283 6.68 -7.98 -37.21
C GLN C 283 7.25 -9.04 -38.14
N ALA C 284 7.80 -10.10 -37.56
CA ALA C 284 8.45 -11.16 -38.32
C ALA C 284 7.96 -12.52 -37.84
N PHE C 285 7.95 -13.47 -38.75
CA PHE C 285 7.60 -14.86 -38.45
C PHE C 285 8.79 -15.72 -38.85
N TYR C 286 9.28 -16.51 -37.91
CA TYR C 286 10.50 -17.29 -38.12
C TYR C 286 10.11 -18.68 -38.62
N ALA C 287 10.27 -18.89 -39.92
CA ALA C 287 9.93 -20.16 -40.53
C ALA C 287 11.16 -21.07 -40.53
N THR C 288 10.97 -22.29 -41.04
CA THR C 288 12.03 -23.29 -41.13
C THR C 288 12.42 -23.46 -42.59
N GLY C 289 13.70 -23.21 -42.89
CA GLY C 289 14.18 -23.37 -44.25
C GLY C 289 14.44 -24.82 -44.57
N ASP C 290 15.52 -25.10 -45.30
CA ASP C 290 15.89 -26.46 -45.64
C ASP C 290 16.82 -27.03 -44.59
N ILE C 291 16.92 -28.36 -44.57
CA ILE C 291 17.79 -29.09 -43.65
C ILE C 291 19.11 -29.37 -44.36
N ILE C 292 20.21 -28.96 -43.74
CA ILE C 292 21.53 -29.05 -44.37
C ILE C 292 22.10 -30.42 -43.98
N GLY C 293 21.81 -31.42 -44.82
CA GLY C 293 22.37 -32.74 -44.62
C GLY C 293 21.33 -33.83 -44.60
N ASP C 294 21.54 -34.84 -43.75
CA ASP C 294 20.65 -35.97 -43.64
C ASP C 294 19.58 -35.71 -42.57
N ILE C 295 18.52 -36.51 -42.61
CA ILE C 295 17.39 -36.39 -41.69
C ILE C 295 17.31 -37.66 -40.86
N ARG C 296 17.32 -37.50 -39.54
CA ARG C 296 17.27 -38.63 -38.62
C ARG C 296 16.43 -38.27 -37.42
N GLN C 297 15.95 -39.29 -36.72
CA GLN C 297 15.07 -39.11 -35.58
C GLN C 297 15.85 -38.64 -34.36
N ALA C 298 15.16 -37.93 -33.48
CA ALA C 298 15.71 -37.52 -32.19
C ALA C 298 15.45 -38.62 -31.16
N HIS C 299 16.36 -38.73 -30.20
CA HIS C 299 16.29 -39.81 -29.23
C HIS C 299 16.95 -39.37 -27.93
N CYS C 300 16.89 -40.25 -26.93
CA CYS C 300 17.57 -40.06 -25.66
C CYS C 300 18.22 -41.37 -25.24
N ASN C 301 19.29 -41.27 -24.45
CA ASN C 301 20.07 -42.42 -24.02
C ASN C 301 20.13 -42.49 -22.50
N VAL C 302 20.04 -43.71 -21.98
CA VAL C 302 20.32 -43.99 -20.57
C VAL C 302 21.14 -45.28 -20.50
N SER C 303 21.88 -45.43 -19.41
CA SER C 303 22.71 -46.61 -19.22
C SER C 303 21.87 -47.75 -18.67
N LYS C 304 22.00 -48.93 -19.28
CA LYS C 304 21.17 -50.05 -18.89
C LYS C 304 21.46 -50.51 -17.46
N ALA C 305 22.73 -50.66 -17.12
CA ALA C 305 23.09 -51.17 -15.80
C ALA C 305 22.64 -50.22 -14.69
N THR C 306 22.84 -48.92 -14.88
CA THR C 306 22.45 -47.96 -13.85
C THR C 306 20.94 -47.97 -13.65
N TRP C 307 20.17 -48.01 -14.74
CA TRP C 307 18.72 -48.07 -14.61
C TRP C 307 18.30 -49.35 -13.90
N ASN C 308 18.94 -50.47 -14.24
CA ASN C 308 18.58 -51.72 -13.58
C ASN C 308 18.84 -51.64 -12.08
N GLU C 309 19.99 -51.09 -11.68
CA GLU C 309 20.29 -50.97 -10.26
C GLU C 309 19.26 -50.09 -9.56
N THR C 310 18.93 -48.95 -10.17
CA THR C 310 17.98 -48.05 -9.54
C THR C 310 16.61 -48.71 -9.40
N LEU C 311 16.17 -49.43 -10.43
CA LEU C 311 14.89 -50.12 -10.35
C LEU C 311 14.92 -51.20 -9.29
N GLY C 312 16.05 -51.90 -9.14
CA GLY C 312 16.16 -52.89 -8.08
C GLY C 312 16.01 -52.26 -6.71
N LYS C 313 16.67 -51.12 -6.48
CA LYS C 313 16.52 -50.45 -5.20
C LYS C 313 15.07 -50.01 -4.97
N VAL C 314 14.43 -49.48 -6.00
CA VAL C 314 13.04 -49.05 -5.87
C VAL C 314 12.16 -50.24 -5.50
N VAL C 315 12.38 -51.38 -6.15
CA VAL C 315 11.58 -52.57 -5.85
C VAL C 315 11.82 -53.00 -4.41
N LYS C 316 13.08 -53.00 -3.97
CA LYS C 316 13.36 -53.40 -2.59
C LYS C 316 12.63 -52.51 -1.61
N GLN C 317 12.61 -51.21 -1.86
CA GLN C 317 11.93 -50.30 -0.94
C GLN C 317 10.41 -50.32 -1.10
N LEU C 318 9.89 -50.87 -2.20
CA LEU C 318 8.45 -50.92 -2.39
C LEU C 318 7.80 -52.10 -1.70
N ARG C 319 8.55 -53.18 -1.45
CA ARG C 319 7.97 -54.37 -0.87
C ARG C 319 7.56 -54.17 0.59
N LYS C 320 8.09 -53.14 1.25
CA LYS C 320 7.76 -52.90 2.65
C LYS C 320 6.28 -52.62 2.85
N HIS C 321 5.58 -52.13 1.82
CA HIS C 321 4.16 -51.85 1.91
C HIS C 321 3.30 -52.96 1.27
N PHE C 322 3.92 -54.00 0.73
CA PHE C 322 3.15 -55.04 0.04
C PHE C 322 3.65 -56.45 0.35
N GLY C 323 4.56 -56.63 1.29
CA GLY C 323 5.02 -57.95 1.67
C GLY C 323 6.22 -58.41 0.86
N ASN C 324 6.92 -59.39 1.42
CA ASN C 324 8.14 -59.90 0.79
C ASN C 324 7.87 -60.98 -0.26
N ASN C 325 6.64 -61.47 -0.37
CA ASN C 325 6.29 -62.53 -1.29
C ASN C 325 5.30 -62.05 -2.34
N THR C 326 5.53 -60.86 -2.87
CA THR C 326 4.68 -60.25 -3.89
C THR C 326 5.48 -59.99 -5.14
N ILE C 327 4.88 -60.25 -6.30
CA ILE C 327 5.52 -60.00 -7.57
C ILE C 327 5.30 -58.55 -7.97
N ILE C 328 6.38 -57.86 -8.33
CA ILE C 328 6.33 -56.46 -8.74
C ILE C 328 6.75 -56.40 -10.21
N ARG C 329 5.91 -55.77 -11.03
CA ARG C 329 6.19 -55.65 -12.46
C ARG C 329 5.88 -54.22 -12.90
N PHE C 330 6.56 -53.79 -13.96
CA PHE C 330 6.44 -52.45 -14.51
C PHE C 330 5.93 -52.52 -15.93
N ALA C 331 4.96 -51.67 -16.26
CA ALA C 331 4.40 -51.59 -17.59
C ALA C 331 4.30 -50.13 -18.02
N ASN C 332 4.26 -49.90 -19.33
CA ASN C 332 4.22 -48.55 -19.84
C ASN C 332 2.83 -47.95 -19.64
N SER C 333 2.73 -46.65 -19.90
CA SER C 333 1.50 -45.93 -19.67
C SER C 333 0.34 -46.59 -20.40
N SER C 334 -0.87 -46.33 -19.91
CA SER C 334 -2.06 -46.96 -20.47
C SER C 334 -2.53 -46.23 -21.73
N GLY C 335 -2.91 -44.96 -21.57
CA GLY C 335 -3.40 -44.20 -22.70
C GLY C 335 -3.73 -42.78 -22.28
N GLY C 336 -4.05 -41.97 -23.27
CA GLY C 336 -4.39 -40.58 -23.07
C GLY C 336 -3.78 -39.74 -24.17
N ASP C 337 -3.67 -38.44 -23.90
CA ASP C 337 -3.08 -37.51 -24.86
C ASP C 337 -1.56 -37.61 -24.83
N LEU C 338 -0.93 -37.04 -25.86
CA LEU C 338 0.52 -37.17 -25.99
C LEU C 338 1.25 -36.57 -24.81
N GLU C 339 0.65 -35.59 -24.13
CA GLU C 339 1.32 -34.94 -23.01
C GLU C 339 1.28 -35.77 -21.73
N VAL C 340 0.54 -36.88 -21.72
CA VAL C 340 0.42 -37.72 -20.55
C VAL C 340 1.09 -39.07 -20.73
N THR C 341 1.07 -39.63 -21.93
CA THR C 341 1.63 -40.96 -22.19
C THR C 341 3.08 -40.91 -22.62
N THR C 342 3.72 -39.75 -22.57
CA THR C 342 5.12 -39.61 -22.97
C THR C 342 5.84 -38.75 -21.96
N HIS C 343 7.16 -38.86 -21.97
CA HIS C 343 8.02 -38.08 -21.08
C HIS C 343 8.32 -36.76 -21.77
N SER C 344 7.59 -35.72 -21.40
CA SER C 344 7.75 -34.41 -22.00
C SER C 344 8.79 -33.59 -21.27
N PHE C 345 9.51 -32.76 -22.01
CA PHE C 345 10.48 -31.84 -21.42
C PHE C 345 10.92 -30.87 -22.49
N ASN C 346 11.67 -29.86 -22.06
CA ASN C 346 12.18 -28.81 -22.94
C ASN C 346 13.69 -28.79 -22.85
N CYS C 347 14.36 -28.91 -24.00
CA CYS C 347 15.81 -29.06 -24.07
C CYS C 347 16.37 -27.93 -24.94
N GLY C 348 16.68 -26.80 -24.30
CA GLY C 348 17.32 -25.71 -25.01
C GLY C 348 16.49 -25.12 -26.13
N GLY C 349 15.20 -24.90 -25.89
CA GLY C 349 14.34 -24.25 -26.87
C GLY C 349 13.33 -25.18 -27.49
N GLU C 350 13.73 -26.40 -27.82
CA GLU C 350 12.83 -27.36 -28.45
C GLU C 350 12.06 -28.13 -27.39
N PHE C 351 10.95 -28.73 -27.81
CA PHE C 351 10.07 -29.48 -26.91
C PHE C 351 10.01 -30.92 -27.39
N PHE C 352 10.38 -31.85 -26.52
CA PHE C 352 10.47 -33.26 -26.84
C PHE C 352 9.27 -34.01 -26.27
N TYR C 353 8.99 -35.17 -26.87
CA TYR C 353 7.97 -36.09 -26.37
C TYR C 353 8.52 -37.51 -26.59
N CYS C 354 9.21 -38.04 -25.59
CA CYS C 354 9.91 -39.29 -25.72
C CYS C 354 9.04 -40.46 -25.30
N ASN C 355 9.31 -41.63 -25.87
CA ASN C 355 8.52 -42.83 -25.67
C ASN C 355 9.22 -43.70 -24.62
N THR C 356 8.85 -43.52 -23.37
CA THR C 356 9.46 -44.25 -22.25
C THR C 356 8.79 -45.61 -22.08
N SER C 357 8.86 -46.42 -23.13
CA SER C 357 8.31 -47.77 -23.10
C SER C 357 9.37 -48.84 -22.93
N GLY C 358 10.64 -48.52 -23.18
CA GLY C 358 11.72 -49.42 -22.93
C GLY C 358 12.27 -49.39 -21.52
N LEU C 359 11.85 -48.41 -20.72
CA LEU C 359 12.28 -48.32 -19.33
C LEU C 359 11.42 -49.19 -18.42
N PHE C 360 10.10 -49.06 -18.53
CA PHE C 360 9.17 -49.77 -17.65
C PHE C 360 8.74 -51.05 -18.35
N ASN C 361 9.64 -52.03 -18.36
CA ASN C 361 9.42 -53.31 -19.02
C ASN C 361 10.22 -54.35 -18.23
N SER C 362 9.57 -54.99 -17.26
CA SER C 362 10.29 -55.90 -16.38
C SER C 362 9.31 -56.53 -15.40
N THR C 363 9.78 -57.57 -14.72
CA THR C 363 9.05 -58.22 -13.64
C THR C 363 10.08 -58.74 -12.64
N TRP C 364 9.74 -58.66 -11.35
CA TRP C 364 10.67 -59.01 -10.28
C TRP C 364 10.03 -60.06 -9.38
N ILE C 365 10.78 -61.12 -9.11
CA ILE C 365 10.28 -62.24 -8.31
C ILE C 365 10.58 -61.97 -6.84
N SER C 366 9.87 -62.68 -5.97
CA SER C 366 10.01 -62.46 -4.53
C SER C 366 11.38 -62.82 -4.00
N ASN C 367 12.15 -63.61 -4.75
CA ASN C 367 13.48 -64.03 -4.28
C ASN C 367 14.32 -62.82 -3.91
N ASN C 379 27.77 -50.46 -20.16
CA ASN C 379 28.25 -50.96 -21.44
C ASN C 379 27.33 -50.52 -22.57
N ASP C 380 26.12 -51.07 -22.60
CA ASP C 380 25.14 -50.75 -23.63
C ASP C 380 24.34 -49.54 -23.21
N SER C 381 23.26 -49.26 -23.95
CA SER C 381 22.39 -48.12 -23.65
C SER C 381 20.98 -48.45 -24.11
N ILE C 382 20.02 -47.72 -23.55
CA ILE C 382 18.63 -47.81 -23.95
C ILE C 382 18.29 -46.52 -24.70
N THR C 383 17.76 -46.67 -25.91
CA THR C 383 17.42 -45.53 -26.76
C THR C 383 15.92 -45.33 -26.75
N LEU C 384 15.48 -44.11 -26.48
CA LEU C 384 14.07 -43.77 -26.44
C LEU C 384 13.74 -42.85 -27.61
N PRO C 385 13.03 -43.31 -28.64
CA PRO C 385 12.67 -42.42 -29.74
C PRO C 385 11.77 -41.28 -29.25
N CYS C 386 12.00 -40.09 -29.81
CA CYS C 386 11.27 -38.90 -29.39
C CYS C 386 10.78 -38.13 -30.60
N ARG C 387 9.68 -37.42 -30.42
CA ARG C 387 9.10 -36.54 -31.43
C ARG C 387 9.28 -35.09 -30.99
N ILE C 388 8.89 -34.16 -31.85
CA ILE C 388 9.02 -32.74 -31.58
C ILE C 388 7.73 -32.03 -32.00
N LYS C 389 7.46 -30.91 -31.36
CA LYS C 389 6.26 -30.12 -31.62
C LYS C 389 6.62 -28.65 -31.62
N GLN C 390 5.72 -27.84 -32.19
CA GLN C 390 5.88 -26.39 -32.20
C GLN C 390 4.70 -25.63 -31.63
N ILE C 391 3.53 -26.25 -31.50
CA ILE C 391 2.36 -25.62 -30.89
C ILE C 391 2.17 -26.26 -29.53
N ILE C 392 2.33 -25.46 -28.48
CA ILE C 392 2.41 -25.97 -27.11
C ILE C 392 1.20 -25.50 -26.32
N ASN C 393 0.62 -26.42 -25.56
CA ASN C 393 -0.46 -26.11 -24.62
C ASN C 393 0.05 -26.45 -23.22
N MET C 394 0.45 -25.43 -22.47
CA MET C 394 1.00 -25.64 -21.14
C MET C 394 -0.10 -25.55 -20.09
N TRP C 395 0.21 -26.10 -18.91
CA TRP C 395 -0.66 -25.99 -17.74
C TRP C 395 -2.03 -26.60 -17.96
N GLN C 396 -2.16 -27.46 -18.97
CA GLN C 396 -3.43 -28.16 -19.24
C GLN C 396 -4.57 -27.18 -19.46
N ARG C 397 -4.27 -25.99 -19.98
CA ARG C 397 -5.30 -25.01 -20.29
C ARG C 397 -5.83 -25.24 -21.70
N ILE C 398 -6.97 -24.63 -21.99
CA ILE C 398 -7.61 -24.69 -23.30
C ILE C 398 -7.87 -23.26 -23.75
N GLY C 399 -7.52 -22.96 -25.00
CA GLY C 399 -7.73 -21.64 -25.56
C GLY C 399 -6.52 -20.74 -25.58
N GLN C 400 -5.38 -21.21 -25.08
CA GLN C 400 -4.15 -20.44 -25.11
C GLN C 400 -3.02 -21.36 -25.54
N CYS C 401 -2.46 -21.10 -26.72
CA CYS C 401 -1.35 -21.88 -27.25
C CYS C 401 -0.14 -20.98 -27.43
N MET C 402 0.98 -21.60 -27.78
CA MET C 402 2.23 -20.88 -27.96
C MET C 402 3.01 -21.53 -29.11
N TYR C 403 3.70 -20.69 -29.87
CA TYR C 403 4.51 -21.15 -31.00
C TYR C 403 5.98 -20.99 -30.66
N ALA C 404 6.74 -22.08 -30.81
CA ALA C 404 8.16 -22.07 -30.48
C ALA C 404 8.98 -21.87 -31.75
N PRO C 405 9.75 -20.79 -31.88
CA PRO C 405 10.51 -20.59 -33.11
C PRO C 405 11.54 -21.68 -33.28
N PRO C 406 11.94 -21.97 -34.51
CA PRO C 406 12.97 -22.99 -34.73
C PRO C 406 14.32 -22.55 -34.19
N ILE C 407 15.14 -23.53 -33.87
CA ILE C 407 16.49 -23.32 -33.35
C ILE C 407 17.48 -23.76 -34.42
N GLN C 408 18.49 -22.92 -34.66
CA GLN C 408 19.47 -23.21 -35.70
C GLN C 408 20.58 -24.11 -35.19
N GLY C 409 20.98 -25.07 -36.02
CA GLY C 409 22.06 -25.97 -35.68
C GLY C 409 21.58 -27.19 -34.92
N VAL C 410 22.55 -28.04 -34.56
CA VAL C 410 22.26 -29.24 -33.80
C VAL C 410 22.06 -28.89 -32.33
N ILE C 411 21.37 -29.77 -31.62
CA ILE C 411 21.01 -29.55 -30.22
C ILE C 411 21.42 -30.76 -29.39
N ARG C 412 21.93 -30.51 -28.19
CA ARG C 412 22.34 -31.57 -27.28
C ARG C 412 22.23 -31.05 -25.85
N CYS C 413 21.73 -31.90 -24.95
CA CYS C 413 21.60 -31.52 -23.56
C CYS C 413 21.78 -32.75 -22.68
N VAL C 414 22.19 -32.53 -21.45
CA VAL C 414 22.45 -33.58 -20.48
C VAL C 414 21.84 -33.18 -19.14
N SER C 415 21.24 -34.14 -18.45
CA SER C 415 20.60 -33.87 -17.17
C SER C 415 20.52 -35.16 -16.37
N ASN C 416 20.11 -35.03 -15.12
CA ASN C 416 19.99 -36.14 -14.19
C ASN C 416 18.52 -36.48 -13.95
N ILE C 417 18.22 -37.77 -13.88
CA ILE C 417 16.91 -38.24 -13.43
C ILE C 417 16.97 -38.34 -11.91
N THR C 418 16.04 -37.67 -11.24
CA THR C 418 16.05 -37.59 -9.78
C THR C 418 14.93 -38.36 -9.11
N GLY C 419 13.80 -38.55 -9.77
CA GLY C 419 12.69 -39.25 -9.17
C GLY C 419 11.77 -39.84 -10.20
N LEU C 420 10.55 -40.13 -9.77
CA LEU C 420 9.56 -40.74 -10.63
C LEU C 420 8.17 -40.39 -10.12
N ILE C 421 7.18 -40.59 -10.99
CA ILE C 421 5.78 -40.55 -10.60
C ILE C 421 5.13 -41.81 -11.13
N LEU C 422 4.50 -42.59 -10.25
CA LEU C 422 3.96 -43.88 -10.58
C LEU C 422 2.47 -43.94 -10.27
N THR C 423 1.86 -45.07 -10.66
CA THR C 423 0.46 -45.32 -10.38
C THR C 423 0.23 -46.82 -10.35
N ARG C 424 -0.69 -47.25 -9.51
CA ARG C 424 -0.97 -48.67 -9.30
C ARG C 424 -2.30 -49.05 -9.95
N ASP C 425 -2.39 -50.30 -10.37
CA ASP C 425 -3.60 -50.84 -10.99
C ASP C 425 -4.41 -51.59 -9.95
N GLY C 426 -5.70 -51.29 -9.89
CA GLY C 426 -6.57 -51.96 -8.96
C GLY C 426 -6.79 -53.42 -9.31
N GLY C 427 -6.21 -54.31 -8.50
CA GLY C 427 -6.32 -55.73 -8.73
C GLY C 427 -7.32 -56.39 -7.80
N SER C 428 -7.79 -57.56 -8.21
CA SER C 428 -8.78 -58.30 -7.44
C SER C 428 -8.10 -59.11 -6.35
N THR C 429 -8.56 -58.95 -5.12
CA THR C 429 -7.99 -59.67 -3.97
C THR C 429 -6.49 -59.40 -3.95
N ASN C 430 -5.71 -60.35 -3.44
CA ASN C 430 -4.25 -60.28 -3.43
C ASN C 430 -3.74 -61.35 -4.39
N SER C 431 -3.61 -60.99 -5.66
CA SER C 431 -3.15 -61.91 -6.68
C SER C 431 -1.64 -62.15 -6.61
N THR C 432 -0.96 -61.62 -5.61
CA THR C 432 0.48 -61.74 -5.43
C THR C 432 1.26 -61.01 -6.51
N THR C 433 0.60 -60.20 -7.33
CA THR C 433 1.25 -59.41 -8.37
C THR C 433 0.76 -57.97 -8.30
N GLU C 434 1.69 -57.04 -8.42
CA GLU C 434 1.38 -55.62 -8.45
C GLU C 434 2.08 -54.99 -9.64
N THR C 435 1.32 -54.25 -10.44
CA THR C 435 1.85 -53.60 -11.63
C THR C 435 1.79 -52.09 -11.48
N PHE C 436 2.90 -51.42 -11.75
CA PHE C 436 3.01 -49.97 -11.64
C PHE C 436 3.30 -49.39 -13.02
N ARG C 437 2.61 -48.31 -13.36
CA ARG C 437 2.80 -47.64 -14.63
C ARG C 437 3.10 -46.17 -14.40
N PRO C 438 3.92 -45.56 -15.26
CA PRO C 438 4.20 -44.13 -15.10
C PRO C 438 2.97 -43.29 -15.37
N GLY C 439 2.95 -42.10 -14.76
CA GLY C 439 1.88 -41.16 -15.01
C GLY C 439 2.19 -39.79 -14.45
N GLY C 440 1.99 -38.76 -15.25
CA GLY C 440 2.26 -37.40 -14.81
C GLY C 440 1.02 -36.53 -14.87
N GLY C 441 1.05 -35.52 -15.74
CA GLY C 441 -0.10 -34.65 -15.92
C GLY C 441 -0.02 -33.40 -15.07
N ASP C 442 -0.71 -33.41 -13.93
CA ASP C 442 -0.72 -32.24 -13.06
C ASP C 442 0.69 -31.86 -12.65
N MET C 443 1.01 -30.58 -12.80
CA MET C 443 2.34 -30.09 -12.49
C MET C 443 2.51 -29.70 -11.03
N ARG C 444 1.45 -29.80 -10.22
CA ARG C 444 1.60 -29.53 -8.80
C ARG C 444 2.42 -30.61 -8.12
N ASP C 445 2.39 -31.84 -8.63
CA ASP C 445 3.22 -32.90 -8.08
C ASP C 445 4.70 -32.65 -8.30
N ASN C 446 5.06 -31.83 -9.29
CA ASN C 446 6.47 -31.48 -9.48
C ASN C 446 6.94 -30.56 -8.36
N TRP C 447 6.15 -29.55 -8.03
CA TRP C 447 6.52 -28.66 -6.93
C TRP C 447 6.48 -29.40 -5.61
N ARG C 448 5.49 -30.28 -5.43
CA ARG C 448 5.35 -31.00 -4.16
C ARG C 448 6.57 -31.83 -3.83
N SER C 449 7.37 -32.20 -4.82
CA SER C 449 8.56 -32.99 -4.58
C SER C 449 9.73 -32.16 -4.09
N GLU C 450 9.59 -30.84 -4.03
CA GLU C 450 10.62 -29.96 -3.48
C GLU C 450 10.20 -29.27 -2.20
N LEU C 451 8.92 -28.88 -2.08
CA LEU C 451 8.42 -28.19 -0.91
C LEU C 451 7.82 -29.15 0.11
N TYR C 452 8.27 -30.39 0.16
CA TYR C 452 7.70 -31.36 1.08
C TYR C 452 8.22 -31.22 2.51
N LYS C 453 9.24 -30.39 2.72
CA LYS C 453 9.90 -30.27 4.02
C LYS C 453 9.71 -28.88 4.63
N TYR C 454 8.72 -28.11 4.17
CA TYR C 454 8.53 -26.75 4.62
C TYR C 454 7.08 -26.54 5.04
N LYS C 455 6.89 -25.59 5.96
CA LYS C 455 5.56 -25.14 6.33
C LYS C 455 5.67 -23.74 6.91
N VAL C 456 4.56 -23.00 6.85
CA VAL C 456 4.50 -21.62 7.29
C VAL C 456 3.71 -21.53 8.58
N VAL C 457 4.22 -20.74 9.52
CA VAL C 457 3.60 -20.56 10.83
C VAL C 457 3.53 -19.08 11.14
N LYS C 458 2.68 -18.75 12.10
CA LYS C 458 2.41 -17.37 12.51
C LYS C 458 2.74 -17.21 13.97
N ILE C 459 3.46 -16.15 14.32
CA ILE C 459 3.99 -15.94 15.66
C ILE C 459 2.97 -15.21 16.51
N GLU C 460 2.89 -15.58 17.79
CA GLU C 460 1.95 -15.00 18.75
C GLU C 460 2.73 -14.57 19.98
N PRO C 461 3.36 -13.40 19.95
CA PRO C 461 4.31 -13.01 21.01
C PRO C 461 3.66 -12.34 22.22
N LEU C 462 2.59 -12.94 22.73
CA LEU C 462 1.89 -12.41 23.90
C LEU C 462 1.46 -13.56 24.78
N GLY C 463 1.76 -13.46 26.07
CA GLY C 463 1.48 -14.54 27.00
C GLY C 463 1.22 -14.02 28.40
N VAL C 464 0.47 -14.82 29.15
CA VAL C 464 0.09 -14.51 30.52
C VAL C 464 0.34 -15.73 31.38
N ALA C 465 0.90 -15.52 32.57
CA ALA C 465 1.22 -16.62 33.46
C ALA C 465 1.14 -16.12 34.90
N PRO C 466 0.98 -17.02 35.87
CA PRO C 466 0.91 -16.61 37.26
C PRO C 466 2.27 -16.48 37.93
N THR C 467 2.38 -15.49 38.79
CA THR C 467 3.61 -15.23 39.51
C THR C 467 3.26 -14.61 40.86
N ARG C 468 4.27 -14.39 41.69
CA ARG C 468 4.07 -13.79 43.00
C ARG C 468 4.33 -12.29 43.00
N CYS C 469 4.61 -11.69 41.85
CA CYS C 469 4.82 -10.26 41.76
C CYS C 469 3.47 -9.53 41.70
N LYS C 470 3.40 -8.39 42.39
CA LYS C 470 2.19 -7.60 42.45
C LYS C 470 2.51 -6.15 42.08
N ARG C 471 1.58 -5.49 41.41
CA ARG C 471 1.80 -4.12 40.99
C ARG C 471 1.83 -3.19 42.20
N ARG C 472 2.69 -2.18 42.13
CA ARG C 472 2.82 -1.19 43.19
C ARG C 472 1.85 -0.05 42.93
N VAL C 473 1.09 0.33 43.96
CA VAL C 473 0.15 1.44 43.84
C VAL C 473 0.83 2.74 44.27
N ALA D 1 4.19 32.80 26.27
CA ALA D 1 5.38 33.52 26.73
C ALA D 1 6.39 33.65 25.60
N VAL D 2 7.56 34.22 25.92
CA VAL D 2 8.62 34.37 24.94
C VAL D 2 9.42 33.09 24.74
N GLY D 3 9.05 32.01 25.41
CA GLY D 3 9.77 30.76 25.23
C GLY D 3 11.24 30.94 25.56
N ILE D 4 12.11 30.47 24.65
CA ILE D 4 13.55 30.62 24.83
C ILE D 4 14.10 31.87 24.16
N GLY D 5 13.24 32.68 23.54
CA GLY D 5 13.70 33.90 22.90
C GLY D 5 14.68 33.63 21.77
N ALA D 6 14.21 32.97 20.72
CA ALA D 6 15.04 32.60 19.59
C ALA D 6 14.77 33.53 18.40
N VAL D 7 15.80 33.70 17.57
CA VAL D 7 15.65 34.55 16.39
C VAL D 7 14.60 33.97 15.45
N PHE D 8 14.67 32.66 15.21
CA PHE D 8 13.63 31.97 14.46
C PHE D 8 13.81 30.48 14.67
N LEU D 9 12.74 29.73 14.40
CA LEU D 9 12.74 28.28 14.57
C LEU D 9 12.20 27.63 13.30
N GLY D 10 12.71 26.45 13.01
CA GLY D 10 12.25 25.72 11.83
C GLY D 10 12.92 24.36 11.76
N PHE D 11 12.43 23.56 10.83
CA PHE D 11 12.96 22.21 10.63
C PHE D 11 14.44 22.27 10.30
N LEU D 12 15.24 21.48 11.00
CA LEU D 12 16.69 21.40 10.80
C LEU D 12 17.36 22.77 10.92
N GLY D 13 16.74 23.70 11.64
CA GLY D 13 17.28 25.04 11.70
C GLY D 13 18.54 25.18 12.52
N ALA D 14 18.81 24.22 13.41
CA ALA D 14 19.95 24.29 14.31
C ALA D 14 21.05 23.31 13.91
N ALA D 15 21.09 22.93 12.62
CA ALA D 15 22.10 21.98 12.17
C ALA D 15 23.51 22.52 12.34
N GLY D 16 23.69 23.82 12.24
CA GLY D 16 24.99 24.44 12.34
C GLY D 16 25.36 24.97 13.72
N SER D 17 24.55 24.71 14.74
CA SER D 17 24.80 25.21 16.09
C SER D 17 25.48 24.14 16.94
N THR D 18 26.00 24.58 18.07
CA THR D 18 26.63 23.65 19.00
C THR D 18 25.61 22.67 19.56
N MET D 19 26.08 21.49 19.94
CA MET D 19 25.17 20.46 20.42
C MET D 19 24.39 20.93 21.64
N GLY D 20 24.97 21.82 22.44
CA GLY D 20 24.25 22.36 23.58
C GLY D 20 23.06 23.21 23.16
N ALA D 21 23.26 24.07 22.16
CA ALA D 21 22.19 24.96 21.73
C ALA D 21 21.13 24.23 20.89
N ALA D 22 21.54 23.21 20.14
CA ALA D 22 20.59 22.47 19.30
C ALA D 22 19.72 21.52 20.11
N SER D 23 20.02 21.30 21.38
CA SER D 23 19.25 20.36 22.19
C SER D 23 17.97 20.95 22.74
N MET D 24 17.73 22.25 22.55
CA MET D 24 16.53 22.90 23.04
C MET D 24 15.43 22.95 21.99
N THR D 25 15.62 22.29 20.85
CA THR D 25 14.66 22.34 19.74
C THR D 25 14.38 20.95 19.20
N LEU D 26 14.42 19.92 20.04
CA LEU D 26 14.23 18.56 19.56
C LEU D 26 12.82 18.36 19.00
N THR D 27 11.82 18.97 19.63
CA THR D 27 10.45 18.80 19.17
C THR D 27 10.26 19.28 17.74
N VAL D 28 11.01 20.30 17.33
CA VAL D 28 10.84 20.87 15.99
C VAL D 28 11.11 19.80 14.94
N GLN D 29 12.17 19.02 15.11
CA GLN D 29 12.46 17.94 14.19
C GLN D 29 11.63 16.70 14.48
N ALA D 30 11.19 16.53 15.74
CA ALA D 30 10.45 15.33 16.10
C ALA D 30 9.06 15.33 15.48
N ARG D 31 8.42 16.50 15.41
CA ARG D 31 7.02 16.55 14.97
C ARG D 31 6.87 16.49 13.45
N ASN D 32 7.97 16.58 12.70
CA ASN D 32 7.90 16.59 11.23
C ASN D 32 8.42 15.30 10.62
N LEU D 33 8.47 14.21 11.38
CA LEU D 33 9.00 12.95 10.90
C LEU D 33 7.90 11.98 10.47
N LEU D 34 6.64 12.38 10.52
CA LEU D 34 5.53 11.52 10.17
C LEU D 34 4.76 12.02 8.96
N SER D 35 4.38 13.29 8.94
CA SER D 35 3.69 13.87 7.79
C SER D 35 4.26 15.20 7.32
N GLY D 36 4.98 15.92 8.17
CA GLY D 36 5.56 17.19 7.78
C GLY D 36 6.55 17.06 6.65
N LEU D 57 -4.04 4.12 -10.62
CA LEU D 57 -3.16 3.19 -11.32
C LEU D 57 -2.26 3.92 -12.31
N THR D 58 -2.27 5.25 -12.25
CA THR D 58 -1.50 6.06 -13.18
C THR D 58 -0.03 6.07 -12.75
N VAL D 59 0.76 6.95 -13.37
CA VAL D 59 2.19 7.00 -13.05
C VAL D 59 2.39 7.36 -11.58
N TRP D 60 1.64 8.35 -11.09
CA TRP D 60 1.73 8.74 -9.69
C TRP D 60 0.87 7.87 -8.78
N GLY D 61 0.41 6.71 -9.26
CA GLY D 61 -0.44 5.88 -8.44
C GLY D 61 0.28 5.26 -7.25
N ILE D 62 1.45 4.67 -7.51
CA ILE D 62 2.20 3.99 -6.45
C ILE D 62 3.34 4.85 -5.91
N LYS D 63 3.77 5.87 -6.66
CA LYS D 63 4.78 6.80 -6.16
C LYS D 63 4.28 7.58 -4.96
N GLN D 64 2.98 7.58 -4.70
CA GLN D 64 2.43 8.18 -3.49
C GLN D 64 2.19 7.18 -2.38
N LEU D 65 2.04 5.89 -2.70
CA LEU D 65 1.71 4.88 -1.70
C LEU D 65 2.96 4.24 -1.09
N GLN D 66 3.93 3.89 -1.93
CA GLN D 66 5.14 3.27 -1.40
C GLN D 66 5.89 4.22 -0.47
N ALA D 67 5.90 5.50 -0.81
CA ALA D 67 6.56 6.49 0.04
C ALA D 67 5.91 6.53 1.42
N ARG D 68 4.58 6.56 1.47
CA ARG D 68 3.88 6.60 2.75
C ARG D 68 4.19 5.34 3.56
N VAL D 69 4.16 4.18 2.91
CA VAL D 69 4.44 2.94 3.64
C VAL D 69 5.85 2.99 4.21
N LEU D 70 6.82 3.43 3.41
CA LEU D 70 8.20 3.47 3.87
C LEU D 70 8.36 4.42 5.05
N ALA D 71 7.70 5.58 5.00
CA ALA D 71 7.79 6.52 6.10
C ALA D 71 7.26 5.89 7.38
N VAL D 72 6.11 5.22 7.30
CA VAL D 72 5.54 4.59 8.48
C VAL D 72 6.49 3.54 9.04
N GLU D 73 7.07 2.70 8.16
CA GLU D 73 7.97 1.66 8.63
C GLU D 73 9.18 2.26 9.33
N ARG D 74 9.77 3.30 8.77
CA ARG D 74 10.94 3.90 9.39
C ARG D 74 10.59 4.47 10.76
N TYR D 75 9.45 5.17 10.86
CA TYR D 75 9.06 5.74 12.14
C TYR D 75 8.90 4.65 13.20
N LEU D 76 8.20 3.56 12.86
CA LEU D 76 7.99 2.50 13.83
C LEU D 76 9.31 1.84 14.22
N ARG D 77 10.20 1.65 13.25
CA ARG D 77 11.49 1.04 13.56
C ARG D 77 12.27 1.89 14.54
N ASP D 78 12.23 3.22 14.36
CA ASP D 78 12.90 4.08 15.33
C ASP D 78 12.24 4.01 16.70
N GLN D 79 10.91 3.98 16.75
CA GLN D 79 10.23 3.97 18.04
C GLN D 79 10.52 2.70 18.82
N GLN D 80 10.62 1.57 18.13
CA GLN D 80 10.84 0.30 18.83
C GLN D 80 12.13 0.31 19.63
N LEU D 81 13.19 0.87 19.05
CA LEU D 81 14.48 0.91 19.74
C LEU D 81 14.36 1.67 21.06
N LEU D 82 13.79 2.87 21.02
CA LEU D 82 13.55 3.59 22.26
C LEU D 82 12.71 2.76 23.22
N GLY D 83 11.75 2.00 22.68
CA GLY D 83 10.93 1.17 23.53
C GLY D 83 11.73 0.17 24.33
N ILE D 84 12.65 -0.54 23.67
CA ILE D 84 13.38 -1.61 24.34
C ILE D 84 14.54 -1.10 25.19
N TRP D 85 14.88 0.17 25.12
CA TRP D 85 15.90 0.75 25.99
C TRP D 85 15.30 1.36 27.25
N GLY D 86 13.97 1.39 27.37
CA GLY D 86 13.35 2.01 28.52
C GLY D 86 13.15 3.50 28.40
N CYS D 87 13.27 4.07 27.20
CA CYS D 87 13.16 5.50 26.98
C CYS D 87 11.92 5.86 26.17
N SER D 88 10.88 5.03 26.22
CA SER D 88 9.68 5.29 25.44
C SER D 88 8.99 6.55 25.91
N GLY D 89 8.43 7.29 24.95
CA GLY D 89 7.71 8.51 25.28
C GLY D 89 8.57 9.57 25.91
N LYS D 90 9.78 9.77 25.41
CA LYS D 90 10.69 10.76 25.95
C LYS D 90 11.55 11.31 24.82
N LEU D 91 12.02 12.54 24.99
CA LEU D 91 12.97 13.14 24.05
C LEU D 91 14.39 13.15 24.58
N ILE D 92 14.58 13.32 25.89
CA ILE D 92 15.87 13.19 26.53
C ILE D 92 15.74 12.15 27.62
N CYS D 93 16.49 11.06 27.51
CA CYS D 93 16.40 9.94 28.42
C CYS D 93 17.79 9.59 28.96
N CYS D 94 17.90 9.49 30.27
CA CYS D 94 19.15 9.12 30.92
C CYS D 94 19.21 7.61 31.10
N THR D 95 20.45 7.06 31.01
CA THR D 95 20.67 5.62 31.06
C THR D 95 21.58 5.27 32.23
N ASN D 96 21.96 4.00 32.30
CA ASN D 96 22.78 3.47 33.38
C ASN D 96 24.09 2.87 32.87
N VAL D 97 24.50 3.21 31.66
CA VAL D 97 25.69 2.64 31.03
C VAL D 97 26.80 3.68 31.10
N PRO D 98 27.92 3.40 31.80
CA PRO D 98 28.99 4.39 31.86
C PRO D 98 29.66 4.59 30.51
N TRP D 99 30.19 5.79 30.31
CA TRP D 99 30.85 6.14 29.06
C TRP D 99 32.29 5.62 29.07
N ASN D 100 32.69 5.03 27.96
CA ASN D 100 34.02 4.43 27.81
C ASN D 100 34.93 5.42 27.09
N SER D 101 36.07 5.73 27.71
CA SER D 101 36.98 6.72 27.14
C SER D 101 37.53 6.31 25.79
N SER D 102 37.56 5.01 25.48
CA SER D 102 38.02 4.57 24.18
C SER D 102 37.18 5.16 23.05
N TRP D 103 35.88 5.32 23.27
CA TRP D 103 35.01 5.90 22.25
C TRP D 103 35.40 7.35 21.96
N SER D 104 35.65 8.13 23.00
CA SER D 104 36.10 9.50 22.83
C SER D 104 36.60 10.07 24.15
N ASN D 105 37.78 10.66 24.14
CA ASN D 105 38.41 11.18 25.35
C ASN D 105 38.23 12.69 25.51
N ARG D 106 37.43 13.32 24.65
CA ARG D 106 37.26 14.76 24.71
C ARG D 106 36.55 15.17 25.99
N ASN D 107 36.80 16.41 26.40
CA ASN D 107 36.20 16.95 27.62
C ASN D 107 34.68 17.03 27.48
N LEU D 108 34.01 17.40 28.57
CA LEU D 108 32.58 17.68 28.51
C LEU D 108 32.29 19.11 28.06
N SER D 109 33.30 19.98 28.04
CA SER D 109 33.11 21.36 27.63
C SER D 109 33.34 21.53 26.13
N GLU D 110 34.30 20.81 25.56
CA GLU D 110 34.57 20.92 24.14
C GLU D 110 33.63 20.06 23.29
N ILE D 111 32.74 19.31 23.92
CA ILE D 111 31.74 18.52 23.20
C ILE D 111 30.43 19.28 23.08
N TRP D 112 29.94 19.83 24.19
CA TRP D 112 28.65 20.50 24.22
C TRP D 112 28.73 21.98 23.88
N ASP D 113 29.93 22.52 23.65
CA ASP D 113 30.09 23.93 23.34
C ASP D 113 31.04 24.19 22.18
N ASN D 114 31.60 23.15 21.55
CA ASN D 114 32.52 23.37 20.43
C ASN D 114 32.32 22.36 19.31
N MET D 115 31.16 21.71 19.24
CA MET D 115 30.91 20.72 18.20
C MET D 115 29.44 20.70 17.86
N THR D 116 29.13 20.24 16.66
CA THR D 116 27.77 20.12 16.17
C THR D 116 27.43 18.65 15.98
N TRP D 117 26.13 18.35 16.03
CA TRP D 117 25.70 16.96 15.93
C TRP D 117 26.20 16.30 14.65
N LEU D 118 26.29 17.06 13.57
CA LEU D 118 26.81 16.49 12.33
C LEU D 118 28.25 16.05 12.48
N GLN D 119 29.07 16.87 13.14
CA GLN D 119 30.46 16.49 13.38
C GLN D 119 30.55 15.34 14.36
N TRP D 120 29.81 15.41 15.46
CA TRP D 120 29.85 14.35 16.46
C TRP D 120 29.46 13.01 15.87
N ASP D 121 28.52 13.00 14.94
CA ASP D 121 28.09 11.73 14.35
C ASP D 121 29.23 11.04 13.64
N LYS D 122 30.07 11.80 12.93
CA LYS D 122 31.18 11.20 12.21
C LYS D 122 32.18 10.57 13.17
N GLU D 123 32.45 11.22 14.30
CA GLU D 123 33.49 10.74 15.21
C GLU D 123 33.13 9.36 15.76
N ILE D 124 31.92 9.19 16.26
CA ILE D 124 31.54 7.98 16.97
C ILE D 124 30.69 7.06 16.09
N SER D 125 30.76 7.21 14.77
CA SER D 125 29.96 6.35 13.90
C SER D 125 30.38 4.89 13.99
N ASN D 126 31.62 4.62 14.39
CA ASN D 126 32.12 3.25 14.41
C ASN D 126 31.59 2.45 15.60
N TYR D 127 31.36 3.10 16.74
CA TYR D 127 31.03 2.42 17.98
C TYR D 127 29.53 2.44 18.29
N THR D 128 28.69 2.79 17.32
CA THR D 128 27.26 2.89 17.59
C THR D 128 26.68 1.55 18.01
N GLN D 129 27.05 0.47 17.31
CA GLN D 129 26.42 -0.82 17.58
C GLN D 129 26.78 -1.34 18.96
N ILE D 130 27.99 -1.07 19.43
CA ILE D 130 28.39 -1.50 20.77
C ILE D 130 27.46 -0.88 21.81
N ILE D 131 27.23 0.43 21.69
CA ILE D 131 26.38 1.13 22.65
C ILE D 131 24.95 0.63 22.55
N TYR D 132 24.46 0.43 21.33
CA TYR D 132 23.11 -0.09 21.16
C TYR D 132 22.96 -1.44 21.83
N GLY D 133 23.98 -2.29 21.73
CA GLY D 133 23.93 -3.58 22.39
C GLY D 133 23.94 -3.45 23.90
N LEU D 134 24.79 -2.57 24.44
CA LEU D 134 24.89 -2.44 25.88
C LEU D 134 23.58 -1.95 26.50
N LEU D 135 22.92 -1.01 25.83
CA LEU D 135 21.69 -0.46 26.39
C LEU D 135 20.61 -1.53 26.56
N GLU D 136 20.48 -2.42 25.58
CA GLU D 136 19.47 -3.47 25.65
C GLU D 136 19.68 -4.35 26.89
N GLU D 137 20.91 -4.80 27.12
CA GLU D 137 21.16 -5.68 28.25
C GLU D 137 20.98 -4.94 29.57
N SER D 138 21.36 -3.65 29.62
CA SER D 138 21.10 -2.89 30.84
C SER D 138 19.61 -2.86 31.17
N GLN D 139 18.78 -2.59 30.15
CA GLN D 139 17.34 -2.56 30.38
C GLN D 139 16.83 -3.94 30.82
N ASN D 140 17.34 -5.00 30.20
CA ASN D 140 16.88 -6.34 30.58
C ASN D 140 17.19 -6.63 32.05
N GLN D 141 18.41 -6.30 32.47
CA GLN D 141 18.77 -6.51 33.88
C GLN D 141 17.88 -5.70 34.79
N GLN D 142 17.61 -4.44 34.43
CA GLN D 142 16.75 -3.61 35.27
C GLN D 142 15.38 -4.23 35.41
N GLU D 143 14.79 -4.70 34.30
CA GLU D 143 13.46 -5.28 34.36
C GLU D 143 13.44 -6.53 35.24
N LYS D 144 14.43 -7.40 35.08
CA LYS D 144 14.47 -8.61 35.89
C LYS D 144 14.60 -8.28 37.38
N ASN D 145 15.47 -7.35 37.72
CA ASN D 145 15.64 -6.97 39.12
C ASN D 145 14.37 -6.37 39.68
N GLU D 146 13.68 -5.55 38.89
CA GLU D 146 12.44 -4.94 39.36
C GLU D 146 11.41 -6.03 39.63
N GLN D 147 11.29 -7.01 38.74
CA GLN D 147 10.34 -8.09 38.97
C GLN D 147 10.68 -8.86 40.24
N ASP D 148 11.96 -9.15 40.46
CA ASP D 148 12.35 -9.86 41.68
C ASP D 148 11.99 -9.05 42.92
N LEU D 149 12.29 -7.75 42.90
CA LEU D 149 12.00 -6.91 44.06
C LEU D 149 10.51 -6.89 44.36
N LEU D 150 9.68 -6.73 43.34
CA LEU D 150 8.24 -6.72 43.57
C LEU D 150 7.76 -8.06 44.08
N ALA D 151 8.32 -9.16 43.55
CA ALA D 151 7.93 -10.48 44.02
C ALA D 151 8.26 -10.67 45.50
N LEU D 152 9.37 -10.08 45.95
CA LEU D 152 9.76 -10.24 47.35
C LEU D 152 8.65 -9.77 48.28
N ASP D 153 8.05 -8.62 47.98
CA ASP D 153 6.99 -8.08 48.83
C ASP D 153 5.82 -9.05 48.95
N ALA E 1 -12.75 26.08 43.82
CA ALA E 1 -12.69 25.43 42.53
C ALA E 1 -12.28 26.42 41.44
N GLU E 2 -11.30 27.27 41.76
CA GLU E 2 -10.77 28.24 40.82
C GLU E 2 -9.41 27.86 40.26
N ASN E 3 -8.69 26.97 40.93
CA ASN E 3 -7.39 26.50 40.45
C ASN E 3 -7.62 25.31 39.53
N LEU E 4 -8.05 25.61 38.31
CA LEU E 4 -8.35 24.60 37.31
C LEU E 4 -7.16 24.41 36.37
N TRP E 5 -7.00 23.18 35.90
CA TRP E 5 -5.88 22.80 35.05
C TRP E 5 -6.39 22.01 33.86
N VAL E 6 -5.66 21.99 32.84
CA VAL E 6 -6.00 21.26 31.62
C VAL E 6 -5.82 19.77 31.86
N THR E 7 -6.76 19.05 31.42
CA THR E 7 -6.68 17.60 31.48
C THR E 7 -6.97 17.04 30.09
N VAL E 8 -6.31 15.91 29.74
CA VAL E 8 -6.35 15.33 28.40
C VAL E 8 -7.09 14.00 28.48
N TYR E 9 -8.07 13.83 27.61
CA TYR E 9 -8.83 12.59 27.49
C TYR E 9 -8.66 12.03 26.09
N TYR E 10 -8.43 10.73 25.99
CA TYR E 10 -8.27 10.05 24.71
C TYR E 10 -9.40 9.05 24.55
N GLY E 11 -10.16 9.18 23.46
CA GLY E 11 -11.26 8.28 23.19
C GLY E 11 -12.61 8.88 23.53
N VAL E 12 -12.83 10.13 23.18
CA VAL E 12 -14.09 10.81 23.47
C VAL E 12 -15.03 10.62 22.28
N PRO E 13 -16.34 10.61 22.50
CA PRO E 13 -17.30 10.43 21.38
C PRO E 13 -17.71 11.71 20.66
N VAL E 14 -16.84 12.16 19.75
CA VAL E 14 -17.14 13.29 18.87
C VAL E 14 -16.78 12.91 17.45
N TRP E 15 -17.35 13.64 16.49
CA TRP E 15 -17.14 13.32 15.09
C TRP E 15 -17.34 14.57 14.24
N LYS E 16 -16.95 14.46 12.97
CA LYS E 16 -17.13 15.53 12.01
C LYS E 16 -17.47 14.93 10.65
N ASP E 17 -18.11 15.73 9.80
CA ASP E 17 -18.45 15.29 8.45
C ASP E 17 -17.18 15.10 7.63
N ALA E 18 -17.18 14.07 6.79
CA ALA E 18 -16.01 13.73 6.00
C ALA E 18 -16.42 12.95 4.77
N GLU E 19 -15.48 12.86 3.83
CA GLU E 19 -15.64 12.05 2.62
C GLU E 19 -14.46 11.11 2.51
N THR E 20 -14.74 9.82 2.36
CA THR E 20 -13.71 8.80 2.26
C THR E 20 -14.16 7.75 1.26
N THR E 21 -13.34 6.71 1.10
CA THR E 21 -13.60 5.63 0.17
C THR E 21 -14.15 4.42 0.92
N LEU E 22 -15.33 3.98 0.53
CA LEU E 22 -15.95 2.79 1.10
C LEU E 22 -15.62 1.57 0.24
N PHE E 23 -15.80 0.39 0.81
CA PHE E 23 -15.54 -0.86 0.11
C PHE E 23 -16.75 -1.78 0.26
N CYS E 24 -16.92 -2.66 -0.73
CA CYS E 24 -18.08 -3.52 -0.81
C CYS E 24 -17.96 -4.70 0.15
N ALA E 25 -19.08 -5.38 0.34
CA ALA E 25 -19.11 -6.61 1.15
C ALA E 25 -20.32 -7.41 0.70
N SER E 26 -20.08 -8.55 0.08
CA SER E 26 -21.14 -9.39 -0.45
C SER E 26 -21.42 -10.56 0.50
N ASP E 27 -22.56 -11.21 0.26
CA ASP E 27 -22.96 -12.32 1.10
C ASP E 27 -22.15 -13.56 0.77
N ALA E 28 -21.98 -14.42 1.78
CA ALA E 28 -21.21 -15.64 1.60
C ALA E 28 -21.88 -16.58 0.60
N LYS E 29 -23.20 -16.64 0.62
CA LYS E 29 -23.92 -17.53 -0.29
C LYS E 29 -23.63 -17.23 -1.75
N ALA E 30 -23.20 -16.01 -2.06
CA ALA E 30 -22.87 -15.66 -3.43
C ALA E 30 -21.62 -16.39 -3.93
N TYR E 31 -20.85 -17.01 -3.05
CA TYR E 31 -19.64 -17.71 -3.45
C TYR E 31 -19.91 -19.12 -3.98
N GLU E 32 -21.14 -19.62 -3.85
CA GLU E 32 -21.48 -20.95 -4.33
C GLU E 32 -21.57 -20.90 -5.85
N THR E 33 -20.42 -21.07 -6.50
CA THR E 33 -20.33 -20.97 -7.97
C THR E 33 -20.84 -19.58 -8.35
N GLU E 34 -21.69 -19.45 -9.37
CA GLU E 34 -22.27 -18.17 -9.76
C GLU E 34 -21.21 -17.07 -9.86
N LYS E 35 -19.98 -17.46 -10.22
CA LYS E 35 -18.95 -16.48 -10.54
C LYS E 35 -19.29 -15.70 -11.81
N HIS E 36 -20.27 -16.17 -12.58
CA HIS E 36 -20.68 -15.50 -13.81
C HIS E 36 -21.78 -14.49 -13.46
N ASN E 37 -21.32 -13.30 -13.05
CA ASN E 37 -22.23 -12.22 -12.70
C ASN E 37 -21.52 -10.90 -12.94
N VAL E 38 -22.24 -9.94 -13.53
CA VAL E 38 -21.62 -8.65 -13.86
C VAL E 38 -21.06 -8.00 -12.61
N TRP E 39 -21.78 -8.11 -11.49
CA TRP E 39 -21.36 -7.52 -10.23
C TRP E 39 -20.38 -8.50 -9.58
N ALA E 40 -19.10 -8.27 -9.83
CA ALA E 40 -18.05 -9.23 -9.51
C ALA E 40 -17.84 -9.27 -7.99
N THR E 41 -18.78 -9.95 -7.32
CA THR E 41 -18.66 -10.16 -5.88
C THR E 41 -17.54 -11.12 -5.51
N HIS E 42 -16.77 -11.60 -6.48
CA HIS E 42 -15.63 -12.46 -6.18
C HIS E 42 -14.60 -11.71 -5.33
N ALA E 43 -14.38 -10.43 -5.63
CA ALA E 43 -13.42 -9.62 -4.88
C ALA E 43 -14.06 -8.85 -3.73
N CYS E 44 -15.36 -9.04 -3.47
CA CYS E 44 -16.02 -8.39 -2.36
C CYS E 44 -15.82 -9.21 -1.10
N VAL E 45 -15.49 -8.53 0.00
CA VAL E 45 -15.24 -9.22 1.26
C VAL E 45 -16.53 -9.87 1.74
N PRO E 46 -16.49 -11.05 2.37
CA PRO E 46 -17.72 -11.62 2.92
C PRO E 46 -18.28 -10.76 4.05
N THR E 47 -19.60 -10.77 4.16
CA THR E 47 -20.27 -9.95 5.16
C THR E 47 -20.29 -10.65 6.51
N ASP E 48 -20.59 -9.87 7.54
CA ASP E 48 -20.78 -10.42 8.87
C ASP E 48 -22.16 -11.07 8.95
N PRO E 49 -22.26 -12.34 9.32
CA PRO E 49 -23.60 -12.95 9.43
C PRO E 49 -24.50 -12.23 10.42
N ASN E 50 -23.94 -11.63 11.47
CA ASN E 50 -24.71 -10.92 12.49
C ASN E 50 -24.23 -9.47 12.54
N PRO E 51 -24.87 -8.58 11.79
CA PRO E 51 -24.46 -7.17 11.83
C PRO E 51 -24.79 -6.53 13.17
N GLN E 52 -24.01 -5.52 13.52
CA GLN E 52 -24.11 -4.85 14.81
C GLN E 52 -24.51 -3.40 14.61
N GLU E 53 -25.49 -2.94 15.37
CA GLU E 53 -26.00 -1.58 15.29
C GLU E 53 -26.14 -1.01 16.68
N ILE E 54 -25.69 0.23 16.87
CA ILE E 54 -25.68 0.89 18.18
C ILE E 54 -26.66 2.05 18.14
N HIS E 55 -27.54 2.12 19.12
CA HIS E 55 -28.52 3.18 19.24
C HIS E 55 -27.92 4.35 20.00
N LEU E 56 -28.06 5.56 19.43
CA LEU E 56 -27.46 6.77 19.99
C LEU E 56 -28.57 7.61 20.60
N GLU E 57 -28.72 7.53 21.92
CA GLU E 57 -29.77 8.26 22.62
C GLU E 57 -29.41 9.74 22.72
N ASN E 58 -30.44 10.58 22.63
CA ASN E 58 -30.35 12.03 22.84
C ASN E 58 -29.54 12.74 21.76
N VAL E 59 -29.28 12.09 20.62
CA VAL E 59 -28.44 12.65 19.57
C VAL E 59 -29.33 13.07 18.41
N THR E 60 -29.13 14.30 17.95
CA THR E 60 -29.82 14.84 16.78
C THR E 60 -28.79 15.25 15.76
N GLU E 61 -28.99 14.88 14.50
CA GLU E 61 -27.99 15.09 13.47
C GLU E 61 -28.69 15.67 12.24
N GLU E 62 -27.92 16.38 11.41
CA GLU E 62 -28.42 17.00 10.20
C GLU E 62 -28.07 16.16 8.99
N PHE E 63 -29.07 15.85 8.17
CA PHE E 63 -28.89 15.08 6.94
C PHE E 63 -29.27 15.93 5.75
N ASN E 64 -28.59 15.71 4.62
CA ASN E 64 -28.92 16.37 3.36
C ASN E 64 -28.82 15.32 2.26
N MET E 65 -29.98 14.76 1.88
CA MET E 65 -30.02 13.65 0.94
C MET E 65 -29.54 14.02 -0.45
N TRP E 66 -29.53 15.31 -0.80
CA TRP E 66 -29.20 15.75 -2.15
C TRP E 66 -27.76 16.20 -2.30
N LYS E 67 -26.94 16.06 -1.27
CA LYS E 67 -25.51 16.35 -1.36
C LYS E 67 -24.73 15.24 -0.67
N ASN E 68 -25.18 14.00 -0.84
CA ASN E 68 -24.54 12.84 -0.26
C ASN E 68 -23.44 12.36 -1.19
N ASN E 69 -22.22 12.27 -0.68
CA ASN E 69 -21.10 11.82 -1.49
C ASN E 69 -21.07 10.30 -1.66
N MET E 70 -21.93 9.57 -0.96
CA MET E 70 -21.99 8.13 -1.17
C MET E 70 -22.58 7.79 -2.53
N VAL E 71 -23.42 8.68 -3.08
CA VAL E 71 -24.04 8.41 -4.37
C VAL E 71 -23.01 8.40 -5.48
N GLU E 72 -22.08 9.36 -5.48
CA GLU E 72 -21.10 9.44 -6.55
C GLU E 72 -20.21 8.21 -6.57
N GLN E 73 -19.77 7.76 -5.40
CA GLN E 73 -18.92 6.57 -5.35
C GLN E 73 -19.66 5.35 -5.86
N MET E 74 -20.93 5.20 -5.49
CA MET E 74 -21.70 4.06 -5.97
C MET E 74 -21.84 4.11 -7.49
N HIS E 75 -22.13 5.29 -8.04
CA HIS E 75 -22.24 5.41 -9.49
C HIS E 75 -20.94 4.99 -10.17
N THR E 76 -19.83 5.54 -9.70
CA THR E 76 -18.55 5.23 -10.32
C THR E 76 -18.21 3.75 -10.21
N ASP E 77 -18.49 3.14 -9.05
CA ASP E 77 -18.20 1.72 -8.88
C ASP E 77 -19.04 0.87 -9.82
N ILE E 78 -20.32 1.20 -9.95
CA ILE E 78 -21.20 0.44 -10.84
C ILE E 78 -20.69 0.52 -12.27
N ILE E 79 -20.33 1.74 -12.71
CA ILE E 79 -19.85 1.89 -14.07
C ILE E 79 -18.55 1.10 -14.27
N SER E 80 -17.64 1.16 -13.30
CA SER E 80 -16.38 0.47 -13.43
C SER E 80 -16.58 -1.04 -13.50
N LEU E 81 -17.46 -1.59 -12.68
CA LEU E 81 -17.73 -3.02 -12.74
C LEU E 81 -18.33 -3.39 -14.09
N TRP E 82 -19.26 -2.58 -14.59
CA TRP E 82 -19.85 -2.86 -15.90
C TRP E 82 -18.77 -2.91 -16.97
N ASP E 83 -17.89 -1.91 -17.00
CA ASP E 83 -16.83 -1.88 -18.01
C ASP E 83 -15.89 -3.07 -17.85
N GLN E 84 -15.52 -3.40 -16.61
CA GLN E 84 -14.56 -4.47 -16.39
C GLN E 84 -15.11 -5.83 -16.79
N SER E 85 -16.41 -6.03 -16.65
CA SER E 85 -16.98 -7.33 -17.02
C SER E 85 -16.99 -7.58 -18.51
N LEU E 86 -16.68 -6.57 -19.34
CA LEU E 86 -16.80 -6.68 -20.78
C LEU E 86 -15.46 -6.75 -21.50
N LYS E 87 -14.36 -6.89 -20.76
CA LYS E 87 -13.05 -6.90 -21.40
C LYS E 87 -12.76 -8.25 -22.07
N PRO E 88 -12.99 -9.38 -21.40
CA PRO E 88 -12.71 -10.69 -21.99
C PRO E 88 -13.84 -11.23 -22.87
N CYS E 89 -14.35 -10.39 -23.76
CA CYS E 89 -15.47 -10.75 -24.61
C CYS E 89 -15.18 -10.34 -26.05
N VAL E 90 -15.95 -10.91 -26.97
CA VAL E 90 -15.69 -10.75 -28.39
C VAL E 90 -15.98 -9.32 -28.82
N LYS E 91 -15.13 -8.79 -29.70
CA LYS E 91 -15.33 -7.48 -30.29
C LYS E 91 -15.87 -7.66 -31.71
N LEU E 92 -17.03 -7.07 -31.98
CA LEU E 92 -17.72 -7.29 -33.25
C LEU E 92 -17.33 -6.26 -34.29
N THR E 93 -16.02 -6.13 -34.53
CA THR E 93 -15.55 -5.24 -35.59
C THR E 93 -16.02 -5.69 -36.97
N PRO E 94 -15.91 -6.97 -37.36
CA PRO E 94 -16.26 -7.36 -38.72
C PRO E 94 -17.74 -7.32 -39.03
N LEU E 95 -18.60 -7.04 -38.05
CA LEU E 95 -20.04 -6.99 -38.30
C LEU E 95 -20.45 -5.74 -39.05
N CYS E 96 -19.59 -4.72 -39.12
CA CYS E 96 -19.91 -3.50 -39.86
C CYS E 96 -19.76 -3.81 -41.34
N VAL E 97 -20.86 -4.20 -41.97
CA VAL E 97 -20.85 -4.69 -43.34
C VAL E 97 -22.22 -4.41 -43.96
N THR E 98 -22.23 -4.21 -45.27
CA THR E 98 -23.48 -4.02 -45.97
C THR E 98 -24.39 -5.24 -45.80
N LEU E 99 -25.67 -4.99 -45.57
CA LEU E 99 -26.67 -6.03 -45.41
C LEU E 99 -27.70 -5.92 -46.52
N GLN E 100 -28.41 -7.03 -46.76
CA GLN E 100 -29.49 -7.08 -47.75
C GLN E 100 -30.72 -7.61 -47.01
N CYS E 101 -31.59 -6.72 -46.58
CA CYS E 101 -32.69 -7.06 -45.70
C CYS E 101 -34.02 -7.05 -46.44
N THR E 102 -34.97 -7.82 -45.90
CA THR E 102 -36.33 -7.84 -46.42
C THR E 102 -37.27 -8.07 -45.24
N ASN E 103 -38.52 -7.64 -45.41
CA ASN E 103 -39.49 -7.75 -44.33
C ASN E 103 -39.77 -9.21 -44.00
N VAL E 104 -40.11 -9.46 -42.74
CA VAL E 104 -40.53 -10.77 -42.27
C VAL E 104 -42.04 -10.74 -42.19
N THR E 105 -42.71 -11.31 -43.18
CA THR E 105 -44.17 -11.42 -43.21
C THR E 105 -44.51 -12.91 -43.28
N ASN E 106 -44.60 -13.53 -42.11
CA ASN E 106 -44.88 -14.96 -42.03
C ASN E 106 -45.56 -15.22 -40.69
N ASN E 107 -46.89 -15.24 -40.69
CA ASN E 107 -47.67 -15.46 -39.48
C ASN E 107 -47.36 -14.39 -38.44
N ILE E 108 -47.69 -13.15 -38.77
CA ILE E 108 -47.51 -12.02 -37.88
C ILE E 108 -48.83 -11.30 -37.73
N THR E 109 -49.00 -10.64 -36.58
CA THR E 109 -50.18 -9.82 -36.34
C THR E 109 -50.04 -8.50 -37.06
N ASP E 110 -51.06 -7.64 -36.93
CA ASP E 110 -51.04 -6.34 -37.59
C ASP E 110 -50.19 -5.32 -36.85
N ASP E 111 -49.82 -5.58 -35.59
CA ASP E 111 -49.00 -4.64 -34.83
C ASP E 111 -47.51 -4.89 -35.00
N MET E 112 -47.11 -6.09 -35.37
CA MET E 112 -45.70 -6.43 -35.58
C MET E 112 -45.29 -6.35 -37.04
N ARG E 113 -45.95 -5.49 -37.82
CA ARG E 113 -45.63 -5.34 -39.23
C ARG E 113 -44.46 -4.37 -39.37
N GLY E 114 -43.39 -4.84 -40.01
CA GLY E 114 -42.22 -4.01 -40.23
C GLY E 114 -41.28 -3.91 -39.05
N GLU E 115 -41.52 -4.65 -37.98
CA GLU E 115 -40.67 -4.61 -36.81
C GLU E 115 -39.50 -5.59 -36.87
N LEU E 116 -39.51 -6.51 -37.83
CA LEU E 116 -38.44 -7.50 -37.98
C LEU E 116 -37.98 -7.53 -39.42
N LYS E 117 -36.67 -7.73 -39.61
CA LYS E 117 -36.07 -7.78 -40.93
C LYS E 117 -35.21 -9.02 -41.06
N ASN E 118 -35.18 -9.57 -42.27
CA ASN E 118 -34.42 -10.78 -42.59
C ASN E 118 -33.25 -10.37 -43.48
N CYS E 119 -32.05 -10.34 -42.90
CA CYS E 119 -30.87 -9.81 -43.57
C CYS E 119 -29.84 -10.91 -43.81
N SER E 120 -29.11 -10.79 -44.91
CA SER E 120 -28.04 -11.72 -45.26
C SER E 120 -26.80 -10.93 -45.62
N PHE E 121 -25.64 -11.49 -45.33
CA PHE E 121 -24.38 -10.78 -45.51
C PHE E 121 -23.24 -11.77 -45.64
N ASN E 122 -22.12 -11.29 -46.15
CA ASN E 122 -20.89 -12.07 -46.24
C ASN E 122 -20.06 -11.87 -44.99
N MET E 123 -19.50 -12.96 -44.46
CA MET E 123 -18.81 -12.94 -43.19
C MET E 123 -17.47 -13.65 -43.32
N THR E 124 -16.52 -13.26 -42.48
CA THR E 124 -15.22 -13.93 -42.45
C THR E 124 -15.32 -15.29 -41.77
N THR E 125 -14.38 -16.15 -42.09
CA THR E 125 -14.31 -17.51 -41.56
C THR E 125 -13.10 -17.65 -40.64
N GLU E 126 -12.92 -18.86 -40.11
CA GLU E 126 -11.73 -19.12 -39.31
C GLU E 126 -10.47 -19.04 -40.14
N LEU E 127 -10.57 -19.28 -41.44
CA LEU E 127 -9.44 -19.19 -42.35
C LEU E 127 -9.45 -17.82 -43.03
N ARG E 128 -8.26 -17.22 -43.13
CA ARG E 128 -8.13 -15.86 -43.63
C ARG E 128 -8.41 -15.76 -45.13
N ASP E 129 -8.52 -16.87 -45.84
CA ASP E 129 -8.67 -16.83 -47.29
C ASP E 129 -10.12 -16.76 -47.74
N LYS E 130 -11.00 -17.54 -47.13
CA LYS E 130 -12.35 -17.76 -47.63
C LYS E 130 -13.38 -17.09 -46.73
N LYS E 131 -14.57 -16.90 -47.29
CA LYS E 131 -15.68 -16.23 -46.62
C LYS E 131 -16.91 -17.10 -46.69
N GLN E 132 -17.92 -16.73 -45.91
CA GLN E 132 -19.17 -17.47 -45.84
C GLN E 132 -20.34 -16.50 -45.97
N LYS E 133 -21.44 -17.00 -46.51
CA LYS E 133 -22.68 -16.23 -46.64
C LYS E 133 -23.65 -16.71 -45.56
N VAL E 134 -24.13 -15.78 -44.75
CA VAL E 134 -24.97 -16.09 -43.60
C VAL E 134 -26.16 -15.13 -43.58
N TYR E 135 -27.09 -15.40 -42.68
CA TYR E 135 -28.27 -14.57 -42.52
C TYR E 135 -28.68 -14.57 -41.06
N SER E 136 -29.42 -13.54 -40.66
CA SER E 136 -29.88 -13.40 -39.30
C SER E 136 -31.06 -12.45 -39.27
N LEU E 137 -31.78 -12.48 -38.15
CA LEU E 137 -32.94 -11.61 -37.95
C LEU E 137 -32.54 -10.45 -37.05
N PHE E 138 -32.88 -9.24 -37.48
CA PHE E 138 -32.56 -8.02 -36.73
C PHE E 138 -33.84 -7.22 -36.52
N TYR E 139 -33.92 -6.57 -35.36
CA TYR E 139 -35.05 -5.69 -35.09
C TYR E 139 -34.90 -4.39 -35.87
N ARG E 140 -36.04 -3.79 -36.22
CA ARG E 140 -36.02 -2.59 -37.04
C ARG E 140 -35.38 -1.40 -36.35
N LEU E 141 -35.16 -1.47 -35.04
CA LEU E 141 -34.56 -0.36 -34.31
C LEU E 141 -33.05 -0.37 -34.37
N ASP E 142 -32.44 -1.37 -34.99
CA ASP E 142 -30.99 -1.52 -35.00
C ASP E 142 -30.37 -1.37 -36.38
N VAL E 143 -31.16 -1.11 -37.41
CA VAL E 143 -30.66 -1.04 -38.78
C VAL E 143 -31.07 0.29 -39.39
N VAL E 144 -30.23 0.79 -40.29
CA VAL E 144 -30.45 2.07 -40.97
C VAL E 144 -30.26 1.86 -42.45
N GLN E 145 -31.19 2.37 -43.26
CA GLN E 145 -31.05 2.28 -44.70
C GLN E 145 -29.97 3.22 -45.20
N ILE E 146 -29.24 2.79 -46.22
CA ILE E 146 -28.17 3.59 -46.83
C ILE E 146 -28.43 3.68 -48.32
N ASN E 147 -28.33 4.89 -48.86
CA ASN E 147 -28.52 5.12 -50.28
C ASN E 147 -27.62 6.24 -50.78
N SER E 157 -35.93 -5.29 -55.11
CA SER E 157 -36.02 -4.39 -53.98
C SER E 157 -34.92 -4.67 -52.96
N ASN E 158 -35.27 -5.34 -51.86
CA ASN E 158 -34.34 -5.77 -50.83
C ASN E 158 -33.23 -4.74 -50.62
N LYS E 159 -33.64 -3.53 -50.27
CA LYS E 159 -32.71 -2.43 -50.05
C LYS E 159 -31.63 -2.85 -49.06
N GLU E 160 -30.54 -2.08 -49.00
CA GLU E 160 -29.38 -2.43 -48.20
C GLU E 160 -29.31 -1.54 -46.96
N TYR E 161 -28.98 -2.15 -45.83
CA TYR E 161 -28.94 -1.48 -44.54
C TYR E 161 -27.56 -1.62 -43.91
N ARG E 162 -27.41 -1.05 -42.72
CA ARG E 162 -26.22 -1.23 -41.91
C ARG E 162 -26.60 -1.07 -40.46
N LEU E 163 -25.79 -1.64 -39.57
CA LEU E 163 -26.04 -1.49 -38.15
C LEU E 163 -25.93 -0.02 -37.76
N ILE E 164 -26.76 0.39 -36.80
CA ILE E 164 -26.91 1.81 -36.49
C ILE E 164 -25.63 2.39 -35.94
N ASN E 165 -24.79 1.58 -35.30
CA ASN E 165 -23.63 2.07 -34.57
C ASN E 165 -22.36 2.10 -35.41
N CYS E 166 -22.42 1.78 -36.69
CA CYS E 166 -21.20 1.63 -37.47
C CYS E 166 -20.45 2.94 -37.65
N ASN E 167 -21.13 4.09 -37.53
CA ASN E 167 -20.48 5.37 -37.74
C ASN E 167 -20.10 6.08 -36.45
N THR E 168 -20.15 5.39 -35.32
CA THR E 168 -19.71 5.98 -34.06
C THR E 168 -18.72 5.12 -33.30
N SER E 169 -18.86 3.80 -33.34
CA SER E 169 -17.95 2.92 -32.63
C SER E 169 -18.27 1.48 -33.01
N ALA E 170 -17.53 0.54 -32.42
CA ALA E 170 -17.76 -0.88 -32.60
C ALA E 170 -18.29 -1.48 -31.31
N CYS E 171 -19.24 -2.39 -31.44
CA CYS E 171 -19.91 -2.98 -30.28
C CYS E 171 -19.16 -4.20 -29.78
N THR E 172 -19.31 -4.47 -28.49
CA THR E 172 -18.72 -5.63 -27.84
C THR E 172 -19.83 -6.59 -27.44
N GLN E 173 -19.72 -7.84 -27.89
CA GLN E 173 -20.74 -8.83 -27.58
C GLN E 173 -20.61 -9.28 -26.12
N ALA E 174 -21.71 -9.27 -25.40
CA ALA E 174 -21.71 -9.72 -24.02
C ALA E 174 -21.45 -11.22 -23.94
N CYS E 175 -20.53 -11.62 -23.08
CA CYS E 175 -20.20 -13.04 -22.96
C CYS E 175 -21.44 -13.80 -22.49
N PRO E 176 -21.85 -14.86 -23.19
CA PRO E 176 -23.17 -15.45 -22.92
C PRO E 176 -23.29 -16.09 -21.55
N LYS E 177 -22.18 -16.41 -20.89
CA LYS E 177 -22.27 -17.08 -19.60
C LYS E 177 -22.64 -16.12 -18.47
N VAL E 178 -22.15 -14.88 -18.53
CA VAL E 178 -22.42 -13.92 -17.47
C VAL E 178 -23.91 -13.64 -17.39
N SER E 179 -24.37 -13.29 -16.19
CA SER E 179 -25.77 -12.97 -15.94
C SER E 179 -25.89 -11.56 -15.38
N PHE E 180 -27.03 -10.93 -15.66
CA PHE E 180 -27.29 -9.55 -15.26
C PHE E 180 -28.11 -9.44 -13.98
N GLU E 181 -28.41 -10.56 -13.33
CA GLU E 181 -29.25 -10.53 -12.14
C GLU E 181 -28.60 -9.66 -11.06
N PRO E 182 -29.31 -8.67 -10.52
CA PRO E 182 -28.73 -7.89 -9.42
C PRO E 182 -28.51 -8.72 -8.18
N ILE E 183 -27.46 -8.38 -7.44
CA ILE E 183 -27.10 -9.08 -6.20
C ILE E 183 -26.93 -8.02 -5.10
N PRO E 184 -27.47 -8.23 -3.91
CA PRO E 184 -27.32 -7.22 -2.86
C PRO E 184 -25.86 -6.94 -2.54
N ILE E 185 -25.56 -5.68 -2.27
CA ILE E 185 -24.22 -5.23 -1.92
C ILE E 185 -24.30 -4.38 -0.67
N HIS E 186 -23.32 -4.53 0.21
CA HIS E 186 -23.23 -3.74 1.43
C HIS E 186 -22.00 -2.86 1.36
N TYR E 187 -22.16 -1.58 1.66
CA TYR E 187 -21.06 -0.62 1.68
C TYR E 187 -20.60 -0.43 3.12
N CYS E 188 -19.29 -0.52 3.34
CA CYS E 188 -18.70 -0.44 4.66
C CYS E 188 -17.63 0.64 4.69
N ALA E 189 -17.38 1.19 5.88
CA ALA E 189 -16.42 2.27 6.05
C ALA E 189 -15.17 1.75 6.75
N PRO E 190 -14.01 2.39 6.52
CA PRO E 190 -12.78 1.92 7.16
C PRO E 190 -12.77 2.17 8.66
N ALA E 191 -11.67 1.81 9.32
CA ALA E 191 -11.51 2.11 10.74
C ALA E 191 -11.25 3.61 10.92
N GLY E 192 -11.77 4.16 12.01
CA GLY E 192 -11.69 5.59 12.24
C GLY E 192 -12.82 6.38 11.64
N PHE E 193 -13.70 5.75 10.88
CA PHE E 193 -14.89 6.37 10.32
C PHE E 193 -16.12 5.59 10.78
N ALA E 194 -17.29 6.12 10.48
CA ALA E 194 -18.54 5.45 10.84
C ALA E 194 -19.65 5.97 9.95
N ILE E 195 -20.73 5.20 9.89
CA ILE E 195 -21.91 5.54 9.10
C ILE E 195 -23.08 5.73 10.05
N LEU E 196 -23.73 6.88 9.97
CA LEU E 196 -24.91 7.16 10.77
C LEU E 196 -26.17 6.87 9.95
N LYS E 197 -27.21 6.39 10.62
CA LYS E 197 -28.46 6.04 9.98
C LYS E 197 -29.60 6.74 10.69
N CYS E 198 -30.56 7.25 9.92
CA CYS E 198 -31.72 7.94 10.45
C CYS E 198 -32.88 6.97 10.53
N LYS E 199 -33.41 6.77 11.74
CA LYS E 199 -34.47 5.81 11.99
C LYS E 199 -35.85 6.46 12.01
N ASP E 200 -35.95 7.75 11.72
CA ASP E 200 -37.24 8.42 11.73
C ASP E 200 -38.08 7.93 10.56
N LYS E 201 -39.34 7.57 10.86
CA LYS E 201 -40.22 7.03 9.83
C LYS E 201 -40.87 8.12 8.98
N LYS E 202 -40.83 9.37 9.42
CA LYS E 202 -41.39 10.49 8.67
C LYS E 202 -40.30 11.41 8.14
N PHE E 203 -39.08 10.92 8.01
CA PHE E 203 -38.00 11.73 7.48
C PHE E 203 -38.27 12.07 6.02
N ASN E 204 -38.01 13.33 5.65
CA ASN E 204 -38.27 13.81 4.31
C ASN E 204 -36.98 14.10 3.54
N GLY E 205 -35.85 13.57 3.99
CA GLY E 205 -34.61 13.62 3.26
C GLY E 205 -33.70 14.78 3.62
N THR E 206 -34.22 15.83 4.24
CA THR E 206 -33.43 17.00 4.59
C THR E 206 -33.87 17.53 5.93
N GLY E 207 -32.91 18.05 6.70
CA GLY E 207 -33.19 18.61 7.99
C GLY E 207 -32.59 17.78 9.12
N PRO E 208 -33.02 18.06 10.36
CA PRO E 208 -32.48 17.31 11.50
C PRO E 208 -33.26 16.04 11.78
N CYS E 209 -32.55 14.91 11.90
CA CYS E 209 -33.17 13.64 12.22
C CYS E 209 -33.11 13.43 13.73
N PRO E 210 -34.24 13.31 14.43
CA PRO E 210 -34.20 13.19 15.90
C PRO E 210 -33.96 11.79 16.42
N SER E 211 -33.86 10.78 15.55
CA SER E 211 -33.60 9.41 15.96
C SER E 211 -32.48 8.86 15.09
N VAL E 212 -31.33 8.59 15.70
CA VAL E 212 -30.12 8.23 14.97
C VAL E 212 -29.52 6.96 15.58
N SER E 213 -28.70 6.29 14.78
CA SER E 213 -27.96 5.12 15.21
C SER E 213 -26.78 4.94 14.26
N THR E 214 -25.79 4.19 14.69
CA THR E 214 -24.56 4.02 13.94
C THR E 214 -24.35 2.56 13.58
N VAL E 215 -23.90 2.33 12.35
CA VAL E 215 -23.65 0.99 11.82
C VAL E 215 -22.29 1.00 11.13
N GLN E 216 -21.84 -0.18 10.73
CA GLN E 216 -20.59 -0.31 9.99
C GLN E 216 -20.80 -0.58 8.51
N CYS E 217 -21.88 -1.28 8.14
CA CYS E 217 -22.20 -1.53 6.74
C CYS E 217 -23.69 -1.29 6.52
N THR E 218 -24.02 -0.81 5.32
CA THR E 218 -25.40 -0.57 4.97
C THR E 218 -26.10 -1.88 4.64
N HIS E 219 -27.42 -1.84 4.59
CA HIS E 219 -28.18 -3.02 4.22
C HIS E 219 -27.98 -3.33 2.74
N GLY E 220 -28.36 -4.54 2.36
CA GLY E 220 -28.17 -4.98 0.98
C GLY E 220 -28.92 -4.13 -0.02
N ILE E 221 -28.19 -3.52 -0.95
CA ILE E 221 -28.77 -2.67 -1.98
C ILE E 221 -28.58 -3.35 -3.33
N LYS E 222 -29.67 -3.55 -4.06
CA LYS E 222 -29.62 -4.20 -5.36
C LYS E 222 -29.47 -3.15 -6.45
N PRO E 223 -28.43 -3.21 -7.29
CA PRO E 223 -28.28 -2.22 -8.37
C PRO E 223 -29.21 -2.49 -9.55
N VAL E 224 -30.45 -2.06 -9.41
CA VAL E 224 -31.46 -2.24 -10.45
C VAL E 224 -31.46 -1.00 -11.35
N VAL E 225 -31.38 -1.22 -12.65
CA VAL E 225 -31.32 -0.14 -13.64
C VAL E 225 -32.67 -0.06 -14.32
N SER E 226 -33.27 1.14 -14.30
CA SER E 226 -34.57 1.35 -14.92
C SER E 226 -34.81 2.86 -14.99
N THR E 227 -35.92 3.23 -15.62
CA THR E 227 -36.31 4.63 -15.73
C THR E 227 -37.81 4.76 -15.57
N GLN E 228 -38.23 5.88 -14.98
CA GLN E 228 -39.63 6.24 -14.80
C GLN E 228 -40.31 5.42 -13.71
N LEU E 229 -39.64 4.38 -13.21
CA LEU E 229 -40.28 3.43 -12.31
C LEU E 229 -39.18 2.70 -11.55
N LEU E 230 -39.22 2.75 -10.23
CA LEU E 230 -38.23 2.09 -9.40
C LEU E 230 -38.75 0.70 -9.03
N LEU E 231 -37.97 -0.33 -9.34
CA LEU E 231 -38.40 -1.71 -9.20
C LEU E 231 -37.59 -2.43 -8.13
N ASN E 232 -38.23 -3.39 -7.46
CA ASN E 232 -37.56 -4.26 -6.51
C ASN E 232 -36.81 -3.46 -5.45
N GLY E 233 -37.44 -2.38 -4.98
CA GLY E 233 -36.83 -1.48 -4.02
C GLY E 233 -37.30 -1.71 -2.61
N SER E 234 -37.22 -0.65 -1.81
CA SER E 234 -37.64 -0.67 -0.42
C SER E 234 -38.86 0.22 -0.24
N LEU E 235 -39.76 -0.19 0.66
CA LEU E 235 -41.03 0.49 0.85
C LEU E 235 -41.01 1.32 2.13
N ALA E 236 -41.81 2.38 2.14
CA ALA E 236 -41.99 3.18 3.34
C ALA E 236 -42.81 2.40 4.37
N GLU E 237 -42.66 2.78 5.64
CA GLU E 237 -43.31 2.06 6.72
C GLU E 237 -44.69 2.59 7.05
N GLU E 238 -44.92 3.90 6.90
CA GLU E 238 -46.17 4.52 7.34
C GLU E 238 -46.98 5.11 6.21
N GLU E 239 -46.39 5.95 5.37
CA GLU E 239 -47.15 6.65 4.34
C GLU E 239 -46.27 6.88 3.13
N VAL E 240 -46.93 7.22 2.02
CA VAL E 240 -46.20 7.58 0.81
C VAL E 240 -45.39 8.84 1.07
N MET E 241 -44.13 8.83 0.67
CA MET E 241 -43.21 9.92 0.95
C MET E 241 -42.85 10.63 -0.34
N ILE E 242 -42.96 11.95 -0.34
CA ILE E 242 -42.58 12.80 -1.46
C ILE E 242 -41.33 13.57 -1.05
N ARG E 243 -40.28 13.48 -1.87
CA ARG E 243 -39.01 14.14 -1.58
C ARG E 243 -38.55 14.91 -2.80
N SER E 244 -38.05 16.13 -2.56
CA SER E 244 -37.52 16.95 -3.64
C SER E 244 -36.55 17.95 -3.06
N GLU E 245 -35.56 18.35 -3.87
CA GLU E 245 -34.59 19.33 -3.40
C GLU E 245 -35.25 20.67 -3.10
N ASN E 246 -36.15 21.11 -3.98
CA ASN E 246 -36.85 22.38 -3.80
C ASN E 246 -38.21 22.22 -4.47
N ILE E 247 -39.25 21.92 -3.68
CA ILE E 247 -40.54 21.57 -4.25
C ILE E 247 -41.12 22.72 -5.07
N THR E 248 -40.76 23.95 -4.72
CA THR E 248 -41.31 25.11 -5.43
C THR E 248 -40.65 25.35 -6.78
N ASN E 249 -39.51 24.72 -7.05
CA ASN E 249 -38.83 24.85 -8.32
C ASN E 249 -39.23 23.68 -9.23
N ASN E 250 -39.65 24.00 -10.45
CA ASN E 250 -40.14 22.98 -11.37
C ASN E 250 -39.03 22.34 -12.18
N ALA E 251 -37.78 22.75 -11.99
CA ALA E 251 -36.64 22.15 -12.68
C ALA E 251 -36.00 21.03 -11.87
N LYS E 252 -36.60 20.65 -10.75
CA LYS E 252 -36.07 19.61 -9.88
C LYS E 252 -37.00 18.41 -9.87
N ASN E 253 -36.42 17.22 -9.94
CA ASN E 253 -37.19 15.99 -9.96
C ASN E 253 -37.81 15.72 -8.59
N ILE E 254 -38.86 14.91 -8.60
CA ILE E 254 -39.57 14.51 -7.39
C ILE E 254 -39.47 13.00 -7.26
N LEU E 255 -39.13 12.52 -6.07
CA LEU E 255 -39.04 11.09 -5.78
C LEU E 255 -40.21 10.68 -4.92
N VAL E 256 -40.86 9.58 -5.29
CA VAL E 256 -42.01 9.06 -4.58
C VAL E 256 -41.70 7.65 -4.12
N GLN E 257 -41.96 7.36 -2.85
CA GLN E 257 -41.77 6.04 -2.28
C GLN E 257 -43.13 5.50 -1.88
N PHE E 258 -43.47 4.31 -2.38
CA PHE E 258 -44.79 3.75 -2.16
C PHE E 258 -44.88 3.12 -0.76
N ASN E 259 -46.11 2.97 -0.30
CA ASN E 259 -46.40 2.33 0.97
C ASN E 259 -46.52 0.82 0.83
N THR E 260 -47.11 0.36 -0.27
CA THR E 260 -47.26 -1.06 -0.58
C THR E 260 -46.82 -1.31 -2.00
N PRO E 261 -46.39 -2.53 -2.33
CA PRO E 261 -45.90 -2.81 -3.67
C PRO E 261 -47.04 -2.96 -4.67
N VAL E 262 -46.69 -2.74 -5.94
CA VAL E 262 -47.59 -2.95 -7.07
C VAL E 262 -46.92 -3.94 -8.01
N GLN E 263 -47.63 -5.00 -8.36
CA GLN E 263 -47.05 -6.06 -9.16
C GLN E 263 -47.16 -5.75 -10.64
N ILE E 264 -46.13 -6.15 -11.40
CA ILE E 264 -46.08 -5.95 -12.84
C ILE E 264 -45.56 -7.24 -13.47
N ASN E 265 -46.26 -7.72 -14.51
CA ASN E 265 -45.90 -8.93 -15.21
C ASN E 265 -45.52 -8.58 -16.64
N CYS E 266 -44.36 -9.06 -17.09
CA CYS E 266 -43.86 -8.79 -18.43
C CYS E 266 -43.41 -10.09 -19.08
N THR E 267 -43.57 -10.15 -20.41
CA THR E 267 -43.24 -11.36 -21.15
C THR E 267 -42.91 -11.01 -22.59
N ARG E 268 -42.13 -11.89 -23.21
CA ARG E 268 -41.86 -11.84 -24.65
C ARG E 268 -42.39 -13.12 -25.26
N PRO E 269 -43.58 -13.12 -25.87
CA PRO E 269 -44.25 -14.36 -26.26
C PRO E 269 -43.81 -14.93 -27.60
N ASN E 270 -42.50 -15.01 -27.80
CA ASN E 270 -41.93 -15.54 -29.04
C ASN E 270 -40.91 -16.61 -28.69
N ASN E 271 -41.04 -17.77 -29.33
CA ASN E 271 -40.09 -18.87 -29.13
C ASN E 271 -38.92 -18.64 -30.07
N ASN E 272 -37.82 -18.13 -29.52
CA ASN E 272 -36.66 -17.75 -30.32
C ASN E 272 -35.70 -18.92 -30.46
N THR E 273 -34.92 -18.89 -31.54
CA THR E 273 -33.90 -19.88 -31.83
C THR E 273 -32.56 -19.19 -31.98
N ARG E 274 -31.51 -19.80 -31.44
CA ARG E 274 -30.17 -19.24 -31.47
C ARG E 274 -29.31 -20.00 -32.46
N LYS E 275 -28.35 -19.28 -33.04
CA LYS E 275 -27.40 -19.84 -33.99
C LYS E 275 -26.00 -19.42 -33.59
N SER E 276 -25.02 -20.26 -33.92
CA SER E 276 -23.62 -19.96 -33.67
C SER E 276 -22.89 -19.84 -34.99
N ILE E 277 -22.20 -18.72 -35.18
CA ILE E 277 -21.42 -18.46 -36.39
C ILE E 277 -19.99 -18.20 -35.98
N ARG E 278 -19.05 -18.93 -36.59
CA ARG E 278 -17.63 -18.80 -36.28
C ARG E 278 -17.02 -17.75 -37.20
N ILE E 279 -16.65 -16.60 -36.63
CA ILE E 279 -16.14 -15.49 -37.42
C ILE E 279 -14.63 -15.35 -37.31
N GLY E 280 -13.96 -16.25 -36.61
CA GLY E 280 -12.53 -16.20 -36.46
C GLY E 280 -12.03 -17.33 -35.58
N PRO E 281 -10.71 -17.38 -35.36
CA PRO E 281 -10.18 -18.44 -34.50
C PRO E 281 -10.61 -18.28 -33.06
N GLY E 282 -11.45 -19.19 -32.58
CA GLY E 282 -11.94 -19.11 -31.22
C GLY E 282 -12.81 -17.90 -30.95
N GLN E 283 -13.69 -17.56 -31.90
CA GLN E 283 -14.60 -16.43 -31.74
C GLN E 283 -15.90 -16.76 -32.45
N ALA E 284 -17.02 -16.52 -31.76
CA ALA E 284 -18.33 -16.85 -32.28
C ALA E 284 -19.28 -15.67 -32.13
N PHE E 285 -20.17 -15.52 -33.09
CA PHE E 285 -21.22 -14.51 -33.07
C PHE E 285 -22.56 -15.21 -33.04
N TYR E 286 -23.39 -14.87 -32.06
CA TYR E 286 -24.66 -15.57 -31.84
C TYR E 286 -25.78 -14.82 -32.55
N ALA E 287 -26.33 -15.44 -33.59
CA ALA E 287 -27.37 -14.84 -34.40
C ALA E 287 -28.74 -15.40 -34.02
N THR E 288 -29.77 -14.79 -34.57
CA THR E 288 -31.15 -15.21 -34.34
C THR E 288 -31.64 -15.98 -35.56
N GLY E 289 -31.98 -17.25 -35.35
CA GLY E 289 -32.50 -18.06 -36.43
C GLY E 289 -33.96 -17.78 -36.69
N ASP E 290 -34.73 -18.81 -37.01
CA ASP E 290 -36.15 -18.64 -37.26
C ASP E 290 -36.93 -18.68 -35.95
N ILE E 291 -38.18 -18.24 -36.01
CA ILE E 291 -39.07 -18.22 -34.86
C ILE E 291 -40.02 -19.40 -34.98
N ILE E 292 -40.07 -20.22 -33.93
CA ILE E 292 -40.83 -21.47 -33.95
C ILE E 292 -42.25 -21.13 -33.50
N GLY E 293 -43.11 -20.79 -34.46
CA GLY E 293 -44.50 -20.53 -34.15
C GLY E 293 -44.99 -19.19 -34.65
N ASP E 294 -45.85 -18.55 -33.86
CA ASP E 294 -46.43 -17.27 -34.22
C ASP E 294 -45.59 -16.13 -33.67
N ILE E 295 -45.82 -14.93 -34.21
CA ILE E 295 -45.09 -13.73 -33.84
C ILE E 295 -46.08 -12.74 -33.23
N ARG E 296 -45.81 -12.32 -32.00
CA ARG E 296 -46.69 -11.39 -31.30
C ARG E 296 -45.84 -10.40 -30.51
N GLN E 297 -46.46 -9.29 -30.15
CA GLN E 297 -45.77 -8.21 -29.45
C GLN E 297 -45.54 -8.58 -27.99
N ALA E 298 -44.54 -7.93 -27.40
CA ALA E 298 -44.27 -8.04 -25.98
C ALA E 298 -45.01 -6.96 -25.22
N HIS E 299 -45.33 -7.23 -23.96
CA HIS E 299 -46.17 -6.32 -23.19
C HIS E 299 -45.93 -6.54 -21.70
N CYS E 300 -46.53 -5.67 -20.90
CA CYS E 300 -46.51 -5.78 -19.45
C CYS E 300 -47.92 -5.55 -18.92
N ASN E 301 -48.21 -6.13 -17.76
CA ASN E 301 -49.53 -6.05 -17.15
C ASN E 301 -49.45 -5.46 -15.75
N VAL E 302 -50.41 -4.60 -15.42
CA VAL E 302 -50.61 -4.13 -14.06
C VAL E 302 -52.11 -4.15 -13.77
N SER E 303 -52.45 -4.21 -12.49
CA SER E 303 -53.85 -4.26 -12.08
C SER E 303 -54.42 -2.85 -12.00
N LYS E 304 -55.59 -2.65 -12.61
CA LYS E 304 -56.16 -1.32 -12.67
C LYS E 304 -56.53 -0.81 -11.28
N ALA E 305 -57.17 -1.65 -10.47
CA ALA E 305 -57.62 -1.20 -9.15
C ALA E 305 -56.45 -0.80 -8.27
N THR E 306 -55.41 -1.63 -8.25
CA THR E 306 -54.25 -1.34 -7.40
C THR E 306 -53.58 -0.04 -7.83
N TRP E 307 -53.42 0.15 -9.14
CA TRP E 307 -52.81 1.38 -9.62
C TRP E 307 -53.66 2.59 -9.26
N ASN E 308 -54.98 2.46 -9.38
CA ASN E 308 -55.85 3.57 -9.02
C ASN E 308 -55.72 3.93 -7.55
N GLU E 309 -55.69 2.91 -6.68
CA GLU E 309 -55.54 3.18 -5.25
C GLU E 309 -54.21 3.88 -4.97
N THR E 310 -53.13 3.37 -5.57
CA THR E 310 -51.82 3.98 -5.32
C THR E 310 -51.79 5.42 -5.81
N LEU E 311 -52.37 5.68 -6.97
CA LEU E 311 -52.40 7.05 -7.48
C LEU E 311 -53.22 7.96 -6.57
N GLY E 312 -54.32 7.45 -6.03
CA GLY E 312 -55.10 8.24 -5.09
C GLY E 312 -54.30 8.61 -3.86
N LYS E 313 -53.56 7.65 -3.30
CA LYS E 313 -52.73 7.95 -2.15
C LYS E 313 -51.65 8.98 -2.50
N VAL E 314 -51.03 8.83 -3.68
CA VAL E 314 -50.00 9.76 -4.09
C VAL E 314 -50.58 11.17 -4.20
N VAL E 315 -51.77 11.29 -4.79
CA VAL E 315 -52.39 12.61 -4.93
C VAL E 315 -52.68 13.20 -3.56
N LYS E 316 -53.23 12.39 -2.65
CA LYS E 316 -53.54 12.89 -1.32
C LYS E 316 -52.30 13.43 -0.64
N GLN E 317 -51.17 12.72 -0.76
CA GLN E 317 -49.95 13.22 -0.15
C GLN E 317 -49.36 14.39 -0.91
N LEU E 318 -49.65 14.53 -2.20
CA LEU E 318 -49.12 15.65 -2.97
C LEU E 318 -49.85 16.94 -2.68
N ARG E 319 -51.14 16.87 -2.35
CA ARG E 319 -51.90 18.09 -2.14
C ARG E 319 -51.40 18.92 -0.97
N LYS E 320 -50.60 18.32 -0.08
CA LYS E 320 -50.13 19.06 1.09
C LYS E 320 -49.22 20.22 0.70
N HIS E 321 -48.49 20.09 -0.41
CA HIS E 321 -47.58 21.14 -0.85
C HIS E 321 -48.22 22.12 -1.82
N PHE E 322 -49.49 21.92 -2.20
CA PHE E 322 -50.13 22.77 -3.19
C PHE E 322 -51.54 23.19 -2.83
N GLY E 323 -52.04 22.82 -1.66
CA GLY E 323 -53.37 23.23 -1.24
C GLY E 323 -54.42 22.18 -1.56
N ASN E 324 -55.55 22.28 -0.86
CA ASN E 324 -56.63 21.31 -0.98
C ASN E 324 -57.59 21.62 -2.13
N ASN E 325 -57.47 22.79 -2.76
CA ASN E 325 -58.41 23.21 -3.79
C ASN E 325 -57.70 23.39 -5.13
N THR E 326 -56.84 22.44 -5.48
CA THR E 326 -56.13 22.45 -6.75
C THR E 326 -56.40 21.15 -7.50
N ILE E 327 -56.34 21.23 -8.82
CA ILE E 327 -56.56 20.08 -9.69
C ILE E 327 -55.22 19.45 -10.00
N ILE E 328 -55.12 18.14 -9.80
CA ILE E 328 -53.92 17.37 -10.08
C ILE E 328 -54.21 16.42 -11.24
N ARG E 329 -53.38 16.49 -12.27
CA ARG E 329 -53.55 15.65 -13.46
C ARG E 329 -52.21 15.08 -13.87
N PHE E 330 -52.26 13.91 -14.53
CA PHE E 330 -51.07 13.20 -14.96
C PHE E 330 -51.08 13.08 -16.48
N ALA E 331 -49.94 13.36 -17.10
CA ALA E 331 -49.78 13.26 -18.54
C ALA E 331 -48.50 12.51 -18.84
N ASN E 332 -48.48 11.82 -19.99
CA ASN E 332 -47.32 11.02 -20.35
C ASN E 332 -46.14 11.93 -20.68
N SER E 333 -44.97 11.29 -20.84
CA SER E 333 -43.74 12.03 -21.08
C SER E 333 -43.89 12.95 -22.28
N SER E 334 -43.04 13.98 -22.32
CA SER E 334 -43.11 14.97 -23.38
C SER E 334 -42.40 14.49 -24.63
N GLY E 335 -41.10 14.25 -24.53
CA GLY E 335 -40.33 13.81 -25.70
C GLY E 335 -38.89 13.61 -25.33
N GLY E 336 -38.13 13.11 -26.30
CA GLY E 336 -36.72 12.85 -26.14
C GLY E 336 -36.36 11.54 -26.81
N ASP E 337 -35.20 11.00 -26.43
CA ASP E 337 -34.77 9.72 -26.96
C ASP E 337 -35.55 8.58 -26.32
N LEU E 338 -35.51 7.42 -26.97
CA LEU E 338 -36.32 6.29 -26.52
C LEU E 338 -36.02 5.92 -25.08
N GLU E 339 -34.79 6.13 -24.62
CA GLU E 339 -34.43 5.74 -23.26
C GLU E 339 -34.99 6.67 -22.21
N VAL E 340 -35.55 7.81 -22.60
CA VAL E 340 -36.06 8.78 -21.64
C VAL E 340 -37.59 8.88 -21.67
N THR E 341 -38.23 8.58 -22.79
CA THR E 341 -39.67 8.67 -22.92
C THR E 341 -40.35 7.32 -22.70
N THR E 342 -39.62 6.31 -22.25
CA THR E 342 -40.19 4.98 -22.05
C THR E 342 -39.62 4.38 -20.76
N HIS E 343 -40.30 3.37 -20.26
CA HIS E 343 -39.87 2.67 -19.05
C HIS E 343 -38.92 1.56 -19.47
N SER E 344 -37.62 1.80 -19.32
CA SER E 344 -36.60 0.84 -19.71
C SER E 344 -36.26 -0.07 -18.54
N PHE E 345 -35.94 -1.32 -18.86
CA PHE E 345 -35.51 -2.28 -17.85
C PHE E 345 -35.01 -3.52 -18.55
N ASN E 346 -34.36 -4.39 -17.79
CA ASN E 346 -33.78 -5.63 -18.30
C ASN E 346 -34.44 -6.80 -17.60
N CYS E 347 -35.00 -7.72 -18.37
CA CYS E 347 -35.78 -8.84 -17.83
C CYS E 347 -35.15 -10.15 -18.30
N GLY E 348 -34.23 -10.68 -17.52
CA GLY E 348 -33.64 -11.97 -17.82
C GLY E 348 -32.88 -12.02 -19.12
N GLY E 349 -32.06 -11.00 -19.39
CA GLY E 349 -31.21 -10.99 -20.56
C GLY E 349 -31.64 -10.00 -21.63
N GLU E 350 -32.94 -9.91 -21.88
CA GLU E 350 -33.45 -9.00 -22.90
C GLU E 350 -33.63 -7.60 -22.31
N PHE E 351 -33.71 -6.62 -23.20
CA PHE E 351 -33.88 -5.22 -22.82
C PHE E 351 -35.19 -4.71 -23.38
N PHE E 352 -36.09 -4.27 -22.52
CA PHE E 352 -37.42 -3.81 -22.89
C PHE E 352 -37.47 -2.28 -22.93
N TYR E 353 -38.44 -1.77 -23.68
CA TYR E 353 -38.73 -0.33 -23.73
C TYR E 353 -40.24 -0.19 -23.82
N CYS E 354 -40.90 -0.09 -22.67
CA CYS E 354 -42.35 -0.13 -22.61
C CYS E 354 -42.93 1.28 -22.66
N ASN E 355 -44.16 1.35 -23.18
CA ASN E 355 -44.86 2.62 -23.41
C ASN E 355 -45.81 2.85 -22.25
N THR E 356 -45.37 3.62 -21.26
CA THR E 356 -46.16 3.87 -20.05
C THR E 356 -47.05 5.09 -20.24
N SER E 357 -47.88 5.02 -21.28
CA SER E 357 -48.83 6.10 -21.57
C SER E 357 -50.23 5.78 -21.07
N GLY E 358 -50.53 4.52 -20.75
CA GLY E 358 -51.80 4.17 -20.16
C GLY E 358 -51.87 4.29 -18.66
N LEU E 359 -50.74 4.55 -18.01
CA LEU E 359 -50.70 4.74 -16.57
C LEU E 359 -50.97 6.19 -16.19
N PHE E 360 -50.25 7.12 -16.81
CA PHE E 360 -50.35 8.54 -16.48
C PHE E 360 -51.38 9.21 -17.39
N ASN E 361 -52.65 8.92 -17.09
CA ASN E 361 -53.78 9.41 -17.88
C ASN E 361 -54.96 9.55 -16.92
N SER E 362 -55.11 10.74 -16.35
CA SER E 362 -56.14 10.94 -15.33
C SER E 362 -56.14 12.41 -14.90
N THR E 363 -57.20 12.78 -14.18
CA THR E 363 -57.32 14.09 -13.56
C THR E 363 -58.12 13.92 -12.28
N TRP E 364 -57.70 14.62 -11.23
CA TRP E 364 -58.27 14.48 -9.90
C TRP E 364 -58.81 15.82 -9.43
N ILE E 365 -60.06 15.82 -8.95
CA ILE E 365 -60.72 17.04 -8.53
C ILE E 365 -60.46 17.26 -7.04
N SER E 366 -60.64 18.51 -6.61
CA SER E 366 -60.32 18.88 -5.24
C SER E 366 -61.21 18.18 -4.22
N ASN E 367 -62.35 17.65 -4.64
CA ASN E 367 -63.26 16.97 -3.71
C ASN E 367 -62.54 15.89 -2.93
N ASN E 379 -59.63 -6.93 -11.22
CA ASN E 379 -60.45 -7.60 -12.22
C ASN E 379 -59.78 -7.53 -13.59
N ASP E 380 -59.68 -6.32 -14.13
CA ASP E 380 -59.08 -6.11 -15.44
C ASP E 380 -57.58 -5.86 -15.29
N SER E 381 -56.95 -5.42 -16.37
CA SER E 381 -55.52 -5.12 -16.35
C SER E 381 -55.24 -4.03 -17.37
N ILE E 382 -54.09 -3.38 -17.21
CA ILE E 382 -53.59 -2.40 -18.15
C ILE E 382 -52.39 -3.01 -18.87
N THR E 383 -52.43 -3.01 -20.19
CA THR E 383 -51.39 -3.60 -21.01
C THR E 383 -50.53 -2.50 -21.61
N LEU E 384 -49.22 -2.61 -21.45
CA LEU E 384 -48.28 -1.62 -21.97
C LEU E 384 -47.44 -2.26 -23.08
N PRO E 385 -47.64 -1.91 -24.35
CA PRO E 385 -46.80 -2.49 -25.40
C PRO E 385 -45.35 -2.11 -25.22
N CYS E 386 -44.46 -3.05 -25.54
CA CYS E 386 -43.02 -2.86 -25.35
C CYS E 386 -42.26 -3.29 -26.59
N ARG E 387 -41.15 -2.63 -26.84
CA ARG E 387 -40.22 -2.96 -27.92
C ARG E 387 -38.94 -3.53 -27.33
N ILE E 388 -38.08 -4.05 -28.20
CA ILE E 388 -36.85 -4.69 -27.77
C ILE E 388 -35.69 -4.17 -28.62
N LYS E 389 -34.50 -4.20 -28.05
CA LYS E 389 -33.29 -3.73 -28.70
C LYS E 389 -32.16 -4.71 -28.44
N GLN E 390 -31.11 -4.61 -29.26
CA GLN E 390 -29.91 -5.42 -29.08
C GLN E 390 -28.64 -4.60 -28.97
N ILE E 391 -28.65 -3.34 -29.38
CA ILE E 391 -27.50 -2.45 -29.25
C ILE E 391 -27.82 -1.46 -28.15
N ILE E 392 -27.06 -1.51 -27.06
CA ILE E 392 -27.37 -0.79 -25.83
C ILE E 392 -26.31 0.26 -25.58
N ASN E 393 -26.77 1.46 -25.18
CA ASN E 393 -25.89 2.55 -24.78
C ASN E 393 -26.24 2.89 -23.33
N MET E 394 -25.50 2.31 -22.39
CA MET E 394 -25.78 2.51 -20.98
C MET E 394 -25.05 3.74 -20.45
N TRP E 395 -25.52 4.24 -19.31
CA TRP E 395 -24.89 5.33 -18.58
C TRP E 395 -24.82 6.61 -19.40
N GLN E 396 -25.67 6.75 -20.41
CA GLN E 396 -25.74 7.96 -21.24
C GLN E 396 -24.40 8.31 -21.87
N ARG E 397 -23.52 7.34 -22.03
CA ARG E 397 -22.24 7.59 -22.68
C ARG E 397 -22.39 7.54 -24.19
N ILE E 398 -21.38 8.08 -24.87
CA ILE E 398 -21.32 8.09 -26.33
C ILE E 398 -20.00 7.46 -26.75
N GLY E 399 -20.07 6.55 -27.71
CA GLY E 399 -18.88 5.89 -28.22
C GLY E 399 -18.60 4.52 -27.65
N GLN E 400 -19.46 4.02 -26.77
CA GLN E 400 -19.32 2.69 -26.20
C GLN E 400 -20.68 2.02 -26.22
N CYS E 401 -20.83 0.97 -27.01
CA CYS E 401 -22.07 0.22 -27.12
C CYS E 401 -21.83 -1.22 -26.73
N MET E 402 -22.91 -1.99 -26.65
CA MET E 402 -22.87 -3.39 -26.26
C MET E 402 -23.93 -4.13 -27.04
N TYR E 403 -23.62 -5.38 -27.40
CA TYR E 403 -24.53 -6.24 -28.14
C TYR E 403 -25.02 -7.34 -27.21
N ALA E 404 -26.34 -7.48 -27.11
CA ALA E 404 -26.95 -8.48 -26.24
C ALA E 404 -27.29 -9.72 -27.03
N PRO E 405 -26.70 -10.87 -26.73
CA PRO E 405 -27.01 -12.08 -27.52
C PRO E 405 -28.46 -12.49 -27.34
N PRO E 406 -29.03 -13.20 -28.31
CA PRO E 406 -30.42 -13.65 -28.17
C PRO E 406 -30.56 -14.68 -27.07
N ILE E 407 -31.78 -14.78 -26.55
CA ILE E 407 -32.15 -15.73 -25.51
C ILE E 407 -33.11 -16.74 -26.11
N GLN E 408 -32.84 -18.03 -25.88
CA GLN E 408 -33.67 -19.08 -26.45
C GLN E 408 -34.91 -19.33 -25.60
N GLY E 409 -36.04 -19.52 -26.26
CA GLY E 409 -37.28 -19.81 -25.58
C GLY E 409 -38.06 -18.58 -25.19
N VAL E 410 -39.19 -18.81 -24.53
CA VAL E 410 -40.04 -17.72 -24.08
C VAL E 410 -39.46 -17.15 -22.78
N ILE E 411 -39.85 -15.90 -22.49
CA ILE E 411 -39.34 -15.17 -21.34
C ILE E 411 -40.50 -14.60 -20.54
N ARG E 412 -40.36 -14.62 -19.22
CA ARG E 412 -41.38 -14.08 -18.33
C ARG E 412 -40.71 -13.68 -17.02
N CYS E 413 -41.12 -12.54 -16.48
CA CYS E 413 -40.57 -12.07 -15.21
C CYS E 413 -41.65 -11.32 -14.45
N VAL E 414 -41.49 -11.29 -13.12
CA VAL E 414 -42.42 -10.61 -12.23
C VAL E 414 -41.61 -9.79 -11.24
N SER E 415 -42.07 -8.57 -10.96
CA SER E 415 -41.36 -7.68 -10.04
C SER E 415 -42.36 -6.70 -9.45
N ASN E 416 -41.90 -5.96 -8.45
CA ASN E 416 -42.72 -4.97 -7.75
C ASN E 416 -42.33 -3.57 -8.17
N ILE E 417 -43.32 -2.70 -8.32
CA ILE E 417 -43.09 -1.27 -8.48
C ILE E 417 -43.03 -0.66 -7.09
N THR E 418 -41.96 0.07 -6.80
CA THR E 418 -41.72 0.61 -5.48
C THR E 418 -41.83 2.13 -5.39
N GLY E 419 -41.56 2.84 -6.48
CA GLY E 419 -41.60 4.28 -6.45
C GLY E 419 -41.76 4.87 -7.83
N LEU E 420 -41.51 6.17 -7.93
CA LEU E 420 -41.70 6.90 -9.17
C LEU E 420 -40.71 8.05 -9.23
N ILE E 421 -40.50 8.55 -10.44
CA ILE E 421 -39.77 9.79 -10.66
C ILE E 421 -40.64 10.68 -11.53
N LEU E 422 -40.98 11.87 -11.03
CA LEU E 422 -41.92 12.76 -11.68
C LEU E 422 -41.27 14.10 -11.98
N THR E 423 -42.01 14.94 -12.70
CA THR E 423 -41.57 16.28 -13.03
C THR E 423 -42.80 17.16 -13.23
N ARG E 424 -42.67 18.42 -12.84
CA ARG E 424 -43.77 19.36 -12.90
C ARG E 424 -43.60 20.33 -14.07
N ASP E 425 -44.72 20.81 -14.59
CA ASP E 425 -44.73 21.75 -15.69
C ASP E 425 -44.92 23.16 -15.16
N GLY E 426 -44.06 24.08 -15.60
CA GLY E 426 -44.16 25.46 -15.18
C GLY E 426 -45.41 26.14 -15.69
N GLY E 427 -46.34 26.43 -14.78
CA GLY E 427 -47.59 27.07 -15.13
C GLY E 427 -47.59 28.53 -14.77
N SER E 428 -48.46 29.28 -15.45
CA SER E 428 -48.57 30.72 -15.22
C SER E 428 -49.47 30.99 -14.01
N THR E 429 -48.98 31.78 -13.07
CA THR E 429 -49.73 32.13 -11.87
C THR E 429 -50.16 30.83 -11.20
N ASN E 430 -51.31 30.84 -10.53
CA ASN E 430 -51.89 29.65 -9.91
C ASN E 430 -53.19 29.36 -10.65
N SER E 431 -53.09 28.59 -11.73
CA SER E 431 -54.24 28.22 -12.54
C SER E 431 -55.12 27.17 -11.87
N THR E 432 -54.81 26.78 -10.63
CA THR E 432 -55.52 25.75 -9.89
C THR E 432 -55.34 24.37 -10.50
N THR E 433 -54.41 24.21 -11.44
CA THR E 433 -54.13 22.93 -12.07
C THR E 433 -52.63 22.69 -12.06
N GLU E 434 -52.23 21.47 -11.70
CA GLU E 434 -50.85 21.06 -11.73
C GLU E 434 -50.76 19.73 -12.47
N THR E 435 -49.85 19.66 -13.45
CA THR E 435 -49.69 18.47 -14.26
C THR E 435 -48.30 17.89 -14.03
N PHE E 436 -48.24 16.59 -13.76
CA PHE E 436 -46.99 15.89 -13.52
C PHE E 436 -46.78 14.84 -14.59
N ARG E 437 -45.56 14.74 -15.09
CA ARG E 437 -45.21 13.77 -16.11
C ARG E 437 -44.03 12.94 -15.64
N PRO E 438 -43.93 11.68 -16.06
CA PRO E 438 -42.78 10.87 -15.67
C PRO E 438 -41.51 11.35 -16.35
N GLY E 439 -40.39 11.06 -15.71
CA GLY E 439 -39.11 11.41 -16.27
C GLY E 439 -37.95 10.77 -15.53
N GLY E 440 -37.06 10.12 -16.27
CA GLY E 440 -35.92 9.46 -15.67
C GLY E 440 -34.60 10.04 -16.13
N GLY E 441 -33.79 9.23 -16.79
CA GLY E 441 -32.53 9.70 -17.33
C GLY E 441 -31.35 9.37 -16.43
N ASP E 442 -30.90 10.35 -15.66
CA ASP E 442 -29.74 10.16 -14.79
C ASP E 442 -29.99 9.00 -13.84
N MET E 443 -29.03 8.10 -13.75
CA MET E 443 -29.15 6.94 -12.90
C MET E 443 -28.73 7.21 -11.46
N ARG E 444 -28.26 8.42 -11.15
CA ARG E 444 -27.93 8.75 -9.78
C ARG E 444 -29.18 8.84 -8.92
N ASP E 445 -30.31 9.22 -9.51
CA ASP E 445 -31.56 9.27 -8.76
C ASP E 445 -32.02 7.89 -8.33
N ASN E 446 -31.59 6.84 -9.03
CA ASN E 446 -31.93 5.49 -8.60
C ASN E 446 -31.19 5.12 -7.32
N TRP E 447 -29.90 5.46 -7.23
CA TRP E 447 -29.16 5.19 -6.01
C TRP E 447 -29.62 6.11 -4.89
N ARG E 448 -29.93 7.35 -5.21
CA ARG E 448 -30.32 8.32 -4.19
C ARG E 448 -31.57 7.89 -3.44
N SER E 449 -32.38 7.02 -4.02
CA SER E 449 -33.60 6.56 -3.37
C SER E 449 -33.36 5.41 -2.41
N GLU E 450 -32.12 4.96 -2.26
CA GLU E 450 -31.76 3.94 -1.30
C GLU E 450 -30.75 4.40 -0.27
N LEU E 451 -29.93 5.41 -0.59
CA LEU E 451 -28.93 5.94 0.32
C LEU E 451 -29.36 7.24 0.98
N TYR E 452 -30.66 7.53 0.97
CA TYR E 452 -31.13 8.81 1.52
C TYR E 452 -31.03 8.86 3.03
N LYS E 453 -30.79 7.74 3.71
CA LYS E 453 -30.81 7.66 5.17
C LYS E 453 -29.44 7.38 5.74
N TYR E 454 -28.37 7.65 5.00
CA TYR E 454 -27.02 7.32 5.43
C TYR E 454 -26.12 8.54 5.25
N LYS E 455 -25.07 8.60 6.08
CA LYS E 455 -24.03 9.60 5.91
C LYS E 455 -22.77 9.11 6.59
N VAL E 456 -21.64 9.68 6.19
CA VAL E 456 -20.33 9.26 6.67
C VAL E 456 -19.76 10.36 7.56
N VAL E 457 -19.18 9.96 8.69
CA VAL E 457 -18.58 10.89 9.65
C VAL E 457 -17.19 10.39 10.02
N LYS E 458 -16.39 11.31 10.54
CA LYS E 458 -15.01 11.04 10.92
C LYS E 458 -14.83 11.28 12.41
N ILE E 459 -14.12 10.37 13.08
CA ILE E 459 -14.01 10.37 14.53
C ILE E 459 -12.79 11.18 14.95
N GLU E 460 -12.94 11.94 16.04
CA GLU E 460 -11.89 12.78 16.59
C GLU E 460 -11.73 12.47 18.07
N PRO E 461 -10.98 11.44 18.42
CA PRO E 461 -10.93 10.96 19.81
C PRO E 461 -9.85 11.65 20.66
N LEU E 462 -9.95 12.97 20.78
CA LEU E 462 -8.97 13.72 21.57
C LEU E 462 -9.65 14.98 22.10
N GLY E 463 -9.73 15.11 23.41
CA GLY E 463 -10.42 16.23 24.02
C GLY E 463 -9.62 16.80 25.17
N VAL E 464 -9.88 18.08 25.46
CA VAL E 464 -9.24 18.79 26.55
C VAL E 464 -10.33 19.51 27.34
N ALA E 465 -10.22 19.49 28.66
CA ALA E 465 -11.23 20.08 29.53
C ALA E 465 -10.59 20.46 30.85
N PRO E 466 -11.21 21.36 31.60
CA PRO E 466 -10.63 21.78 32.89
C PRO E 466 -11.05 20.86 34.03
N THR E 467 -10.12 20.67 34.94
CA THR E 467 -10.36 19.87 36.13
C THR E 467 -9.50 20.39 37.27
N ARG E 468 -9.71 19.80 38.46
CA ARG E 468 -8.96 20.19 39.64
C ARG E 468 -7.73 19.32 39.86
N CYS E 469 -7.44 18.40 38.97
CA CYS E 469 -6.26 17.54 39.09
C CYS E 469 -5.03 18.27 38.57
N LYS E 470 -3.89 18.04 39.22
CA LYS E 470 -2.63 18.65 38.84
C LYS E 470 -1.55 17.59 38.78
N ARG E 471 -0.61 17.75 37.86
CA ARG E 471 0.45 16.77 37.69
C ARG E 471 1.40 16.81 38.88
N ARG E 472 1.91 15.65 39.24
CA ARG E 472 2.85 15.51 40.34
C ARG E 472 4.28 15.64 39.82
N VAL E 473 5.08 16.48 40.45
CA VAL E 473 6.47 16.67 40.05
C VAL E 473 7.36 15.71 40.82
N ALA F 1 34.03 15.58 36.86
CA ALA F 1 33.28 15.32 35.63
C ALA F 1 33.84 14.11 34.90
N GLU F 2 34.19 13.07 35.65
CA GLU F 2 34.72 11.84 35.08
C GLU F 2 33.70 10.70 35.08
N ASN F 3 32.67 10.77 35.93
CA ASN F 3 31.63 9.75 35.98
C ASN F 3 30.55 10.07 34.95
N LEU F 4 30.93 9.96 33.68
CA LEU F 4 30.04 10.27 32.58
C LEU F 4 29.23 9.04 32.18
N TRP F 5 28.00 9.28 31.72
CA TRP F 5 27.07 8.23 31.39
C TRP F 5 26.47 8.49 30.01
N VAL F 6 25.92 7.48 29.39
CA VAL F 6 25.29 7.61 28.09
C VAL F 6 23.91 8.24 28.24
N THR F 7 23.65 9.14 27.40
CA THR F 7 22.35 9.78 27.37
C THR F 7 21.80 9.71 25.94
N VAL F 8 20.50 9.48 25.82
CA VAL F 8 19.83 9.26 24.54
C VAL F 8 19.03 10.50 24.19
N TYR F 9 19.21 11.00 22.97
CA TYR F 9 18.47 12.14 22.45
C TYR F 9 17.70 11.71 21.20
N TYR F 10 16.44 12.09 21.13
CA TYR F 10 15.59 11.80 19.97
C TYR F 10 15.20 13.10 19.30
N GLY F 11 15.49 13.20 18.00
CA GLY F 11 15.14 14.38 17.24
C GLY F 11 16.31 15.32 17.04
N VAL F 12 17.47 14.78 16.71
CA VAL F 12 18.68 15.58 16.50
C VAL F 12 18.78 15.94 15.02
N PRO F 13 19.34 17.09 14.66
CA PRO F 13 19.48 17.48 13.24
C PRO F 13 20.72 16.94 12.53
N VAL F 14 20.65 15.68 12.09
CA VAL F 14 21.70 15.07 11.27
C VAL F 14 21.03 14.35 10.11
N TRP F 15 21.81 14.08 9.07
CA TRP F 15 21.28 13.50 7.84
C TRP F 15 22.37 12.74 7.11
N LYS F 16 21.95 12.01 6.07
CA LYS F 16 22.86 11.29 5.20
C LYS F 16 22.29 11.27 3.79
N ASP F 17 23.17 11.07 2.82
CA ASP F 17 22.73 11.01 1.42
C ASP F 17 21.92 9.75 1.18
N ALA F 18 20.89 9.88 0.36
CA ALA F 18 20.01 8.75 0.07
C ALA F 18 19.31 8.96 -1.26
N GLU F 19 18.76 7.88 -1.78
CA GLU F 19 17.96 7.89 -3.01
C GLU F 19 16.58 7.37 -2.70
N THR F 20 15.56 8.13 -3.07
CA THR F 20 14.17 7.76 -2.81
C THR F 20 13.32 8.21 -3.99
N THR F 21 12.01 7.94 -3.89
CA THR F 21 11.06 8.27 -4.94
C THR F 21 10.34 9.56 -4.58
N LEU F 22 10.43 10.55 -5.45
CA LEU F 22 9.73 11.81 -5.28
C LEU F 22 8.40 11.77 -6.03
N PHE F 23 7.50 12.68 -5.65
CA PHE F 23 6.20 12.78 -6.29
C PHE F 23 5.94 14.20 -6.73
N CYS F 24 5.12 14.36 -7.77
CA CYS F 24 4.88 15.65 -8.38
C CYS F 24 3.91 16.47 -7.55
N ALA F 25 3.80 17.75 -7.92
CA ALA F 25 2.82 18.64 -7.31
C ALA F 25 2.60 19.81 -8.27
N SER F 26 1.41 19.92 -8.81
CA SER F 26 1.09 20.95 -9.79
C SER F 26 0.30 22.09 -9.15
N ASP F 27 0.23 23.20 -9.87
CA ASP F 27 -0.48 24.36 -9.37
C ASP F 27 -1.99 24.14 -9.44
N ALA F 28 -2.71 24.81 -8.54
CA ALA F 28 -4.17 24.67 -8.50
C ALA F 28 -4.81 25.23 -9.76
N LYS F 29 -4.26 26.31 -10.30
CA LYS F 29 -4.83 26.93 -11.49
C LYS F 29 -4.87 25.96 -12.67
N ALA F 30 -4.01 24.94 -12.66
CA ALA F 30 -4.01 23.95 -13.74
C ALA F 30 -5.26 23.09 -13.75
N TYR F 31 -6.07 23.14 -12.70
CA TYR F 31 -7.28 22.33 -12.63
C TYR F 31 -8.47 22.98 -13.32
N GLU F 32 -8.35 24.24 -13.75
CA GLU F 32 -9.43 24.93 -14.44
C GLU F 32 -9.52 24.38 -15.85
N THR F 33 -10.26 23.28 -16.00
CA THR F 33 -10.39 22.59 -17.28
C THR F 33 -8.98 22.20 -17.72
N GLU F 34 -8.60 22.42 -18.97
CA GLU F 34 -7.24 22.14 -19.46
C GLU F 34 -6.77 20.75 -19.03
N LYS F 35 -7.70 19.81 -18.90
CA LYS F 35 -7.33 18.41 -18.70
C LYS F 35 -6.65 17.83 -19.93
N HIS F 36 -6.72 18.52 -21.06
CA HIS F 36 -6.09 18.07 -22.30
C HIS F 36 -4.65 18.58 -22.34
N ASN F 37 -3.78 17.87 -21.63
CA ASN F 37 -2.37 18.20 -21.60
C ASN F 37 -1.57 16.92 -21.42
N VAL F 38 -0.47 16.80 -22.16
CA VAL F 38 0.33 15.58 -22.10
C VAL F 38 0.82 15.35 -20.68
N TRP F 39 1.19 16.41 -19.98
CA TRP F 39 1.67 16.31 -18.61
C TRP F 39 0.45 16.25 -17.70
N ALA F 40 0.06 15.02 -17.36
CA ALA F 40 -1.24 14.75 -16.72
C ALA F 40 -1.18 15.23 -15.28
N THR F 41 -1.30 16.54 -15.11
CA THR F 41 -1.36 17.13 -13.78
C THR F 41 -2.68 16.84 -13.07
N HIS F 42 -3.56 16.04 -13.68
CA HIS F 42 -4.78 15.64 -13.00
C HIS F 42 -4.48 14.81 -11.75
N ALA F 43 -3.48 13.94 -11.83
CA ALA F 43 -3.09 13.10 -10.71
C ALA F 43 -2.03 13.74 -9.83
N CYS F 44 -1.55 14.94 -10.16
CA CYS F 44 -0.56 15.62 -9.34
C CYS F 44 -1.23 16.33 -8.18
N VAL F 45 -0.65 16.20 -7.00
CA VAL F 45 -1.21 16.82 -5.80
C VAL F 45 -1.15 18.34 -5.95
N PRO F 46 -2.13 19.10 -5.47
CA PRO F 46 -2.02 20.56 -5.53
C PRO F 46 -0.87 21.06 -4.66
N THR F 47 -0.27 22.17 -5.10
CA THR F 47 0.87 22.72 -4.41
C THR F 47 0.43 23.60 -3.24
N ASP F 48 1.38 23.87 -2.35
CA ASP F 48 1.15 24.80 -1.27
C ASP F 48 1.21 26.23 -1.80
N PRO F 49 0.17 27.05 -1.61
CA PRO F 49 0.26 28.43 -2.11
C PRO F 49 1.42 29.21 -1.53
N ASN F 50 1.83 28.91 -0.30
CA ASN F 50 2.93 29.60 0.38
C ASN F 50 4.00 28.57 0.72
N PRO F 51 4.99 28.38 -0.14
CA PRO F 51 6.06 27.42 0.18
C PRO F 51 6.93 27.92 1.33
N GLN F 52 7.50 26.97 2.06
CA GLN F 52 8.30 27.26 3.25
C GLN F 52 9.74 26.83 3.01
N GLU F 53 10.67 27.72 3.37
CA GLU F 53 12.10 27.46 3.20
C GLU F 53 12.84 27.89 4.45
N ILE F 54 13.78 27.07 4.89
CA ILE F 54 14.52 27.28 6.14
C ILE F 54 15.98 27.51 5.79
N HIS F 55 16.55 28.58 6.33
CA HIS F 55 17.97 28.88 6.12
C HIS F 55 18.81 28.14 7.16
N LEU F 56 19.90 27.53 6.70
CA LEU F 56 20.77 26.70 7.53
C LEU F 56 22.09 27.41 7.73
N GLU F 57 22.22 28.13 8.84
CA GLU F 57 23.42 28.89 9.11
C GLU F 57 24.58 27.97 9.48
N ASN F 58 25.78 28.36 9.06
CA ASN F 58 27.03 27.70 9.42
C ASN F 58 27.17 26.31 8.82
N VAL F 59 26.36 25.97 7.82
CA VAL F 59 26.34 24.62 7.25
C VAL F 59 26.99 24.67 5.87
N THR F 60 27.94 23.75 5.64
CA THR F 60 28.57 23.57 4.35
C THR F 60 28.31 22.15 3.87
N GLU F 61 27.98 22.01 2.58
CA GLU F 61 27.58 20.73 2.02
C GLU F 61 28.28 20.50 0.69
N GLU F 62 28.34 19.24 0.29
CA GLU F 62 28.97 18.82 -0.95
C GLU F 62 27.91 18.41 -1.96
N PHE F 63 27.97 19.01 -3.14
CA PHE F 63 27.06 18.70 -4.23
C PHE F 63 27.85 18.14 -5.41
N ASN F 64 27.21 17.25 -6.17
CA ASN F 64 27.80 16.70 -7.39
C ASN F 64 26.71 16.70 -8.46
N MET F 65 26.70 17.74 -9.27
CA MET F 65 25.64 17.92 -10.27
C MET F 65 25.59 16.78 -11.27
N TRP F 66 26.70 16.08 -11.51
CA TRP F 66 26.80 15.08 -12.55
C TRP F 66 26.52 13.66 -12.06
N LYS F 67 26.14 13.49 -10.80
CA LYS F 67 25.76 12.18 -10.28
C LYS F 67 24.50 12.32 -9.44
N ASN F 68 23.60 13.21 -9.86
CA ASN F 68 22.34 13.45 -9.17
C ASN F 68 21.32 12.41 -9.60
N ASN F 69 20.71 11.74 -8.63
CA ASN F 69 19.70 10.74 -8.94
C ASN F 69 18.33 11.35 -9.20
N MET F 70 18.15 12.65 -8.92
CA MET F 70 16.90 13.29 -9.27
C MET F 70 16.71 13.36 -10.79
N VAL F 71 17.81 13.51 -11.52
CA VAL F 71 17.72 13.60 -12.98
C VAL F 71 17.19 12.30 -13.56
N GLU F 72 17.68 11.16 -13.08
CA GLU F 72 17.25 9.88 -13.63
C GLU F 72 15.76 9.67 -13.43
N GLN F 73 15.23 10.06 -12.27
CA GLN F 73 13.81 9.88 -12.02
C GLN F 73 12.96 10.77 -12.92
N MET F 74 13.40 12.01 -13.15
CA MET F 74 12.62 12.92 -13.99
C MET F 74 12.50 12.39 -15.40
N HIS F 75 13.59 11.85 -15.95
CA HIS F 75 13.56 11.31 -17.30
C HIS F 75 12.50 10.22 -17.42
N THR F 76 12.51 9.27 -16.50
CA THR F 76 11.58 8.15 -16.56
C THR F 76 10.15 8.64 -16.42
N ASP F 77 9.89 9.59 -15.53
CA ASP F 77 8.54 10.10 -15.36
C ASP F 77 8.05 10.79 -16.61
N ILE F 78 8.92 11.60 -17.23
CA ILE F 78 8.53 12.30 -18.46
C ILE F 78 8.19 11.29 -19.55
N ILE F 79 9.05 10.28 -19.72
CA ILE F 79 8.80 9.28 -20.76
C ILE F 79 7.50 8.53 -20.48
N SER F 80 7.26 8.17 -19.21
CA SER F 80 6.05 7.44 -18.87
C SER F 80 4.81 8.27 -19.14
N LEU F 81 4.82 9.54 -18.78
CA LEU F 81 3.67 10.39 -19.08
C LEU F 81 3.44 10.51 -20.58
N TRP F 82 4.53 10.67 -21.35
CA TRP F 82 4.40 10.73 -22.80
C TRP F 82 3.73 9.47 -23.33
N ASP F 83 4.21 8.31 -22.90
CA ASP F 83 3.64 7.05 -23.39
C ASP F 83 2.18 6.92 -22.97
N GLN F 84 1.86 7.30 -21.73
CA GLN F 84 0.51 7.11 -21.22
C GLN F 84 -0.48 8.03 -21.92
N SER F 85 -0.07 9.22 -22.34
CA SER F 85 -0.99 10.11 -23.02
C SER F 85 -1.36 9.65 -24.42
N LEU F 86 -0.70 8.62 -24.95
CA LEU F 86 -0.89 8.18 -26.32
C LEU F 86 -1.66 6.87 -26.43
N LYS F 87 -2.17 6.35 -25.32
CA LYS F 87 -2.83 5.05 -25.36
C LYS F 87 -4.23 5.16 -25.95
N PRO F 88 -5.05 6.13 -25.54
CA PRO F 88 -6.41 6.27 -26.07
C PRO F 88 -6.49 7.06 -27.38
N CYS F 89 -5.62 6.72 -28.33
CA CYS F 89 -5.54 7.44 -29.59
C CYS F 89 -5.50 6.45 -30.74
N VAL F 90 -5.79 6.97 -31.94
CA VAL F 90 -5.93 6.12 -33.12
C VAL F 90 -4.59 5.49 -33.47
N LYS F 91 -4.64 4.25 -33.94
CA LYS F 91 -3.45 3.54 -34.42
C LYS F 91 -3.53 3.48 -35.95
N LEU F 92 -2.51 4.01 -36.61
CA LEU F 92 -2.53 4.16 -38.07
C LEU F 92 -1.92 2.95 -38.78
N THR F 93 -2.42 1.76 -38.46
CA THR F 93 -1.98 0.58 -39.19
C THR F 93 -2.36 0.62 -40.66
N PRO F 94 -3.60 0.95 -41.04
CA PRO F 94 -3.98 0.88 -42.46
C PRO F 94 -3.30 1.92 -43.33
N LEU F 95 -2.56 2.87 -42.76
CA LEU F 95 -1.89 3.89 -43.56
C LEU F 95 -0.65 3.35 -44.28
N CYS F 96 -0.19 2.15 -43.94
CA CYS F 96 0.95 1.56 -44.62
C CYS F 96 0.45 0.97 -45.93
N VAL F 97 0.54 1.77 -47.00
CA VAL F 97 -0.04 1.43 -48.28
C VAL F 97 0.75 2.14 -49.37
N THR F 98 0.76 1.56 -50.57
CA THR F 98 1.42 2.19 -51.69
C THR F 98 0.75 3.52 -52.02
N LEU F 99 1.58 4.53 -52.30
CA LEU F 99 1.10 5.87 -52.63
C LEU F 99 1.61 6.26 -54.01
N GLN F 100 0.84 7.11 -54.69
CA GLN F 100 1.22 7.64 -56.00
C GLN F 100 1.33 9.15 -55.86
N CYS F 101 2.57 9.64 -55.86
CA CYS F 101 2.86 11.03 -55.52
C CYS F 101 3.36 11.80 -56.74
N THR F 102 3.20 13.12 -56.68
CA THR F 102 3.72 14.02 -57.69
C THR F 102 4.09 15.33 -57.02
N ASN F 103 5.01 16.06 -57.63
CA ASN F 103 5.49 17.31 -57.06
C ASN F 103 4.37 18.33 -56.99
N VAL F 104 4.41 19.17 -55.96
CA VAL F 104 3.48 20.28 -55.81
C VAL F 104 4.19 21.52 -56.34
N THR F 105 3.92 21.87 -57.59
CA THR F 105 4.50 23.06 -58.23
C THR F 105 3.34 23.99 -58.56
N ASN F 106 2.97 24.82 -57.58
CA ASN F 106 1.84 25.74 -57.74
C ASN F 106 2.07 26.90 -56.80
N ASN F 107 2.66 28.01 -57.39
CA ASN F 107 2.97 29.21 -56.62
C ASN F 107 3.90 28.89 -55.46
N ILE F 108 5.10 28.45 -55.80
CA ILE F 108 6.13 28.15 -54.81
C ILE F 108 7.39 28.93 -55.16
N THR F 109 8.18 29.22 -54.13
CA THR F 109 9.47 29.87 -54.32
C THR F 109 10.49 28.86 -54.82
N ASP F 110 11.73 29.33 -55.03
CA ASP F 110 12.78 28.45 -55.52
C ASP F 110 13.40 27.61 -54.42
N ASP F 111 13.11 27.89 -53.18
CA ASP F 111 13.67 27.11 -52.09
C ASP F 111 12.77 25.97 -51.63
N MET F 112 11.48 26.03 -51.96
CA MET F 112 10.53 24.98 -51.61
C MET F 112 10.26 24.02 -52.76
N ARG F 113 11.25 23.85 -53.65
CA ARG F 113 11.10 22.95 -54.79
C ARG F 113 11.39 21.52 -54.35
N GLY F 114 10.42 20.64 -54.55
CA GLY F 114 10.58 19.24 -54.19
C GLY F 114 10.43 18.95 -52.72
N GLU F 115 9.92 19.90 -51.93
CA GLU F 115 9.75 19.68 -50.50
C GLU F 115 8.36 19.18 -50.14
N LEU F 116 7.39 19.32 -51.04
CA LEU F 116 6.02 18.89 -50.81
C LEU F 116 5.60 17.95 -51.93
N LYS F 117 4.86 16.91 -51.57
CA LYS F 117 4.37 15.93 -52.53
C LYS F 117 2.86 15.79 -52.40
N ASN F 118 2.22 15.48 -53.52
CA ASN F 118 0.77 15.32 -53.61
C ASN F 118 0.48 13.85 -53.92
N CYS F 119 0.10 13.10 -52.89
CA CYS F 119 -0.06 11.65 -53.00
C CYS F 119 -1.53 11.27 -52.90
N SER F 120 -1.89 10.20 -53.61
CA SER F 120 -3.24 9.64 -53.57
C SER F 120 -3.15 8.14 -53.37
N PHE F 121 -4.16 7.59 -52.70
CA PHE F 121 -4.12 6.17 -52.32
C PHE F 121 -5.54 5.70 -52.02
N ASN F 122 -5.69 4.37 -51.98
CA ASN F 122 -6.94 3.75 -51.57
C ASN F 122 -6.96 3.55 -50.07
N MET F 123 -8.14 3.73 -49.47
CA MET F 123 -8.28 3.66 -48.03
C MET F 123 -9.52 2.87 -47.67
N THR F 124 -9.51 2.28 -46.48
CA THR F 124 -10.66 1.57 -45.96
C THR F 124 -11.74 2.55 -45.50
N THR F 125 -12.97 2.05 -45.45
CA THR F 125 -14.14 2.85 -45.06
C THR F 125 -14.71 2.30 -43.76
N GLU F 126 -15.76 2.95 -43.28
CA GLU F 126 -16.46 2.44 -42.09
C GLU F 126 -17.06 1.07 -42.34
N LEU F 127 -17.39 0.75 -43.60
CA LEU F 127 -17.92 -0.55 -43.97
C LEU F 127 -16.79 -1.45 -44.45
N ARG F 128 -16.80 -2.69 -44.00
CA ARG F 128 -15.71 -3.62 -44.27
C ARG F 128 -15.66 -4.08 -45.73
N ASP F 129 -16.67 -3.76 -46.53
CA ASP F 129 -16.74 -4.26 -47.90
C ASP F 129 -16.08 -3.33 -48.90
N LYS F 130 -16.29 -2.02 -48.77
CA LYS F 130 -15.92 -1.07 -49.81
C LYS F 130 -14.78 -0.18 -49.36
N LYS F 131 -14.12 0.43 -50.34
CA LYS F 131 -12.96 1.27 -50.13
C LYS F 131 -13.18 2.62 -50.78
N GLN F 132 -12.32 3.57 -50.44
CA GLN F 132 -12.40 4.94 -50.94
C GLN F 132 -11.05 5.38 -51.46
N LYS F 133 -11.07 6.27 -52.44
CA LYS F 133 -9.86 6.87 -52.98
C LYS F 133 -9.72 8.28 -52.43
N VAL F 134 -8.58 8.57 -51.82
CA VAL F 134 -8.34 9.83 -51.14
C VAL F 134 -6.97 10.36 -51.54
N TYR F 135 -6.69 11.60 -51.16
CA TYR F 135 -5.40 12.22 -51.42
C TYR F 135 -5.04 13.12 -50.26
N SER F 136 -3.74 13.38 -50.12
CA SER F 136 -3.24 14.21 -49.03
C SER F 136 -1.86 14.72 -49.41
N LEU F 137 -1.42 15.75 -48.69
CA LEU F 137 -0.11 16.36 -48.91
C LEU F 137 0.87 15.86 -47.86
N PHE F 138 2.04 15.43 -48.29
CA PHE F 138 3.06 14.91 -47.40
C PHE F 138 4.36 15.66 -47.63
N TYR F 139 5.14 15.79 -46.56
CA TYR F 139 6.46 16.39 -46.65
C TYR F 139 7.45 15.38 -47.19
N ARG F 140 8.46 15.87 -47.92
CA ARG F 140 9.42 14.98 -48.57
C ARG F 140 10.25 14.19 -47.58
N LEU F 141 10.25 14.56 -46.30
CA LEU F 141 11.03 13.86 -45.30
C LEU F 141 10.32 12.63 -44.72
N ASP F 142 9.07 12.38 -45.13
CA ASP F 142 8.29 11.27 -44.60
C ASP F 142 7.98 10.20 -45.61
N VAL F 143 8.49 10.31 -46.84
CA VAL F 143 8.16 9.36 -47.90
C VAL F 143 9.45 8.86 -48.53
N VAL F 144 9.46 7.58 -48.88
CA VAL F 144 10.60 6.91 -49.48
C VAL F 144 10.14 6.23 -50.77
N GLN F 145 10.88 6.41 -51.85
CA GLN F 145 10.55 5.75 -53.09
C GLN F 145 10.82 4.25 -52.99
N ILE F 146 10.00 3.47 -53.70
CA ILE F 146 10.13 2.02 -53.73
C ILE F 146 10.17 1.58 -55.19
N ASN F 147 11.11 0.70 -55.50
CA ASN F 147 11.25 0.18 -56.85
C ASN F 147 11.78 -1.26 -56.83
N SER F 157 4.82 9.02 -65.17
CA SER F 157 5.80 9.11 -64.10
C SER F 157 5.17 8.76 -62.75
N ASN F 158 4.88 9.78 -61.95
CA ASN F 158 4.20 9.64 -60.66
C ASN F 158 4.62 8.36 -59.95
N LYS F 159 5.92 8.26 -59.69
CA LYS F 159 6.50 7.10 -59.03
C LYS F 159 5.76 6.82 -57.73
N GLU F 160 5.94 5.62 -57.18
CA GLU F 160 5.21 5.19 -56.00
C GLU F 160 6.11 5.19 -54.78
N TYR F 161 5.58 5.69 -53.67
CA TYR F 161 6.33 5.89 -52.43
C TYR F 161 5.68 5.08 -51.30
N ARG F 162 6.20 5.27 -50.09
CA ARG F 162 5.59 4.72 -48.89
C ARG F 162 6.07 5.53 -47.71
N LEU F 163 5.32 5.46 -46.62
CA LEU F 163 5.73 6.17 -45.41
C LEU F 163 7.03 5.57 -44.88
N ILE F 164 7.87 6.43 -44.32
CA ILE F 164 9.24 6.03 -43.98
C ILE F 164 9.26 4.96 -42.90
N ASN F 165 8.23 4.90 -42.06
CA ASN F 165 8.24 4.03 -40.89
C ASN F 165 7.61 2.68 -41.14
N CYS F 166 7.17 2.38 -42.37
CA CYS F 166 6.39 1.16 -42.59
C CYS F 166 7.19 -0.11 -42.34
N ASN F 167 8.52 -0.05 -42.42
CA ASN F 167 9.35 -1.24 -42.23
C ASN F 167 9.94 -1.33 -40.83
N THR F 168 9.49 -0.51 -39.90
CA THR F 168 9.99 -0.59 -38.53
C THR F 168 8.87 -0.69 -37.50
N SER F 169 7.76 0.01 -37.70
CA SER F 169 6.67 0.01 -36.73
C SER F 169 5.48 0.74 -37.34
N ALA F 170 4.42 0.84 -36.57
CA ALA F 170 3.21 1.56 -36.97
C ALA F 170 3.03 2.76 -36.06
N CYS F 171 2.76 3.92 -36.66
CA CYS F 171 2.66 5.15 -35.91
C CYS F 171 1.29 5.27 -35.24
N THR F 172 1.26 6.03 -34.15
CA THR F 172 0.05 6.32 -33.41
C THR F 172 -0.27 7.80 -33.57
N GLN F 173 -1.46 8.11 -34.05
CA GLN F 173 -1.84 9.49 -34.27
C GLN F 173 -2.10 10.18 -32.94
N ALA F 174 -1.51 11.36 -32.75
CA ALA F 174 -1.71 12.12 -31.53
C ALA F 174 -3.13 12.64 -31.48
N CYS F 175 -3.78 12.46 -30.34
CA CYS F 175 -5.17 12.89 -30.21
C CYS F 175 -5.26 14.41 -30.37
N PRO F 176 -6.12 14.92 -31.25
CA PRO F 176 -6.06 16.34 -31.60
C PRO F 176 -6.37 17.28 -30.45
N LYS F 177 -7.09 16.82 -29.41
CA LYS F 177 -7.47 17.72 -28.33
C LYS F 177 -6.31 18.00 -27.39
N VAL F 178 -5.47 16.99 -27.12
CA VAL F 178 -4.37 17.17 -26.17
C VAL F 178 -3.41 18.22 -26.69
N SER F 179 -2.83 18.98 -25.76
CA SER F 179 -1.88 20.03 -26.09
C SER F 179 -0.51 19.70 -25.53
N PHE F 180 0.52 20.22 -26.19
CA PHE F 180 1.91 19.94 -25.83
C PHE F 180 2.54 21.04 -24.97
N GLU F 181 1.76 22.05 -24.59
CA GLU F 181 2.33 23.18 -23.86
C GLU F 181 2.94 22.70 -22.55
N PRO F 182 4.19 23.06 -22.25
CA PRO F 182 4.77 22.68 -20.96
C PRO F 182 4.07 23.38 -19.80
N ILE F 183 4.03 22.70 -18.67
CA ILE F 183 3.40 23.22 -17.45
C ILE F 183 4.38 23.04 -16.30
N PRO F 184 4.58 24.04 -15.44
CA PRO F 184 5.54 23.85 -14.34
C PRO F 184 5.17 22.68 -13.44
N ILE F 185 6.19 21.98 -12.97
CA ILE F 185 6.02 20.84 -12.08
C ILE F 185 6.97 21.01 -10.89
N HIS F 186 6.49 20.64 -9.71
CA HIS F 186 7.28 20.69 -8.48
C HIS F 186 7.50 19.27 -7.97
N TYR F 187 8.76 18.93 -7.68
CA TYR F 187 9.10 17.65 -7.12
C TYR F 187 9.24 17.77 -5.61
N CYS F 188 8.57 16.88 -4.88
CA CYS F 188 8.54 16.93 -3.42
C CYS F 188 9.01 15.60 -2.86
N ALA F 189 9.52 15.64 -1.63
CA ALA F 189 10.08 14.45 -0.99
C ALA F 189 9.15 13.95 0.11
N PRO F 190 9.18 12.65 0.42
CA PRO F 190 8.29 12.12 1.46
C PRO F 190 8.68 12.58 2.86
N ALA F 191 7.94 12.12 3.86
CA ALA F 191 8.30 12.41 5.24
C ALA F 191 9.52 11.60 5.64
N GLY F 192 10.39 12.20 6.45
CA GLY F 192 11.64 11.60 6.83
C GLY F 192 12.79 11.89 5.88
N PHE F 193 12.53 12.58 4.77
CA PHE F 193 13.55 13.01 3.84
C PHE F 193 13.49 14.53 3.70
N ALA F 194 14.46 15.08 2.98
CA ALA F 194 14.51 16.52 2.78
C ALA F 194 15.31 16.81 1.53
N ILE F 195 15.13 18.02 1.01
CA ILE F 195 15.84 18.51 -0.16
C ILE F 195 16.66 19.73 0.25
N LEU F 196 17.94 19.72 -0.05
CA LEU F 196 18.82 20.84 0.22
C LEU F 196 19.05 21.63 -1.05
N LYS F 197 19.08 22.95 -0.92
CA LYS F 197 19.27 23.85 -2.06
C LYS F 197 20.48 24.72 -1.82
N CYS F 198 21.30 24.90 -2.85
CA CYS F 198 22.50 25.71 -2.76
C CYS F 198 22.18 27.13 -3.25
N LYS F 199 22.37 28.11 -2.37
CA LYS F 199 22.04 29.49 -2.67
C LYS F 199 23.22 30.30 -3.16
N ASP F 200 24.39 29.68 -3.33
CA ASP F 200 25.55 30.40 -3.81
C ASP F 200 25.34 30.84 -5.26
N LYS F 201 25.71 32.08 -5.55
CA LYS F 201 25.53 32.63 -6.89
C LYS F 201 26.70 32.34 -7.83
N LYS F 202 27.80 31.80 -7.31
CA LYS F 202 28.95 31.43 -8.13
C LYS F 202 29.21 29.93 -8.09
N PHE F 203 28.21 29.14 -7.73
CA PHE F 203 28.37 27.69 -7.71
C PHE F 203 28.59 27.17 -9.11
N ASN F 204 29.56 26.27 -9.26
CA ASN F 204 29.92 25.72 -10.57
C ASN F 204 29.50 24.26 -10.72
N GLY F 205 28.57 23.80 -9.87
CA GLY F 205 27.98 22.49 -10.01
C GLY F 205 28.63 21.39 -9.22
N THR F 206 29.87 21.59 -8.76
CA THR F 206 30.58 20.57 -8.00
C THR F 206 31.38 21.26 -6.89
N GLY F 207 31.59 20.52 -5.81
CA GLY F 207 32.38 21.01 -4.70
C GLY F 207 31.52 21.38 -3.51
N PRO F 208 32.10 22.11 -2.55
CA PRO F 208 31.34 22.51 -1.36
C PRO F 208 30.57 23.80 -1.54
N CYS F 209 29.29 23.80 -1.19
CA CYS F 209 28.46 25.00 -1.27
C CYS F 209 28.38 25.64 0.11
N PRO F 210 28.90 26.85 0.31
CA PRO F 210 28.92 27.42 1.67
C PRO F 210 27.61 28.06 2.11
N SER F 211 26.62 28.19 1.23
CA SER F 211 25.32 28.76 1.58
C SER F 211 24.24 27.76 1.21
N VAL F 212 23.55 27.22 2.21
CA VAL F 212 22.60 26.13 2.02
C VAL F 212 21.29 26.47 2.70
N SER F 213 20.23 25.80 2.24
CA SER F 213 18.91 25.92 2.84
C SER F 213 18.12 24.68 2.46
N THR F 214 17.05 24.42 3.21
CA THR F 214 16.25 23.21 3.03
C THR F 214 14.83 23.58 2.64
N VAL F 215 14.28 22.80 1.71
CA VAL F 215 12.93 22.99 1.21
C VAL F 215 12.25 21.64 1.13
N GLN F 216 10.95 21.66 0.84
CA GLN F 216 10.17 20.43 0.66
C GLN F 216 9.78 20.18 -0.78
N CYS F 217 9.81 21.20 -1.65
CA CYS F 217 9.49 21.03 -3.05
C CYS F 217 10.34 22.00 -3.86
N THR F 218 10.75 21.56 -5.05
CA THR F 218 11.52 22.40 -5.94
C THR F 218 10.63 23.43 -6.62
N HIS F 219 11.24 24.46 -7.18
CA HIS F 219 10.49 25.45 -7.92
C HIS F 219 9.92 24.82 -9.19
N GLY F 220 8.99 25.54 -9.82
CA GLY F 220 8.36 25.03 -11.03
C GLY F 220 9.33 24.84 -12.17
N ILE F 221 9.45 23.62 -12.66
CA ILE F 221 10.35 23.27 -13.75
C ILE F 221 9.50 22.89 -14.95
N LYS F 222 9.71 23.58 -16.07
CA LYS F 222 8.94 23.32 -17.28
C LYS F 222 9.66 22.28 -18.13
N PRO F 223 9.03 21.16 -18.48
CA PRO F 223 9.72 20.17 -19.33
C PRO F 223 9.73 20.55 -20.81
N VAL F 224 10.68 21.40 -21.18
CA VAL F 224 10.83 21.86 -22.55
C VAL F 224 11.86 20.98 -23.25
N VAL F 225 11.49 20.46 -24.41
CA VAL F 225 12.33 19.55 -25.18
C VAL F 225 12.92 20.30 -26.35
N SER F 226 14.25 20.25 -26.49
CA SER F 226 14.94 20.93 -27.57
C SER F 226 16.37 20.39 -27.62
N THR F 227 17.13 20.85 -28.60
CA THR F 227 18.53 20.47 -28.75
C THR F 227 19.35 21.68 -29.19
N GLN F 228 20.60 21.73 -28.72
CA GLN F 228 21.56 22.76 -29.09
C GLN F 228 21.24 24.10 -28.46
N LEU F 229 20.09 24.23 -27.82
CA LEU F 229 19.62 25.52 -27.33
C LEU F 229 18.61 25.26 -26.23
N LEU F 230 18.78 25.91 -25.08
CA LEU F 230 17.89 25.75 -23.95
C LEU F 230 16.91 26.91 -23.94
N LEU F 231 15.62 26.61 -23.99
CA LEU F 231 14.57 27.60 -24.17
C LEU F 231 13.72 27.72 -22.90
N ASN F 232 13.28 28.94 -22.61
CA ASN F 232 12.33 29.19 -21.54
C ASN F 232 12.83 28.62 -20.22
N GLY F 233 14.12 28.79 -19.95
CA GLY F 233 14.75 28.27 -18.76
C GLY F 233 14.96 29.33 -17.70
N SER F 234 15.95 29.09 -16.85
CA SER F 234 16.32 29.99 -15.76
C SER F 234 17.65 30.65 -16.07
N LEU F 235 17.80 31.88 -15.60
CA LEU F 235 18.98 32.70 -15.90
C LEU F 235 19.87 32.82 -14.66
N ALA F 236 21.17 32.94 -14.91
CA ALA F 236 22.11 33.18 -13.84
C ALA F 236 21.96 34.59 -13.30
N GLU F 237 22.31 34.77 -12.03
CA GLU F 237 22.10 36.05 -11.36
C GLU F 237 23.22 37.05 -11.61
N GLU F 238 24.47 36.59 -11.73
CA GLU F 238 25.61 37.50 -11.79
C GLU F 238 26.36 37.43 -13.11
N GLU F 239 26.76 36.25 -13.54
CA GLU F 239 27.61 36.13 -14.72
C GLU F 239 27.29 34.84 -15.46
N VAL F 240 27.72 34.79 -16.72
CA VAL F 240 27.57 33.56 -17.51
C VAL F 240 28.35 32.45 -16.82
N MET F 241 27.71 31.30 -16.67
CA MET F 241 28.26 30.18 -15.94
C MET F 241 28.58 29.03 -16.90
N ILE F 242 29.80 28.53 -16.84
CA ILE F 242 30.24 27.38 -17.62
C ILE F 242 30.41 26.20 -16.67
N ARG F 243 29.80 25.07 -17.01
CA ARG F 243 29.85 23.88 -16.17
C ARG F 243 30.17 22.67 -17.03
N SER F 244 31.02 21.79 -16.48
CA SER F 244 31.38 20.57 -17.17
C SER F 244 31.90 19.56 -16.16
N GLU F 245 31.71 18.28 -16.46
CA GLU F 245 32.20 17.23 -15.57
C GLU F 245 33.71 17.27 -15.47
N ASN F 246 34.40 17.45 -16.60
CA ASN F 246 35.85 17.52 -16.63
C ASN F 246 36.23 18.40 -17.81
N ILE F 247 36.54 19.67 -17.53
CA ILE F 247 36.75 20.64 -18.59
C ILE F 247 37.92 20.23 -19.49
N THR F 248 38.90 19.52 -18.93
CA THR F 248 40.08 19.13 -19.70
C THR F 248 39.84 17.95 -20.63
N ASN F 249 38.74 17.23 -20.46
CA ASN F 249 38.39 16.11 -21.32
C ASN F 249 37.42 16.59 -22.40
N ASN F 250 37.74 16.27 -23.65
CA ASN F 250 36.95 16.75 -24.78
C ASN F 250 35.78 15.83 -25.12
N ALA F 251 35.60 14.74 -24.39
CA ALA F 251 34.47 13.84 -24.60
C ALA F 251 33.29 14.18 -23.71
N LYS F 252 33.37 15.26 -22.95
CA LYS F 252 32.31 15.67 -22.03
C LYS F 252 31.69 16.98 -22.50
N ASN F 253 30.36 17.06 -22.44
CA ASN F 253 29.66 18.24 -22.89
C ASN F 253 29.86 19.40 -21.92
N ILE F 254 29.67 20.61 -22.43
CA ILE F 254 29.77 21.84 -21.66
C ILE F 254 28.40 22.49 -21.64
N LEU F 255 27.96 22.91 -20.45
CA LEU F 255 26.68 23.58 -20.28
C LEU F 255 26.93 25.06 -19.99
N VAL F 256 26.18 25.92 -20.65
CA VAL F 256 26.33 27.37 -20.54
C VAL F 256 24.99 27.95 -20.10
N GLN F 257 25.03 28.83 -19.11
CA GLN F 257 23.84 29.52 -18.61
C GLN F 257 24.01 31.01 -18.86
N PHE F 258 23.00 31.62 -19.47
CA PHE F 258 23.11 33.01 -19.89
C PHE F 258 22.79 33.95 -18.74
N ASN F 259 23.40 35.13 -18.79
CA ASN F 259 23.10 36.19 -17.83
C ASN F 259 21.78 36.89 -18.15
N THR F 260 21.49 37.07 -19.44
CA THR F 260 20.26 37.72 -19.89
C THR F 260 19.65 36.92 -21.03
N PRO F 261 18.35 37.04 -21.25
CA PRO F 261 17.70 36.27 -22.31
C PRO F 261 17.96 36.84 -23.69
N VAL F 262 17.84 35.97 -24.69
CA VAL F 262 17.91 36.35 -26.09
C VAL F 262 16.63 35.88 -26.76
N GLN F 263 15.95 36.80 -27.45
CA GLN F 263 14.65 36.50 -28.03
C GLN F 263 14.80 35.83 -29.39
N ILE F 264 13.90 34.89 -29.67
CA ILE F 264 13.88 34.17 -30.95
C ILE F 264 12.43 34.11 -31.43
N ASN F 265 12.20 34.47 -32.69
CA ASN F 265 10.87 34.47 -33.29
C ASN F 265 10.85 33.45 -34.41
N CYS F 266 9.86 32.55 -34.38
CA CYS F 266 9.72 31.50 -35.38
C CYS F 266 8.29 31.47 -35.90
N THR F 267 8.13 31.11 -37.17
CA THR F 267 6.82 31.11 -37.79
C THR F 267 6.80 30.13 -38.96
N ARG F 268 5.59 29.66 -39.27
CA ARG F 268 5.34 28.84 -40.46
C ARG F 268 4.36 29.61 -41.34
N PRO F 269 4.83 30.31 -42.38
CA PRO F 269 3.97 31.25 -43.13
C PRO F 269 3.12 30.60 -44.22
N ASN F 270 2.43 29.52 -43.85
CA ASN F 270 1.56 28.81 -44.78
C ASN F 270 0.19 28.64 -44.15
N ASN F 271 -0.85 29.02 -44.88
CA ASN F 271 -2.22 28.88 -44.41
C ASN F 271 -2.68 27.47 -44.76
N ASN F 272 -2.54 26.56 -43.80
CA ASN F 272 -2.85 25.16 -44.03
C ASN F 272 -4.35 24.90 -43.86
N THR F 273 -4.79 23.78 -44.42
CA THR F 273 -6.17 23.33 -44.31
C THR F 273 -6.18 21.89 -43.84
N ARG F 274 -7.21 21.53 -43.07
CA ARG F 274 -7.33 20.20 -42.51
C ARG F 274 -8.52 19.47 -43.11
N LYS F 275 -8.38 18.16 -43.25
CA LYS F 275 -9.42 17.28 -43.76
C LYS F 275 -9.62 16.13 -42.80
N SER F 276 -10.85 15.64 -42.74
CA SER F 276 -11.19 14.49 -41.90
C SER F 276 -11.56 13.32 -42.80
N ILE F 277 -10.88 12.19 -42.60
CA ILE F 277 -11.13 10.97 -43.35
C ILE F 277 -11.49 9.87 -42.38
N ARG F 278 -12.62 9.22 -42.61
CA ARG F 278 -13.10 8.16 -41.73
C ARG F 278 -12.56 6.82 -42.23
N ILE F 279 -11.62 6.24 -41.48
CA ILE F 279 -10.96 5.01 -41.88
C ILE F 279 -11.52 3.78 -41.18
N GLY F 280 -12.51 3.95 -40.33
CA GLY F 280 -13.09 2.84 -39.61
C GLY F 280 -14.22 3.29 -38.71
N PRO F 281 -14.84 2.35 -38.00
CA PRO F 281 -15.92 2.73 -37.08
C PRO F 281 -15.42 3.59 -35.93
N GLY F 282 -15.85 4.85 -35.90
CA GLY F 282 -15.41 5.75 -34.85
C GLY F 282 -13.91 6.01 -34.86
N GLN F 283 -13.34 6.22 -36.05
CA GLN F 283 -11.92 6.52 -36.18
C GLN F 283 -11.73 7.44 -37.37
N ALA F 284 -10.88 8.45 -37.19
CA ALA F 284 -10.63 9.45 -38.22
C ALA F 284 -9.14 9.67 -38.37
N PHE F 285 -8.74 10.03 -39.59
CA PHE F 285 -7.36 10.37 -39.91
C PHE F 285 -7.36 11.76 -40.50
N TYR F 286 -6.57 12.67 -39.91
CA TYR F 286 -6.60 14.08 -40.29
C TYR F 286 -5.51 14.33 -41.32
N ALA F 287 -5.91 14.53 -42.56
CA ALA F 287 -5.00 14.77 -43.66
C ALA F 287 -4.84 16.26 -43.90
N THR F 288 -3.97 16.61 -44.85
CA THR F 288 -3.71 18.00 -45.22
C THR F 288 -4.33 18.26 -46.58
N GLY F 289 -5.24 19.23 -46.64
CA GLY F 289 -5.85 19.60 -47.88
C GLY F 289 -4.95 20.50 -48.71
N ASP F 290 -5.53 21.47 -49.39
CA ASP F 290 -4.75 22.42 -50.18
C ASP F 290 -4.26 23.56 -49.30
N ILE F 291 -3.30 24.31 -49.83
CA ILE F 291 -2.72 25.47 -49.15
C ILE F 291 -3.36 26.71 -49.74
N ILE F 292 -3.94 27.55 -48.89
CA ILE F 292 -4.67 28.73 -49.33
C ILE F 292 -3.66 29.87 -49.44
N GLY F 293 -3.25 30.17 -50.67
CA GLY F 293 -2.35 31.28 -50.94
C GLY F 293 -1.01 30.80 -51.47
N ASP F 294 0.05 31.47 -51.03
CA ASP F 294 1.40 31.19 -51.49
C ASP F 294 2.09 30.21 -50.55
N ILE F 295 3.20 29.64 -51.02
CA ILE F 295 3.98 28.66 -50.28
C ILE F 295 5.38 29.23 -50.05
N ARG F 296 5.79 29.27 -48.79
CA ARG F 296 7.09 29.82 -48.43
C ARG F 296 7.69 29.00 -47.29
N GLN F 297 8.99 29.13 -47.12
CA GLN F 297 9.72 28.38 -46.11
C GLN F 297 9.47 28.94 -44.71
N ALA F 298 9.63 28.08 -43.72
CA ALA F 298 9.58 28.49 -42.32
C ALA F 298 10.98 28.86 -41.86
N HIS F 299 11.06 29.77 -40.89
CA HIS F 299 12.34 30.30 -40.46
C HIS F 299 12.24 30.79 -39.02
N CYS F 300 13.37 31.24 -38.48
CA CYS F 300 13.44 31.82 -37.16
C CYS F 300 14.34 33.06 -37.22
N ASN F 301 14.08 34.02 -36.34
CA ASN F 301 14.81 35.27 -36.32
C ASN F 301 15.45 35.49 -34.95
N VAL F 302 16.70 35.99 -34.97
CA VAL F 302 17.37 36.50 -33.78
C VAL F 302 18.05 37.80 -34.15
N SER F 303 18.28 38.63 -33.14
CA SER F 303 18.90 39.93 -33.36
C SER F 303 20.40 39.80 -33.46
N LYS F 304 20.98 40.35 -34.54
CA LYS F 304 22.42 40.21 -34.75
C LYS F 304 23.21 40.88 -33.64
N ALA F 305 22.79 42.08 -33.23
CA ALA F 305 23.52 42.79 -32.19
C ALA F 305 23.45 42.05 -30.86
N THR F 306 22.25 41.60 -30.47
CA THR F 306 22.11 40.94 -29.18
C THR F 306 22.88 39.64 -29.14
N TRP F 307 22.85 38.86 -30.22
CA TRP F 307 23.60 37.61 -30.25
C TRP F 307 25.10 37.87 -30.12
N ASN F 308 25.60 38.90 -30.80
CA ASN F 308 27.04 39.17 -30.77
C ASN F 308 27.49 39.50 -29.35
N GLU F 309 26.71 40.31 -28.62
CA GLU F 309 27.09 40.64 -27.25
C GLU F 309 27.16 39.37 -26.39
N THR F 310 26.13 38.53 -26.47
CA THR F 310 26.10 37.34 -25.63
C THR F 310 27.27 36.43 -25.93
N LEU F 311 27.61 36.24 -27.20
CA LEU F 311 28.75 35.39 -27.52
C LEU F 311 30.04 35.98 -26.97
N GLY F 312 30.15 37.31 -26.92
CA GLY F 312 31.35 37.90 -26.36
C GLY F 312 31.54 37.58 -24.89
N LYS F 313 30.44 37.62 -24.12
CA LYS F 313 30.52 37.28 -22.71
C LYS F 313 30.90 35.82 -22.51
N VAL F 314 30.38 34.93 -23.34
CA VAL F 314 30.72 33.51 -23.24
C VAL F 314 32.21 33.32 -23.47
N VAL F 315 32.78 34.02 -24.44
CA VAL F 315 34.19 33.88 -24.74
C VAL F 315 35.03 34.33 -23.56
N LYS F 316 34.66 35.45 -22.93
CA LYS F 316 35.43 35.97 -21.82
C LYS F 316 35.50 34.97 -20.67
N GLN F 317 34.39 34.28 -20.41
CA GLN F 317 34.35 33.31 -19.32
C GLN F 317 34.95 31.96 -19.72
N LEU F 318 35.19 31.72 -21.00
CA LEU F 318 35.81 30.48 -21.45
C LEU F 318 37.32 30.54 -21.41
N ARG F 319 37.90 31.73 -21.50
CA ARG F 319 39.36 31.86 -21.48
C ARG F 319 39.93 31.55 -20.11
N LYS F 320 39.13 31.64 -19.05
CA LYS F 320 39.63 31.35 -17.71
C LYS F 320 40.14 29.92 -17.59
N HIS F 321 39.58 29.01 -18.38
CA HIS F 321 40.01 27.61 -18.38
C HIS F 321 41.03 27.31 -19.48
N PHE F 322 41.37 28.29 -20.31
CA PHE F 322 42.27 28.03 -21.44
C PHE F 322 43.34 29.10 -21.63
N GLY F 323 43.37 30.15 -20.83
CA GLY F 323 44.38 31.18 -20.94
C GLY F 323 43.90 32.37 -21.74
N ASN F 324 44.58 33.50 -21.55
CA ASN F 324 44.20 34.75 -22.17
C ASN F 324 44.75 34.92 -23.58
N ASN F 325 45.62 34.03 -24.04
CA ASN F 325 46.28 34.17 -25.33
C ASN F 325 45.97 32.99 -26.24
N THR F 326 44.70 32.59 -26.28
CA THR F 326 44.24 31.51 -27.13
C THR F 326 43.12 32.01 -28.03
N ILE F 327 43.08 31.49 -29.25
CA ILE F 327 42.06 31.84 -30.22
C ILE F 327 40.84 30.96 -29.99
N ILE F 328 39.66 31.57 -29.92
CA ILE F 328 38.40 30.87 -29.73
C ILE F 328 37.56 31.05 -30.98
N ARG F 329 37.11 29.94 -31.55
CA ARG F 329 36.32 29.97 -32.77
C ARG F 329 35.13 29.02 -32.64
N PHE F 330 34.07 29.32 -33.37
CA PHE F 330 32.83 28.57 -33.33
C PHE F 330 32.51 28.02 -34.72
N ALA F 331 32.10 26.76 -34.78
CA ALA F 331 31.75 26.11 -36.02
C ALA F 331 30.45 25.33 -35.83
N ASN F 332 29.76 25.10 -36.94
CA ASN F 332 28.50 24.38 -36.88
C ASN F 332 28.73 22.90 -36.63
N SER F 333 27.63 22.19 -36.36
CA SER F 333 27.70 20.77 -36.01
C SER F 333 28.48 19.99 -37.05
N SER F 334 29.02 18.85 -36.66
CA SER F 334 29.83 18.04 -37.57
C SER F 334 28.96 17.18 -38.47
N GLY F 335 28.19 16.27 -37.87
CA GLY F 335 27.34 15.39 -38.65
C GLY F 335 26.52 14.51 -37.75
N GLY F 336 25.63 13.74 -38.37
CA GLY F 336 24.75 12.85 -37.67
C GLY F 336 23.36 12.90 -38.27
N ASP F 337 22.39 12.43 -37.50
CA ASP F 337 21.01 12.46 -37.93
C ASP F 337 20.42 13.86 -37.76
N LEU F 338 19.27 14.08 -38.40
CA LEU F 338 18.67 15.42 -38.39
C LEU F 338 18.39 15.90 -36.99
N GLU F 339 18.07 14.99 -36.06
CA GLU F 339 17.72 15.38 -34.71
C GLU F 339 18.92 15.84 -33.89
N VAL F 340 20.15 15.65 -34.40
CA VAL F 340 21.34 16.02 -33.67
C VAL F 340 22.07 17.21 -34.29
N THR F 341 22.04 17.34 -35.62
CA THR F 341 22.73 18.42 -36.30
C THR F 341 21.87 19.66 -36.49
N THR F 342 20.68 19.69 -35.90
CA THR F 342 19.77 20.82 -36.04
C THR F 342 19.17 21.16 -34.68
N HIS F 343 18.63 22.37 -34.58
CA HIS F 343 17.98 22.84 -33.36
C HIS F 343 16.52 22.46 -33.43
N SER F 344 16.16 21.36 -32.77
CA SER F 344 14.79 20.87 -32.79
C SER F 344 13.98 21.48 -31.64
N PHE F 345 12.68 21.61 -31.89
CA PHE F 345 11.76 22.11 -30.87
C PHE F 345 10.35 21.98 -31.42
N ASN F 346 9.38 22.26 -30.55
CA ASN F 346 7.97 22.14 -30.88
C ASN F 346 7.29 23.48 -30.62
N CYS F 347 6.69 24.06 -31.64
CA CYS F 347 6.13 25.40 -31.59
C CYS F 347 4.62 25.33 -31.85
N GLY F 348 3.86 25.13 -30.78
CA GLY F 348 2.41 25.15 -30.89
C GLY F 348 1.85 24.05 -31.77
N GLY F 349 2.36 22.83 -31.63
CA GLY F 349 1.82 21.70 -32.36
C GLY F 349 2.75 21.15 -33.42
N GLU F 350 3.41 22.02 -34.17
CA GLU F 350 4.32 21.58 -35.21
C GLU F 350 5.71 21.32 -34.64
N PHE F 351 6.49 20.53 -35.37
CA PHE F 351 7.84 20.16 -34.96
C PHE F 351 8.82 20.73 -35.96
N PHE F 352 9.72 21.59 -35.50
CA PHE F 352 10.67 22.30 -36.35
C PHE F 352 12.03 21.63 -36.29
N TYR F 353 12.84 21.89 -37.33
CA TYR F 353 14.24 21.45 -37.38
C TYR F 353 15.01 22.57 -38.08
N CYS F 354 15.55 23.48 -37.30
CA CYS F 354 16.20 24.68 -37.83
C CYS F 354 17.69 24.46 -38.00
N ASN F 355 18.26 25.18 -38.97
CA ASN F 355 19.66 25.03 -39.35
C ASN F 355 20.45 26.15 -38.68
N THR F 356 21.03 25.84 -37.52
CA THR F 356 21.77 26.83 -36.74
C THR F 356 23.23 26.90 -37.19
N SER F 357 23.42 27.24 -38.46
CA SER F 357 24.75 27.42 -39.00
C SER F 357 25.14 28.88 -39.16
N GLY F 358 24.17 29.80 -39.11
CA GLY F 358 24.46 31.21 -39.10
C GLY F 358 24.75 31.80 -37.74
N LEU F 359 24.58 31.02 -36.68
CA LEU F 359 24.88 31.47 -35.33
C LEU F 359 26.33 31.19 -34.95
N PHE F 360 26.81 29.97 -35.22
CA PHE F 360 28.16 29.55 -34.83
C PHE F 360 29.08 29.73 -36.03
N ASN F 361 29.46 30.98 -36.27
CA ASN F 361 30.30 31.35 -37.41
C ASN F 361 31.09 32.59 -36.98
N SER F 362 32.28 32.37 -36.43
CA SER F 362 33.06 33.48 -35.89
C SER F 362 34.39 32.97 -35.39
N THR F 363 35.31 33.91 -35.16
CA THR F 363 36.59 33.64 -34.53
C THR F 363 36.97 34.84 -33.70
N TRP F 364 37.48 34.60 -32.49
CA TRP F 364 37.78 35.65 -31.53
C TRP F 364 39.27 35.65 -31.21
N ILE F 365 39.89 36.82 -31.31
CA ILE F 365 41.31 36.95 -31.09
C ILE F 365 41.58 37.23 -29.60
N SER F 366 42.81 36.98 -29.18
CA SER F 366 43.16 37.13 -27.77
C SER F 366 43.07 38.57 -27.28
N ASN F 367 43.07 39.55 -28.19
CA ASN F 367 42.99 40.95 -27.78
C ASN F 367 41.81 41.20 -26.86
N ASN F 379 19.32 46.08 -35.09
CA ASN F 379 18.98 46.64 -36.40
C ASN F 379 18.58 45.53 -37.36
N ASP F 380 19.54 44.68 -37.72
CA ASP F 380 19.31 43.59 -38.65
C ASP F 380 18.87 42.35 -37.89
N SER F 381 18.84 41.21 -38.58
CA SER F 381 18.45 39.95 -37.96
C SER F 381 19.17 38.82 -38.68
N ILE F 382 19.23 37.67 -38.01
CA ILE F 382 19.78 36.45 -38.58
C ILE F 382 18.60 35.50 -38.79
N THR F 383 18.44 35.01 -40.02
CA THR F 383 17.36 34.11 -40.37
C THR F 383 17.89 32.70 -40.48
N LEU F 384 17.23 31.77 -39.78
CA LEU F 384 17.62 30.36 -39.80
C LEU F 384 16.57 29.55 -40.54
N PRO F 385 16.84 29.03 -41.74
CA PRO F 385 15.83 28.21 -42.42
C PRO F 385 15.53 26.95 -41.62
N CYS F 386 14.26 26.54 -41.63
CA CYS F 386 13.81 25.39 -40.88
C CYS F 386 12.92 24.50 -41.73
N ARG F 387 12.90 23.22 -41.40
CA ARG F 387 12.04 22.23 -42.03
C ARG F 387 11.00 21.74 -41.03
N ILE F 388 10.11 20.87 -41.49
CA ILE F 388 9.04 20.35 -40.66
C ILE F 388 8.87 18.86 -40.93
N LYS F 389 8.37 18.16 -39.92
CA LYS F 389 8.17 16.71 -39.98
C LYS F 389 6.83 16.38 -39.36
N GLN F 390 6.33 15.18 -39.70
CA GLN F 390 5.11 14.66 -39.11
C GLN F 390 5.27 13.33 -38.41
N ILE F 391 6.35 12.59 -38.68
CA ILE F 391 6.64 11.34 -38.00
C ILE F 391 7.80 11.59 -37.05
N ILE F 392 7.53 11.44 -35.74
CA ILE F 392 8.44 11.87 -34.70
C ILE F 392 8.92 10.65 -33.93
N ASN F 393 10.23 10.61 -33.68
CA ASN F 393 10.86 9.58 -32.86
C ASN F 393 11.49 10.27 -31.67
N MET F 394 10.80 10.25 -30.52
CA MET F 394 11.27 10.94 -29.33
C MET F 394 12.10 10.00 -28.45
N TRP F 395 12.88 10.62 -27.57
CA TRP F 395 13.66 9.91 -26.56
C TRP F 395 14.66 8.94 -27.16
N GLN F 396 15.03 9.14 -28.43
CA GLN F 396 16.04 8.32 -29.09
C GLN F 396 15.67 6.83 -29.06
N ARG F 397 14.39 6.53 -29.03
CA ARG F 397 13.92 5.16 -29.06
C ARG F 397 13.77 4.68 -30.50
N ILE F 398 13.69 3.35 -30.65
CA ILE F 398 13.49 2.72 -31.95
C ILE F 398 12.29 1.79 -31.83
N GLY F 399 11.38 1.87 -32.80
CA GLY F 399 10.21 1.03 -32.82
C GLY F 399 8.94 1.68 -32.33
N GLN F 400 9.01 2.95 -31.91
CA GLN F 400 7.82 3.68 -31.47
C GLN F 400 7.88 5.06 -32.09
N CYS F 401 6.92 5.35 -32.97
CA CYS F 401 6.82 6.66 -33.62
C CYS F 401 5.48 7.28 -33.28
N MET F 402 5.32 8.54 -33.70
CA MET F 402 4.10 9.29 -33.46
C MET F 402 3.81 10.13 -34.69
N TYR F 403 2.52 10.36 -34.95
CA TYR F 403 2.07 11.18 -36.07
C TYR F 403 1.41 12.42 -35.53
N ALA F 404 1.87 13.59 -36.00
CA ALA F 404 1.37 14.87 -35.53
C ALA F 404 0.31 15.38 -36.50
N PRO F 405 -0.94 15.55 -36.08
CA PRO F 405 -1.95 16.04 -37.02
C PRO F 405 -1.61 17.44 -37.50
N PRO F 406 -2.04 17.80 -38.71
CA PRO F 406 -1.79 19.16 -39.18
C PRO F 406 -2.53 20.20 -38.36
N ILE F 407 -1.96 21.41 -38.33
CA ILE F 407 -2.53 22.55 -37.63
C ILE F 407 -3.06 23.53 -38.67
N GLN F 408 -4.25 24.07 -38.41
CA GLN F 408 -4.92 24.95 -39.36
C GLN F 408 -4.49 26.40 -39.11
N GLY F 409 -4.22 27.12 -40.20
CA GLY F 409 -3.85 28.52 -40.11
C GLY F 409 -2.36 28.73 -39.96
N VAL F 410 -1.99 30.00 -39.85
CA VAL F 410 -0.59 30.35 -39.68
C VAL F 410 -0.17 30.15 -38.23
N ILE F 411 1.13 30.00 -38.01
CA ILE F 411 1.69 29.72 -36.70
C ILE F 411 2.80 30.70 -36.40
N ARG F 412 2.86 31.14 -35.14
CA ARG F 412 3.90 32.05 -34.69
C ARG F 412 4.12 31.85 -33.20
N CYS F 413 5.39 31.82 -32.79
CA CYS F 413 5.74 31.65 -31.38
C CYS F 413 6.97 32.47 -31.06
N VAL F 414 7.11 32.84 -29.79
CA VAL F 414 8.22 33.63 -29.30
C VAL F 414 8.70 33.04 -27.99
N SER F 415 10.02 32.99 -27.81
CA SER F 415 10.59 32.41 -26.60
C SER F 415 11.99 32.98 -26.41
N ASN F 416 12.57 32.65 -25.25
CA ASN F 416 13.89 33.14 -24.87
C ASN F 416 14.91 32.01 -24.97
N ILE F 417 16.09 32.33 -25.47
CA ILE F 417 17.24 31.43 -25.42
C ILE F 417 17.93 31.66 -24.08
N THR F 418 18.10 30.58 -23.31
CA THR F 418 18.63 30.68 -21.96
C THR F 418 20.03 30.10 -21.79
N GLY F 419 20.42 29.14 -22.61
CA GLY F 419 21.72 28.54 -22.47
C GLY F 419 22.18 27.90 -23.76
N LEU F 420 23.13 26.98 -23.62
CA LEU F 420 23.71 26.30 -24.77
C LEU F 420 24.26 24.96 -24.33
N ILE F 421 24.50 24.09 -25.31
CA ILE F 421 25.26 22.86 -25.10
C ILE F 421 26.33 22.82 -26.18
N LEU F 422 27.59 22.71 -25.75
CA LEU F 422 28.73 22.80 -26.65
C LEU F 422 29.58 21.53 -26.57
N THR F 423 30.58 21.47 -27.43
CA THR F 423 31.52 20.34 -27.45
C THR F 423 32.82 20.83 -28.05
N ARG F 424 33.93 20.33 -27.52
CA ARG F 424 35.26 20.75 -27.93
C ARG F 424 35.90 19.70 -28.82
N ASP F 425 36.74 20.15 -29.75
CA ASP F 425 37.44 19.28 -30.67
C ASP F 425 38.85 19.01 -30.16
N GLY F 426 39.24 17.74 -30.13
CA GLY F 426 40.58 17.38 -29.69
C GLY F 426 41.65 17.87 -30.63
N GLY F 427 42.47 18.80 -30.17
CA GLY F 427 43.53 19.38 -30.97
C GLY F 427 44.89 18.92 -30.49
N SER F 428 45.84 18.84 -31.41
CA SER F 428 47.18 18.38 -31.08
C SER F 428 47.94 19.47 -30.31
N THR F 429 48.56 19.08 -29.21
CA THR F 429 49.35 20.01 -28.39
C THR F 429 48.45 21.22 -28.05
N ASN F 430 49.06 22.39 -27.90
CA ASN F 430 48.33 23.64 -27.68
C ASN F 430 48.57 24.52 -28.91
N SER F 431 47.72 24.35 -29.91
CA SER F 431 47.82 25.12 -31.15
C SER F 431 47.36 26.56 -30.99
N THR F 432 47.03 27.00 -29.78
CA THR F 432 46.55 28.33 -29.48
C THR F 432 45.16 28.59 -30.08
N THR F 433 44.49 27.55 -30.57
CA THR F 433 43.16 27.68 -31.14
C THR F 433 42.27 26.59 -30.55
N GLU F 434 41.05 26.97 -30.17
CA GLU F 434 40.05 26.04 -29.66
C GLU F 434 38.75 26.27 -30.42
N THR F 435 38.17 25.20 -30.92
CA THR F 435 36.93 25.27 -31.69
C THR F 435 35.83 24.53 -30.95
N PHE F 436 34.68 25.18 -30.79
CA PHE F 436 33.52 24.62 -30.11
C PHE F 436 32.38 24.51 -31.10
N ARG F 437 31.66 23.40 -31.06
CA ARG F 437 30.52 23.17 -31.92
C ARG F 437 29.30 22.79 -31.08
N PRO F 438 28.10 23.14 -31.54
CA PRO F 438 26.91 22.76 -30.78
C PRO F 438 26.69 21.26 -30.83
N GLY F 439 25.99 20.75 -29.81
CA GLY F 439 25.66 19.35 -29.76
C GLY F 439 24.64 19.05 -28.69
N GLY F 440 23.61 18.30 -29.06
CA GLY F 440 22.57 17.94 -28.12
C GLY F 440 22.44 16.43 -27.97
N GLY F 441 21.27 15.90 -28.31
CA GLY F 441 21.05 14.46 -28.25
C GLY F 441 20.37 14.02 -26.98
N ASP F 442 21.15 13.52 -26.03
CA ASP F 442 20.59 13.05 -24.77
C ASP F 442 19.81 14.16 -24.09
N MET F 443 18.59 13.85 -23.66
CA MET F 443 17.71 14.83 -23.05
C MET F 443 17.94 14.94 -21.54
N ARG F 444 18.83 14.14 -20.97
CA ARG F 444 19.13 14.28 -19.56
C ARG F 444 19.87 15.58 -19.28
N ASP F 445 20.67 16.05 -20.23
CA ASP F 445 21.35 17.32 -20.06
C ASP F 445 20.38 18.49 -19.99
N ASN F 446 19.17 18.33 -20.51
CA ASN F 446 18.17 19.39 -20.36
C ASN F 446 17.68 19.48 -18.93
N TRP F 447 17.35 18.34 -18.32
CA TRP F 447 16.93 18.36 -16.92
C TRP F 447 18.08 18.76 -16.01
N ARG F 448 19.29 18.31 -16.32
CA ARG F 448 20.44 18.60 -15.48
C ARG F 448 20.69 20.10 -15.35
N SER F 449 20.23 20.90 -16.30
CA SER F 449 20.44 22.33 -16.27
C SER F 449 19.46 23.05 -15.35
N GLU F 450 18.49 22.34 -14.79
CA GLU F 450 17.55 22.91 -13.83
C GLU F 450 17.67 22.32 -12.44
N LEU F 451 18.04 21.04 -12.32
CA LEU F 451 18.17 20.38 -11.03
C LEU F 451 19.63 20.36 -10.55
N TYR F 452 20.43 21.32 -10.96
CA TYR F 452 21.84 21.33 -10.58
C TYR F 452 22.08 21.84 -9.17
N LYS F 453 21.06 22.41 -8.51
CA LYS F 453 21.22 23.01 -7.19
C LYS F 453 20.45 22.25 -6.11
N TYR F 454 20.07 21.01 -6.37
CA TYR F 454 19.25 20.24 -5.44
C TYR F 454 19.90 18.90 -5.15
N LYS F 455 19.62 18.38 -3.97
CA LYS F 455 20.01 17.02 -3.61
C LYS F 455 19.06 16.52 -2.53
N VAL F 456 18.99 15.19 -2.40
CA VAL F 456 18.07 14.53 -1.47
C VAL F 456 18.88 13.89 -0.36
N VAL F 457 18.45 14.09 0.89
CA VAL F 457 19.13 13.56 2.06
C VAL F 457 18.12 12.86 2.94
N LYS F 458 18.62 12.04 3.85
CA LYS F 458 17.80 11.22 4.73
C LYS F 458 18.11 11.58 6.18
N ILE F 459 17.07 11.75 6.98
CA ILE F 459 17.21 12.23 8.35
C ILE F 459 17.45 11.06 9.29
N GLU F 460 18.30 11.28 10.30
CA GLU F 460 18.67 10.26 11.28
C GLU F 460 18.48 10.86 12.67
N PRO F 461 17.26 10.80 13.22
CA PRO F 461 16.95 11.50 14.48
C PRO F 461 17.22 10.68 15.73
N LEU F 462 18.44 10.19 15.89
CA LEU F 462 18.80 9.41 17.06
C LEU F 462 20.27 9.63 17.35
N GLY F 463 20.58 10.10 18.55
CA GLY F 463 21.95 10.39 18.93
C GLY F 463 22.21 10.01 20.37
N VAL F 464 23.48 9.72 20.65
CA VAL F 464 23.93 9.34 21.98
C VAL F 464 25.16 10.17 22.32
N ALA F 465 25.19 10.73 23.52
CA ALA F 465 26.28 11.58 23.97
C ALA F 465 26.53 11.37 25.44
N PRO F 466 27.72 11.73 25.93
CA PRO F 466 28.00 11.58 27.36
C PRO F 466 27.52 12.76 28.18
N THR F 467 27.02 12.48 29.37
CA THR F 467 26.56 13.51 30.28
C THR F 467 26.78 13.04 31.71
N ARG F 468 26.47 13.91 32.66
CA ARG F 468 26.62 13.61 34.08
C ARG F 468 25.33 13.14 34.73
N CYS F 469 24.27 12.96 33.95
CA CYS F 469 23.00 12.48 34.48
C CYS F 469 23.01 10.96 34.55
N LYS F 470 22.36 10.43 35.58
CA LYS F 470 22.30 8.99 35.81
C LYS F 470 20.87 8.58 36.10
N ARG F 471 20.47 7.42 35.61
CA ARG F 471 19.11 6.94 35.83
C ARG F 471 18.88 6.63 37.30
N ARG F 472 17.69 6.96 37.78
CA ARG F 472 17.32 6.72 39.17
C ARG F 472 16.66 5.35 39.30
N VAL F 473 17.16 4.54 40.22
CA VAL F 473 16.62 3.21 40.44
C VAL F 473 15.47 3.27 41.44
N GLU G 1 9.51 53.81 31.13
CA GLU G 1 9.12 53.83 29.70
C GLU G 1 10.13 53.07 28.85
N VAL G 2 9.66 51.99 28.21
CA VAL G 2 10.53 51.19 27.38
C VAL G 2 11.11 52.06 26.27
N GLN G 3 12.42 51.95 26.07
CA GLN G 3 13.09 52.74 25.04
C GLN G 3 14.52 52.27 24.91
N LEU G 4 15.07 52.43 23.71
CA LEU G 4 16.46 52.08 23.41
C LEU G 4 17.15 53.29 22.81
N VAL G 5 18.42 53.47 23.15
CA VAL G 5 19.21 54.60 22.69
C VAL G 5 20.55 54.09 22.18
N GLU G 6 20.99 54.62 21.04
CA GLU G 6 22.25 54.24 20.42
C GLU G 6 23.27 55.35 20.60
N SER G 7 24.54 54.96 20.55
CA SER G 7 25.64 55.92 20.72
C SER G 7 26.89 55.33 20.09
N GLY G 8 27.90 56.18 19.92
CA GLY G 8 29.16 55.79 19.34
C GLY G 8 29.42 56.34 17.94
N GLU G 9 28.51 57.16 17.41
CA GLU G 9 28.69 57.73 16.08
C GLU G 9 30.01 58.47 15.99
N GLY G 10 30.44 58.73 14.77
CA GLY G 10 31.67 59.47 14.55
C GLY G 10 32.13 59.34 13.12
N LEU G 11 33.30 59.90 12.85
CA LEU G 11 33.94 59.82 11.55
C LEU G 11 34.96 58.70 11.56
N VAL G 12 34.90 57.84 10.54
CA VAL G 12 35.78 56.69 10.44
C VAL G 12 36.36 56.66 9.02
N GLN G 13 37.66 56.39 8.94
CA GLN G 13 38.32 56.27 7.64
C GLN G 13 37.98 54.94 6.99
N PRO G 14 38.03 54.85 5.67
CA PRO G 14 37.79 53.56 5.01
C PRO G 14 38.74 52.51 5.52
N GLY G 15 38.21 51.30 5.74
CA GLY G 15 39.00 50.22 6.31
C GLY G 15 39.25 50.32 7.79
N GLY G 16 38.60 51.25 8.49
CA GLY G 16 38.78 51.43 9.91
C GLY G 16 37.89 50.53 10.73
N SER G 17 37.74 50.88 12.00
CA SER G 17 36.92 50.14 12.94
C SER G 17 36.04 51.09 13.72
N LEU G 18 34.85 50.62 14.07
CA LEU G 18 33.88 51.42 14.79
C LEU G 18 33.02 50.49 15.64
N ARG G 19 32.70 50.93 16.86
CA ARG G 19 31.90 50.16 17.79
C ARG G 19 30.67 50.97 18.16
N LEU G 20 29.50 50.32 18.16
CA LEU G 20 28.24 50.94 18.51
C LEU G 20 27.64 50.23 19.72
N SER G 21 26.87 50.98 20.51
CA SER G 21 26.18 50.44 21.66
C SER G 21 24.74 50.92 21.65
N CYS G 22 23.84 50.07 22.15
CA CYS G 22 22.41 50.35 22.19
C CYS G 22 21.90 49.99 23.59
N ALA G 23 21.96 50.95 24.50
CA ALA G 23 21.50 50.72 25.86
C ALA G 23 19.97 50.60 25.88
N ALA G 24 19.47 49.78 26.80
CA ALA G 24 18.05 49.51 26.93
C ALA G 24 17.62 49.72 28.38
N SER G 25 16.35 50.02 28.56
CA SER G 25 15.80 50.24 29.89
C SER G 25 14.28 50.12 29.84
N GLY G 26 13.70 49.66 30.94
CA GLY G 26 12.27 49.59 31.09
C GLY G 26 11.65 48.22 30.88
N PHE G 27 12.46 47.18 30.69
CA PHE G 27 11.93 45.84 30.50
C PHE G 27 13.04 44.83 30.74
N THR G 28 12.66 43.55 30.77
CA THR G 28 13.60 42.46 30.96
C THR G 28 14.41 42.30 29.67
N PHE G 29 15.65 42.78 29.69
CA PHE G 29 16.47 42.75 28.49
C PHE G 29 16.87 41.33 28.11
N SER G 30 17.07 40.46 29.09
CA SER G 30 17.58 39.12 28.84
C SER G 30 16.50 38.12 28.47
N SER G 31 15.34 38.59 28.00
CA SER G 31 14.25 37.72 27.60
C SER G 31 13.84 37.90 26.14
N HIS G 32 14.54 38.75 25.38
CA HIS G 32 14.16 39.07 24.02
C HIS G 32 15.39 39.00 23.11
N ALA G 33 15.14 38.64 21.86
CA ALA G 33 16.17 38.66 20.83
C ALA G 33 16.26 40.06 20.23
N MET G 34 17.42 40.36 19.66
CA MET G 34 17.70 41.69 19.11
C MET G 34 18.18 41.57 17.68
N HIS G 35 18.01 42.65 16.93
CA HIS G 35 18.45 42.74 15.54
C HIS G 35 19.18 44.06 15.33
N TRP G 36 19.91 44.14 14.23
CA TRP G 36 20.51 45.39 13.76
C TRP G 36 20.06 45.62 12.33
N VAL G 37 19.53 46.81 12.06
CA VAL G 37 19.00 47.16 10.75
C VAL G 37 19.56 48.51 10.35
N ARG G 38 19.86 48.67 9.06
CA ARG G 38 20.40 49.91 8.52
C ARG G 38 19.62 50.32 7.29
N GLN G 39 19.52 51.63 7.09
CA GLN G 39 18.84 52.21 5.94
C GLN G 39 19.81 53.12 5.21
N ALA G 40 20.26 52.70 4.05
CA ALA G 40 21.13 53.55 3.24
C ALA G 40 20.35 54.74 2.70
N PRO G 41 21.04 55.83 2.37
CA PRO G 41 20.31 57.02 1.88
C PRO G 41 19.65 56.75 0.54
N GLY G 42 18.32 56.80 0.52
CA GLY G 42 17.55 56.59 -0.69
C GLY G 42 17.14 55.16 -0.95
N LYS G 43 17.52 54.22 -0.08
CA LYS G 43 17.15 52.82 -0.21
C LYS G 43 16.30 52.40 0.99
N GLY G 44 15.84 51.15 0.96
CA GLY G 44 15.00 50.62 2.01
C GLY G 44 15.79 50.04 3.17
N LEU G 45 15.04 49.45 4.11
CA LEU G 45 15.65 48.83 5.27
C LEU G 45 16.16 47.43 4.93
N GLU G 46 17.37 47.12 5.38
CA GLU G 46 18.00 45.83 5.11
C GLU G 46 18.50 45.23 6.41
N TYR G 47 18.29 43.92 6.57
CA TYR G 47 18.73 43.23 7.77
C TYR G 47 20.25 43.10 7.76
N VAL G 48 20.85 43.21 8.97
CA VAL G 48 22.31 43.19 9.12
C VAL G 48 22.74 41.96 9.92
N SER G 49 22.28 41.86 11.16
CA SER G 49 22.65 40.75 12.02
C SER G 49 21.63 40.59 13.12
N ALA G 50 21.71 39.46 13.82
CA ALA G 50 20.77 39.14 14.88
C ALA G 50 21.47 38.29 15.93
N ILE G 51 20.88 38.23 17.12
CA ILE G 51 21.43 37.45 18.23
C ILE G 51 20.27 36.95 19.08
N SER G 52 20.45 35.76 19.66
CA SER G 52 19.41 35.15 20.45
C SER G 52 19.35 35.78 21.84
N SER G 53 18.39 35.33 22.65
CA SER G 53 18.17 35.95 23.96
C SER G 53 19.39 35.81 24.86
N GLU G 54 19.92 34.59 24.96
CA GLU G 54 21.05 34.32 25.84
C GLU G 54 22.40 34.62 25.19
N GLY G 55 22.41 35.06 23.94
CA GLY G 55 23.66 35.36 23.27
C GLY G 55 24.45 34.16 22.82
N GLY G 56 23.80 33.01 22.68
CA GLY G 56 24.48 31.80 22.24
C GLY G 56 24.46 31.55 20.76
N SER G 57 23.64 32.29 20.00
CA SER G 57 23.53 32.12 18.57
C SER G 57 23.55 33.49 17.91
N THR G 58 24.36 33.64 16.87
CA THR G 58 24.48 34.90 16.14
C THR G 58 24.33 34.63 14.66
N TYR G 59 23.61 35.52 13.98
CA TYR G 59 23.38 35.43 12.54
C TYR G 59 23.91 36.69 11.87
N TYR G 60 24.41 36.53 10.64
CA TYR G 60 25.00 37.62 9.89
C TYR G 60 24.48 37.63 8.46
N ALA G 61 24.51 38.81 7.85
CA ALA G 61 24.20 38.93 6.44
C ALA G 61 25.44 38.64 5.60
N ASP G 62 25.21 38.27 4.35
CA ASP G 62 26.32 37.85 3.50
C ASP G 62 27.32 38.98 3.28
N SER G 63 26.82 40.20 3.08
CA SER G 63 27.71 41.32 2.80
C SER G 63 28.58 41.70 3.98
N VAL G 64 28.20 41.33 5.20
CA VAL G 64 28.95 41.71 6.40
C VAL G 64 29.63 40.52 7.06
N ARG G 65 29.35 39.30 6.63
CA ARG G 65 29.95 38.13 7.26
C ARG G 65 31.48 38.24 7.21
N GLY G 66 32.12 37.94 8.34
CA GLY G 66 33.56 38.00 8.43
C GLY G 66 34.13 39.36 8.78
N ARG G 67 33.30 40.39 8.87
CA ARG G 67 33.74 41.73 9.21
C ARG G 67 33.07 42.31 10.44
N PHE G 68 31.84 41.92 10.74
CA PHE G 68 31.08 42.46 11.86
C PHE G 68 30.92 41.39 12.93
N ILE G 69 30.93 41.83 14.19
CA ILE G 69 30.72 40.95 15.34
C ILE G 69 29.65 41.58 16.22
N ILE G 70 28.69 40.77 16.63
CA ILE G 70 27.57 41.22 17.46
C ILE G 70 27.63 40.48 18.78
N SER G 71 27.43 41.22 19.88
CA SER G 71 27.48 40.64 21.21
C SER G 71 26.54 41.42 22.12
N ARG G 72 26.22 40.81 23.25
CA ARG G 72 25.31 41.40 24.22
C ARG G 72 25.84 41.16 25.63
N ASP G 73 25.39 42.00 26.56
CA ASP G 73 25.78 41.91 27.97
C ASP G 73 24.50 42.05 28.80
N ASN G 74 23.90 40.91 29.16
CA ASN G 74 22.63 40.94 29.87
C ASN G 74 22.75 41.66 31.21
N SER G 75 23.93 41.64 31.83
CA SER G 75 24.08 42.26 33.14
C SER G 75 23.82 43.76 33.07
N LYS G 76 24.36 44.44 32.06
CA LYS G 76 24.24 45.89 31.92
C LYS G 76 23.14 46.29 30.95
N ASN G 77 22.35 45.35 30.46
CA ASN G 77 21.28 45.64 29.50
C ASN G 77 21.81 46.48 28.34
N THR G 78 22.75 45.90 27.61
CA THR G 78 23.42 46.58 26.52
C THR G 78 23.56 45.65 25.33
N LEU G 79 23.63 46.24 24.14
CA LEU G 79 23.86 45.52 22.89
C LEU G 79 24.99 46.18 22.14
N TYR G 80 25.92 45.37 21.63
CA TYR G 80 27.12 45.88 20.98
C TYR G 80 27.19 45.38 19.55
N LEU G 81 27.80 46.19 18.68
CA LEU G 81 28.00 45.85 17.28
C LEU G 81 29.38 46.36 16.88
N GLN G 82 30.31 45.43 16.67
CA GLN G 82 31.69 45.76 16.35
C GLN G 82 31.89 45.70 14.84
N MET G 83 32.34 46.80 14.26
CA MET G 83 32.56 46.90 12.82
C MET G 83 34.05 46.90 12.51
N GLY G 84 34.43 46.13 11.51
CA GLY G 84 35.82 46.08 11.07
C GLY G 84 35.90 46.13 9.56
N SER G 85 36.96 46.79 9.07
CA SER G 85 37.19 46.94 7.64
C SER G 85 36.00 47.62 6.96
N LEU G 86 35.76 48.86 7.39
CA LEU G 86 34.64 49.62 6.84
C LEU G 86 34.86 49.90 5.35
N ARG G 87 33.75 50.06 4.64
CA ARG G 87 33.77 50.34 3.21
C ARG G 87 32.75 51.42 2.90
N ALA G 88 32.80 51.91 1.66
CA ALA G 88 31.93 53.03 1.27
C ALA G 88 30.45 52.63 1.36
N GLU G 89 30.11 51.41 0.92
CA GLU G 89 28.72 50.99 0.88
C GLU G 89 28.10 50.90 2.27
N ASP G 90 28.90 50.89 3.34
CA ASP G 90 28.37 50.83 4.70
C ASP G 90 27.95 52.22 5.17
N MET G 91 27.03 52.81 4.42
CA MET G 91 26.51 54.14 4.69
C MET G 91 25.01 54.03 4.99
N ALA G 92 24.64 54.35 6.22
CA ALA G 92 23.24 54.25 6.64
C ALA G 92 23.04 54.75 8.06
N VAL G 93 21.81 54.71 8.53
CA VAL G 93 21.47 54.96 9.92
C VAL G 93 21.06 53.63 10.54
N TYR G 94 21.71 53.27 11.64
CA TYR G 94 21.56 51.94 12.24
C TYR G 94 20.58 51.99 13.40
N TYR G 95 19.56 51.14 13.35
CA TYR G 95 18.56 51.01 14.41
C TYR G 95 18.69 49.65 15.07
N CYS G 96 18.58 49.63 16.40
CA CYS G 96 18.62 48.38 17.16
C CYS G 96 17.17 48.02 17.53
N ALA G 97 16.59 47.11 16.76
CA ALA G 97 15.23 46.68 16.99
C ALA G 97 15.19 45.55 18.01
N ARG G 98 13.96 45.17 18.41
CA ARG G 98 13.74 44.11 19.38
C ARG G 98 12.66 43.19 18.87
N VAL G 99 12.82 41.89 19.14
CA VAL G 99 11.85 40.88 18.75
C VAL G 99 10.92 40.62 19.93
N THR G 100 9.68 40.26 19.62
CA THR G 100 8.65 40.03 20.63
C THR G 100 8.10 38.62 20.49
N GLY G 101 8.21 37.84 21.55
CA GLY G 101 7.62 36.51 21.59
C GLY G 101 8.44 35.48 20.84
N ASP G 102 8.07 34.22 21.04
CA ASP G 102 8.77 33.09 20.45
C ASP G 102 8.14 32.61 19.16
N TYR G 103 7.03 33.21 18.71
CA TYR G 103 6.50 32.90 17.40
C TYR G 103 5.95 34.13 16.70
N ASN G 104 6.17 35.32 17.25
CA ASN G 104 5.78 36.58 16.63
C ASN G 104 7.07 37.29 16.26
N TRP G 105 7.59 36.98 15.08
CA TRP G 105 8.94 37.40 14.71
C TRP G 105 9.04 38.89 14.40
N TYR G 106 7.91 39.58 14.24
CA TYR G 106 7.96 41.00 13.91
C TYR G 106 8.51 41.81 15.08
N PHE G 107 9.16 42.92 14.75
CA PHE G 107 9.65 43.82 15.78
C PHE G 107 8.50 44.58 16.42
N ASP G 108 8.74 45.05 17.65
CA ASP G 108 7.74 45.83 18.37
C ASP G 108 8.29 47.09 19.00
N LEU G 109 9.61 47.28 19.03
CA LEU G 109 10.19 48.48 19.62
C LEU G 109 11.52 48.75 18.93
N TRP G 110 11.59 49.88 18.22
CA TRP G 110 12.79 50.28 17.51
C TRP G 110 13.61 51.23 18.38
N GLY G 111 14.66 51.81 17.80
CA GLY G 111 15.50 52.77 18.48
C GLY G 111 15.57 54.08 17.71
N ARG G 112 16.19 55.08 18.37
CA ARG G 112 16.29 56.40 17.76
C ARG G 112 17.05 56.33 16.44
N GLY G 113 18.20 55.67 16.43
CA GLY G 113 19.02 55.55 15.24
C GLY G 113 20.24 56.45 15.35
N THR G 114 21.34 55.99 14.76
CA THR G 114 22.60 56.73 14.75
C THR G 114 23.20 56.69 13.36
N LEU G 115 23.91 57.77 13.01
CA LEU G 115 24.47 57.95 11.68
C LEU G 115 25.98 57.74 11.73
N VAL G 116 26.49 56.91 10.82
CA VAL G 116 27.92 56.62 10.71
C VAL G 116 28.37 56.99 9.30
N THR G 117 29.47 57.71 9.21
CA THR G 117 29.99 58.22 7.94
C THR G 117 31.43 57.78 7.75
N VAL G 118 31.76 57.42 6.51
CA VAL G 118 33.12 57.05 6.14
C VAL G 118 33.63 58.07 5.13
N SER G 119 34.84 58.58 5.34
CA SER G 119 35.43 59.54 4.42
C SER G 119 36.93 59.59 4.68
N SER G 120 37.64 60.15 3.71
CA SER G 120 39.09 60.29 3.80
C SER G 120 39.48 61.75 3.97
N GLU H 1 15.45 35.28 -1.85
CA GLU H 1 15.09 36.55 -1.17
C GLU H 1 13.80 37.12 -1.73
N ILE H 2 12.71 36.98 -0.97
CA ILE H 2 11.44 37.53 -1.41
C ILE H 2 11.58 39.03 -1.56
N VAL H 3 11.05 39.57 -2.67
CA VAL H 3 11.20 40.98 -3.01
C VAL H 3 9.87 41.66 -2.73
N MET H 4 9.90 42.72 -1.93
CA MET H 4 8.72 43.50 -1.60
C MET H 4 8.65 44.70 -2.54
N THR H 5 7.52 44.84 -3.23
CA THR H 5 7.27 45.98 -4.11
C THR H 5 6.14 46.82 -3.52
N GLN H 6 6.40 48.11 -3.33
CA GLN H 6 5.44 49.02 -2.72
C GLN H 6 5.10 50.11 -3.74
N SER H 7 3.82 50.25 -4.03
CA SER H 7 3.33 51.27 -4.94
C SER H 7 2.08 51.91 -4.35
N PRO H 8 1.81 53.19 -4.67
CA PRO H 8 2.62 54.11 -5.50
C PRO H 8 3.84 54.63 -4.77
N ALA H 9 4.85 55.11 -5.49
CA ALA H 9 6.05 55.62 -4.83
C ALA H 9 5.72 56.81 -3.96
N THR H 10 4.89 57.73 -4.45
CA THR H 10 4.49 58.91 -3.70
C THR H 10 2.98 59.07 -3.80
N LEU H 11 2.34 59.36 -2.67
CA LEU H 11 0.90 59.53 -2.61
C LEU H 11 0.60 60.87 -1.95
N SER H 12 -0.19 61.71 -2.64
CA SER H 12 -0.58 63.02 -2.14
C SER H 12 -2.09 63.04 -1.97
N VAL H 13 -2.55 63.12 -0.74
CA VAL H 13 -3.97 63.11 -0.41
C VAL H 13 -4.23 64.21 0.62
N SER H 14 -5.27 65.00 0.39
CA SER H 14 -5.63 66.05 1.33
C SER H 14 -6.26 65.44 2.59
N PRO H 15 -6.31 66.19 3.69
CA PRO H 15 -6.87 65.63 4.92
C PRO H 15 -8.32 65.24 4.74
N GLY H 16 -8.71 64.14 5.38
CA GLY H 16 -10.10 63.75 5.49
C GLY H 16 -10.52 62.55 4.67
N GLU H 17 -10.03 62.44 3.44
CA GLU H 17 -10.53 61.43 2.52
C GLU H 17 -9.71 60.15 2.62
N ARG H 18 -9.95 59.22 1.71
CA ARG H 18 -9.31 57.91 1.75
C ARG H 18 -7.84 58.01 1.36
N ALA H 19 -7.09 56.96 1.70
CA ALA H 19 -5.70 56.83 1.29
C ALA H 19 -5.34 55.36 1.33
N THR H 20 -4.91 54.80 0.19
CA THR H 20 -4.64 53.39 0.06
C THR H 20 -3.19 53.17 -0.36
N LEU H 21 -2.58 52.11 0.17
CA LEU H 21 -1.22 51.74 -0.14
C LEU H 21 -1.16 50.27 -0.49
N SER H 22 -0.25 49.91 -1.39
CA SER H 22 -0.15 48.55 -1.92
C SER H 22 1.25 47.99 -1.64
N CYS H 23 1.29 46.73 -1.19
CA CYS H 23 2.53 45.99 -1.03
C CYS H 23 2.34 44.62 -1.67
N ARG H 24 3.15 44.33 -2.68
CA ARG H 24 3.04 43.10 -3.45
C ARG H 24 4.24 42.20 -3.18
N ALA H 25 3.99 40.91 -3.01
CA ALA H 25 5.02 39.94 -2.67
C ALA H 25 5.29 39.05 -3.88
N SER H 26 6.57 38.84 -4.18
CA SER H 26 6.97 37.98 -5.28
C SER H 26 6.64 36.51 -5.02
N GLN H 27 6.27 36.16 -3.80
CA GLN H 27 5.95 34.78 -3.45
C GLN H 27 4.96 34.80 -2.30
N GLY H 28 4.11 33.78 -2.25
CA GLY H 28 3.11 33.71 -1.21
C GLY H 28 3.71 33.73 0.18
N VAL H 29 3.35 34.72 0.99
CA VAL H 29 3.85 34.85 2.35
C VAL H 29 2.77 34.60 3.39
N SER H 30 1.63 34.04 2.98
CA SER H 30 0.53 33.73 3.90
C SER H 30 0.13 35.04 4.58
N SER H 31 -0.08 35.05 5.90
CA SER H 31 -0.51 36.23 6.61
C SER H 31 0.60 36.87 7.44
N ASN H 32 1.85 36.48 7.21
CA ASN H 32 2.97 37.00 8.00
C ASN H 32 3.44 38.31 7.35
N LEU H 33 2.76 39.40 7.71
CA LEU H 33 3.11 40.72 7.21
C LEU H 33 2.81 41.76 8.26
N ALA H 34 3.65 42.79 8.32
CA ALA H 34 3.48 43.89 9.26
C ALA H 34 3.75 45.21 8.56
N TRP H 35 3.13 46.27 9.07
CA TRP H 35 3.29 47.62 8.55
C TRP H 35 3.95 48.49 9.59
N TYR H 36 4.90 49.32 9.16
CA TYR H 36 5.65 50.20 10.04
C TYR H 36 5.53 51.64 9.57
N GLN H 37 5.52 52.56 10.53
CA GLN H 37 5.47 53.99 10.28
C GLN H 37 6.67 54.65 10.94
N GLN H 38 7.29 55.59 10.23
CA GLN H 38 8.49 56.27 10.73
C GLN H 38 8.38 57.75 10.41
N LYS H 39 8.24 58.57 11.45
CA LYS H 39 8.28 60.01 11.28
C LYS H 39 9.72 60.44 11.02
N PRO H 40 9.93 61.64 10.46
CA PRO H 40 11.30 62.09 10.19
C PRO H 40 12.04 62.46 11.46
N GLY H 41 13.00 61.63 11.86
CA GLY H 41 13.79 61.86 13.04
C GLY H 41 13.29 61.19 14.30
N GLN H 42 12.33 60.26 14.19
CA GLN H 42 11.77 59.56 15.33
C GLN H 42 11.99 58.06 15.17
N ALA H 43 11.74 57.33 16.25
CA ALA H 43 11.88 55.89 16.23
C ALA H 43 10.68 55.27 15.52
N PRO H 44 10.88 54.46 14.47
CA PRO H 44 9.73 53.84 13.79
C PRO H 44 8.77 53.17 14.76
N ARG H 45 7.54 52.94 14.31
CA ARG H 45 6.48 52.40 15.16
C ARG H 45 5.75 51.29 14.41
N LEU H 46 5.19 50.35 15.18
CA LEU H 46 4.42 49.25 14.62
C LEU H 46 2.95 49.63 14.58
N LEU H 47 2.32 49.44 13.42
CA LEU H 47 0.91 49.75 13.22
C LEU H 47 0.06 48.50 13.03
N ILE H 48 0.43 47.65 12.06
CA ILE H 48 -0.33 46.44 11.75
C ILE H 48 0.62 45.25 11.84
N HIS H 49 0.18 44.20 12.52
CA HIS H 49 0.92 42.94 12.58
C HIS H 49 -0.03 41.80 12.26
N GLY H 50 0.44 40.86 11.45
CA GLY H 50 -0.40 39.78 10.98
C GLY H 50 -1.26 40.13 9.78
N ALA H 51 -1.11 41.34 9.24
CA ALA H 51 -1.82 41.85 8.07
C ALA H 51 -3.28 42.20 8.36
N SER H 52 -3.82 41.81 9.51
CA SER H 52 -5.21 42.14 9.85
C SER H 52 -5.39 42.69 11.25
N THR H 53 -4.41 42.57 12.13
CA THR H 53 -4.55 42.98 13.52
C THR H 53 -3.86 44.32 13.73
N ARG H 54 -4.54 45.22 14.43
CA ARG H 54 -4.01 46.55 14.71
C ARG H 54 -3.02 46.49 15.87
N ALA H 55 -1.92 47.21 15.72
CA ALA H 55 -0.91 47.26 16.78
C ALA H 55 -1.48 47.98 18.00
N THR H 56 -1.10 47.49 19.18
CA THR H 56 -1.56 48.11 20.42
C THR H 56 -1.09 49.55 20.49
N GLY H 57 -2.01 50.45 20.82
CA GLY H 57 -1.70 51.86 20.95
C GLY H 57 -1.83 52.67 19.67
N SER H 58 -2.10 52.02 18.53
CA SER H 58 -2.22 52.77 17.29
C SER H 58 -3.65 53.28 17.10
N PRO H 59 -3.84 54.38 16.38
CA PRO H 59 -5.20 54.88 16.15
C PRO H 59 -6.04 53.86 15.38
N ALA H 60 -7.34 53.87 15.65
CA ALA H 60 -8.24 52.90 15.04
C ALA H 60 -8.51 53.20 13.57
N ARG H 61 -8.22 54.42 13.10
CA ARG H 61 -8.48 54.75 11.70
C ARG H 61 -7.64 53.87 10.78
N PHE H 62 -6.47 53.42 11.22
CA PHE H 62 -5.64 52.56 10.40
C PHE H 62 -6.27 51.19 10.26
N SER H 63 -6.24 50.65 9.03
CA SER H 63 -6.82 49.34 8.77
C SER H 63 -6.17 48.75 7.53
N GLY H 64 -5.78 47.48 7.60
CA GLY H 64 -5.18 46.81 6.47
C GLY H 64 -5.75 45.41 6.34
N SER H 65 -5.62 44.86 5.13
CA SER H 65 -6.18 43.54 4.83
C SER H 65 -5.42 42.96 3.64
N GLY H 66 -5.60 41.65 3.46
CA GLY H 66 -4.97 40.95 2.35
C GLY H 66 -4.28 39.68 2.80
N SER H 67 -4.10 38.74 1.88
CA SER H 67 -3.39 37.50 2.18
C SER H 67 -2.81 36.96 0.88
N GLY H 68 -1.85 36.06 1.02
CA GLY H 68 -1.17 35.51 -0.14
C GLY H 68 -0.06 36.42 -0.62
N THR H 69 -0.26 37.09 -1.76
CA THR H 69 0.74 37.98 -2.33
C THR H 69 0.22 39.39 -2.55
N GLU H 70 -1.00 39.70 -2.14
CA GLU H 70 -1.58 41.03 -2.30
C GLU H 70 -2.03 41.54 -0.94
N PHE H 71 -1.59 42.74 -0.59
CA PHE H 71 -1.92 43.35 0.70
C PHE H 71 -2.16 44.83 0.50
N THR H 72 -3.00 45.41 1.36
CA THR H 72 -3.38 46.81 1.24
C THR H 72 -3.55 47.40 2.62
N LEU H 73 -3.20 48.68 2.74
CA LEU H 73 -3.39 49.45 3.97
C LEU H 73 -4.27 50.65 3.66
N THR H 74 -5.29 50.87 4.50
CA THR H 74 -6.22 51.98 4.35
C THR H 74 -6.40 52.68 5.67
N ILE H 75 -6.50 54.01 5.63
CA ILE H 75 -6.71 54.84 6.81
C ILE H 75 -8.05 55.55 6.64
N SER H 76 -8.90 55.46 7.67
CA SER H 76 -10.23 56.02 7.56
C SER H 76 -10.19 57.53 7.32
N SER H 77 -9.34 58.24 8.05
CA SER H 77 -9.22 59.69 7.92
C SER H 77 -7.76 60.09 7.97
N LEU H 78 -7.37 61.03 7.12
CA LEU H 78 -6.01 61.52 7.07
C LEU H 78 -5.90 62.78 7.93
N GLN H 79 -5.09 62.71 8.97
CA GLN H 79 -4.90 63.82 9.89
C GLN H 79 -3.60 64.55 9.59
N SER H 80 -3.44 65.72 10.21
CA SER H 80 -2.24 66.51 9.99
C SER H 80 -0.98 65.77 10.40
N GLU H 81 -1.10 64.80 11.30
CA GLU H 81 0.05 64.08 11.82
C GLU H 81 0.32 62.77 11.10
N ASP H 82 -0.45 62.44 10.06
CA ASP H 82 -0.25 61.20 9.32
C ASP H 82 0.87 61.31 8.29
N PHE H 83 1.36 62.51 8.00
CA PHE H 83 2.48 62.66 7.08
C PHE H 83 3.67 61.84 7.57
N ALA H 84 4.04 60.80 6.82
CA ALA H 84 5.13 59.92 7.21
C ALA H 84 5.34 58.90 6.10
N VAL H 85 6.39 58.10 6.25
CA VAL H 85 6.72 57.02 5.32
C VAL H 85 6.25 55.71 5.93
N TYR H 86 5.70 54.84 5.07
CA TYR H 86 5.13 53.57 5.51
C TYR H 86 5.77 52.43 4.75
N SER H 87 6.19 51.40 5.47
CA SER H 87 6.88 50.25 4.88
C SER H 87 6.21 48.96 5.33
N CYS H 88 6.31 47.95 4.49
CA CYS H 88 5.79 46.61 4.77
C CYS H 88 6.95 45.64 4.95
N GLN H 89 6.80 44.73 5.90
CA GLN H 89 7.82 43.73 6.18
C GLN H 89 7.17 42.36 6.24
N GLN H 90 7.84 41.37 5.63
CA GLN H 90 7.38 40.00 5.65
C GLN H 90 8.30 39.16 6.52
N TYR H 91 7.72 38.31 7.36
CA TYR H 91 8.48 37.42 8.23
C TYR H 91 8.04 35.98 8.02
N HIS H 92 8.00 35.56 6.76
CA HIS H 92 7.67 34.19 6.40
C HIS H 92 8.91 33.33 6.12
N ASN H 93 9.85 33.85 5.33
CA ASN H 93 11.06 33.13 4.98
C ASN H 93 12.28 33.95 5.36
N TRP H 94 13.23 33.34 6.05
CA TRP H 94 14.42 34.04 6.48
C TRP H 94 15.32 34.33 5.28
N PRO H 95 15.94 35.52 5.21
CA PRO H 95 15.84 36.66 6.14
C PRO H 95 14.59 37.49 5.92
N TRP H 96 14.16 38.26 6.92
CA TRP H 96 13.03 39.15 6.73
C TRP H 96 13.40 40.28 5.78
N THR H 97 12.41 40.76 5.02
CA THR H 97 12.62 41.76 4.00
C THR H 97 11.62 42.90 4.17
N PHE H 98 12.02 44.07 3.66
CA PHE H 98 11.22 45.28 3.76
C PHE H 98 10.90 45.81 2.37
N GLY H 99 9.81 46.56 2.28
CA GLY H 99 9.46 47.25 1.06
C GLY H 99 10.28 48.50 0.87
N GLN H 100 10.06 49.15 -0.27
CA GLN H 100 10.80 50.37 -0.59
C GLN H 100 10.32 51.57 0.22
N GLY H 101 9.08 51.55 0.70
CA GLY H 101 8.57 52.65 1.49
C GLY H 101 7.79 53.66 0.67
N THR H 102 6.51 53.82 0.98
CA THR H 102 5.64 54.76 0.27
C THR H 102 5.55 56.06 1.06
N LYS H 103 5.79 57.18 0.38
CA LYS H 103 5.76 58.49 1.00
C LYS H 103 4.38 59.09 0.86
N VAL H 104 3.78 59.51 1.97
CA VAL H 104 2.46 60.12 1.99
C VAL H 104 2.64 61.61 2.23
N GLU H 105 2.09 62.43 1.33
CA GLU H 105 2.19 63.87 1.40
C GLU H 105 0.81 64.46 1.62
N ILE H 106 0.70 65.34 2.62
CA ILE H 106 -0.57 66.01 2.90
C ILE H 106 -1.03 66.79 1.67
N GLU I 1 47.07 -19.88 36.69
CA GLU I 1 47.07 -20.14 35.23
C GLU I 1 45.83 -20.93 34.81
N VAL I 2 45.03 -20.34 33.93
CA VAL I 2 43.82 -21.00 33.47
C VAL I 2 44.20 -22.29 32.76
N GLN I 3 43.50 -23.38 33.11
CA GLN I 3 43.77 -24.67 32.51
C GLN I 3 42.70 -25.65 32.95
N LEU I 4 42.46 -26.65 32.09
CA LEU I 4 41.49 -27.70 32.36
C LEU I 4 42.18 -29.05 32.20
N VAL I 5 41.79 -30.01 33.04
CA VAL I 5 42.39 -31.34 33.05
C VAL I 5 41.27 -32.37 33.09
N GLU I 6 41.39 -33.41 32.26
CA GLU I 6 40.41 -34.47 32.18
C GLU I 6 40.94 -35.73 32.83
N SER I 7 40.02 -36.56 33.31
CA SER I 7 40.38 -37.81 33.97
C SER I 7 39.21 -38.78 33.86
N GLY I 8 39.50 -40.05 34.14
CA GLY I 8 38.51 -41.11 34.08
C GLY I 8 38.73 -42.13 32.98
N GLU I 9 39.77 -41.97 32.17
CA GLU I 9 40.03 -42.91 31.09
C GLU I 9 40.12 -44.33 31.64
N GLY I 10 40.01 -45.30 30.73
CA GLY I 10 40.11 -46.69 31.12
C GLY I 10 39.61 -47.60 30.02
N LEU I 11 39.50 -48.87 30.37
CA LEU I 11 38.99 -49.89 29.46
C LEU I 11 37.51 -50.13 29.73
N VAL I 12 36.70 -50.10 28.69
CA VAL I 12 35.26 -50.30 28.80
C VAL I 12 34.82 -51.31 27.75
N GLN I 13 34.00 -52.27 28.16
CA GLN I 13 33.45 -53.24 27.23
C GLN I 13 32.34 -52.59 26.40
N PRO I 14 32.07 -53.12 25.21
CA PRO I 14 30.96 -52.58 24.42
C PRO I 14 29.66 -52.66 25.20
N GLY I 15 28.86 -51.60 25.10
CA GLY I 15 27.62 -51.53 25.84
C GLY I 15 27.76 -51.16 27.30
N GLY I 16 28.97 -50.82 27.74
CA GLY I 16 29.20 -50.47 29.13
C GLY I 16 28.91 -49.01 29.41
N SER I 17 29.39 -48.55 30.55
CA SER I 17 29.21 -47.17 30.98
C SER I 17 30.54 -46.61 31.45
N LEU I 18 30.72 -45.30 31.24
CA LEU I 18 31.95 -44.62 31.60
C LEU I 18 31.63 -43.17 31.93
N ARG I 19 32.29 -42.63 32.94
CA ARG I 19 32.10 -41.26 33.38
C ARG I 19 33.42 -40.51 33.30
N LEU I 20 33.37 -39.31 32.73
CA LEU I 20 34.54 -38.45 32.59
C LEU I 20 34.33 -37.16 33.37
N SER I 21 35.43 -36.58 33.84
CA SER I 21 35.41 -35.32 34.55
C SER I 21 36.48 -34.41 34.00
N CYS I 22 36.21 -33.10 34.00
CA CYS I 22 37.12 -32.09 33.48
C CYS I 22 37.19 -30.96 34.50
N ALA I 23 38.12 -31.08 35.46
CA ALA I 23 38.28 -30.06 36.48
C ALA I 23 38.84 -28.78 35.86
N ALA I 24 38.49 -27.65 36.48
CA ALA I 24 38.89 -26.34 36.00
C ALA I 24 39.43 -25.51 37.16
N SER I 25 40.29 -24.55 36.82
CA SER I 25 40.88 -23.69 37.83
C SER I 25 41.47 -22.45 37.15
N GLY I 26 41.46 -21.34 37.88
CA GLY I 26 42.07 -20.12 37.41
C GLY I 26 41.11 -19.08 36.87
N PHE I 27 39.81 -19.34 36.91
CA PHE I 27 38.84 -18.37 36.39
C PHE I 27 37.47 -18.70 36.97
N THR I 28 36.53 -17.78 36.76
CA THR I 28 35.16 -17.94 37.24
C THR I 28 34.47 -19.01 36.40
N PHE I 29 34.36 -20.23 36.95
CA PHE I 29 33.79 -21.33 36.19
C PHE I 29 32.33 -21.09 35.86
N SER I 30 31.57 -20.52 36.79
CA SER I 30 30.12 -20.39 36.65
C SER I 30 29.71 -19.22 35.77
N SER I 31 30.61 -18.68 34.96
CA SER I 31 30.29 -17.58 34.06
C SER I 31 30.45 -17.93 32.59
N HIS I 32 30.79 -19.18 32.27
CA HIS I 32 31.06 -19.58 30.90
C HIS I 32 30.34 -20.89 30.58
N ALA I 33 29.98 -21.04 29.31
CA ALA I 33 29.41 -22.28 28.81
C ALA I 33 30.52 -23.23 28.40
N MET I 34 30.18 -24.51 28.32
CA MET I 34 31.15 -25.56 28.04
C MET I 34 30.66 -26.45 26.91
N HIS I 35 31.61 -27.09 26.23
CA HIS I 35 31.33 -28.03 25.17
C HIS I 35 32.14 -29.30 25.41
N TRP I 36 31.75 -30.36 24.70
CA TRP I 36 32.54 -31.58 24.64
C TRP I 36 32.78 -31.91 23.18
N VAL I 37 34.04 -32.14 22.81
CA VAL I 37 34.43 -32.42 21.45
C VAL I 37 35.32 -33.64 21.43
N ARG I 38 35.15 -34.48 20.41
CA ARG I 38 35.92 -35.70 20.25
C ARG I 38 36.47 -35.78 18.84
N GLN I 39 37.67 -36.36 18.72
CA GLN I 39 38.33 -36.55 17.43
C GLN I 39 38.61 -38.03 17.25
N ALA I 40 37.91 -38.66 16.31
CA ALA I 40 38.16 -40.06 16.01
C ALA I 40 39.50 -40.19 15.30
N PRO I 41 40.12 -41.38 15.37
CA PRO I 41 41.43 -41.56 14.72
C PRO I 41 41.30 -41.45 13.21
N GLY I 42 41.98 -40.46 12.64
CA GLY I 42 41.97 -40.24 11.22
C GLY I 42 40.85 -39.35 10.71
N LYS I 43 40.02 -38.80 11.59
CA LYS I 43 38.93 -37.92 11.22
C LYS I 43 39.09 -36.58 11.92
N GLY I 44 38.18 -35.65 11.60
CA GLY I 44 38.23 -34.32 12.17
C GLY I 44 37.50 -34.22 13.50
N LEU I 45 37.42 -32.99 14.00
CA LEU I 45 36.74 -32.72 15.26
C LEU I 45 35.24 -32.61 15.03
N GLU I 46 34.47 -33.26 15.91
CA GLU I 46 33.02 -33.27 15.81
C GLU I 46 32.41 -32.89 17.15
N TYR I 47 31.37 -32.05 17.10
CA TYR I 47 30.70 -31.61 18.31
C TYR I 47 29.90 -32.76 18.93
N VAL I 48 29.86 -32.80 20.26
CA VAL I 48 29.21 -33.89 20.98
C VAL I 48 28.03 -33.36 21.79
N SER I 49 28.31 -32.46 22.73
CA SER I 49 27.26 -31.91 23.58
C SER I 49 27.73 -30.59 24.16
N ALA I 50 26.78 -29.85 24.72
CA ALA I 50 27.06 -28.54 25.28
C ALA I 50 26.12 -28.28 26.45
N ILE I 51 26.48 -27.30 27.28
CA ILE I 51 25.67 -26.92 28.44
C ILE I 51 25.85 -25.44 28.69
N SER I 52 24.79 -24.80 29.19
CA SER I 52 24.81 -23.37 29.42
C SER I 52 25.56 -23.06 30.73
N SER I 53 25.64 -21.77 31.06
CA SER I 53 26.43 -21.36 32.22
C SER I 53 25.85 -21.93 33.51
N GLU I 54 24.54 -21.76 33.73
CA GLU I 54 23.92 -22.20 34.96
C GLU I 54 23.50 -23.67 34.93
N GLY I 55 23.74 -24.36 33.82
CA GLY I 55 23.37 -25.77 33.74
C GLY I 55 21.90 -26.02 33.57
N GLY I 56 21.15 -25.04 33.06
CA GLY I 56 19.72 -25.21 32.90
C GLY I 56 19.31 -25.68 31.52
N SER I 57 20.25 -25.65 30.58
CA SER I 57 19.98 -26.09 29.21
C SER I 57 21.12 -26.98 28.74
N THR I 58 20.77 -28.08 28.10
CA THR I 58 21.75 -29.02 27.57
C THR I 58 21.40 -29.38 26.14
N TYR I 59 22.42 -29.54 25.30
CA TYR I 59 22.26 -29.88 23.91
C TYR I 59 23.05 -31.15 23.60
N TYR I 60 22.54 -31.95 22.68
CA TYR I 60 23.17 -33.22 22.32
C TYR I 60 23.23 -33.36 20.81
N ALA I 61 24.23 -34.12 20.34
CA ALA I 61 24.30 -34.49 18.95
C ALA I 61 23.37 -35.66 18.67
N ASP I 62 22.96 -35.79 17.41
CA ASP I 62 21.98 -36.80 17.05
C ASP I 62 22.50 -38.20 17.33
N SER I 63 23.79 -38.44 17.10
CA SER I 63 24.34 -39.78 17.24
C SER I 63 24.44 -40.21 18.70
N VAL I 64 24.45 -39.27 19.64
CA VAL I 64 24.59 -39.61 21.07
C VAL I 64 23.33 -39.32 21.86
N ARG I 65 22.32 -38.71 21.27
CA ARG I 65 21.11 -38.37 22.01
C ARG I 65 20.50 -39.63 22.61
N GLY I 66 20.09 -39.53 23.88
CA GLY I 66 19.49 -40.64 24.58
C GLY I 66 20.46 -41.62 25.20
N ARG I 67 21.77 -41.38 25.10
CA ARG I 67 22.75 -42.30 25.67
C ARG I 67 23.73 -41.55 26.57
N PHE I 68 23.98 -40.27 26.27
CA PHE I 68 24.94 -39.47 26.99
C PHE I 68 24.21 -38.42 27.83
N ILE I 69 24.77 -38.12 29.00
CA ILE I 69 24.23 -37.10 29.90
C ILE I 69 25.37 -36.19 30.31
N ILE I 70 25.15 -34.88 30.23
CA ILE I 70 26.14 -33.88 30.57
C ILE I 70 25.63 -33.06 31.74
N SER I 71 26.50 -32.81 32.72
CA SER I 71 26.12 -32.06 33.90
C SER I 71 27.33 -31.28 34.40
N ARG I 72 27.06 -30.27 35.21
CA ARG I 72 28.11 -29.42 35.78
C ARG I 72 27.82 -29.18 37.25
N ASP I 73 28.88 -28.88 38.00
CA ASP I 73 28.80 -28.56 39.42
C ASP I 73 29.59 -27.28 39.66
N ASN I 74 28.88 -26.15 39.70
CA ASN I 74 29.56 -24.86 39.82
C ASN I 74 30.33 -24.75 41.13
N SER I 75 29.87 -25.43 42.18
CA SER I 75 30.53 -25.30 43.48
C SER I 75 31.97 -25.81 43.43
N LYS I 76 32.19 -26.96 42.79
CA LYS I 76 33.50 -27.57 42.73
C LYS I 76 34.25 -27.27 41.44
N ASN I 77 33.70 -26.42 40.57
CA ASN I 77 34.32 -26.09 39.30
C ASN I 77 34.68 -27.36 38.53
N THR I 78 33.65 -28.14 38.22
CA THR I 78 33.82 -29.43 37.55
C THR I 78 32.79 -29.57 36.46
N LEU I 79 33.12 -30.39 35.45
CA LEU I 79 32.21 -30.71 34.35
C LEU I 79 32.22 -32.22 34.17
N TYR I 80 31.04 -32.80 34.01
CA TYR I 80 30.88 -34.25 33.95
C TYR I 80 30.25 -34.65 32.62
N LEU I 81 30.57 -35.85 32.17
CA LEU I 81 30.02 -36.41 30.94
C LEU I 81 29.81 -37.90 31.16
N GLN I 82 28.56 -38.31 31.33
CA GLN I 82 28.21 -39.69 31.60
C GLN I 82 27.87 -40.40 30.29
N MET I 83 28.51 -41.53 30.06
CA MET I 83 28.32 -42.31 28.84
C MET I 83 27.62 -43.63 29.16
N GLY I 84 26.64 -43.98 28.35
CA GLY I 84 25.93 -45.23 28.53
C GLY I 84 25.74 -45.92 27.19
N SER I 85 25.78 -47.25 27.24
CA SER I 85 25.64 -48.08 26.04
C SER I 85 26.70 -47.72 25.00
N LEU I 86 27.95 -47.92 25.39
CA LEU I 86 29.05 -47.59 24.50
C LEU I 86 29.02 -48.47 23.26
N ARG I 87 29.57 -47.94 22.17
CA ARG I 87 29.64 -48.66 20.90
C ARG I 87 31.02 -48.45 20.29
N ALA I 88 31.31 -49.23 19.24
CA ALA I 88 32.63 -49.19 18.64
C ALA I 88 32.92 -47.82 18.04
N GLU I 89 31.95 -47.22 17.35
CA GLU I 89 32.20 -45.95 16.68
C GLU I 89 32.56 -44.84 17.66
N ASP I 90 32.22 -44.99 18.94
CA ASP I 90 32.52 -43.97 19.95
C ASP I 90 33.99 -44.08 20.40
N MET I 91 34.89 -43.92 19.44
CA MET I 91 36.32 -44.02 19.70
C MET I 91 36.95 -42.68 19.34
N ALA I 92 37.57 -42.03 20.31
CA ALA I 92 38.19 -40.73 20.08
C ALA I 92 38.90 -40.22 21.31
N VAL I 93 39.51 -39.05 21.21
CA VAL I 93 40.08 -38.34 22.36
C VAL I 93 39.18 -37.15 22.64
N TYR I 94 38.67 -37.06 23.87
CA TYR I 94 37.65 -36.09 24.24
C TYR I 94 38.28 -34.88 24.90
N TYR I 95 37.96 -33.69 24.39
CA TYR I 95 38.44 -32.44 24.94
C TYR I 95 37.26 -31.64 25.49
N CYS I 96 37.48 -30.95 26.61
CA CYS I 96 36.46 -30.09 27.21
C CYS I 96 36.82 -28.64 26.91
N ALA I 97 36.18 -28.08 25.90
CA ALA I 97 36.42 -26.70 25.49
C ALA I 97 35.58 -25.76 26.35
N ARG I 98 35.85 -24.46 26.21
CA ARG I 98 35.13 -23.42 26.92
C ARG I 98 34.74 -22.32 25.96
N VAL I 99 33.55 -21.79 26.12
CA VAL I 99 33.04 -20.70 25.30
C VAL I 99 33.38 -19.38 25.97
N THR I 100 33.58 -18.34 25.15
CA THR I 100 33.99 -17.03 25.65
C THR I 100 32.99 -15.98 25.17
N GLY I 101 32.32 -15.33 26.12
CA GLY I 101 31.42 -14.25 25.81
C GLY I 101 30.05 -14.72 25.35
N ASP I 102 29.11 -13.78 25.34
CA ASP I 102 27.73 -14.08 24.98
C ASP I 102 27.44 -13.88 23.50
N TYR I 103 28.41 -13.41 22.72
CA TYR I 103 28.24 -13.34 21.28
C TYR I 103 29.50 -13.72 20.52
N ASN I 104 30.56 -14.14 21.21
CA ASN I 104 31.78 -14.63 20.59
C ASN I 104 31.80 -16.15 20.80
N TRP I 105 31.16 -16.86 19.88
CA TRP I 105 30.87 -18.27 20.09
C TRP I 105 32.08 -19.17 19.98
N TYR I 106 33.19 -18.69 19.44
CA TYR I 106 34.38 -19.52 19.29
C TYR I 106 34.96 -19.89 20.66
N PHE I 107 35.60 -21.04 20.72
CA PHE I 107 36.30 -21.44 21.93
C PHE I 107 37.55 -20.61 22.13
N ASP I 108 38.01 -20.54 23.38
CA ASP I 108 39.23 -19.81 23.72
C ASP I 108 40.19 -20.60 24.58
N LEU I 109 39.77 -21.69 25.22
CA LEU I 109 40.65 -22.48 26.06
C LEU I 109 40.22 -23.94 25.98
N TRP I 110 41.11 -24.79 25.50
CA TRP I 110 40.85 -26.21 25.37
C TRP I 110 41.43 -26.96 26.57
N GLY I 111 41.35 -28.30 26.53
CA GLY I 111 41.89 -29.14 27.57
C GLY I 111 42.96 -30.06 27.05
N ARG I 112 43.61 -30.77 27.97
CA ARG I 112 44.67 -31.69 27.60
C ARG I 112 44.14 -32.79 26.68
N GLY I 113 42.98 -33.35 27.02
CA GLY I 113 42.41 -34.43 26.25
C GLY I 113 42.66 -35.78 26.90
N THR I 114 41.66 -36.66 26.84
CA THR I 114 41.75 -38.00 27.41
C THR I 114 41.32 -39.02 26.38
N LEU I 115 41.93 -40.19 26.43
CA LEU I 115 41.72 -41.25 25.45
C LEU I 115 40.92 -42.38 26.08
N VAL I 116 39.86 -42.81 25.40
CA VAL I 116 39.00 -43.89 25.85
C VAL I 116 39.06 -45.00 24.82
N THR I 117 39.14 -46.24 25.30
CA THR I 117 39.21 -47.42 24.43
C THR I 117 38.06 -48.35 24.76
N VAL I 118 37.43 -48.88 23.71
CA VAL I 118 36.36 -49.85 23.83
C VAL I 118 36.80 -51.13 23.14
N SER I 119 36.69 -52.25 23.85
CA SER I 119 37.11 -53.54 23.32
C SER I 119 36.58 -54.63 24.21
N SER I 120 36.59 -55.86 23.69
CA SER I 120 36.13 -57.02 24.44
C SER I 120 37.32 -57.85 24.91
N GLU J 1 23.83 -29.27 7.47
CA GLU J 1 25.18 -29.19 8.12
C GLU J 1 26.21 -28.63 7.16
N ILE J 2 26.78 -27.48 7.50
CA ILE J 2 27.81 -26.88 6.67
C ILE J 2 29.02 -27.79 6.62
N VAL J 3 29.56 -28.00 5.43
CA VAL J 3 30.71 -28.86 5.21
C VAL J 3 31.91 -27.98 4.88
N MET J 4 33.00 -28.16 5.62
CA MET J 4 34.23 -27.40 5.44
C MET J 4 35.28 -28.29 4.81
N THR J 5 35.83 -27.84 3.69
CA THR J 5 36.87 -28.57 2.97
C THR J 5 38.18 -27.81 3.11
N GLN J 6 39.21 -28.49 3.61
CA GLN J 6 40.52 -27.89 3.83
C GLN J 6 41.52 -28.52 2.87
N SER J 7 42.18 -27.68 2.08
CA SER J 7 43.19 -28.12 1.12
C SER J 7 44.38 -27.19 1.19
N PRO J 8 45.59 -27.68 0.90
CA PRO J 8 45.95 -29.06 0.55
C PRO J 8 45.98 -29.98 1.78
N ALA J 9 45.86 -31.28 1.59
CA ALA J 9 45.87 -32.20 2.72
C ALA J 9 47.19 -32.11 3.48
N THR J 10 48.31 -32.05 2.76
CA THR J 10 49.63 -31.93 3.35
C THR J 10 50.39 -30.82 2.65
N LEU J 11 51.08 -29.99 3.43
CA LEU J 11 51.87 -28.88 2.90
C LEU J 11 53.28 -28.99 3.44
N SER J 12 54.26 -28.98 2.55
CA SER J 12 55.67 -29.08 2.90
C SER J 12 56.36 -27.79 2.48
N VAL J 13 56.83 -27.02 3.46
CA VAL J 13 57.49 -25.74 3.21
C VAL J 13 58.70 -25.64 4.12
N SER J 14 59.83 -25.21 3.55
CA SER J 14 61.03 -25.03 4.33
C SER J 14 60.92 -23.78 5.21
N PRO J 15 61.75 -23.66 6.24
CA PRO J 15 61.66 -22.48 7.10
C PRO J 15 61.89 -21.19 6.32
N GLY J 16 61.13 -20.16 6.68
CA GLY J 16 61.38 -18.82 6.18
C GLY J 16 60.39 -18.31 5.14
N GLU J 17 60.00 -19.17 4.20
CA GLU J 17 59.22 -18.71 3.05
C GLU J 17 57.72 -18.77 3.37
N ARG J 18 56.90 -18.59 2.34
CA ARG J 18 55.46 -18.47 2.52
C ARG J 18 54.81 -19.84 2.67
N ALA J 19 53.63 -19.84 3.29
CA ALA J 19 52.82 -21.04 3.44
C ALA J 19 51.36 -20.62 3.48
N THR J 20 50.55 -21.17 2.58
CA THR J 20 49.15 -20.81 2.45
C THR J 20 48.27 -22.03 2.73
N LEU J 21 47.13 -21.78 3.39
CA LEU J 21 46.16 -22.82 3.69
C LEU J 21 44.79 -22.33 3.27
N SER J 22 43.95 -23.26 2.81
CA SER J 22 42.63 -22.95 2.28
C SER J 22 41.56 -23.67 3.07
N CYS J 23 40.46 -22.97 3.33
CA CYS J 23 39.28 -23.54 3.97
C CYS J 23 38.06 -23.03 3.21
N ARG J 24 37.39 -23.92 2.49
CA ARG J 24 36.24 -23.56 1.67
C ARG J 24 34.97 -24.06 2.33
N ALA J 25 33.98 -23.19 2.42
CA ALA J 25 32.70 -23.51 3.05
C ALA J 25 31.64 -23.76 1.98
N SER J 26 30.81 -24.78 2.20
CA SER J 26 29.76 -25.12 1.25
C SER J 26 28.65 -24.07 1.19
N GLN J 27 28.66 -23.10 2.11
CA GLN J 27 27.64 -22.07 2.12
C GLN J 27 28.22 -20.85 2.82
N GLY J 28 27.77 -19.68 2.41
CA GLY J 28 28.29 -18.44 2.96
C GLY J 28 28.17 -18.37 4.47
N VAL J 29 29.27 -18.10 5.16
CA VAL J 29 29.30 -18.02 6.61
C VAL J 29 29.72 -16.63 7.09
N SER J 30 29.69 -15.64 6.20
CA SER J 30 30.05 -14.26 6.54
C SER J 30 31.47 -14.28 7.10
N SER J 31 31.72 -13.68 8.27
CA SER J 31 33.06 -13.61 8.84
C SER J 31 33.19 -14.42 10.12
N ASN J 32 32.25 -15.35 10.36
CA ASN J 32 32.28 -16.17 11.58
C ASN J 32 33.13 -17.40 11.31
N LEU J 33 34.44 -17.22 11.42
CA LEU J 33 35.38 -18.32 11.22
C LEU J 33 36.58 -18.13 12.14
N ALA J 34 37.14 -19.25 12.60
CA ALA J 34 38.29 -19.24 13.49
C ALA J 34 39.27 -20.33 13.08
N TRP J 35 40.53 -20.12 13.41
CA TRP J 35 41.61 -21.05 13.10
C TRP J 35 42.20 -21.58 14.39
N TYR J 36 42.43 -22.89 14.46
CA TYR J 36 43.00 -23.54 15.63
C TYR J 36 44.23 -24.34 15.22
N GLN J 37 45.23 -24.35 16.09
CA GLN J 37 46.43 -25.15 15.91
C GLN J 37 46.57 -26.09 17.10
N GLN J 38 47.07 -27.30 16.84
CA GLN J 38 47.20 -28.33 17.86
C GLN J 38 48.52 -29.06 17.67
N LYS J 39 49.45 -28.84 18.60
CA LYS J 39 50.69 -29.61 18.59
C LYS J 39 50.40 -31.05 19.00
N PRO J 40 51.29 -31.98 18.67
CA PRO J 40 51.04 -33.39 19.02
C PRO J 40 51.14 -33.62 20.52
N GLY J 41 50.01 -33.89 21.17
CA GLY J 41 49.98 -34.12 22.59
C GLY J 41 49.78 -32.89 23.44
N GLN J 42 49.34 -31.77 22.86
CA GLN J 42 49.15 -30.53 23.59
C GLN J 42 47.72 -30.03 23.39
N ALA J 43 47.33 -29.10 24.25
CA ALA J 43 46.00 -28.52 24.15
C ALA J 43 45.92 -27.59 22.95
N PRO J 44 44.92 -27.72 22.08
CA PRO J 44 44.82 -26.82 20.93
C PRO J 44 44.71 -25.37 21.38
N ARG J 45 45.24 -24.47 20.55
CA ARG J 45 45.30 -23.05 20.84
C ARG J 45 44.58 -22.27 19.75
N LEU J 46 43.90 -21.19 20.14
CA LEU J 46 43.24 -20.32 19.20
C LEU J 46 44.25 -19.35 18.60
N LEU J 47 44.19 -19.17 17.28
CA LEU J 47 45.07 -18.25 16.56
C LEU J 47 44.32 -17.09 15.94
N ILE J 48 43.29 -17.36 15.15
CA ILE J 48 42.53 -16.33 14.45
C ILE J 48 41.06 -16.50 14.80
N HIS J 49 40.41 -15.39 15.14
CA HIS J 49 38.97 -15.36 15.37
C HIS J 49 38.38 -14.19 14.59
N GLY J 50 37.26 -14.43 13.93
CA GLY J 50 36.68 -13.45 13.05
C GLY J 50 37.27 -13.45 11.65
N ALA J 51 38.21 -14.35 11.35
CA ALA J 51 38.77 -14.50 10.02
C ALA J 51 39.73 -13.39 9.67
N SER J 52 39.90 -12.41 10.56
CA SER J 52 40.81 -11.30 10.32
C SER J 52 41.52 -10.80 11.58
N THR J 53 41.07 -11.18 12.77
CA THR J 53 41.66 -10.69 14.01
C THR J 53 42.56 -11.76 14.62
N ARG J 54 43.74 -11.36 15.05
CA ARG J 54 44.70 -12.29 15.65
C ARG J 54 44.31 -12.58 17.09
N ALA J 55 44.45 -13.85 17.48
CA ALA J 55 44.16 -14.24 18.85
C ALA J 55 45.18 -13.62 19.80
N THR J 56 44.72 -13.25 20.98
CA THR J 56 45.62 -12.68 21.99
C THR J 56 46.69 -13.71 22.35
N GLY J 57 47.95 -13.25 22.39
CA GLY J 57 49.05 -14.10 22.75
C GLY J 57 49.65 -14.90 21.61
N SER J 58 49.11 -14.78 20.39
CA SER J 58 49.68 -15.51 19.27
C SER J 58 50.74 -14.69 18.56
N PRO J 59 51.71 -15.32 17.91
CA PRO J 59 52.73 -14.55 17.18
C PRO J 59 52.11 -13.70 16.09
N ALA J 60 52.70 -12.51 15.89
CA ALA J 60 52.17 -11.58 14.91
C ALA J 60 52.37 -12.05 13.47
N ARG J 61 53.20 -13.07 13.26
CA ARG J 61 53.45 -13.55 11.91
C ARG J 61 52.17 -14.11 11.28
N PHE J 62 51.33 -14.77 12.07
CA PHE J 62 50.11 -15.37 11.54
C PHE J 62 49.17 -14.29 11.04
N SER J 63 48.53 -14.57 9.91
CA SER J 63 47.58 -13.61 9.33
C SER J 63 46.68 -14.36 8.35
N GLY J 64 45.36 -14.18 8.52
CA GLY J 64 44.40 -14.78 7.61
C GLY J 64 43.40 -13.74 7.16
N SER J 65 42.72 -14.06 6.06
CA SER J 65 41.77 -13.13 5.46
C SER J 65 40.77 -13.91 4.63
N GLY J 66 39.67 -13.23 4.30
CA GLY J 66 38.62 -13.83 3.49
C GLY J 66 37.25 -13.63 4.09
N SER J 67 36.22 -13.72 3.25
CA SER J 67 34.85 -13.62 3.72
C SER J 67 33.95 -14.35 2.75
N GLY J 68 32.73 -14.65 3.20
CA GLY J 68 31.80 -15.41 2.39
C GLY J 68 32.06 -16.91 2.49
N THR J 69 32.61 -17.49 1.42
CA THR J 69 32.88 -18.91 1.37
C THR J 69 34.35 -19.23 1.07
N GLU J 70 35.21 -18.22 1.00
CA GLU J 70 36.63 -18.41 0.73
C GLU J 70 37.45 -17.75 1.81
N PHE J 71 38.36 -18.51 2.41
CA PHE J 71 39.20 -18.02 3.50
C PHE J 71 40.60 -18.60 3.34
N THR J 72 41.59 -17.86 3.85
CA THR J 72 42.98 -18.25 3.70
C THR J 72 43.76 -17.83 4.93
N LEU J 73 44.78 -18.63 5.27
CA LEU J 73 45.68 -18.35 6.39
C LEU J 73 47.09 -18.28 5.85
N THR J 74 47.84 -17.26 6.28
CA THR J 74 49.21 -17.05 5.84
C THR J 74 50.09 -16.73 7.05
N ILE J 75 51.32 -17.23 7.00
CA ILE J 75 52.31 -17.00 8.06
C ILE J 75 53.52 -16.32 7.43
N SER J 76 53.96 -15.22 8.04
CA SER J 76 55.03 -14.43 7.46
C SER J 76 56.33 -15.24 7.38
N SER J 77 56.62 -16.01 8.41
CA SER J 77 57.84 -16.82 8.45
C SER J 77 57.54 -18.16 9.10
N LEU J 78 58.13 -19.22 8.55
CA LEU J 78 57.96 -20.57 9.08
C LEU J 78 59.15 -20.89 9.97
N GLN J 79 58.90 -21.02 11.26
CA GLN J 79 59.95 -21.32 12.23
C GLN J 79 59.99 -22.82 12.53
N SER J 80 60.96 -23.20 13.36
CA SER J 80 61.09 -24.60 13.73
C SER J 80 59.94 -25.10 14.58
N GLU J 81 59.13 -24.19 15.14
CA GLU J 81 58.06 -24.55 16.06
C GLU J 81 56.68 -24.46 15.41
N ASP J 82 56.60 -24.22 14.11
CA ASP J 82 55.30 -24.12 13.44
C ASP J 82 54.78 -25.47 12.97
N PHE J 83 55.60 -26.52 13.00
CA PHE J 83 55.12 -27.84 12.61
C PHE J 83 53.93 -28.23 13.48
N ALA J 84 52.75 -28.35 12.87
CA ALA J 84 51.54 -28.66 13.61
C ALA J 84 50.39 -28.82 12.61
N VAL J 85 49.24 -29.22 13.12
CA VAL J 85 48.02 -29.37 12.33
C VAL J 85 47.15 -28.14 12.58
N TYR J 86 46.51 -27.65 11.52
CA TYR J 86 45.70 -26.44 11.58
C TYR J 86 44.30 -26.74 11.06
N SER J 87 43.28 -26.30 11.81
CA SER J 87 41.90 -26.58 11.47
C SER J 87 41.10 -25.27 11.51
N CYS J 88 40.04 -25.23 10.71
CA CYS J 88 39.14 -24.09 10.65
C CYS J 88 37.78 -24.49 11.20
N GLN J 89 37.14 -23.56 11.90
CA GLN J 89 35.82 -23.78 12.49
C GLN J 89 34.92 -22.61 12.14
N GLN J 90 33.67 -22.92 11.80
CA GLN J 90 32.65 -21.92 11.50
C GLN J 90 31.60 -21.93 12.59
N TYR J 91 31.20 -20.74 13.03
CA TYR J 91 30.15 -20.60 14.04
C TYR J 91 29.05 -19.68 13.52
N HIS J 92 28.58 -19.97 12.31
CA HIS J 92 27.46 -19.24 11.71
C HIS J 92 26.14 -19.94 11.96
N ASN J 93 26.07 -21.25 11.70
CA ASN J 93 24.85 -22.03 11.85
C ASN J 93 25.11 -23.21 12.76
N TRP J 94 24.21 -23.44 13.71
CA TRP J 94 24.34 -24.57 14.62
C TRP J 94 23.92 -25.85 13.92
N PRO J 95 24.63 -26.98 14.15
CA PRO J 95 25.84 -27.14 14.98
C PRO J 95 27.07 -26.58 14.28
N TRP J 96 28.15 -26.37 15.00
CA TRP J 96 29.35 -25.78 14.44
C TRP J 96 30.35 -26.88 14.08
N THR J 97 30.90 -26.78 12.87
CA THR J 97 31.70 -27.85 12.29
C THR J 97 33.14 -27.43 12.13
N PHE J 98 34.01 -28.41 11.95
CA PHE J 98 35.44 -28.21 11.78
C PHE J 98 35.89 -28.73 10.43
N GLY J 99 37.01 -28.19 9.94
CA GLY J 99 37.62 -28.70 8.75
C GLY J 99 38.35 -30.00 9.00
N GLN J 100 38.86 -30.59 7.92
CA GLN J 100 39.56 -31.86 8.04
C GLN J 100 40.93 -31.70 8.69
N GLY J 101 41.54 -30.53 8.56
CA GLY J 101 42.83 -30.28 9.18
C GLY J 101 43.99 -30.46 8.22
N THR J 102 44.72 -29.37 7.96
CA THR J 102 45.87 -29.39 7.07
C THR J 102 47.14 -29.60 7.88
N LYS J 103 47.96 -30.56 7.47
CA LYS J 103 49.19 -30.90 8.16
C LYS J 103 50.36 -30.22 7.47
N VAL J 104 51.24 -29.60 8.26
CA VAL J 104 52.43 -28.93 7.75
C VAL J 104 53.63 -29.82 8.02
N GLU J 105 54.39 -30.13 6.97
CA GLU J 105 55.54 -31.02 7.05
C GLU J 105 56.82 -30.22 6.85
N ILE J 106 57.81 -30.50 7.69
CA ILE J 106 59.10 -29.82 7.60
C ILE J 106 59.92 -30.43 6.48
N LYS J 107 60.52 -29.58 5.66
CA LYS J 107 61.34 -30.02 4.54
C LYS J 107 62.32 -28.94 4.12
N GLU K 1 -34.25 -13.71 50.85
CA GLU K 1 -34.72 -14.17 49.52
C GLU K 1 -34.92 -12.99 48.57
N VAL K 2 -34.12 -12.95 47.51
CA VAL K 2 -34.23 -11.88 46.54
C VAL K 2 -35.64 -11.86 45.96
N GLN K 3 -36.23 -10.67 45.90
CA GLN K 3 -37.58 -10.53 45.38
C GLN K 3 -37.91 -9.05 45.24
N LEU K 4 -38.78 -8.74 44.28
CA LEU K 4 -39.24 -7.38 44.03
C LEU K 4 -40.77 -7.37 44.05
N VAL K 5 -41.34 -6.31 44.60
CA VAL K 5 -42.78 -6.17 44.72
C VAL K 5 -43.19 -4.80 44.22
N GLU K 6 -44.26 -4.75 43.43
CA GLU K 6 -44.77 -3.51 42.86
C GLU K 6 -46.06 -3.11 43.56
N SER K 7 -46.32 -1.80 43.58
CA SER K 7 -47.51 -1.27 44.21
C SER K 7 -47.84 0.08 43.58
N GLY K 8 -49.07 0.54 43.82
CA GLY K 8 -49.55 1.79 43.27
C GLY K 8 -50.69 1.65 42.28
N GLU K 9 -51.17 0.43 42.01
CA GLU K 9 -52.25 0.25 41.06
C GLU K 9 -53.47 1.07 41.46
N GLY K 10 -54.39 1.22 40.51
CA GLY K 10 -55.61 1.94 40.77
C GLY K 10 -56.31 2.30 39.48
N LEU K 11 -57.36 3.11 39.64
CA LEU K 11 -58.14 3.61 38.52
C LEU K 11 -57.65 5.01 38.16
N VAL K 12 -57.38 5.24 36.87
CA VAL K 12 -56.89 6.52 36.38
C VAL K 12 -57.72 6.92 35.16
N GLN K 13 -58.14 8.17 35.14
CA GLN K 13 -58.87 8.68 33.99
C GLN K 13 -57.91 8.95 32.83
N PRO K 14 -58.41 8.93 31.59
CA PRO K 14 -57.54 9.26 30.47
C PRO K 14 -56.95 10.66 30.63
N GLY K 15 -55.67 10.79 30.30
CA GLY K 15 -54.97 12.04 30.46
C GLY K 15 -54.54 12.34 31.87
N GLY K 16 -54.69 11.40 32.79
CA GLY K 16 -54.32 11.61 34.19
C GLY K 16 -52.87 11.30 34.45
N SER K 17 -52.56 11.09 35.73
CA SER K 17 -51.21 10.77 36.17
C SER K 17 -51.25 9.61 37.16
N LEU K 18 -50.17 8.84 37.18
CA LEU K 18 -50.07 7.67 38.04
C LEU K 18 -48.60 7.43 38.36
N ARG K 19 -48.32 7.00 39.58
CA ARG K 19 -46.96 6.70 40.02
C ARG K 19 -46.91 5.30 40.59
N LEU K 20 -45.92 4.53 40.15
CA LEU K 20 -45.69 3.18 40.63
C LEU K 20 -44.40 3.13 41.45
N SER K 21 -44.20 2.01 42.13
CA SER K 21 -42.99 1.79 42.91
C SER K 21 -42.71 0.29 42.96
N CYS K 22 -41.43 -0.06 42.92
CA CYS K 22 -40.99 -1.46 42.91
C CYS K 22 -39.93 -1.63 43.99
N ALA K 23 -40.37 -1.90 45.21
CA ALA K 23 -39.44 -2.09 46.32
C ALA K 23 -38.64 -3.37 46.11
N ALA K 24 -37.38 -3.34 46.55
CA ALA K 24 -36.46 -4.45 46.38
C ALA K 24 -35.82 -4.79 47.72
N SER K 25 -35.46 -6.06 47.87
CA SER K 25 -34.83 -6.53 49.10
C SER K 25 -34.09 -7.82 48.82
N GLY K 26 -33.01 -8.03 49.57
CA GLY K 26 -32.25 -9.26 49.50
C GLY K 26 -30.96 -9.19 48.70
N PHE K 27 -30.60 -8.03 48.18
CA PHE K 27 -29.37 -7.90 47.40
C PHE K 27 -28.98 -6.43 47.35
N THR K 28 -27.77 -6.19 46.85
CA THR K 28 -27.25 -4.82 46.72
C THR K 28 -27.98 -4.13 45.58
N PHE K 29 -28.92 -3.26 45.93
CA PHE K 29 -29.71 -2.58 44.91
C PHE K 29 -28.87 -1.68 44.03
N SER K 30 -27.92 -0.96 44.62
CA SER K 30 -27.15 0.06 43.92
C SER K 30 -26.06 -0.52 43.03
N SER K 31 -26.06 -1.82 42.76
CA SER K 31 -25.06 -2.44 41.91
C SER K 31 -25.65 -2.98 40.61
N HIS K 32 -26.92 -2.75 40.34
CA HIS K 32 -27.58 -3.32 39.18
C HIS K 32 -28.43 -2.27 38.47
N ALA K 33 -28.61 -2.46 37.17
CA ALA K 33 -29.51 -1.64 36.37
C ALA K 33 -30.89 -2.27 36.34
N MET K 34 -31.90 -1.43 36.11
CA MET K 34 -33.29 -1.86 36.17
C MET K 34 -34.00 -1.51 34.87
N HIS K 35 -35.07 -2.24 34.60
CA HIS K 35 -35.90 -2.02 33.42
C HIS K 35 -37.36 -2.01 33.83
N TRP K 36 -38.20 -1.46 32.95
CA TRP K 36 -39.64 -1.54 33.09
C TRP K 36 -40.21 -2.16 31.82
N VAL K 37 -41.04 -3.19 31.98
CA VAL K 37 -41.62 -3.92 30.86
C VAL K 37 -43.11 -4.07 31.11
N ARG K 38 -43.89 -3.99 30.03
CA ARG K 38 -45.34 -4.12 30.11
C ARG K 38 -45.82 -5.09 29.06
N GLN K 39 -46.88 -5.82 29.39
CA GLN K 39 -47.50 -6.79 28.49
C GLN K 39 -48.97 -6.42 28.32
N ALA K 40 -49.31 -5.89 27.15
CA ALA K 40 -50.69 -5.57 26.86
C ALA K 40 -51.50 -6.85 26.73
N PRO K 41 -52.82 -6.78 26.97
CA PRO K 41 -53.64 -8.00 26.90
C PRO K 41 -53.70 -8.53 25.47
N GLY K 42 -53.17 -9.74 25.28
CA GLY K 42 -53.16 -10.38 23.97
C GLY K 42 -51.94 -10.12 23.13
N LYS K 43 -50.97 -9.39 23.64
CA LYS K 43 -49.75 -9.07 22.92
C LYS K 43 -48.54 -9.53 23.75
N GLY K 44 -47.35 -9.36 23.16
CA GLY K 44 -46.12 -9.78 23.81
C GLY K 44 -45.55 -8.72 24.73
N LEU K 45 -44.37 -9.02 25.25
CA LEU K 45 -43.67 -8.09 26.14
C LEU K 45 -42.93 -7.05 25.33
N GLU K 46 -43.04 -5.79 25.77
CA GLU K 46 -42.41 -4.67 25.09
C GLU K 46 -41.64 -3.83 26.09
N TYR K 47 -40.44 -3.40 25.69
CA TYR K 47 -39.60 -2.58 26.55
C TYR K 47 -40.19 -1.19 26.68
N VAL K 48 -40.08 -0.59 27.85
CA VAL K 48 -40.67 0.70 28.18
C VAL K 48 -39.57 1.72 28.48
N SER K 49 -38.76 1.45 29.50
CA SER K 49 -37.69 2.37 29.89
C SER K 49 -36.66 1.63 30.72
N ALA K 50 -35.51 2.27 30.91
CA ALA K 50 -34.40 1.68 31.64
C ALA K 50 -33.62 2.77 32.34
N ILE K 51 -32.81 2.37 33.31
CA ILE K 51 -31.98 3.30 34.08
C ILE K 51 -30.71 2.58 34.52
N SER K 52 -29.63 3.33 34.60
CA SER K 52 -28.34 2.76 34.96
C SER K 52 -28.27 2.54 36.47
N SER K 53 -27.15 1.97 36.92
CA SER K 53 -27.01 1.60 38.33
C SER K 53 -27.07 2.83 39.22
N GLU K 54 -26.30 3.87 38.88
CA GLU K 54 -26.22 5.06 39.71
C GLU K 54 -27.31 6.08 39.40
N GLY K 55 -28.20 5.78 38.45
CA GLY K 55 -29.28 6.70 38.14
C GLY K 55 -28.88 7.91 37.33
N GLY K 56 -27.73 7.85 36.66
CA GLY K 56 -27.26 8.98 35.87
C GLY K 56 -27.67 8.95 34.42
N SER K 57 -28.15 7.81 33.92
CA SER K 57 -28.56 7.67 32.53
C SER K 57 -29.92 7.00 32.48
N THR K 58 -30.83 7.57 31.70
CA THR K 58 -32.18 7.02 31.54
C THR K 58 -32.50 6.89 30.07
N TYR K 59 -33.13 5.78 29.71
CA TYR K 59 -33.53 5.51 28.33
C TYR K 59 -35.05 5.34 28.29
N TYR K 60 -35.64 5.73 27.15
CA TYR K 60 -37.08 5.71 26.98
C TYR K 60 -37.45 5.11 25.64
N ALA K 61 -38.65 4.53 25.57
CA ALA K 61 -39.20 4.08 24.31
C ALA K 61 -39.86 5.25 23.58
N ASP K 62 -39.97 5.11 22.25
CA ASP K 62 -40.47 6.21 21.44
C ASP K 62 -41.91 6.55 21.81
N SER K 63 -42.74 5.54 22.06
CA SER K 63 -44.15 5.79 22.32
C SER K 63 -44.36 6.52 23.63
N VAL K 64 -43.44 6.39 24.58
CA VAL K 64 -43.60 7.00 25.90
C VAL K 64 -42.69 8.19 26.14
N ARG K 65 -41.75 8.47 25.22
CA ARG K 65 -40.83 9.57 25.43
C ARG K 65 -41.59 10.88 25.62
N GLY K 66 -41.16 11.65 26.61
CA GLY K 66 -41.77 12.93 26.90
C GLY K 66 -42.99 12.87 27.79
N ARG K 67 -43.39 11.69 28.25
CA ARG K 67 -44.57 11.56 29.10
C ARG K 67 -44.23 10.83 30.39
N PHE K 68 -43.30 9.88 30.32
CA PHE K 68 -42.93 9.05 31.45
C PHE K 68 -41.58 9.50 32.00
N ILE K 69 -41.41 9.36 33.31
CA ILE K 69 -40.16 9.67 33.99
C ILE K 69 -39.81 8.51 34.91
N ILE K 70 -38.57 8.06 34.85
CA ILE K 70 -38.08 6.94 35.64
C ILE K 70 -36.98 7.45 36.56
N SER K 71 -37.05 7.04 37.83
CA SER K 71 -36.05 7.46 38.81
C SER K 71 -35.87 6.34 39.83
N ARG K 72 -34.75 6.41 40.55
CA ARG K 72 -34.42 5.42 41.56
C ARG K 72 -33.90 6.11 42.80
N ASP K 73 -34.00 5.42 43.93
CA ASP K 73 -33.53 5.92 45.22
C ASP K 73 -32.70 4.82 45.87
N ASN K 74 -31.39 4.88 45.69
CA ASN K 74 -30.52 3.81 46.19
C ASN K 74 -30.61 3.67 47.70
N SER K 75 -30.90 4.75 48.42
CA SER K 75 -30.93 4.70 49.87
C SER K 75 -32.03 3.75 50.37
N LYS K 76 -33.22 3.85 49.77
CA LYS K 76 -34.37 3.06 50.20
C LYS K 76 -34.60 1.81 49.36
N ASN K 77 -33.69 1.51 48.44
CA ASN K 77 -33.84 0.33 47.58
C ASN K 77 -35.20 0.32 46.90
N THR K 78 -35.50 1.41 46.20
CA THR K 78 -36.78 1.58 45.54
C THR K 78 -36.59 2.08 44.12
N LEU K 79 -37.51 1.71 43.25
CA LEU K 79 -37.53 2.15 41.85
C LEU K 79 -38.89 2.76 41.56
N TYR K 80 -38.89 3.92 40.93
CA TYR K 80 -40.11 4.67 40.67
C TYR K 80 -40.33 4.82 39.17
N LEU K 81 -41.59 5.00 38.78
CA LEU K 81 -41.95 5.25 37.40
C LEU K 81 -43.15 6.18 37.40
N GLN K 82 -42.97 7.41 36.92
CA GLN K 82 -44.01 8.42 36.92
C GLN K 82 -44.66 8.48 35.55
N MET K 83 -45.97 8.27 35.50
CA MET K 83 -46.73 8.34 34.26
C MET K 83 -47.45 9.67 34.15
N GLY K 84 -47.49 10.22 32.94
CA GLY K 84 -48.20 11.46 32.69
C GLY K 84 -48.95 11.42 31.37
N SER K 85 -50.14 12.03 31.34
CA SER K 85 -50.96 12.06 30.13
C SER K 85 -51.26 10.64 29.64
N LEU K 86 -51.97 9.90 30.48
CA LEU K 86 -52.28 8.51 30.15
C LEU K 86 -53.19 8.45 28.93
N ARG K 87 -53.10 7.32 28.22
CA ARG K 87 -53.91 7.09 27.03
C ARG K 87 -54.41 5.65 27.04
N ALA K 88 -55.36 5.37 26.15
CA ALA K 88 -55.99 4.05 26.13
C ALA K 88 -54.98 2.96 25.82
N GLU K 89 -54.09 3.18 24.85
CA GLU K 89 -53.14 2.15 24.45
C GLU K 89 -52.22 1.74 25.58
N ASP K 90 -52.05 2.58 26.61
CA ASP K 90 -51.18 2.27 27.72
C ASP K 90 -51.85 1.31 28.68
N MET K 91 -52.26 0.14 28.21
CA MET K 91 -52.95 -0.83 29.05
C MET K 91 -52.10 -2.10 29.10
N ALA K 92 -51.68 -2.50 30.29
CA ALA K 92 -50.84 -3.68 30.43
C ALA K 92 -50.56 -3.97 31.90
N VAL K 93 -49.79 -5.03 32.17
CA VAL K 93 -49.29 -5.33 33.49
C VAL K 93 -47.80 -5.05 33.48
N TYR K 94 -47.34 -4.19 34.40
CA TYR K 94 -45.98 -3.68 34.40
C TYR K 94 -45.12 -4.49 35.37
N TYR K 95 -43.99 -4.98 34.87
CA TYR K 95 -43.03 -5.73 35.67
C TYR K 95 -41.72 -4.94 35.74
N CYS K 96 -41.08 -4.97 36.92
CA CYS K 96 -39.81 -4.31 37.12
C CYS K 96 -38.71 -5.37 37.11
N ALA K 97 -38.08 -5.55 35.96
CA ALA K 97 -37.02 -6.52 35.80
C ALA K 97 -35.69 -5.95 36.33
N ARG K 98 -34.69 -6.83 36.41
CA ARG K 98 -33.36 -6.44 36.85
C ARG K 98 -32.32 -7.03 35.91
N VAL K 99 -31.29 -6.25 35.63
CA VAL K 99 -30.19 -6.67 34.76
C VAL K 99 -29.11 -7.29 35.62
N THR K 100 -28.33 -8.20 35.03
CA THR K 100 -27.30 -8.93 35.75
C THR K 100 -25.98 -8.79 34.99
N GLY K 101 -24.97 -8.24 35.65
CA GLY K 101 -23.64 -8.15 35.08
C GLY K 101 -23.50 -7.03 34.07
N ASP K 102 -22.24 -6.75 33.74
CA ASP K 102 -21.90 -5.67 32.83
C ASP K 102 -21.77 -6.11 31.38
N TYR K 103 -21.92 -7.41 31.09
CA TYR K 103 -21.96 -7.86 29.71
C TYR K 103 -22.97 -8.98 29.51
N ASN K 104 -23.80 -9.27 30.50
CA ASN K 104 -24.88 -10.24 30.39
C ASN K 104 -26.18 -9.45 30.50
N TRP K 105 -26.66 -8.94 29.37
CA TRP K 105 -27.76 -7.99 29.37
C TRP K 105 -29.11 -8.63 29.68
N TYR K 106 -29.21 -9.95 29.69
CA TYR K 106 -30.48 -10.60 29.97
C TYR K 106 -30.89 -10.37 31.42
N PHE K 107 -32.20 -10.37 31.64
CA PHE K 107 -32.72 -10.25 33.00
C PHE K 107 -32.51 -11.56 33.76
N ASP K 108 -32.44 -11.45 35.09
CA ASP K 108 -32.30 -12.61 35.95
C ASP K 108 -33.32 -12.66 37.07
N LEU K 109 -34.06 -11.59 37.32
CA LEU K 109 -35.05 -11.57 38.40
C LEU K 109 -36.16 -10.61 38.01
N TRP K 110 -37.38 -11.12 37.89
CA TRP K 110 -38.54 -10.32 37.54
C TRP K 110 -39.30 -9.97 38.81
N GLY K 111 -40.47 -9.34 38.63
CA GLY K 111 -41.33 -8.98 39.73
C GLY K 111 -42.71 -9.60 39.57
N ARG K 112 -43.52 -9.46 40.62
CA ARG K 112 -44.88 -10.01 40.60
C ARG K 112 -45.69 -9.38 39.48
N GLY K 113 -45.61 -8.08 39.32
CA GLY K 113 -46.38 -7.36 38.33
C GLY K 113 -47.59 -6.70 38.94
N THR K 114 -47.97 -5.55 38.37
CA THR K 114 -49.13 -4.79 38.81
C THR K 114 -49.96 -4.40 37.60
N LEU K 115 -51.27 -4.35 37.81
CA LEU K 115 -52.23 -4.10 36.75
C LEU K 115 -52.83 -2.71 36.91
N VAL K 116 -52.80 -1.93 35.82
CA VAL K 116 -53.33 -0.57 35.80
C VAL K 116 -54.48 -0.54 34.82
N THR K 117 -55.56 0.15 35.20
CA THR K 117 -56.76 0.26 34.37
C THR K 117 -57.06 1.73 34.11
N VAL K 118 -57.30 2.06 32.84
CA VAL K 118 -57.65 3.41 32.42
C VAL K 118 -59.06 3.37 31.84
N SER K 119 -59.91 4.27 32.33
CA SER K 119 -61.29 4.33 31.88
C SER K 119 -61.91 5.62 32.38
N SER K 120 -63.06 5.96 31.82
CA SER K 120 -63.79 7.16 32.21
C SER K 120 -65.00 6.80 33.06
N GLU L 1 -35.67 -2.46 13.86
CA GLU L 1 -36.07 -3.19 15.10
C GLU L 1 -36.30 -4.67 14.80
N ILE L 2 -35.38 -5.52 15.26
CA ILE L 2 -35.49 -6.94 14.98
C ILE L 2 -36.82 -7.47 15.50
N VAL L 3 -37.46 -8.33 14.70
CA VAL L 3 -38.76 -8.88 15.01
C VAL L 3 -38.61 -10.39 15.16
N MET L 4 -39.13 -10.93 16.25
CA MET L 4 -39.03 -12.35 16.55
C MET L 4 -40.40 -12.99 16.44
N THR L 5 -40.48 -14.08 15.68
CA THR L 5 -41.71 -14.83 15.49
C THR L 5 -41.59 -16.18 16.16
N GLN L 6 -42.57 -16.53 16.98
CA GLN L 6 -42.57 -17.78 17.73
C GLN L 6 -43.71 -18.66 17.24
N SER L 7 -43.36 -19.88 16.83
CA SER L 7 -44.32 -20.85 16.36
C SER L 7 -44.04 -22.22 16.98
N PRO L 8 -45.07 -23.05 17.15
CA PRO L 8 -46.49 -22.83 16.84
C PRO L 8 -47.18 -21.95 17.88
N ALA L 9 -48.32 -21.36 17.53
CA ALA L 9 -49.02 -20.49 18.48
C ALA L 9 -49.44 -21.27 19.72
N THR L 10 -49.96 -22.48 19.54
CA THR L 10 -50.38 -23.33 20.64
C THR L 10 -49.83 -24.73 20.43
N LEU L 11 -49.34 -25.33 21.51
CA LEU L 11 -48.79 -26.68 21.47
C LEU L 11 -49.41 -27.50 22.59
N SER L 12 -49.93 -28.68 22.23
CA SER L 12 -50.56 -29.59 23.20
C SER L 12 -49.81 -30.91 23.16
N VAL L 13 -49.23 -31.30 24.29
CA VAL L 13 -48.46 -32.53 24.40
C VAL L 13 -48.79 -33.19 25.73
N SER L 14 -49.02 -34.50 25.70
CA SER L 14 -49.28 -35.24 26.92
C SER L 14 -48.00 -35.41 27.73
N PRO L 15 -48.12 -35.72 29.01
CA PRO L 15 -46.91 -35.85 29.84
C PRO L 15 -45.99 -36.95 29.33
N GLY L 16 -44.69 -36.70 29.42
CA GLY L 16 -43.70 -37.73 29.18
C GLY L 16 -42.89 -37.58 27.90
N GLU L 17 -43.55 -37.20 26.81
CA GLU L 17 -42.91 -37.24 25.50
C GLU L 17 -42.23 -35.91 25.19
N ARG L 18 -41.76 -35.75 23.95
CA ARG L 18 -41.00 -34.59 23.55
C ARG L 18 -41.91 -33.37 23.40
N ALA L 19 -41.28 -32.19 23.32
CA ALA L 19 -41.98 -30.94 23.07
C ALA L 19 -40.97 -29.95 22.53
N THR L 20 -41.20 -29.46 21.32
CA THR L 20 -40.28 -28.54 20.65
C THR L 20 -40.95 -27.20 20.42
N LEU L 21 -40.16 -26.13 20.56
CA LEU L 21 -40.63 -24.77 20.33
C LEU L 21 -39.63 -24.05 19.44
N SER L 22 -40.14 -23.15 18.60
CA SER L 22 -39.35 -22.47 17.59
C SER L 22 -39.39 -20.96 17.79
N CYS L 23 -38.24 -20.32 17.64
CA CYS L 23 -38.12 -18.87 17.67
C CYS L 23 -37.21 -18.45 16.53
N ARG L 24 -37.77 -17.70 15.58
CA ARG L 24 -37.03 -17.26 14.39
C ARG L 24 -36.82 -15.76 14.44
N ALA L 25 -35.60 -15.33 14.15
CA ALA L 25 -35.23 -13.93 14.18
C ALA L 25 -35.06 -13.40 12.75
N SER L 26 -35.57 -12.20 12.50
CA SER L 26 -35.47 -11.60 11.18
C SER L 26 -34.05 -11.23 10.80
N GLN L 27 -33.11 -11.28 11.75
CA GLN L 27 -31.73 -10.92 11.48
C GLN L 27 -30.84 -11.72 12.42
N GLY L 28 -29.64 -12.05 11.95
CA GLY L 28 -28.71 -12.83 12.75
C GLY L 28 -28.42 -12.18 14.08
N VAL L 29 -28.67 -12.90 15.18
CA VAL L 29 -28.45 -12.39 16.52
C VAL L 29 -27.32 -13.15 17.22
N SER L 30 -26.53 -13.90 16.47
CA SER L 30 -25.41 -14.67 17.03
C SER L 30 -25.99 -15.58 18.12
N SER L 31 -25.41 -15.63 19.32
CA SER L 31 -25.87 -16.50 20.39
C SER L 31 -26.52 -15.73 21.54
N ASN L 32 -26.87 -14.46 21.31
CA ASN L 32 -27.48 -13.63 22.35
C ASN L 32 -28.98 -13.85 22.35
N LEU L 33 -29.40 -14.96 22.94
CA LEU L 33 -30.82 -15.29 23.05
C LEU L 33 -31.09 -15.90 24.41
N ALA L 34 -32.31 -15.70 24.90
CA ALA L 34 -32.72 -16.21 26.20
C ALA L 34 -34.17 -16.66 26.14
N TRP L 35 -34.53 -17.56 27.05
CA TRP L 35 -35.88 -18.10 27.15
C TRP L 35 -36.44 -17.82 28.52
N TYR L 36 -37.69 -17.38 28.57
CA TYR L 36 -38.35 -17.02 29.82
C TYR L 36 -39.65 -17.80 29.95
N GLN L 37 -39.92 -18.28 31.16
CA GLN L 37 -41.14 -19.00 31.49
C GLN L 37 -41.93 -18.18 32.50
N GLN L 38 -43.26 -18.17 32.33
CA GLN L 38 -44.13 -17.37 33.18
C GLN L 38 -45.39 -18.18 33.48
N LYS L 39 -45.56 -18.57 34.74
CA LYS L 39 -46.80 -19.19 35.18
C LYS L 39 -47.88 -18.12 35.27
N PRO L 40 -49.16 -18.53 35.29
CA PRO L 40 -50.22 -17.52 35.39
C PRO L 40 -50.34 -16.96 36.79
N GLY L 41 -49.93 -15.69 36.97
CA GLY L 41 -50.00 -15.03 38.25
C GLY L 41 -48.71 -15.04 39.05
N GLN L 42 -47.61 -15.51 38.47
CA GLN L 42 -46.33 -15.57 39.16
C GLN L 42 -45.30 -14.73 38.41
N ALA L 43 -44.16 -14.51 39.06
CA ALA L 43 -43.10 -13.73 38.46
C ALA L 43 -42.36 -14.57 37.43
N PRO L 44 -42.26 -14.13 36.17
CA PRO L 44 -41.52 -14.91 35.17
C PRO L 44 -40.16 -15.35 35.66
N ARG L 45 -39.62 -16.42 35.07
CA ARG L 45 -38.35 -16.99 35.50
C ARG L 45 -37.48 -17.25 34.29
N LEU L 46 -36.17 -17.12 34.48
CA LEU L 46 -35.20 -17.36 33.42
C LEU L 46 -34.85 -18.84 33.36
N LEU L 47 -34.85 -19.41 32.16
CA LEU L 47 -34.54 -20.81 31.95
C LEU L 47 -33.24 -21.01 31.17
N ILE L 48 -33.11 -20.38 30.00
CA ILE L 48 -31.95 -20.54 29.15
C ILE L 48 -31.39 -19.15 28.87
N HIS L 49 -30.08 -19.01 29.02
CA HIS L 49 -29.37 -17.79 28.67
C HIS L 49 -28.16 -18.14 27.82
N GLY L 50 -27.92 -17.37 26.77
CA GLY L 50 -26.88 -17.69 25.81
C GLY L 50 -27.27 -18.70 24.77
N ALA L 51 -28.52 -19.18 24.78
CA ALA L 51 -29.09 -20.13 23.83
C ALA L 51 -28.59 -21.56 24.05
N SER L 52 -27.56 -21.78 24.86
CA SER L 52 -27.05 -23.13 25.09
C SER L 52 -26.75 -23.42 26.56
N THR L 53 -26.93 -22.46 27.46
CA THR L 53 -26.61 -22.64 28.86
C THR L 53 -27.89 -22.61 29.69
N ARG L 54 -27.99 -23.55 30.63
CA ARG L 54 -29.17 -23.64 31.49
C ARG L 54 -29.08 -22.64 32.63
N ALA L 55 -30.20 -21.97 32.90
CA ALA L 55 -30.24 -21.01 34.00
C ALA L 55 -30.07 -21.74 35.33
N THR L 56 -29.38 -21.08 36.27
CA THR L 56 -29.17 -21.67 37.58
C THR L 56 -30.50 -21.92 38.26
N GLY L 57 -30.67 -23.14 38.80
CA GLY L 57 -31.87 -23.51 39.51
C GLY L 57 -32.97 -24.08 38.66
N SER L 58 -32.83 -24.08 37.33
CA SER L 58 -33.86 -24.64 36.49
C SER L 58 -33.70 -26.16 36.37
N PRO L 59 -34.79 -26.88 36.12
CA PRO L 59 -34.67 -28.33 35.94
C PRO L 59 -33.80 -28.68 34.74
N ALA L 60 -33.11 -29.81 34.86
CA ALA L 60 -32.17 -30.21 33.81
C ALA L 60 -32.87 -30.71 32.55
N ARG L 61 -34.15 -31.07 32.64
CA ARG L 61 -34.85 -31.57 31.46
C ARG L 61 -34.93 -30.52 30.36
N PHE L 62 -34.92 -29.24 30.73
CA PHE L 62 -34.95 -28.18 29.73
C PHE L 62 -33.63 -28.11 28.98
N SER L 63 -33.70 -27.92 27.66
CA SER L 63 -32.51 -27.83 26.84
C SER L 63 -32.85 -27.10 25.55
N GLY L 64 -31.96 -26.22 25.11
CA GLY L 64 -32.15 -25.48 23.89
C GLY L 64 -30.83 -25.33 23.14
N SER L 65 -30.95 -25.08 21.84
CA SER L 65 -29.78 -24.97 20.98
C SER L 65 -30.14 -24.15 19.76
N GLY L 66 -29.10 -23.72 19.05
CA GLY L 66 -29.27 -22.93 17.85
C GLY L 66 -28.39 -21.69 17.83
N SER L 67 -28.10 -21.18 16.64
CA SER L 67 -27.33 -19.96 16.49
C SER L 67 -27.70 -19.30 15.17
N GLY L 68 -27.36 -18.02 15.05
CA GLY L 68 -27.72 -17.26 13.87
C GLY L 68 -29.13 -16.74 13.93
N THR L 69 -30.04 -17.32 13.15
CA THR L 69 -31.42 -16.90 13.11
C THR L 69 -32.42 -18.02 13.41
N GLU L 70 -31.93 -19.21 13.76
CA GLU L 70 -32.80 -20.34 14.08
C GLU L 70 -32.44 -20.87 15.46
N PHE L 71 -33.45 -21.02 16.31
CA PHE L 71 -33.26 -21.49 17.68
C PHE L 71 -34.42 -22.39 18.06
N THR L 72 -34.15 -23.30 19.00
CA THR L 72 -35.15 -24.29 19.40
C THR L 72 -34.99 -24.61 20.88
N LEU L 73 -36.10 -24.86 21.54
CA LEU L 73 -36.14 -25.27 22.94
C LEU L 73 -36.78 -26.64 23.04
N THR L 74 -36.15 -27.54 23.77
CA THR L 74 -36.63 -28.91 23.95
C THR L 74 -36.60 -29.27 25.42
N ILE L 75 -37.62 -29.99 25.87
CA ILE L 75 -37.73 -30.47 27.24
C ILE L 75 -37.76 -31.98 27.21
N SER L 76 -36.89 -32.61 28.01
CA SER L 76 -36.78 -34.07 27.97
C SER L 76 -38.09 -34.74 28.35
N SER L 77 -38.73 -34.25 29.42
CA SER L 77 -39.97 -34.83 29.91
C SER L 77 -40.94 -33.72 30.29
N LEU L 78 -42.21 -33.92 29.97
CA LEU L 78 -43.25 -32.95 30.27
C LEU L 78 -43.96 -33.37 31.56
N GLN L 79 -43.89 -32.53 32.58
CA GLN L 79 -44.47 -32.81 33.88
C GLN L 79 -45.75 -31.98 34.07
N SER L 80 -46.48 -32.32 35.14
CA SER L 80 -47.75 -31.66 35.40
C SER L 80 -47.56 -30.15 35.58
N GLU L 81 -46.39 -29.72 36.03
CA GLU L 81 -46.15 -28.32 36.34
C GLU L 81 -45.57 -27.53 35.18
N ASP L 82 -45.37 -28.15 34.01
CA ASP L 82 -44.77 -27.46 32.89
C ASP L 82 -45.75 -26.55 32.15
N PHE L 83 -47.05 -26.66 32.43
CA PHE L 83 -48.02 -25.80 31.74
C PHE L 83 -47.68 -24.35 32.00
N ALA L 84 -47.31 -23.62 30.94
CA ALA L 84 -46.92 -22.23 31.07
C ALA L 84 -46.69 -21.67 29.66
N VAL L 85 -46.43 -20.37 29.61
CA VAL L 85 -46.13 -19.68 28.36
C VAL L 85 -44.63 -19.42 28.30
N TYR L 86 -44.03 -19.66 27.14
CA TYR L 86 -42.60 -19.54 26.95
C TYR L 86 -42.31 -18.50 25.88
N SER L 87 -41.37 -17.60 26.16
CA SER L 87 -41.03 -16.50 25.26
C SER L 87 -39.51 -16.44 25.09
N CYS L 88 -39.10 -15.96 23.92
CA CYS L 88 -37.69 -15.77 23.60
C CYS L 88 -37.40 -14.27 23.52
N GLN L 89 -36.23 -13.88 24.02
CA GLN L 89 -35.80 -12.50 24.02
C GLN L 89 -34.38 -12.41 23.48
N GLN L 90 -34.17 -11.52 22.50
CA GLN L 90 -32.86 -11.28 21.92
C GLN L 90 -32.26 -10.02 22.55
N TYR L 91 -30.96 -10.06 22.80
CA TYR L 91 -30.23 -8.89 23.28
C TYR L 91 -28.97 -8.68 22.46
N HIS L 92 -29.14 -8.70 21.14
CA HIS L 92 -28.01 -8.45 20.25
C HIS L 92 -27.75 -6.97 20.07
N ASN L 93 -28.78 -6.21 19.69
CA ASN L 93 -28.65 -4.77 19.53
C ASN L 93 -29.90 -4.07 20.04
N TRP L 94 -29.70 -2.87 20.58
CA TRP L 94 -30.75 -2.15 21.28
C TRP L 94 -31.85 -1.74 20.31
N PRO L 95 -33.13 -1.77 20.73
CA PRO L 95 -33.66 -2.25 22.02
C PRO L 95 -33.88 -3.75 22.06
N TRP L 96 -33.93 -4.35 23.24
CA TRP L 96 -34.23 -5.77 23.34
C TRP L 96 -35.68 -6.03 22.93
N THR L 97 -35.90 -7.20 22.34
CA THR L 97 -37.20 -7.56 21.81
C THR L 97 -37.59 -8.95 22.29
N PHE L 98 -38.91 -9.18 22.40
CA PHE L 98 -39.46 -10.43 22.88
C PHE L 98 -40.29 -11.08 21.78
N GLY L 99 -40.42 -12.41 21.87
CA GLY L 99 -41.28 -13.12 20.96
C GLY L 99 -42.74 -12.99 21.34
N GLN L 100 -43.60 -13.51 20.45
CA GLN L 100 -45.04 -13.42 20.70
C GLN L 100 -45.45 -14.22 21.93
N GLY L 101 -44.85 -15.39 22.14
CA GLY L 101 -45.16 -16.20 23.29
C GLY L 101 -46.10 -17.35 22.97
N THR L 102 -45.56 -18.57 22.93
CA THR L 102 -46.35 -19.77 22.65
C THR L 102 -46.62 -20.50 23.95
N LYS L 103 -47.87 -20.88 24.16
CA LYS L 103 -48.30 -21.55 25.38
C LYS L 103 -48.36 -23.06 25.17
N VAL L 104 -48.01 -23.80 26.21
CA VAL L 104 -48.01 -25.27 26.18
C VAL L 104 -49.14 -25.76 27.07
N GLU L 105 -49.98 -26.63 26.52
CA GLU L 105 -51.13 -27.18 27.23
C GLU L 105 -50.91 -28.66 27.48
N ILE L 106 -51.24 -29.09 28.69
CA ILE L 106 -51.06 -30.49 29.08
C ILE L 106 -52.02 -31.37 28.28
C1 NAG M . 15.83 -30.46 26.23
C2 NAG M . 16.51 -29.34 27.03
C3 NAG M . 17.48 -29.93 28.05
C4 NAG M . 16.81 -30.99 28.90
C5 NAG M . 16.12 -32.02 28.00
C6 NAG M . 15.33 -33.04 28.77
C7 NAG M . 16.74 -27.21 25.82
C8 NAG M . 17.58 -26.40 24.89
N2 NAG M . 17.20 -28.42 26.14
O3 NAG M . 17.96 -28.87 28.89
O4 NAG M . 17.80 -31.65 29.67
O5 NAG M . 15.21 -31.36 27.12
O6 NAG M . 13.99 -32.61 28.97
O7 NAG M . 15.67 -26.80 26.25
C1 NAG M . 17.44 -31.74 31.06
C2 NAG M . 18.34 -32.79 31.69
C3 NAG M . 18.02 -32.94 33.17
C4 NAG M . 18.11 -31.58 33.86
C5 NAG M . 17.24 -30.55 33.13
C6 NAG M . 17.39 -29.16 33.67
C7 NAG M . 19.14 -34.61 30.24
C8 NAG M . 18.83 -35.94 29.63
N2 NAG M . 18.20 -34.07 31.02
O3 NAG M . 18.95 -33.84 33.77
O4 NAG M . 17.64 -31.70 35.21
O5 NAG M . 17.61 -30.50 31.74
O6 NAG M . 16.56 -28.24 32.98
O7 NAG M . 20.22 -34.05 30.05
C1 BMA M . 18.65 -31.23 36.12
C2 BMA M . 17.93 -30.84 37.43
C3 BMA M . 18.95 -30.46 38.49
C4 BMA M . 20.04 -31.52 38.62
C5 BMA M . 20.67 -31.80 37.25
C6 BMA M . 21.74 -32.88 37.30
O2 BMA M . 17.20 -31.94 37.94
O3 BMA M . 18.33 -30.26 39.75
O4 BMA M . 21.04 -31.07 39.52
O5 BMA M . 19.63 -32.23 36.37
O6 BMA M . 21.38 -33.81 38.31
C1 MAN M . 18.69 -28.95 40.25
C2 MAN M . 18.62 -29.02 41.80
C3 MAN M . 17.17 -29.19 42.22
C4 MAN M . 16.29 -28.10 41.58
C5 MAN M . 16.45 -28.15 40.06
C6 MAN M . 15.67 -27.06 39.35
O2 MAN M . 19.06 -27.81 42.40
O3 MAN M . 17.03 -29.16 43.64
O4 MAN M . 14.92 -28.32 41.92
O5 MAN M . 17.83 -27.97 39.73
O6 MAN M . 16.17 -25.80 39.80
C1 MAN M . 20.89 -35.01 37.69
C2 MAN M . 19.36 -35.10 37.99
C3 MAN M . 19.14 -35.40 39.48
C4 MAN M . 19.96 -36.61 39.92
C5 MAN M . 21.44 -36.37 39.60
C6 MAN M . 22.33 -37.55 39.96
O2 MAN M . 18.76 -36.19 37.29
O3 MAN M . 17.76 -35.61 39.76
O4 MAN M . 19.80 -36.82 41.31
O5 MAN M . 21.59 -36.14 38.19
O6 MAN M . 21.98 -38.63 39.11
C1 NAG N . 2.82 -38.97 -48.11
C2 NAG N . 2.76 -40.30 -48.85
C3 NAG N . 1.37 -40.92 -48.66
C4 NAG N . 1.04 -41.02 -47.17
C5 NAG N . 1.25 -39.68 -46.47
C6 NAG N . 1.11 -39.79 -44.96
C7 NAG N . 2.36 -39.32 -51.06
C8 NAG N . 2.81 -39.28 -52.50
N2 NAG N . 3.05 -40.13 -50.26
O3 NAG N . 1.36 -42.22 -49.26
O4 NAG N . -0.33 -41.39 -47.06
O5 NAG N . 2.56 -39.17 -46.73
O6 NAG N . 1.22 -38.51 -44.34
O7 NAG N . 1.42 -38.65 -50.65
C1 NAG N . -0.77 -42.49 -46.19
C2 NAG N . 0.34 -43.43 -45.70
C3 NAG N . -0.24 -44.48 -44.75
C4 NAG N . -1.00 -43.81 -43.62
C5 NAG N . -2.07 -42.88 -44.19
C6 NAG N . -2.82 -42.11 -43.11
C7 NAG N . 0.38 -44.81 -47.73
C8 NAG N . 1.24 -45.40 -48.81
N2 NAG N . 1.02 -44.06 -46.82
O3 NAG N . 0.83 -45.27 -44.22
O4 NAG N . -1.64 -44.81 -42.81
O5 NAG N . -1.45 -41.90 -45.04
O6 NAG N . -1.93 -41.64 -42.10
O7 NAG N . -0.83 -45.01 -47.68
C1 NAG O . 10.00 -27.40 -50.48
C2 NAG O . 11.42 -27.88 -50.77
C3 NAG O . 12.25 -26.73 -51.35
C4 NAG O . 11.55 -26.12 -52.55
C5 NAG O . 10.10 -25.75 -52.20
C6 NAG O . 9.31 -25.28 -53.39
C7 NAG O . 12.24 -29.70 -49.34
C8 NAG O . 12.91 -30.06 -48.05
N2 NAG O . 12.06 -28.40 -49.57
O3 NAG O . 13.53 -27.23 -51.74
O4 NAG O . 12.24 -24.94 -52.94
O5 NAG O . 9.42 -26.89 -51.67
O6 NAG O . 7.97 -24.98 -53.03
O7 NAG O . 11.87 -30.55 -50.14
C1 NAG O . 12.49 -24.92 -54.36
C2 NAG O . 13.38 -23.72 -54.64
C3 NAG O . 13.72 -23.65 -56.13
C4 NAG O . 14.31 -24.98 -56.60
C5 NAG O . 13.37 -26.12 -56.23
C6 NAG O . 13.94 -27.48 -56.56
C7 NAG O . 11.57 -22.06 -54.65
C8 NAG O . 11.09 -20.76 -54.09
N2 NAG O . 12.76 -22.48 -54.20
O3 NAG O . 14.66 -22.60 -56.35
O4 NAG O . 14.48 -24.95 -58.01
O5 NAG O . 13.12 -26.11 -54.82
O6 NAG O . 15.33 -27.55 -56.26
O7 NAG O . 10.93 -22.69 -55.47
C1 NAG P . -10.93 -28.51 -33.88
C2 NAG P . -12.00 -29.14 -32.99
C3 NAG P . -11.51 -30.45 -32.40
C4 NAG P . -11.00 -31.37 -33.51
C5 NAG P . -9.98 -30.65 -34.37
C6 NAG P . -9.52 -31.46 -35.56
C7 NAG P . -13.60 -27.69 -31.82
C8 NAG P . -13.82 -26.78 -30.66
N2 NAG P . -12.39 -28.22 -31.93
O3 NAG P . -12.57 -31.09 -31.70
O4 NAG P . -10.40 -32.53 -32.94
O5 NAG P . -10.54 -29.44 -34.90
O6 NAG P . -10.60 -31.75 -36.44
O7 NAG P . -14.50 -27.94 -32.62
C1 NAG P . -10.96 -33.71 -33.55
C2 NAG P . -10.00 -34.88 -33.32
C3 NAG P . -10.59 -36.16 -33.90
C4 NAG P . -12.00 -36.40 -33.34
C5 NAG P . -12.87 -35.17 -33.56
C6 NAG P . -14.24 -35.29 -32.93
C7 NAG P . -7.55 -34.79 -33.26
C8 NAG P . -6.31 -34.46 -34.04
N2 NAG P . -8.70 -34.61 -33.91
O3 NAG P . -9.75 -37.26 -33.57
O4 NAG P . -12.59 -37.53 -33.99
O5 NAG P . -12.24 -34.02 -32.98
O6 NAG P . -15.17 -35.84 -33.85
O7 NAG P . -7.52 -35.19 -32.11
C1 NAG Q . 4.32 -42.08 7.14
C2 NAG Q . 3.24 -43.05 6.70
C3 NAG Q . 1.99 -42.83 7.53
C4 NAG Q . 2.31 -42.89 9.02
C5 NAG Q . 3.51 -42.00 9.36
C6 NAG Q . 3.99 -42.19 10.78
C7 NAG Q . 3.54 -43.65 4.33
C8 NAG Q . 3.13 -43.37 2.93
N2 NAG Q . 2.96 -42.91 5.28
O3 NAG Q . 1.03 -43.84 7.21
O4 NAG Q . 1.18 -42.41 9.74
O5 NAG Q . 4.62 -42.29 8.50
O6 NAG Q . 5.09 -41.35 11.07
O7 NAG Q . 4.37 -44.51 4.61
C1 NAG Q . 0.74 -43.41 10.69
C2 NAG Q . -0.37 -42.79 11.53
C3 NAG Q . -0.93 -43.82 12.52
C4 NAG Q . -1.35 -45.08 11.77
C5 NAG Q . -0.22 -45.60 10.91
C6 NAG Q . -0.61 -46.78 10.05
C7 NAG Q . -0.16 -40.37 11.86
C8 NAG Q . 0.42 -39.27 12.71
N2 NAG Q . 0.11 -41.62 12.24
O3 NAG Q . -2.03 -43.26 13.22
O4 NAG Q . -1.74 -46.09 12.71
O5 NAG Q . 0.24 -44.57 10.02
O6 NAG Q . 0.35 -47.03 9.04
O7 NAG Q . -0.83 -40.12 10.87
C1 NAG R . 19.48 -29.81 -16.28
C2 NAG R . 18.72 -29.26 -17.49
C3 NAG R . 19.64 -29.20 -18.71
C4 NAG R . 20.92 -28.43 -18.39
C5 NAG R . 21.58 -29.04 -17.16
C6 NAG R . 22.80 -28.28 -16.70
C7 NAG R . 16.37 -29.55 -18.11
C8 NAG R . 15.27 -30.53 -18.37
N2 NAG R . 17.55 -30.06 -17.79
O3 NAG R . 18.96 -28.57 -19.78
O4 NAG R . 21.81 -28.49 -19.49
O5 NAG R . 20.66 -29.04 -16.06
O6 NAG R . 22.44 -27.15 -15.93
O7 NAG R . 16.19 -28.33 -18.17
C1 NAG R . 22.26 -27.16 -19.83
C2 NAG R . 23.57 -27.28 -20.60
C3 NAG R . 24.06 -25.90 -21.03
C4 NAG R . 22.97 -25.17 -21.80
C5 NAG R . 21.68 -25.13 -20.99
C6 NAG R . 20.52 -24.52 -21.74
C7 NAG R . 25.21 -29.06 -20.22
C8 NAG R . 26.22 -29.63 -19.28
N2 NAG R . 24.58 -27.95 -19.82
O3 NAG R . 25.21 -26.04 -21.84
O4 NAG R . 23.39 -23.82 -22.07
O5 NAG R . 21.29 -26.46 -20.63
O6 NAG R . 20.42 -25.06 -23.05
O7 NAG R . 24.97 -29.58 -21.31
C1 BMA R . 23.48 -23.64 -23.50
C2 BMA R . 23.46 -22.12 -23.78
C3 BMA R . 23.68 -21.87 -25.27
C4 BMA R . 24.89 -22.63 -25.80
C5 BMA R . 24.79 -24.12 -25.44
C6 BMA R . 26.01 -24.91 -25.86
O2 BMA R . 24.53 -21.48 -23.11
O3 BMA R . 23.81 -20.48 -25.55
O4 BMA R . 24.97 -22.50 -27.21
O5 BMA R . 24.67 -24.23 -24.01
O6 BMA R . 27.16 -24.16 -25.54
C1 MAN R . 22.78 -20.10 -26.49
C2 MAN R . 23.13 -18.69 -27.01
C3 MAN R . 22.96 -17.66 -25.90
C4 MAN R . 21.56 -17.77 -25.29
C5 MAN R . 21.36 -19.20 -24.76
C6 MAN R . 19.98 -19.42 -24.19
O2 MAN R . 22.21 -18.28 -28.02
O3 MAN R . 23.19 -16.34 -26.35
O4 MAN R . 21.43 -16.85 -24.22
O5 MAN R . 21.52 -20.12 -25.86
O6 MAN R . 19.06 -19.46 -25.27
C1 MAN R . 22.88 -17.49 -29.02
C2 MAN R . 21.79 -16.93 -29.96
C3 MAN R . 21.15 -18.08 -30.73
C4 MAN R . 22.21 -18.93 -31.43
C5 MAN R . 23.25 -19.41 -30.40
C6 MAN R . 24.39 -20.17 -31.03
O2 MAN R . 22.35 -16.08 -30.94
O3 MAN R . 20.19 -17.61 -31.67
O4 MAN R . 21.61 -20.06 -32.04
O5 MAN R . 23.80 -18.28 -29.73
O6 MAN R . 25.17 -19.25 -31.79
C1 MAN R . 28.03 -24.95 -24.68
C2 MAN R . 27.98 -24.34 -23.26
C3 MAN R . 28.67 -22.97 -23.26
C4 MAN R . 30.07 -23.08 -23.87
C5 MAN R . 29.98 -23.67 -25.28
C6 MAN R . 31.33 -23.87 -25.92
O2 MAN R . 28.71 -25.13 -22.33
O3 MAN R . 28.74 -22.43 -21.95
O4 MAN R . 30.66 -21.78 -23.95
O5 MAN R . 29.34 -24.96 -25.20
O6 MAN R . 31.97 -24.97 -25.27
C1 NAG S . -6.96 -45.28 2.30
C2 NAG S . -8.07 -44.78 3.22
C3 NAG S . -8.87 -45.96 3.77
C4 NAG S . -9.35 -46.85 2.63
C5 NAG S . -8.19 -47.26 1.74
C6 NAG S . -8.62 -48.03 0.51
C7 NAG S . -8.09 -42.84 4.73
C8 NAG S . -7.41 -42.15 5.85
N2 NAG S . -7.53 -43.98 4.30
O3 NAG S . -9.97 -45.47 4.51
O4 NAG S . -9.96 -48.02 3.16
O5 NAG S . -7.51 -46.08 1.26
O6 NAG S . -9.35 -47.20 -0.39
O7 NAG S . -9.12 -42.41 4.22
C1 NAG S . -11.28 -48.14 2.61
C2 NAG S . -11.72 -49.60 2.71
C3 NAG S . -13.14 -49.77 2.18
C4 NAG S . -14.09 -48.80 2.89
C5 NAG S . -13.55 -47.38 2.80
C6 NAG S . -14.38 -46.40 3.60
C7 NAG S . -9.79 -51.12 2.55
C8 NAG S . -8.95 -51.97 1.65
N2 NAG S . -10.81 -50.47 1.97
O3 NAG S . -13.57 -51.11 2.38
O4 NAG S . -15.38 -48.86 2.30
O5 NAG S . -12.22 -47.32 3.32
O6 NAG S . -14.69 -45.24 2.83
O7 NAG S . -9.57 -51.03 3.76
C1 NAG T . 26.15 -38.86 -21.86
C2 NAG T . 26.84 -40.22 -21.76
C3 NAG T . 28.12 -40.12 -20.92
C4 NAG T . 29.02 -39.00 -21.45
C5 NAG T . 28.22 -37.71 -21.55
C6 NAG T . 29.01 -36.58 -22.16
C7 NAG T . 25.15 -41.99 -21.93
C8 NAG T . 24.30 -42.96 -21.18
N2 NAG T . 25.95 -41.22 -21.19
O3 NAG T . 28.81 -41.35 -20.96
O4 NAG T . 30.12 -38.81 -20.57
O5 NAG T . 27.07 -37.90 -22.37
O6 NAG T . 29.37 -35.60 -21.19
O7 NAG T . 25.14 -41.92 -23.16
C1 NAG T . 31.33 -39.20 -21.25
C2 NAG T . 32.52 -38.78 -20.40
C3 NAG T . 33.82 -39.23 -21.05
C4 NAG T . 33.78 -40.72 -21.35
C5 NAG T . 32.54 -41.07 -22.16
C6 NAG T . 32.38 -42.55 -22.39
C7 NAG T . 32.39 -36.78 -18.97
C8 NAG T . 32.41 -35.29 -18.93
N2 NAG T . 32.53 -37.35 -20.17
O3 NAG T . 34.91 -38.94 -20.18
O4 NAG T . 34.94 -41.10 -22.08
O5 NAG T . 31.36 -40.61 -21.47
O6 NAG T . 32.62 -42.89 -23.75
O7 NAG T . 32.23 -37.46 -17.96
C1 NAG U . 25.25 -26.80 -40.03
C2 NAG U . 26.69 -27.11 -39.69
C3 NAG U . 27.51 -25.82 -39.63
C4 NAG U . 27.33 -25.01 -40.90
C5 NAG U . 25.85 -24.80 -41.19
C6 NAG U . 25.60 -24.12 -42.52
C7 NAG U . 27.02 -29.17 -38.35
C8 NAG U . 27.17 -29.91 -39.65
N2 NAG U . 26.80 -27.84 -38.44
O3 NAG U . 28.88 -26.14 -39.44
O4 NAG U . 27.94 -23.73 -40.74
O5 NAG U . 25.18 -26.06 -41.25
O6 NAG U . 25.94 -24.97 -43.60
O7 NAG U . 27.10 -29.73 -37.27
C1 NAG U . 28.98 -23.60 -41.74
C2 NAG U . 29.58 -22.19 -41.63
C3 NAG U . 30.74 -22.02 -42.60
C4 NAG U . 31.76 -23.12 -42.40
C5 NAG U . 31.09 -24.48 -42.50
C6 NAG U . 32.03 -25.64 -42.21
C7 NAG U . 27.81 -20.93 -42.87
C8 NAG U . 28.00 -21.84 -44.05
N2 NAG U . 28.57 -21.14 -41.79
O3 NAG U . 31.35 -20.75 -42.39
O4 NAG U . 32.79 -23.03 -43.39
O5 NAG U . 30.03 -24.58 -41.54
O6 NAG U . 32.69 -26.07 -43.38
O7 NAG U . 26.99 -20.01 -42.89
C1 NAG V . 22.97 -42.79 -28.01
C2 NAG V . 24.23 -42.12 -28.52
C3 NAG V . 24.34 -42.33 -30.02
C4 NAG V . 24.29 -43.82 -30.34
C5 NAG V . 23.07 -44.47 -29.70
C6 NAG V . 23.07 -45.98 -29.84
C7 NAG V . 23.19 -39.91 -28.27
C8 NAG V . 23.41 -38.48 -27.87
N2 NAG V . 24.25 -40.70 -28.19
O3 NAG V . 25.57 -41.77 -30.49
O4 NAG V . 24.20 -44.00 -31.75
O5 NAG V . 23.02 -44.18 -28.30
O6 NAG V . 22.17 -46.58 -28.92
O7 NAG V . 22.09 -40.31 -28.63
C1 NAG V . 25.50 -44.28 -32.29
C2 NAG V . 25.32 -45.20 -33.50
C3 NAG V . 26.67 -45.49 -34.15
C4 NAG V . 27.37 -44.18 -34.50
C5 NAG V . 27.47 -43.30 -33.26
C6 NAG V . 28.04 -41.93 -33.56
C7 NAG V . 23.75 -47.09 -33.84
C8 NAG V . 23.37 -46.46 -35.14
N2 NAG V . 24.67 -46.45 -33.10
O3 NAG V . 26.48 -46.27 -35.33
O4 NAG V . 28.68 -44.45 -34.99
O5 NAG V . 26.16 -43.08 -32.71
O6 NAG V . 27.19 -41.20 -34.44
O7 NAG V . 23.24 -48.14 -33.45
C1 NAG W . 2.74 -49.87 -24.32
C2 NAG W . 2.43 -49.08 -25.59
C3 NAG W . 1.72 -49.96 -26.61
C4 NAG W . 2.56 -51.20 -26.88
C5 NAG W . 2.81 -51.93 -25.57
C6 NAG W . 3.69 -53.15 -25.74
C7 NAG W . 2.11 -46.67 -25.26
C8 NAG W . 1.13 -45.57 -24.92
N2 NAG W . 1.62 -47.90 -25.27
O3 NAG W . 1.53 -49.22 -27.81
O4 NAG W . 1.95 -52.10 -27.81
O5 NAG W . 3.49 -51.05 -24.66
O6 NAG W . 5.05 -52.78 -25.96
O7 NAG W . 3.29 -46.43 -25.51
C1 NAG W . 0.58 -51.80 -28.16
C2 NAG W . 0.22 -52.66 -29.37
C3 NAG W . -1.24 -52.43 -29.75
C4 NAG W . -2.15 -52.65 -28.55
C5 NAG W . -1.68 -51.79 -27.37
C6 NAG W . -2.46 -52.07 -26.11
C7 NAG W . 1.21 -51.21 -31.08
C8 NAG W . 2.16 -51.14 -32.23
N2 NAG W . 1.10 -52.40 -30.48
O3 NAG W . -1.59 -53.32 -30.80
O4 NAG W . -3.48 -52.29 -28.89
O5 NAG W . -0.31 -52.08 -27.08
O6 NAG W . -1.75 -51.65 -24.96
O7 NAG W . 0.55 -50.24 -30.71
C1 NAG X . 6.83 -46.87 -27.99
C2 NAG X . 5.67 -46.91 -28.99
C3 NAG X . 5.10 -48.31 -29.09
C4 NAG X . 6.20 -49.32 -29.40
C5 NAG X . 7.29 -49.20 -28.37
C6 NAG X . 8.47 -50.10 -28.65
C7 NAG X . 3.93 -45.22 -29.47
C8 NAG X . 4.27 -45.38 -30.92
N2 NAG X . 4.63 -45.96 -28.61
O3 NAG X . 4.09 -48.35 -30.10
O4 NAG X . 5.67 -50.64 -29.41
O5 NAG X . 7.80 -47.86 -28.34
O6 NAG X . 9.23 -49.62 -29.74
O7 NAG X . 3.06 -44.43 -29.09
C1 NAG X . 6.11 -51.30 -30.61
C2 NAG X . 5.76 -52.78 -30.48
C3 NAG X . 6.14 -53.52 -31.76
C4 NAG X . 5.52 -52.86 -32.97
C5 NAG X . 5.88 -51.37 -32.99
C6 NAG X . 5.21 -50.61 -34.11
C7 NAG X . 6.02 -54.51 -28.76
C8 NAG X . 6.83 -54.98 -27.58
N2 NAG X . 6.43 -53.37 -29.34
O3 NAG X . 5.69 -54.87 -31.67
O4 NAG X . 6.00 -53.47 -34.16
O5 NAG X . 5.47 -50.76 -31.77
O6 NAG X . 5.60 -49.25 -34.12
O7 NAG X . 5.04 -55.13 -29.17
C1 NAG Y . 9.90 -55.58 -23.46
C2 NAG Y . 11.09 -55.61 -24.42
C3 NAG Y . 10.79 -56.53 -25.61
C4 NAG Y . 10.25 -57.88 -25.16
C5 NAG Y . 9.17 -57.73 -24.08
C6 NAG Y . 8.79 -59.05 -23.46
C7 NAG Y . 10.67 -53.33 -25.36
C8 NAG Y . 9.21 -53.65 -25.45
N2 NAG Y . 11.49 -54.28 -24.87
O3 NAG Y . 12.00 -56.72 -26.34
O4 NAG Y . 9.67 -58.50 -26.29
O5 NAG Y . 9.62 -56.88 -23.02
O6 NAG Y . 9.92 -59.70 -22.88
O7 NAG Y . 11.11 -52.24 -25.71
C1 NAG Y . 10.15 -59.80 -26.76
C2 NAG Y . 11.69 -59.88 -26.81
C3 NAG Y . 12.12 -61.27 -27.28
C4 NAG Y . 11.46 -62.36 -26.43
C5 NAG Y . 9.95 -62.16 -26.38
C6 NAG Y . 9.25 -63.14 -25.47
C7 NAG Y . 13.55 -58.73 -27.92
C8 NAG Y . 13.94 -57.61 -28.84
N2 NAG Y . 12.24 -58.86 -27.67
O3 NAG Y . 13.54 -61.40 -27.20
O4 NAG Y . 11.76 -63.63 -26.97
O5 NAG Y . 9.64 -60.85 -25.89
O6 NAG Y . 8.06 -62.59 -24.94
O7 NAG Y . 14.37 -59.47 -27.42
C1 NAG Z . 24.00 -34.26 -12.21
C2 NAG Z . 24.22 -32.88 -11.63
C3 NAG Z . 25.71 -32.54 -11.58
C4 NAG Z . 26.48 -33.64 -10.88
C5 NAG Z . 26.16 -34.99 -11.50
C6 NAG Z . 26.79 -36.15 -10.76
C7 NAG Z . 23.41 -31.63 -13.64
C8 NAG Z . 24.19 -32.58 -14.51
N2 NAG Z . 23.46 -31.84 -12.31
O3 NAG Z . 25.89 -31.30 -10.88
O4 NAG Z . 27.88 -33.40 -11.02
O5 NAG Z . 24.74 -35.22 -11.48
O6 NAG Z . 26.26 -36.26 -9.44
O7 NAG Z . 22.74 -30.72 -14.12
C1 NAG Z . 28.43 -32.99 -9.75
C2 NAG Z . 29.92 -33.34 -9.74
C3 NAG Z . 30.56 -32.88 -8.44
C4 NAG Z . 30.29 -31.41 -8.21
C5 NAG Z . 28.79 -31.13 -8.27
C6 NAG Z . 28.46 -29.67 -8.17
C7 NAG Z . 31.11 -35.27 -10.66
C8 NAG Z . 31.18 -36.77 -10.76
N2 NAG Z . 30.11 -34.77 -9.93
O3 NAG Z . 31.97 -33.12 -8.50
O4 NAG Z . 30.78 -31.01 -6.93
O5 NAG Z . 28.27 -31.59 -9.53
O6 NAG Z . 28.99 -28.93 -9.28
O7 NAG Z . 31.94 -34.56 -11.23
C1 NAG AA . -2.18 -17.82 -53.48
C2 NAG AA . -2.99 -19.10 -53.61
C3 NAG AA . -3.05 -19.56 -55.07
C4 NAG AA . -3.56 -18.42 -55.95
C5 NAG AA . -2.73 -17.16 -55.72
C6 NAG AA . -3.28 -15.96 -56.46
C7 NAG AA . -1.17 -20.57 -52.87
C8 NAG AA . -0.77 -21.66 -51.94
N2 NAG AA . -2.44 -20.15 -52.78
O3 NAG AA . -3.92 -20.68 -55.18
O4 NAG AA . -3.45 -18.80 -57.32
O5 NAG AA . -2.74 -16.82 -54.32
O6 NAG AA . -4.49 -15.50 -55.87
O7 NAG AA . -0.39 -20.09 -53.68
C1 NAG AA . -4.76 -18.91 -57.90
C2 NAG AA . -4.61 -18.78 -59.42
C3 NAG AA . -5.97 -18.96 -60.10
C4 NAG AA . -6.60 -20.27 -59.66
C5 NAG AA . -6.69 -20.32 -58.14
C6 NAG AA . -7.23 -21.63 -57.62
C7 NAG AA . -2.78 -17.36 -60.23
C8 NAG AA . -2.34 -15.97 -60.55
N2 NAG AA . -4.03 -17.49 -59.78
O3 NAG AA . -5.79 -18.95 -61.52
O4 NAG AA . -7.90 -20.40 -60.22
O5 NAG AA . -5.38 -20.16 -57.58
O6 NAG AA . -7.16 -22.65 -58.61
O7 NAG AA . -2.03 -18.32 -60.36
C1 BMA AA . -7.86 -21.45 -61.21
C2 BMA AA . -9.30 -21.72 -61.71
C3 BMA AA . -9.28 -22.74 -62.84
C4 BMA AA . -8.25 -22.35 -63.92
C5 BMA AA . -6.87 -22.14 -63.28
C6 BMA AA . -5.81 -21.72 -64.28
O2 BMA AA . -9.88 -20.54 -62.23
O3 BMA AA . -10.56 -22.89 -63.44
O4 BMA AA . -8.16 -23.37 -64.90
O5 BMA AA . -6.99 -21.11 -62.29
O6 BMA AA . -6.14 -20.42 -64.76
C1 NAG BA . -30.95 11.86 27.74
C2 NAG BA . -30.16 11.12 28.82
C3 NAG BA . -30.97 11.00 30.10
C4 NAG BA . -31.54 12.34 30.52
C5 NAG BA . -32.27 13.01 29.36
C6 NAG BA . -32.74 14.40 29.68
C7 NAG BA . -28.49 9.49 28.04
C8 NAG BA . -28.25 8.09 27.58
N2 NAG BA . -29.75 9.81 28.35
O3 NAG BA . -30.15 10.48 31.14
O4 NAG BA . -32.46 12.15 31.59
O5 NAG BA . -31.39 13.11 28.24
O6 NAG BA . -31.69 15.35 29.53
O7 NAG BA . -27.58 10.31 28.11
C1 NAG BA . -32.21 13.04 32.70
C2 NAG BA . -33.45 13.05 33.57
C3 NAG BA . -33.25 13.95 34.77
C4 NAG BA . -31.99 13.56 35.53
C5 NAG BA . -30.80 13.50 34.57
C6 NAG BA . -29.55 12.97 35.23
C7 NAG BA . -35.59 12.62 32.44
C8 NAG BA . -36.73 13.22 31.66
N2 NAG BA . -34.63 13.46 32.80
O3 NAG BA . -34.38 13.86 35.63
O4 NAG BA . -31.73 14.52 36.54
O5 NAG BA . -31.08 12.63 33.47
O6 NAG BA . -28.42 13.10 34.38
O7 NAG BA . -35.56 11.42 32.72
C1 BMA BA . -31.68 13.89 37.83
C2 BMA BA . -30.86 14.80 38.77
C3 BMA BA . -30.88 14.25 40.19
C4 BMA BA . -32.30 13.95 40.65
C5 BMA BA . -32.99 13.02 39.63
C6 BMA BA . -34.42 12.69 40.00
O2 BMA BA . -31.44 16.09 38.83
O3 BMA BA . -30.27 15.15 41.09
O4 BMA BA . -32.27 13.30 41.91
O5 BMA BA . -32.98 13.68 38.36
O6 BMA BA . -34.96 13.80 40.71
C1 MAN BA . -29.22 14.46 41.81
C2 MAN BA . -29.05 15.18 43.16
C3 MAN BA . -28.49 16.58 42.95
C4 MAN BA . -27.22 16.51 42.09
C5 MAN BA . -27.51 15.80 40.77
C6 MAN BA . -26.29 15.64 39.90
O2 MAN BA . -28.10 14.51 43.99
O3 MAN BA . -28.22 17.24 44.18
O4 MAN BA . -26.75 17.83 41.82
O5 MAN BA . -28.02 14.49 41.06
O6 MAN BA . -25.33 14.85 40.62
C1 MAN BA . -35.88 14.51 39.85
C2 MAN BA . -35.23 15.88 39.50
C3 MAN BA . -35.20 16.78 40.72
C4 MAN BA . -36.58 16.87 41.37
C5 MAN BA . -37.07 15.46 41.72
C6 MAN BA . -38.47 15.46 42.32
O2 MAN BA . -36.01 16.58 38.52
O3 MAN BA . -34.72 18.08 40.40
O4 MAN BA . -36.51 17.65 42.55
O5 MAN BA . -37.12 14.68 40.51
O6 MAN BA . -39.38 15.88 41.31
C1 NAG CA . -41.64 -3.56 -45.86
C2 NAG CA . -42.86 -3.20 -46.67
C3 NAG CA . -42.78 -1.74 -47.11
C4 NAG CA . -42.57 -0.84 -45.92
C5 NAG CA . -41.39 -1.31 -45.07
C6 NAG CA . -41.25 -0.56 -43.76
C7 NAG CA . -42.03 -4.22 -48.76
C8 NAG CA . -42.35 -5.17 -49.88
N2 NAG CA . -42.99 -4.07 -47.83
O3 NAG CA . -43.98 -1.38 -47.80
O4 NAG CA . -42.27 0.47 -46.40
O5 NAG CA . -41.55 -2.70 -44.73
O6 NAG CA . -40.15 -1.04 -43.00
O7 NAG CA . -40.97 -3.61 -48.69
C1 NAG CA . -42.92 1.68 -45.86
C2 NAG CA . -44.18 1.40 -45.00
C3 NAG CA . -44.72 2.71 -44.45
C4 NAG CA . -43.64 3.46 -43.69
C5 NAG CA . -42.42 3.67 -44.60
C6 NAG CA . -41.27 4.33 -43.90
C7 NAG CA . -45.71 1.20 -46.91
C8 NAG CA . -46.76 0.36 -47.58
N2 NAG CA . -45.20 0.72 -45.78
O3 NAG CA . -45.81 2.43 -43.56
O4 NAG CA . -44.13 4.73 -43.28
O5 NAG CA . -41.95 2.39 -45.06
O6 NAG CA . -41.06 3.80 -42.59
O7 NAG CA . -45.35 2.28 -47.38
C1 NAG DA . -34.91 -15.46 -44.05
C2 NAG DA . -36.01 -16.48 -43.77
C3 NAG DA . -35.44 -17.89 -43.87
C4 NAG DA . -34.73 -18.10 -45.20
C5 NAG DA . -33.72 -16.99 -45.44
C6 NAG DA . -33.10 -17.05 -46.82
C7 NAG DA . -37.82 -15.74 -42.30
C8 NAG DA . -38.28 -15.59 -40.88
N2 NAG DA . -36.60 -16.27 -42.47
O3 NAG DA . -36.50 -18.83 -43.74
O4 NAG DA . -34.06 -19.35 -45.18
O5 NAG DA . -34.35 -15.71 -45.33
O6 NAG DA . -32.29 -15.91 -47.07
O7 NAG DA . -38.52 -15.41 -43.25
C1 NAG DA . -34.32 -20.11 -46.38
C2 NAG DA . -33.70 -21.50 -46.17
C3 NAG DA . -33.98 -22.38 -47.38
C4 NAG DA . -35.48 -22.43 -47.67
C5 NAG DA . -36.03 -21.01 -47.81
C6 NAG DA . -37.53 -20.98 -47.98
C7 NAG DA . -31.42 -20.83 -46.80
C8 NAG DA . -29.98 -20.81 -46.38
N2 NAG DA . -32.27 -21.39 -45.93
O3 NAG DA . -33.49 -23.69 -47.13
O4 NAG DA . -35.71 -23.14 -48.88
O5 NAG DA . -35.73 -20.25 -46.62
O6 NAG DA . -38.17 -21.96 -47.18
O7 NAG DA . -31.80 -20.35 -47.86
C1 NAG EA . -24.47 8.24 -37.63
C2 NAG EA . -24.42 9.73 -37.31
C3 NAG EA . -25.75 10.19 -36.70
C4 NAG EA . -26.92 9.76 -37.56
C5 NAG EA . -26.84 8.26 -37.85
C6 NAG EA . -27.92 7.80 -38.80
C7 NAG EA . -22.26 10.79 -36.81
C8 NAG EA . -21.21 11.02 -35.76
N2 NAG EA . -23.31 10.05 -36.43
O3 NAG EA . -25.73 11.60 -36.56
O4 NAG EA . -28.14 10.04 -36.90
O5 NAG EA . -25.59 7.95 -38.45
O6 NAG EA . -27.78 8.42 -40.08
O7 NAG EA . -22.17 11.26 -37.94
C1 NAG EA . -29.00 10.79 -37.79
C2 NAG EA . -30.44 10.65 -37.28
C3 NAG EA . -31.38 11.47 -38.16
C4 NAG EA . -30.90 12.92 -38.26
C5 NAG EA . -29.44 12.95 -38.73
C6 NAG EA . -28.85 14.34 -38.73
C7 NAG EA . -31.47 8.71 -36.20
C8 NAG EA . -31.84 7.26 -36.35
N2 NAG EA . -30.86 9.27 -37.25
O3 NAG EA . -32.69 11.44 -37.61
O4 NAG EA . -31.70 13.64 -39.20
O5 NAG EA . -28.63 12.16 -37.84
O6 NAG EA . -28.96 14.94 -40.02
O7 NAG EA . -31.72 9.35 -35.18
C1 NAG FA . -38.37 18.70 4.73
C2 NAG FA . -38.81 19.83 3.81
C3 NAG FA . -37.94 21.06 4.05
C4 NAG FA . -37.94 21.43 5.53
C5 NAG FA . -37.62 20.21 6.41
C6 NAG FA . -37.81 20.48 7.88
C7 NAG FA . -39.78 18.91 1.75
C8 NAG FA . -39.54 18.55 0.32
N2 NAG FA . -38.73 19.42 2.42
O3 NAG FA . -38.45 22.14 3.29
O4 NAG FA . -36.93 22.41 5.76
O5 NAG FA . -38.49 19.11 6.08
O6 NAG FA . -37.44 19.37 8.66
O7 NAG FA . -40.87 18.76 2.28
C1 NAG FA . -37.50 23.58 6.35
C2 NAG FA . -36.35 24.52 6.74
C3 NAG FA . -36.90 25.81 7.34
C4 NAG FA . -37.90 26.44 6.38
C5 NAG FA . -38.99 25.43 6.01
C6 NAG FA . -39.95 25.96 4.98
C7 NAG FA . -34.27 23.36 7.32
C8 NAG FA . -33.46 22.73 8.42
N2 NAG FA . -35.44 23.87 7.68
O3 NAG FA . -35.82 26.71 7.58
O4 NAG FA . -38.52 27.57 7.00
O5 NAG FA . -38.38 24.25 5.46
O6 NAG FA . -40.84 24.93 4.53
O7 NAG FA . -33.86 23.41 6.17
C1 NAG GA . -37.14 -8.31 -9.34
C2 NAG GA . -36.47 -8.47 -10.71
C3 NAG GA . -37.00 -9.71 -11.42
C4 NAG GA . -36.86 -10.94 -10.51
C5 NAG GA . -37.54 -10.66 -9.18
C6 NAG GA . -37.36 -11.80 -8.19
C7 NAG GA . -35.71 -6.71 -12.23
C8 NAG GA . -36.11 -5.50 -13.03
N2 NAG GA . -36.68 -7.29 -11.53
O3 NAG GA . -36.27 -9.92 -12.62
O4 NAG GA . -37.46 -12.07 -11.13
O5 NAG GA . -36.97 -9.50 -8.58
O6 NAG GA . -36.13 -11.68 -7.50
O7 NAG GA . -34.56 -7.12 -12.23
C1 NAG GA . -36.52 -13.17 -11.17
C2 NAG GA . -37.31 -14.46 -11.34
C3 NAG GA . -36.36 -15.65 -11.43
C4 NAG GA . -35.32 -15.42 -12.52
C5 NAG GA . -34.62 -14.08 -12.31
C6 NAG GA . -33.67 -13.72 -13.44
C7 NAG GA . -39.57 -14.78 -10.45
C8 NAG GA . -40.40 -14.96 -9.21
N2 NAG GA . -38.26 -14.64 -10.26
O3 NAG GA . -37.10 -16.82 -11.71
O4 NAG GA . -34.35 -16.46 -12.49
O5 NAG GA . -35.60 -13.02 -12.25
O6 NAG GA . -34.34 -13.73 -14.70
O7 NAG GA . -40.07 -14.76 -11.57
C1 BMA GA . -34.39 -17.18 -13.75
C2 BMA GA . -33.08 -17.98 -13.88
C3 BMA GA . -33.13 -18.85 -15.13
C4 BMA GA . -34.41 -19.68 -15.18
C5 BMA GA . -35.64 -18.77 -15.01
C6 BMA GA . -36.93 -19.56 -14.98
O2 BMA GA . -32.90 -18.86 -12.78
O3 BMA GA . -32.00 -19.71 -15.21
O4 BMA GA . -34.49 -20.35 -16.42
O5 BMA GA . -35.51 -18.07 -13.78
O6 BMA GA . -36.74 -20.69 -14.13
C1 MAN GA . -31.30 -19.44 -16.45
C2 MAN GA . -30.25 -20.57 -16.65
C3 MAN GA . -29.14 -20.44 -15.62
C4 MAN GA . -28.56 -19.04 -15.66
C5 MAN GA . -29.66 -18.02 -15.40
C6 MAN GA . -29.18 -16.59 -15.47
O2 MAN GA . -29.61 -20.43 -17.91
O3 MAN GA . -28.12 -21.41 -15.82
O4 MAN GA . -27.55 -18.90 -14.66
O5 MAN GA . -30.69 -18.17 -16.40
O6 MAN GA . -28.92 -16.28 -16.82
C1 MAN GA . -29.35 -21.74 -18.47
C2 MAN GA . -28.47 -21.52 -19.72
C3 MAN GA . -29.27 -20.79 -20.79
C4 MAN GA . -30.61 -21.51 -21.05
C5 MAN GA . -31.38 -21.68 -19.74
C6 MAN GA . -32.66 -22.46 -19.92
O2 MAN GA . -28.09 -22.75 -20.31
O3 MAN GA . -28.54 -20.65 -22.00
O4 MAN GA . -31.38 -20.75 -21.96
O5 MAN GA . -30.55 -22.38 -18.80
O6 MAN GA . -32.30 -23.82 -20.18
C1 MAN GA . -37.72 -20.66 -13.06
C2 MAN GA . -36.97 -20.36 -11.74
C3 MAN GA . -36.10 -21.54 -11.35
C4 MAN GA . -36.91 -22.84 -11.35
C5 MAN GA . -37.57 -23.03 -12.72
C6 MAN GA . -38.47 -24.26 -12.77
O2 MAN GA . -37.88 -20.18 -10.66
O3 MAN GA . -35.48 -21.35 -10.08
O4 MAN GA . -36.06 -23.94 -11.08
O5 MAN GA . -38.41 -21.89 -13.00
O6 MAN GA . -39.64 -23.99 -12.02
C1 NAG HA . -36.68 27.25 -4.52
C2 NAG HA . -35.62 28.28 -4.12
C3 NAG HA . -36.23 29.67 -4.03
C4 NAG HA . -36.95 30.02 -5.33
C5 NAG HA . -37.95 28.92 -5.69
C6 NAG HA . -38.61 29.12 -7.03
C7 NAG HA . -33.70 28.02 -2.61
C8 NAG HA . -33.24 27.61 -1.24
N2 NAG HA . -35.01 27.91 -2.85
O3 NAG HA . -35.21 30.63 -3.78
O4 NAG HA . -37.65 31.25 -5.19
O5 NAG HA . -37.28 27.65 -5.75
O6 NAG HA . -37.71 28.85 -8.10
O7 NAG HA . -32.92 28.43 -3.46
C1 NAG HA . -37.21 32.14 -6.24
C2 NAG HA . -38.30 33.18 -6.48
C3 NAG HA . -37.85 34.18 -7.54
C4 NAG HA . -36.50 34.77 -7.19
C5 NAG HA . -35.49 33.66 -6.92
C6 NAG HA . -34.16 34.18 -6.44
C7 NAG HA . -40.54 32.30 -5.97
C8 NAG HA . -41.77 31.66 -6.52
N2 NAG HA . -39.56 32.56 -6.84
O3 NAG HA . -38.83 35.21 -7.65
O4 NAG HA . -36.04 35.59 -8.25
O5 NAG HA . -35.99 32.78 -5.90
O6 NAG HA . -33.08 33.57 -7.15
O7 NAG HA . -40.42 32.56 -4.77
C1 NAG IA . -48.87 -11.67 -12.41
C2 NAG IA . -50.37 -11.57 -12.17
C3 NAG IA . -50.74 -12.29 -10.87
C4 NAG IA . -50.21 -13.72 -10.87
C5 NAG IA . -48.71 -13.70 -11.16
C6 NAG IA . -48.12 -15.09 -11.28
C7 NAG IA . -51.27 -9.53 -13.18
C8 NAG IA . -51.66 -8.11 -12.95
N2 NAG IA . -50.80 -10.19 -12.12
O3 NAG IA . -52.17 -12.30 -10.75
O4 NAG IA . -50.44 -14.33 -9.61
O5 NAG IA . -48.47 -13.04 -12.40
O6 NAG IA . -47.16 -15.33 -10.26
O7 NAG IA . -51.38 -10.06 -14.28
C1 NAG IA . -51.41 -15.38 -9.77
C2 NAG IA . -51.47 -16.18 -8.47
C3 NAG IA . -52.53 -17.27 -8.58
C4 NAG IA . -53.87 -16.68 -8.99
C5 NAG IA . -53.72 -15.85 -10.27
C6 NAG IA . -54.98 -15.15 -10.67
C7 NAG IA . -49.48 -16.42 -7.06
C8 NAG IA . -48.16 -17.12 -6.89
N2 NAG IA . -50.18 -16.76 -8.15
O3 NAG IA . -52.66 -17.93 -7.32
O4 NAG IA . -54.81 -17.71 -9.22
O5 NAG IA . -52.70 -14.85 -10.08
O6 NAG IA . -55.52 -15.69 -11.87
O7 NAG IA . -49.88 -15.58 -6.26
C1 NAG JA . -39.95 -23.70 -28.30
C2 NAG JA . -40.85 -24.60 -27.45
C3 NAG JA . -40.06 -25.80 -26.95
C4 NAG JA . -39.39 -26.53 -28.12
C5 NAG JA . -38.57 -25.55 -28.95
C6 NAG JA . -38.00 -26.18 -30.20
C7 NAG JA . -42.68 -23.42 -26.28
C8 NAG JA . -43.54 -23.71 -27.47
N2 NAG JA . -41.42 -23.86 -26.34
O3 NAG JA . -40.93 -26.69 -26.26
O4 NAG JA . -38.53 -27.55 -27.62
O5 NAG JA . -39.40 -24.46 -29.38
O6 NAG JA . -39.02 -26.43 -31.16
O7 NAG JA . -43.10 -22.80 -25.31
C1 NAG JA . -39.00 -28.82 -28.08
C2 NAG JA . -38.01 -29.90 -27.62
C3 NAG JA . -38.50 -31.30 -28.01
C4 NAG JA . -39.92 -31.52 -27.50
C5 NAG JA . -40.83 -30.38 -27.97
C6 NAG JA . -42.23 -30.48 -27.42
C7 NAG JA . -36.26 -29.57 -29.37
C8 NAG JA . -37.30 -29.76 -30.44
N2 NAG JA . -36.65 -29.65 -28.09
O3 NAG JA . -37.63 -32.28 -27.47
O4 NAG JA . -40.42 -32.76 -27.96
O5 NAG JA . -40.31 -29.12 -27.56
O6 NAG JA . -43.08 -31.22 -28.28
O7 NAG JA . -35.08 -29.36 -29.66
C1 NAG KA . -51.63 -9.76 -19.63
C2 NAG KA . -51.67 -11.27 -19.53
C3 NAG KA . -52.06 -11.86 -20.87
C4 NAG KA . -53.39 -11.27 -21.33
C5 NAG KA . -53.34 -9.74 -21.29
C6 NAG KA . -54.69 -9.11 -21.56
C7 NAG KA . -49.21 -11.37 -19.52
C8 NAG KA . -48.01 -12.05 -18.94
N2 NAG KA . -50.39 -11.82 -19.09
O3 NAG KA . -52.19 -13.28 -20.75
O4 NAG KA . -53.67 -11.68 -22.66
O5 NAG KA . -52.91 -9.28 -20.01
O6 NAG KA . -54.72 -7.76 -21.11
O7 NAG KA . -49.11 -10.47 -20.35
C1 NAG KA . -54.57 -12.81 -22.65
C2 NAG KA . -55.46 -12.72 -23.88
C3 NAG KA . -56.39 -13.93 -23.95
C4 NAG KA . -55.59 -15.22 -23.88
C5 NAG KA . -54.69 -15.20 -22.64
C6 NAG KA . -53.76 -16.39 -22.57
C7 NAG KA . -56.49 -10.74 -24.97
C8 NAG KA . -55.93 -11.25 -26.26
N2 NAG KA . -56.23 -11.48 -23.88
O3 NAG KA . -57.15 -13.89 -25.15
O4 NAG KA . -56.46 -16.33 -23.80
O5 NAG KA . -53.84 -14.04 -22.66
O6 NAG KA . -52.92 -16.46 -23.71
O7 NAG KA . -57.15 -9.71 -24.91
C1 NAG LA . -48.35 11.00 -25.13
C2 NAG LA . -47.64 10.38 -26.35
C3 NAG LA . -48.21 10.95 -27.64
C4 NAG LA . -49.72 10.74 -27.67
C5 NAG LA . -50.34 11.38 -26.44
C6 NAG LA . -51.83 11.17 -26.35
C7 NAG LA . -45.32 9.64 -25.98
C8 NAG LA . -43.88 10.05 -25.96
N2 NAG LA . -46.21 10.61 -26.29
O3 NAG LA . -47.60 10.30 -28.75
O4 NAG LA . -50.35 11.26 -28.84
O5 NAG LA . -49.76 10.81 -25.26
O6 NAG LA . -52.14 9.82 -25.99
O7 NAG LA . -45.67 8.50 -25.73
C1 NAG LA . -49.51 12.08 -29.68
C2 NAG LA . -50.26 12.29 -30.99
C3 NAG LA . -49.44 13.18 -31.93
C4 NAG LA . -49.08 14.48 -31.22
C5 NAG LA . -48.39 14.19 -29.89
C6 NAG LA . -48.13 15.44 -29.07
C7 NAG LA . -49.63 10.16 -32.05
C8 NAG LA . -50.13 8.90 -32.69
N2 NAG LA . -50.57 11.02 -31.64
O3 NAG LA . -50.20 13.46 -33.09
O4 NAG LA . -48.20 15.25 -32.04
O5 NAG LA . -49.22 13.34 -29.09
O6 NAG LA . -48.23 15.18 -27.69
O7 NAG LA . -48.44 10.37 -31.88
C1 NAG MA . -47.91 4.93 -26.55
C2 NAG MA . -47.55 5.45 -27.95
C3 NAG MA . -48.54 6.52 -28.39
C4 NAG MA . -49.96 5.98 -28.30
C5 NAG MA . -50.23 5.48 -26.88
C6 NAG MA . -51.60 4.86 -26.72
C7 NAG MA . -45.33 5.86 -28.97
C8 NAG MA . -45.81 5.08 -30.16
N2 NAG MA . -46.20 6.00 -27.95
O3 NAG MA . -48.26 6.92 -29.72
O4 NAG MA . -50.91 7.00 -28.62
O5 NAG MA . -49.27 4.48 -26.55
O6 NAG MA . -51.79 3.80 -27.64
O7 NAG MA . -44.20 6.33 -28.92
C1 NAG MA . -51.83 6.48 -29.59
C2 NAG MA . -52.98 7.47 -29.74
C3 NAG MA . -53.96 6.99 -30.80
C4 NAG MA . -53.23 6.70 -32.11
C5 NAG MA . -52.08 5.74 -31.85
C6 NAG MA . -51.24 5.47 -33.09
C7 NAG MA . -54.43 8.73 -28.21
C8 NAG MA . -55.06 8.77 -26.85
N2 NAG MA . -53.67 7.67 -28.47
O3 NAG MA . -54.96 7.99 -31.01
O4 NAG MA . -54.13 6.12 -33.05
O5 NAG MA . -51.20 6.28 -30.86
O6 NAG MA . -50.23 4.52 -32.83
O7 NAG MA . -54.61 9.62 -29.04
C1 NAG NA . -56.53 8.25 -21.90
C2 NAG NA . -57.21 6.95 -22.28
C3 NAG NA . -58.03 7.11 -23.56
C4 NAG NA . -58.93 8.36 -23.49
C5 NAG NA . -58.17 9.57 -22.95
C6 NAG NA . -59.08 10.73 -22.65
C7 NAG NA . -55.13 5.83 -23.11
C8 NAG NA . -54.76 7.10 -23.82
N2 NAG NA . -56.28 5.83 -22.41
O3 NAG NA . -58.85 5.96 -23.75
O4 NAG NA . -59.34 8.65 -24.83
O5 NAG NA . -57.49 9.25 -21.73
O6 NAG NA . -60.09 10.37 -21.71
O7 NAG NA . -54.42 4.84 -23.15
C1 NAG NA . -60.77 8.67 -25.15
C2 NAG NA . -61.54 7.46 -24.59
C3 NAG NA . -63.01 7.56 -24.96
C4 NAG NA . -63.58 8.91 -24.54
C5 NAG NA . -62.72 10.05 -25.09
C6 NAG NA . -63.18 11.41 -24.63
C7 NAG NA . -61.46 5.01 -24.76
C8 NAG NA . -60.76 3.82 -25.34
N2 NAG NA . -60.96 6.21 -25.07
O3 NAG NA . -63.74 6.51 -24.33
O4 NAG NA . -64.90 9.04 -25.04
O5 NAG NA . -61.37 9.89 -24.66
O6 NAG NA . -62.10 12.33 -24.60
O7 NAG NA . -62.45 4.89 -24.03
C1 NAG OA . -42.62 -8.19 -4.11
C2 NAG OA . -41.43 -8.75 -3.35
C3 NAG OA . -41.79 -10.09 -2.68
C4 NAG OA . -43.05 -9.93 -1.84
C5 NAG OA . -44.17 -9.30 -2.67
C6 NAG OA . -45.40 -8.99 -1.84
C7 NAG OA . -40.17 -9.46 -5.39
C8 NAG OA . -41.44 -10.01 -5.97
N2 NAG OA . -40.24 -8.89 -4.17
O3 NAG OA . -40.71 -10.50 -1.86
O4 NAG OA . -43.48 -11.20 -1.38
O5 NAG OA . -43.74 -8.06 -3.24
O6 NAG OA . -45.13 -7.99 -0.88
O7 NAG OA . -39.11 -9.51 -6.01
C1 NAG OA . -43.22 -11.31 0.03
C2 NAG OA . -44.18 -12.35 0.62
C3 NAG OA . -43.90 -12.54 2.09
C4 NAG OA . -42.43 -12.89 2.32
C5 NAG OA . -41.54 -11.84 1.67
C6 NAG OA . -40.07 -12.18 1.74
C7 NAG OA . -46.53 -12.82 0.13
C8 NAG OA . -47.91 -12.23 -0.07
N2 NAG OA . -45.56 -11.95 0.40
O3 NAG OA . -44.73 -13.59 2.59
O4 NAG OA . -42.15 -12.94 3.71
O5 NAG OA . -41.87 -11.72 0.27
O6 NAG OA . -39.80 -13.40 1.07
O7 NAG OA . -46.32 -14.01 0.02
C1 NAG PA . -21.29 -11.42 -51.02
C2 NAG PA . -22.02 -10.19 -51.56
C3 NAG PA . -22.60 -10.48 -52.94
C4 NAG PA . -21.51 -10.99 -53.87
C5 NAG PA . -20.78 -12.18 -53.24
C6 NAG PA . -19.59 -12.63 -54.04
C7 NAG PA . -24.07 -10.56 -50.25
C8 NAG PA . -25.05 -9.95 -49.32
N2 NAG PA . -23.07 -9.77 -50.65
O3 NAG PA . -23.17 -9.29 -53.47
O4 NAG PA . -22.10 -11.43 -55.10
O5 NAG PA . -20.28 -11.81 -51.94
O6 NAG PA . -18.53 -11.68 -53.97
O7 NAG PA . -24.17 -11.72 -50.65
C1 NAG PA . -21.67 -10.58 -56.17
C2 NAG PA . -21.80 -11.37 -57.48
C3 NAG PA . -21.44 -10.49 -58.66
C4 NAG PA . -22.25 -9.21 -58.65
C5 NAG PA . -22.08 -8.51 -57.31
C6 NAG PA . -22.93 -7.26 -57.17
C7 NAG PA . -21.48 -13.79 -57.33
C8 NAG PA . -20.47 -14.91 -57.33
N2 NAG PA . -20.97 -12.56 -57.46
O3 NAG PA . -21.68 -11.20 -59.88
O4 NAG PA . -21.85 -8.35 -59.70
O5 NAG PA . -22.46 -9.38 -56.25
O6 NAG PA . -23.98 -7.25 -58.12
O7 NAG PA . -22.68 -14.01 -57.22
C1 BMA PA . -22.93 -8.29 -60.67
C2 BMA PA . -22.56 -7.25 -61.75
C3 BMA PA . -23.62 -7.26 -62.86
C4 BMA PA . -23.89 -8.69 -63.36
C5 BMA PA . -24.25 -9.60 -62.18
C6 BMA PA . -24.49 -11.04 -62.59
O2 BMA PA . -21.32 -7.57 -62.36
O3 BMA PA . -23.24 -6.43 -63.95
O4 BMA PA . -24.95 -8.69 -64.30
O5 BMA PA . -23.16 -9.58 -61.25
O6 BMA PA . -23.26 -11.58 -63.07
C1 NAG QA . 27.66 30.23 13.62
C2 NAG QA . 26.81 30.35 14.88
C3 NAG QA . 27.25 31.57 15.71
C4 NAG QA . 28.75 31.55 15.95
C5 NAG QA . 29.50 31.37 14.63
C6 NAG QA . 30.99 31.22 14.81
C7 NAG QA . 24.54 29.44 14.65
C8 NAG QA . 23.13 29.74 14.26
N2 NAG QA . 25.40 30.47 14.55
O3 NAG QA . 26.57 31.56 16.95
O4 NAG QA . 29.14 32.79 16.52
O5 NAG QA . 29.04 30.18 13.98
O6 NAG QA . 31.34 29.87 15.05
O7 NAG QA . 24.89 28.34 15.03
C1 NAG QA . 29.95 32.62 17.70
C2 NAG QA . 30.63 33.94 17.98
C3 NAG QA . 31.50 33.85 19.22
C4 NAG QA . 30.68 33.35 20.39
C5 NAG QA . 29.96 32.05 20.02
C6 NAG QA . 29.02 31.57 21.10
C7 NAG QA . 31.09 35.39 16.04
C8 NAG QA . 32.03 35.68 14.91
N2 NAG QA . 31.43 34.37 16.82
O3 NAG QA . 32.05 35.13 19.52
O4 NAG QA . 31.53 33.10 21.51
O5 NAG QA . 29.18 32.23 18.84
O6 NAG QA . 28.46 30.30 20.77
O7 NAG QA . 30.07 36.05 16.22
C1 BMA QA . 31.09 33.86 22.65
C2 BMA QA . 31.64 33.16 23.90
C3 BMA QA . 31.33 33.98 25.15
C4 BMA QA . 31.74 35.44 24.97
C5 BMA QA . 31.11 36.01 23.69
C6 BMA QA . 31.52 37.45 23.42
O2 BMA QA . 33.06 33.06 23.83
O3 BMA QA . 31.97 33.44 26.29
O4 BMA QA . 31.31 36.20 26.08
O5 BMA QA . 31.55 35.21 22.58
O6 BMA QA . 32.82 37.65 23.94
C1 MAN QA . 30.98 33.23 27.32
C2 MAN QA . 31.72 33.29 28.68
C3 MAN QA . 32.67 32.11 28.81
C4 MAN QA . 31.93 30.80 28.56
C5 MAN QA . 31.25 30.84 27.18
C6 MAN QA . 30.43 29.60 26.89
O2 MAN QA . 30.80 33.19 29.77
O3 MAN QA . 33.30 32.08 30.09
O4 MAN QA . 32.83 29.71 28.59
O5 MAN QA . 30.36 31.97 27.13
O6 MAN QA . 29.38 29.52 27.85
C1 MAN QA . 33.75 37.72 22.83
C2 MAN QA . 34.63 36.43 22.89
C3 MAN QA . 35.57 36.48 24.09
C4 MAN QA . 36.35 37.81 24.10
C5 MAN QA . 35.37 38.98 24.11
C6 MAN QA . 36.06 40.33 24.08
O2 MAN QA . 35.48 36.34 21.73
O3 MAN QA . 36.47 35.38 24.09
O4 MAN QA . 37.16 37.86 25.27
O5 MAN QA . 34.54 38.89 22.93
O6 MAN QA . 36.71 40.47 22.82
C1 NAG RA . 9.98 16.45 -58.94
C2 NAG RA . 10.77 16.93 -60.15
C3 NAG RA . 11.96 16.00 -60.38
C4 NAG RA . 12.80 15.88 -59.12
C5 NAG RA . 11.92 15.52 -57.92
C6 NAG RA . 12.68 15.59 -56.61
C7 NAG RA . 9.26 15.95 -61.82
C8 NAG RA . 8.44 16.20 -63.05
N2 NAG RA . 9.93 16.99 -61.34
O3 NAG RA . 12.75 16.51 -61.45
O4 NAG RA . 13.75 14.84 -59.32
O5 NAG RA . 10.82 16.44 -57.81
O6 NAG RA . 11.90 15.05 -55.55
O7 NAG RA . 9.31 14.84 -61.29
C1 NAG RA . 15.17 15.01 -59.02
C2 NAG RA . 15.62 16.47 -58.81
C3 NAG RA . 17.10 16.51 -58.43
C4 NAG RA . 17.38 15.62 -57.24
C5 NAG RA . 16.87 14.20 -57.52
C6 NAG RA . 17.04 13.27 -56.34
C7 NAG RA . 15.88 16.98 -61.20
C8 NAG RA . 15.52 17.92 -62.31
N2 NAG RA . 15.37 17.27 -60.00
O3 NAG RA . 17.47 17.86 -58.13
O4 NAG RA . 18.78 15.57 -56.98
O5 NAG RA . 15.48 14.23 -57.83
O6 NAG RA . 16.73 13.93 -55.12
O7 NAG RA . 16.59 16.01 -61.39
C1 NAG SA . -3.30 17.27 -55.57
C2 NAG SA . -3.71 18.71 -55.86
C3 NAG SA . -5.24 18.83 -55.85
C4 NAG SA . -5.86 17.80 -56.79
C5 NAG SA . -5.33 16.40 -56.47
C6 NAG SA . -5.80 15.37 -57.48
C7 NAG SA . -2.09 20.43 -55.20
C8 NAG SA . -1.61 21.31 -54.09
N2 NAG SA . -3.12 19.62 -54.91
O3 NAG SA . -5.59 20.14 -56.27
O4 NAG SA . -7.28 17.81 -56.60
O5 NAG SA . -3.90 16.40 -56.51
O6 NAG SA . -5.37 14.07 -57.10
O7 NAG SA . -1.55 20.42 -56.30
C1 NAG SA . -7.98 17.93 -57.85
C2 NAG SA . -9.45 18.18 -57.51
C3 NAG SA . -10.26 18.36 -58.78
C4 NAG SA . -9.65 19.45 -59.65
C5 NAG SA . -8.17 19.16 -59.90
C6 NAG SA . -7.47 20.26 -60.66
C7 NAG SA . -9.99 15.83 -57.10
C8 NAG SA . -10.59 14.84 -56.15
N2 NAG SA . -9.99 17.10 -56.70
O3 NAG SA . -11.60 18.70 -58.44
O4 NAG SA . -10.33 19.52 -60.90
O5 NAG SA . -7.49 19.02 -58.65
O6 NAG SA . -7.95 21.54 -60.29
O7 NAG SA . -9.54 15.48 -58.19
C1 NAG TA . 13.71 0.62 -43.47
C2 NAG TA . 15.04 0.03 -43.05
C3 NAG TA . 16.12 1.11 -42.99
C4 NAG TA . 16.17 1.89 -44.29
C5 NAG TA . 14.79 2.42 -44.65
C6 NAG TA . 14.74 3.10 -45.99
C7 NAG TA . 15.00 -1.98 -41.63
C8 NAG TA . 14.86 -2.50 -40.23
N2 NAG TA . 14.92 -0.65 -41.77
O3 NAG TA . 17.38 0.51 -42.73
O4 NAG TA . 17.07 2.99 -44.16
O5 NAG TA . 13.86 1.33 -44.71
O6 NAG TA . 15.15 2.22 -47.03
O7 NAG TA . 15.17 -2.72 -42.59
C1 NAG TA . 18.00 2.98 -45.26
C2 NAG TA . 18.59 4.37 -45.40
C3 NAG TA . 19.64 4.38 -46.52
C4 NAG TA . 20.68 3.30 -46.28
C5 NAG TA . 20.00 1.95 -46.10
C6 NAG TA . 20.96 0.84 -45.74
C7 NAG TA . 17.45 6.51 -45.01
C8 NAG TA . 16.32 7.40 -45.41
N2 NAG TA . 17.55 5.36 -45.68
O3 NAG TA . 20.27 5.66 -46.56
O4 NAG TA . 21.57 3.23 -47.39
O5 NAG TA . 19.05 2.03 -45.03
O6 NAG TA . 21.43 0.17 -46.90
O7 NAG TA . 18.23 6.81 -44.11
C1 NAG UA . 34.35 23.79 -9.75
C2 NAG UA . 35.44 23.24 -10.66
C3 NAG UA . 36.16 22.10 -9.96
C4 NAG UA . 36.64 22.53 -8.57
C5 NAG UA . 35.53 23.21 -7.78
C6 NAG UA . 36.03 23.85 -6.51
C7 NAG UA . 34.80 23.59 -13.00
C8 NAG UA . 34.21 22.97 -14.23
N2 NAG UA . 34.89 22.80 -11.93
O3 NAG UA . 37.27 21.69 -10.74
O4 NAG UA . 37.07 21.38 -7.85
O5 NAG UA . 34.93 24.26 -8.56
O6 NAG UA . 34.95 24.41 -5.75
O7 NAG UA . 35.18 24.75 -12.98
C1 NAG UA . 38.45 21.51 -7.46
C2 NAG UA . 38.79 20.30 -6.59
C3 NAG UA . 40.26 20.35 -6.19
C4 NAG UA . 41.14 20.49 -7.42
C5 NAG UA . 40.70 21.67 -8.26
C6 NAG UA . 41.45 21.80 -9.56
C7 NAG UA . 36.91 19.40 -5.29
C8 NAG UA . 36.15 19.49 -4.01
N2 NAG UA . 37.94 20.24 -5.41
O3 NAG UA . 40.59 19.16 -5.48
O4 NAG UA . 42.50 20.67 -7.03
O5 NAG UA . 39.31 21.54 -8.60
O6 NAG UA . 40.87 22.77 -10.42
O7 NAG UA . 36.61 18.62 -6.19
C1 NAG VA . 8.25 29.60 -24.32
C2 NAG VA . 7.62 28.58 -25.28
C3 NAG VA . 6.67 29.28 -26.25
C4 NAG VA . 5.65 30.10 -25.50
C5 NAG VA . 6.36 31.08 -24.57
C6 NAG VA . 5.42 31.88 -23.71
C7 NAG VA . 8.62 26.54 -26.20
C8 NAG VA . 9.76 25.95 -26.97
N2 NAG VA . 8.65 27.86 -26.01
O3 NAG VA . 6.02 28.29 -27.04
O4 NAG VA . 4.84 30.83 -26.42
O5 NAG VA . 7.22 30.35 -23.68
O6 NAG VA . 5.06 31.16 -22.54
O7 NAG VA . 7.70 25.84 -25.77
C1 NAG VA . 3.44 30.59 -26.15
C2 NAG VA . 2.63 31.73 -26.74
C3 NAG VA . 1.14 31.50 -26.51
C4 NAG VA . 0.74 30.13 -27.05
C5 NAG VA . 1.64 29.05 -26.45
C6 NAG VA . 1.37 27.67 -27.03
C7 NAG VA . 3.44 34.05 -26.91
C8 NAG VA . 3.82 35.28 -26.15
N2 NAG VA . 3.04 33.01 -26.17
O3 NAG VA . 0.39 32.51 -27.17
O4 NAG VA . -0.61 29.86 -26.70
O5 NAG VA . 3.01 29.35 -26.71
O6 NAG VA . 1.21 27.73 -28.44
O7 NAG VA . 3.50 33.98 -28.13
C1 BMA VA . -1.40 29.73 -27.91
C2 BMA VA . -2.70 28.99 -27.57
C3 BMA VA . -3.60 28.91 -28.80
C4 BMA VA . -3.77 30.29 -29.45
C5 BMA VA . -2.40 30.93 -29.71
C6 BMA VA . -2.51 32.33 -30.27
O2 BMA VA . -3.44 29.69 -26.57
O3 BMA VA . -4.87 28.37 -28.49
O4 BMA VA . -4.47 30.16 -30.67
O5 BMA VA . -1.68 31.00 -28.47
O6 BMA VA . -3.49 33.03 -29.51
C1 MAN VA . -5.09 27.20 -29.31
C2 MAN VA . -6.59 26.82 -29.19
C3 MAN VA . -6.88 26.29 -27.80
C4 MAN VA . -5.92 25.15 -27.45
C5 MAN VA . -4.48 25.67 -27.57
C6 MAN VA . -3.45 24.60 -27.29
O2 MAN VA . -6.90 25.75 -30.07
O3 MAN VA . -8.22 25.84 -27.66
O4 MAN VA . -6.16 24.69 -26.14
O5 MAN VA . -4.25 26.15 -28.90
O6 MAN VA . -3.40 23.74 -28.42
C1 MAN VA . -8.24 25.89 -30.58
C2 MAN VA . -8.60 24.60 -31.32
C3 MAN VA . -7.72 24.48 -32.57
C4 MAN VA . -7.81 25.76 -33.42
C5 MAN VA . -7.46 26.98 -32.56
C6 MAN VA . -7.63 28.29 -33.30
O2 MAN VA . -9.94 24.62 -31.80
O3 MAN VA . -8.08 23.34 -33.35
O4 MAN VA . -6.91 25.68 -34.52
O5 MAN VA . -8.32 27.02 -31.42
O6 MAN VA . -9.02 28.50 -33.52
C1 MAN VA . -2.90 34.24 -28.98
C2 MAN VA . -2.78 34.07 -27.45
C3 MAN VA . -4.17 34.06 -26.81
C4 MAN VA . -4.98 35.28 -27.27
C5 MAN VA . -5.05 35.31 -28.80
C6 MAN VA . -5.77 36.54 -29.32
O2 MAN VA . -2.10 35.18 -26.86
O3 MAN VA . -4.08 34.02 -25.39
O4 MAN VA . -6.29 35.20 -26.74
O5 MAN VA . -3.70 35.35 -29.32
O6 MAN VA . -4.93 37.67 -29.12
C1 NAG WA . 40.01 14.85 -16.80
C2 NAG WA . 40.49 13.72 -15.89
C3 NAG WA . 42.01 13.60 -15.97
C4 NAG WA . 42.47 13.48 -17.42
C5 NAG WA . 41.90 14.62 -18.25
C6 NAG WA . 42.19 14.47 -19.72
C7 NAG WA . 39.56 12.96 -13.76
C8 NAG WA . 39.17 13.36 -12.36
N2 NAG WA . 40.07 13.93 -14.52
O3 NAG WA . 42.43 12.46 -15.22
O4 NAG WA . 43.89 13.52 -17.48
O5 NAG WA . 40.47 14.64 -18.13
O6 NAG WA . 41.45 13.41 -20.30
O7 NAG WA . 39.42 11.81 -14.17
C1 NAG WA . 44.36 12.35 -18.19
C2 NAG WA . 45.75 12.65 -18.75
C3 NAG WA . 46.30 11.42 -19.46
C4 NAG WA . 46.26 10.21 -18.52
C5 NAG WA . 44.86 10.01 -17.96
C6 NAG WA . 44.78 8.90 -16.93
C7 NAG WA . 46.08 15.01 -19.29
C8 NAG WA . 45.98 16.07 -20.34
N2 NAG WA . 45.72 13.78 -19.65
O3 NAG WA . 47.64 11.67 -19.86
O4 NAG WA . 46.65 9.04 -19.24
O5 NAG WA . 44.42 11.21 -17.31
O6 NAG WA . 43.68 8.05 -17.19
O7 NAG WA . 46.47 15.28 -18.14
C1 NAG XA . 10.09 39.19 -32.17
C2 NAG XA . 10.90 40.43 -32.54
C3 NAG XA . 10.59 41.57 -31.59
C4 NAG XA . 9.09 41.82 -31.50
C5 NAG XA . 8.38 40.51 -31.15
C6 NAG XA . 6.87 40.65 -31.15
C7 NAG XA . 12.98 39.68 -33.61
C8 NAG XA . 14.44 39.44 -33.43
N2 NAG XA . 12.33 40.14 -32.54
O3 NAG XA . 11.24 42.76 -32.03
O4 NAG XA . 8.81 42.78 -30.50
O5 NAG XA . 8.71 39.51 -32.13
O6 NAG XA . 6.33 40.40 -29.86
O7 NAG XA . 12.42 39.48 -34.68
C1 NAG XA . 8.30 43.98 -31.13
C2 NAG XA . 7.79 44.93 -30.05
C3 NAG XA . 7.31 46.23 -30.67
C4 NAG XA . 8.39 46.84 -31.54
C5 NAG XA . 8.88 45.83 -32.56
C6 NAG XA . 10.05 46.32 -33.38
C7 NAG XA . 6.84 44.00 -27.98
C8 NAG XA . 5.65 43.35 -27.35
N2 NAG XA . 6.73 44.30 -29.27
O3 NAG XA . 6.94 47.14 -29.63
O4 NAG XA . 7.89 47.99 -32.22
O5 NAG XA . 9.33 44.64 -31.89
O6 NAG XA . 9.68 46.54 -34.73
O7 NAG XA . 7.87 44.21 -27.35
C1 NAG YA . -6.45 31.34 -44.01
C2 NAG YA . -6.73 32.79 -43.66
C3 NAG YA . -8.09 32.92 -42.98
C4 NAG YA . -9.17 32.27 -43.83
C5 NAG YA . -8.78 30.85 -44.20
C6 NAG YA . -9.75 30.20 -45.17
C7 NAG YA . -4.71 34.16 -43.22
C8 NAG YA . -4.72 34.52 -44.67
N2 NAG YA . -5.69 33.34 -42.80
O3 NAG YA . -8.39 34.28 -42.77
O4 NAG YA . -10.40 32.24 -43.11
O5 NAG YA . -7.50 30.83 -44.83
O6 NAG YA . -9.66 30.79 -46.45
O7 NAG YA . -3.85 34.59 -42.45
C1 NAG YA . -11.37 33.02 -43.83
C2 NAG YA . -12.71 32.91 -43.10
C3 NAG YA . -13.77 33.79 -43.78
C4 NAG YA . -13.27 35.21 -43.90
C5 NAG YA . -11.92 35.23 -44.61
C6 NAG YA . -11.31 36.61 -44.68
C7 NAG YA . -13.43 30.67 -43.96
C8 NAG YA . -13.25 31.16 -45.37
N2 NAG YA . -13.17 31.53 -42.96
O3 NAG YA . -14.97 33.75 -43.00
O4 NAG YA . -14.20 36.00 -44.63
O5 NAG YA . -10.98 34.40 -43.91
O6 NAG YA . -11.71 37.31 -45.85
O7 NAG YA . -13.80 29.52 -43.72
C1 NAG ZA . 12.21 37.68 -39.75
C2 NAG ZA . 10.91 38.46 -39.80
C3 NAG ZA . 10.41 38.52 -41.23
C4 NAG ZA . 11.49 39.11 -42.14
C5 NAG ZA . 12.81 38.37 -41.95
C6 NAG ZA . 13.96 39.03 -42.69
C7 NAG ZA . 9.71 36.57 -38.80
C8 NAG ZA . 8.62 36.16 -37.84
N2 NAG ZA . 9.91 37.88 -38.93
O3 NAG ZA . 9.24 39.33 -41.29
O4 NAG ZA . 11.10 38.99 -43.50
O5 NAG ZA . 13.19 38.32 -40.57
O6 NAG ZA . 15.21 38.63 -42.15
O7 NAG ZA . 10.35 35.75 -39.44
C1 NAG ZA . 10.49 40.22 -43.94
C2 NAG ZA . 10.81 40.40 -45.43
C3 NAG ZA . 10.13 41.66 -45.96
C4 NAG ZA . 8.64 41.63 -45.66
C5 NAG ZA . 8.42 41.40 -44.17
C6 NAG ZA . 6.96 41.23 -43.82
C7 NAG ZA . 12.89 39.88 -46.68
C8 NAG ZA . 12.02 39.12 -47.66
N2 NAG ZA . 12.24 40.45 -45.64
O3 NAG ZA . 10.35 41.75 -47.36
O4 NAG ZA . 8.05 42.86 -46.05
O5 NAG ZA . 9.07 40.20 -43.76
O6 NAG ZA . 6.38 40.14 -44.52
O7 NAG ZA . 14.09 39.96 -46.81
C1 NAG AB . 28.39 23.32 -41.66
C2 NAG AB . 27.38 22.59 -42.54
C3 NAG AB . 27.98 22.27 -43.90
C4 NAG AB . 28.51 23.55 -44.55
C5 NAG AB . 29.52 24.20 -43.60
C6 NAG AB . 30.04 25.51 -44.14
C7 NAG AB . 25.70 21.27 -41.31
C8 NAG AB . 25.39 19.95 -40.69
N2 NAG AB . 26.90 21.38 -41.89
O3 NAG AB . 27.00 21.67 -44.73
O4 NAG AB . 29.13 23.32 -45.81
O5 NAG AB . 28.88 24.49 -42.35
O6 NAG AB . 29.07 26.54 -44.03
O7 NAG AB . 24.91 22.21 -41.29
C1 NAG AB . 29.34 21.94 -46.16
C2 NAG AB . 29.71 21.90 -47.65
C3 NAG AB . 30.00 20.47 -48.08
C4 NAG AB . 31.06 19.86 -47.18
C5 NAG AB . 30.65 19.98 -45.71
C6 NAG AB . 31.72 19.51 -44.76
C7 NAG AB . 27.42 22.01 -48.52
C8 NAG AB . 26.48 22.74 -49.42
N2 NAG AB . 28.66 22.49 -48.47
O3 NAG AB . 30.45 20.47 -49.43
O4 NAG AB . 31.22 18.48 -47.49
O5 NAG AB . 30.39 21.36 -45.39
O6 NAG AB . 31.60 20.14 -43.49
O7 NAG AB . 27.07 21.03 -47.87
C1 NAG BB . 22.68 25.23 -43.28
C2 NAG BB . 22.81 24.14 -44.34
C3 NAG BB . 24.15 24.26 -45.07
C4 NAG BB . 24.32 25.68 -45.62
C5 NAG BB . 24.16 26.68 -44.50
C6 NAG BB . 24.23 28.12 -44.97
C7 NAG BB . 22.04 21.79 -44.32
C8 NAG BB . 21.42 22.05 -45.66
N2 NAG BB . 22.68 22.82 -43.75
O3 NAG BB . 24.22 23.32 -46.13
O4 NAG BB . 25.60 25.82 -46.22
O5 NAG BB . 22.88 26.52 -43.88
O6 NAG BB . 23.05 28.49 -45.66
O7 NAG BB . 21.96 20.70 -43.77
C1 NAG BB . 25.45 26.40 -47.53
C2 NAG BB . 26.83 26.79 -48.05
C3 NAG BB . 26.72 27.36 -49.46
C4 NAG BB . 25.97 26.39 -50.37
C5 NAG BB . 24.62 26.02 -49.74
C6 NAG BB . 23.86 24.98 -50.53
C7 NAG BB . 28.78 27.93 -47.12
C8 NAG BB . 29.27 28.96 -46.14
N2 NAG BB . 27.46 27.75 -47.16
O3 NAG BB . 28.03 27.59 -49.98
O4 NAG BB . 25.75 26.98 -51.64
O5 NAG BB . 24.82 25.48 -48.44
O6 NAG BB . 22.62 24.67 -49.93
O7 NAG BB . 29.55 27.28 -47.83
C1 NAG CB . 30.05 32.39 -42.29
C2 NAG CB . 29.16 33.36 -43.06
C3 NAG CB . 29.53 33.39 -44.54
C4 NAG CB . 31.04 33.58 -44.73
C5 NAG CB . 31.84 32.65 -43.81
C6 NAG CB . 33.32 32.96 -43.80
C7 NAG CB . 27.15 31.88 -43.02
C8 NAG CB . 28.02 30.71 -43.38
N2 NAG CB . 27.74 33.07 -42.89
O3 NAG CB . 28.85 34.47 -45.16
O4 NAG CB . 31.35 33.24 -46.07
O5 NAG CB . 31.39 32.77 -42.45
O6 NAG CB . 33.56 34.30 -43.39
O7 NAG CB . 25.93 31.74 -42.87
C1 NAG CB . 31.97 34.21 -46.96
C2 NAG CB . 31.32 35.62 -46.86
C3 NAG CB . 32.03 36.59 -47.80
C4 NAG CB . 33.54 36.57 -47.54
C5 NAG CB . 34.08 35.15 -47.60
C6 NAG CB . 35.55 35.06 -47.25
C7 NAG CB . 29.11 36.63 -47.18
C8 NAG CB . 27.67 36.38 -47.51
N2 NAG CB . 29.90 35.55 -47.16
O3 NAG CB . 31.52 37.90 -47.61
O4 NAG CB . 34.19 37.36 -48.52
O5 NAG CB . 33.39 34.32 -46.66
O6 NAG CB . 35.86 33.81 -46.66
O7 NAG CB . 29.53 37.75 -46.93
C1 NAG DB . 11.37 35.95 -21.84
C2 NAG DB . 10.41 35.56 -20.72
C3 NAG DB . 9.48 36.71 -20.35
C4 NAG DB . 10.29 37.97 -20.07
C5 NAG DB . 11.26 38.26 -21.21
C6 NAG DB . 12.19 39.41 -20.92
C7 NAG DB . 8.96 34.11 -22.16
C8 NAG DB . 9.00 35.18 -23.23
N2 NAG DB . 9.64 34.35 -21.03
O3 NAG DB . 8.72 36.36 -19.21
O4 NAG DB . 9.42 39.09 -19.93
O5 NAG DB . 12.09 37.11 -21.46
O6 NAG DB . 12.99 39.14 -19.78
O7 NAG DB . 8.35 33.06 -22.32
C1 NAG DB . 9.38 39.50 -18.55
C2 NAG DB . 8.98 40.97 -18.51
C3 NAG DB . 8.87 41.45 -17.07
C4 NAG DB . 7.93 40.55 -16.29
C5 NAG DB . 8.36 39.10 -16.41
C6 NAG DB . 7.39 38.13 -15.77
C7 NAG DB . 9.59 42.85 -19.97
C8 NAG DB . 10.71 43.58 -20.65
N2 NAG DB . 9.95 41.79 -19.25
O3 NAG DB . 8.40 42.79 -17.05
O4 NAG DB . 7.93 40.91 -14.91
O5 NAG DB . 8.44 38.73 -17.80
O6 NAG DB . 6.10 38.21 -16.37
O7 NAG DB . 8.42 43.21 -20.07
C1 NAG EB . -6.72 1.87 -55.98
C2 NAG EB . -5.37 1.72 -56.68
C3 NAG EB . -5.57 1.75 -58.20
C4 NAG EB . -6.58 0.70 -58.62
C5 NAG EB . -7.87 0.85 -57.82
C6 NAG EB . -8.87 -0.24 -58.07
C7 NAG EB . -4.76 4.08 -56.38
C8 NAG EB . -3.71 5.04 -55.92
N2 NAG EB . -4.47 2.79 -56.28
O3 NAG EB . -4.32 1.49 -58.83
O4 NAG EB . -6.89 0.85 -59.99
O5 NAG EB . -7.59 0.82 -56.41
O6 NAG EB . -8.42 -1.48 -57.54
O7 NAG EB . -5.83 4.47 -56.85
C1 NAG EB . -6.46 -0.31 -60.73
C2 NAG EB . -7.25 -0.37 -62.04
C3 NAG EB . -6.78 -1.53 -62.89
C4 NAG EB . -5.28 -1.46 -63.11
C5 NAG EB . -4.57 -1.39 -61.76
C6 NAG EB . -3.07 -1.23 -61.88
C7 NAG EB . -9.54 0.53 -62.00
C8 NAG EB . -10.97 0.25 -61.67
N2 NAG EB . -8.68 -0.47 -61.78
O3 NAG EB . -7.45 -1.50 -64.15
O4 NAG EB . -4.82 -2.60 -63.83
O5 NAG EB . -5.05 -0.27 -61.02
O6 NAG EB . -2.69 -0.81 -63.19
O7 NAG EB . -9.17 1.61 -62.45
C1 BMA EB . -4.43 -2.14 -65.15
C2 BMA EB . -3.79 -3.35 -65.90
C3 BMA EB . -3.48 -2.94 -67.34
C4 BMA EB . -4.69 -2.29 -68.02
C5 BMA EB . -5.19 -1.11 -67.17
C6 BMA EB . -6.43 -0.44 -67.75
O2 BMA EB . -4.69 -4.44 -65.97
O3 BMA EB . -3.03 -4.06 -68.11
O4 BMA EB . -4.34 -1.82 -69.31
O5 BMA EB . -5.53 -1.62 -65.87
O6 BMA EB . -7.50 -1.38 -67.71
C1 NAG FB . -12.78 -19.11 38.53
C2 NAG FB . -13.80 -18.23 39.26
C3 NAG FB . -15.05 -19.04 39.57
C4 NAG FB . -15.59 -19.67 38.31
C5 NAG FB . -14.52 -20.48 37.59
C6 NAG FB . -14.96 -21.02 36.25
C7 NAG FB . -12.70 -16.45 40.57
C8 NAG FB . -12.70 -15.61 39.32
N2 NAG FB . -13.23 -17.67 40.47
O3 NAG FB . -16.02 -18.18 40.16
O4 NAG FB . -16.68 -20.54 38.63
O5 NAG FB . -13.37 -19.64 37.34
O6 NAG FB . -13.91 -20.99 35.31
O7 NAG FB . -12.23 -16.02 41.62
C1 NAG GB . 2.57 -29.00 44.74
C2 NAG GB . 3.23 -30.36 44.49
C3 NAG GB . 2.71 -31.40 45.47
C4 NAG GB . 2.85 -30.89 46.90
C5 NAG GB . 2.21 -29.51 47.06
C6 NAG GB . 2.44 -28.91 48.42
C7 NAG GB . 3.91 -30.68 42.13
C8 NAG GB . 5.22 -30.04 42.48
N2 NAG GB . 3.02 -30.80 43.12
O3 NAG GB . 3.42 -32.61 45.30
O4 NAG GB . 2.24 -31.81 47.80
O5 NAG GB . 2.77 -28.61 46.10
O6 NAG GB . 3.79 -28.48 48.58
O7 NAG GB . 3.68 -31.07 40.99
C1 NAG HB . -11.35 -25.93 25.71
C2 NAG HB . -10.89 -27.24 26.31
C3 NAG HB . -11.24 -28.39 25.37
C4 NAG HB . -12.72 -28.37 25.04
C5 NAG HB . -13.12 -27.00 24.50
C6 NAG HB . -14.60 -26.87 24.26
C7 NAG HB . -8.94 -27.30 27.80
C8 NAG HB . -7.44 -27.26 27.88
N2 NAG HB . -9.45 -27.22 26.57
O3 NAG HB . -10.90 -29.63 26.00
O4 NAG HB . -13.01 -29.36 24.05
O5 NAG HB . -12.76 -25.99 25.44
O6 NAG HB . -14.95 -25.54 23.91
O7 NAG HB . -9.64 -27.42 28.80
C1 NAG IB . -6.54 34.24 28.25
C2 NAG IB . -5.22 34.93 28.57
C3 NAG IB . -5.32 36.43 28.28
C4 NAG IB . -5.79 36.66 26.85
C5 NAG IB . -7.08 35.88 26.58
C6 NAG IB . -7.52 35.95 25.14
C7 NAG IB . -3.97 33.76 30.36
C8 NAG IB . -3.39 32.89 29.29
N2 NAG IB . -4.83 34.71 29.95
O3 NAG IB . -4.06 37.04 28.49
O4 NAG IB . -6.02 38.05 26.63
O5 NAG IB . -6.89 34.49 26.89
O6 NAG IB . -8.06 34.72 24.69
O7 NAG IB . -3.68 33.62 31.54
C1 NAG JB . -21.50 29.08 39.28
C2 NAG JB . -23.03 29.05 39.25
C3 NAG JB . -23.61 30.33 39.84
C4 NAG JB . -23.05 30.58 41.23
C5 NAG JB . -21.52 30.55 41.19
C6 NAG JB . -20.90 30.65 42.57
C7 NAG JB . -23.92 27.68 37.39
C8 NAG JB . -23.86 26.50 38.31
N2 NAG JB . -23.52 28.85 37.89
O3 NAG JB . -25.03 30.23 39.90
O4 NAG JB . -23.48 31.84 41.71
O5 NAG JB . -21.06 29.31 40.63
O6 NAG JB . -21.19 29.50 43.35
O7 NAG JB . -24.31 27.57 36.23
C1 NAG KB . -14.76 31.08 16.65
C2 NAG KB . -16.06 31.57 17.27
C3 NAG KB . -17.03 32.01 16.16
C4 NAG KB . -16.36 33.03 15.25
C5 NAG KB . -15.04 32.48 14.72
C6 NAG KB . -14.26 33.48 13.91
C7 NAG KB . -16.90 30.68 19.40
C8 NAG KB . -17.53 29.52 20.09
N2 NAG KB . -16.67 30.54 18.09
O3 NAG KB . -18.19 32.57 16.75
O4 NAG KB . -17.21 33.32 14.15
O5 NAG KB . -14.19 32.11 15.82
O6 NAG KB . -12.99 32.97 13.53
O7 NAG KB . -16.60 31.71 19.99
C1 NAG LB . 10.99 -58.95 4.73
C2 NAG LB . 10.44 -59.26 6.12
C3 NAG LB . 11.05 -58.33 7.15
C4 NAG LB . 12.58 -58.39 7.08
C5 NAG LB . 13.03 -58.10 5.65
C6 NAG LB . 14.53 -58.26 5.47
C7 NAG LB . 8.21 -59.81 7.01
C8 NAG LB . 6.74 -59.58 6.89
N2 NAG LB . 8.99 -59.15 6.15
O3 NAG LB . 10.63 -58.72 8.46
O4 NAG LB . 13.14 -57.42 7.95
O5 NAG LB . 12.41 -59.03 4.75
O6 NAG LB . 15.24 -57.35 6.30
O7 NAG LB . 8.68 -60.57 7.85
C1 NAG MB . 19.00 -56.59 -13.82
C2 NAG MB . 19.36 -57.69 -14.80
C3 NAG MB . 18.89 -59.05 -14.26
C4 NAG MB . 19.43 -59.27 -12.85
C5 NAG MB . 19.08 -58.10 -11.95
C6 NAG MB . 19.69 -58.19 -10.58
C7 NAG MB . 17.48 -57.22 -16.30
C8 NAG MB . 17.05 -56.97 -17.71
N2 NAG MB . 18.78 -57.44 -16.10
O3 NAG MB . 19.34 -60.09 -15.13
O4 NAG MB . 18.86 -60.46 -12.30
O5 NAG MB . 19.57 -56.87 -12.53
O6 NAG MB . 20.04 -56.91 -10.07
O7 NAG MB . 16.68 -57.22 -15.37
C1 NAG NB . 36.62 0.72 25.88
C2 NAG NB . 36.68 -0.53 26.77
C3 NAG NB . 38.02 -1.24 26.57
C4 NAG NB . 38.25 -1.53 25.10
C5 NAG NB . 38.11 -0.26 24.27
C6 NAG NB . 38.19 -0.51 22.78
C7 NAG NB . 35.32 -0.27 28.81
C8 NAG NB . 34.14 -0.75 28.00
N2 NAG NB . 36.48 -0.18 28.17
O3 NAG NB . 38.02 -2.45 27.32
O4 NAG NB . 39.55 -2.07 24.90
O5 NAG NB . 36.83 0.35 24.51
O6 NAG NB . 37.25 0.29 22.06
O7 NAG NB . 35.21 0.03 29.99
C1 NAG OB . 40.08 19.39 29.38
C2 NAG OB . 40.72 20.62 28.73
C3 NAG OB . 42.19 20.72 29.15
C4 NAG OB . 42.32 20.70 30.66
C5 NAG OB . 41.59 19.48 31.24
C6 NAG OB . 41.57 19.46 32.75
C7 NAG OB . 39.69 21.24 26.57
C8 NAG OB . 38.73 22.09 27.34
N2 NAG OB . 40.61 20.57 27.28
O3 NAG OB . 42.75 21.92 28.63
O4 NAG OB . 43.68 20.66 31.03
O5 NAG OB . 40.23 19.46 30.80
O6 NAG OB . 40.76 20.50 33.26
O7 NAG OB . 39.64 21.16 25.34
C1 NAG PB . 36.13 4.07 11.72
C2 NAG PB . 37.21 5.15 11.78
C3 NAG PB . 37.89 5.29 10.42
C4 NAG PB . 38.40 3.93 9.95
C5 NAG PB . 37.29 2.91 9.97
C6 NAG PB . 37.75 1.52 9.63
C7 NAG PB . 36.95 7.03 13.34
C8 NAG PB . 36.28 8.34 13.61
N2 NAG PB . 36.65 6.43 12.19
O3 NAG PB . 38.97 6.21 10.52
O4 NAG PB . 38.92 4.04 8.62
O5 NAG PB . 36.70 2.85 11.28
O6 NAG PB . 36.70 0.57 9.78
O7 NAG PB . 37.74 6.53 14.15
C1 NAG QB . -56.57 20.22 3.85
C2 NAG QB . -56.43 21.37 4.85
C3 NAG QB . -55.76 20.87 6.13
C4 NAG QB . -56.50 19.66 6.68
C5 NAG QB . -56.63 18.59 5.61
C6 NAG QB . -57.45 17.40 6.06
C7 NAG QB . -55.80 23.73 4.71
C8 NAG QB . -54.96 24.75 4.00
N2 NAG QB . -55.69 22.48 4.28
O3 NAG QB . -55.74 21.92 7.09
O4 NAG QB . -55.78 19.13 7.79
O5 NAG QB . -57.29 19.14 4.45
O6 NAG QB . -56.95 16.85 7.27
O7 NAG QB . -56.55 24.04 5.62
C1 NAG RB . -60.37 5.38 -9.52
C2 NAG RB . -61.64 5.19 -10.33
C3 NAG RB . -62.55 6.41 -10.16
C4 NAG RB . -62.81 6.67 -8.69
C5 NAG RB . -61.49 6.79 -7.93
C6 NAG RB . -61.67 6.93 -6.44
C7 NAG RB . -60.57 5.81 -12.45
C8 NAG RB . -60.35 5.44 -13.88
N2 NAG RB . -61.33 4.98 -11.73
O3 NAG RB . -63.78 6.17 -10.84
O4 NAG RB . -63.53 7.89 -8.54
O5 NAG RB . -60.70 5.60 -8.14
O6 NAG RB . -60.68 6.20 -5.73
O7 NAG RB . -60.07 6.82 -11.96
C1 NAG SB . 43.78 37.16 -17.86
C2 NAG SB . 44.85 36.94 -16.80
C3 NAG SB . 44.25 37.16 -15.40
C4 NAG SB . 43.60 38.53 -15.33
C5 NAG SB . 42.58 38.69 -16.45
C6 NAG SB . 41.96 40.07 -16.51
C7 NAG SB . 46.64 35.29 -16.47
C8 NAG SB . 47.07 33.87 -16.65
N2 NAG SB . 45.42 35.60 -16.89
O3 NAG SB . 45.29 37.07 -14.43
O4 NAG SB . 42.93 38.69 -14.07
O5 NAG SB . 43.23 38.47 -17.72
O6 NAG SB . 41.35 40.41 -15.29
O7 NAG SB . 47.38 36.13 -15.96
C1 NAG TB . 30.68 41.69 -32.84
C2 NAG TB . 31.01 42.44 -34.12
C3 NAG TB . 32.52 42.67 -34.22
C4 NAG TB . 33.04 43.35 -32.96
C5 NAG TB . 32.61 42.57 -31.72
C6 NAG TB . 32.98 43.24 -30.43
C7 NAG TB . 30.83 40.46 -35.55
C8 NAG TB . 30.24 39.88 -36.80
N2 NAG TB . 30.52 41.74 -35.29
O3 NAG TB . 32.80 43.48 -35.36
O4 NAG TB . 34.46 43.42 -33.00
O5 NAG TB . 31.19 42.41 -31.72
O6 NAG TB . 32.00 43.04 -29.43
O7 NAG TB . 31.55 39.80 -34.81
#